data_9RM2
#
_entry.id   9RM2
#
_cell.length_a   109.349
_cell.length_b   172.078
_cell.length_c   113.144
_cell.angle_alpha   90.00
_cell.angle_beta   97.64
_cell.angle_gamma   90.00
#
_symmetry.space_group_name_H-M   'P 1 21 1'
#
loop_
_entity.id
_entity.type
_entity.pdbx_description
1 polymer '319C07 antibody heavy chain, Fab fragment'
2 polymer '319C07 antibody light chain, Fab fragment'
3 polymer 'Major capsid protein VP1'
4 non-polymer 'CHLORIDE ION'
5 non-polymer 'TRIETHYLENE GLYCOL'
6 non-polymer 1,2-ETHANEDIOL
7 non-polymer 'TETRAETHYLENE GLYCOL'
8 non-polymer 1-METHOXY-2-[2-(2-METHOXY-ETHOXY]-ETHANE
9 non-polymer DI(HYDROXYETHYL)ETHER
10 non-polymer 'PENTAETHYLENE GLYCOL'
11 non-polymer 'HEXAETHYLENE GLYCOL'
12 water water
#
loop_
_entity_poly.entity_id
_entity_poly.type
_entity_poly.pdbx_seq_one_letter_code
_entity_poly.pdbx_strand_id
1 'polypeptide(L)'
;QVQLQQWGAGLLKPSETLSLTCAVYRGSFSAYYWTWFRQPPGKGLEWIGEINHRGYTNYNPSLRGRVSISVDTSKKQFSL
KLRSVNAADTAVYYCATLRSTSGWHDYFDYWGQGTLVTVSSASTKGPSVFPLAPSSKSTSGGTAALGCLVKDYFPEPVTV
SWNSGALTSGVHTFPAVLQSSGLYSLSSVVTVPSSSLGTQTYICNVNHKPSNTKVDKKVEPKS
;
H,A,D,G,M
2 'polypeptide(L)'
;EIVLTQSPGTLSLSPGERATLSCRASQSVSSSYLAWYQQTPGQAPRLLIYGASSRATGIPDRFSGSGSGTDFTLTISRLE
PEDFVVYFCLQYGSSPLTFGPGTKVDIKRTVAAPSVFIFPPSDEQLKSGTASVVCLLNNFYPREAKVQWKVDNALQSGNS
QESVTEQDSKDSTYSLSSTLTLSKADYEKHKVYACEVTHQGLSSPVTKSFNRGEC
;
L,B,E,J,N
3 'polypeptide(L)'
;MAPTKRKGECPGAAPKKPKEPVQVPKLLIKGGVEVLEVKTGVDAITEVECFLNPEMGDPDENLRGFSLKLSAENDFSSDS
PERKMLPCYSTARIPLPNLNEDLTSGNLLMWEAVTVQTEVIGITSMLNLHAGSQKVHEHGGGKPIQGSNFHFFAVGGDPL
EMQGVLMNYRTKYPDGTITPKNPTAQSQVMNTDHKAYLDKNNAYPVECWVPDPSRNENTRYFGTFTGGENVPPVLHVTNT
ATTVLLDEQGVGPLCKADSLYVSAADICGLFTNSSGTQQWRGLARYFKIRLRKRSVKNPY
;
P,C,F,K,O
#
loop_
_chem_comp.id
_chem_comp.type
_chem_comp.name
_chem_comp.formula
1PE non-polymer 'PENTAETHYLENE GLYCOL' 'C10 H22 O6'
CL non-polymer 'CHLORIDE ION' 'Cl -1'
EDO non-polymer 1,2-ETHANEDIOL 'C2 H6 O2'
P6G non-polymer 'HEXAETHYLENE GLYCOL' 'C12 H26 O7'
PEG non-polymer DI(HYDROXYETHYL)ETHER 'C4 H10 O3'
PG4 non-polymer 'TETRAETHYLENE GLYCOL' 'C8 H18 O5'
PG5 non-polymer 1-METHOXY-2-[2-(2-METHOXY-ETHOXY]-ETHANE 'C8 H18 O4'
PGE non-polymer 'TRIETHYLENE GLYCOL' 'C6 H14 O4'
#
# COMPACT_ATOMS: atom_id res chain seq x y z
N GLN A 1 -6.25 -10.50 14.93
CA GLN A 1 -6.30 -9.10 15.51
C GLN A 1 -7.73 -8.52 15.53
N VAL A 2 -8.78 -9.34 15.32
CA VAL A 2 -10.21 -8.91 15.40
C VAL A 2 -10.46 -8.43 16.84
N GLN A 3 -11.00 -7.22 17.00
CA GLN A 3 -11.24 -6.58 18.33
C GLN A 3 -12.71 -6.19 18.41
N LEU A 4 -13.43 -6.73 19.40
CA LEU A 4 -14.87 -6.50 19.64
C LEU A 4 -15.04 -5.59 20.85
N GLN A 5 -15.68 -4.42 20.66
CA GLN A 5 -16.00 -3.43 21.73
C GLN A 5 -17.51 -3.46 21.98
N GLN A 6 -17.90 -3.76 23.21
CA GLN A 6 -19.30 -3.99 23.63
C GLN A 6 -19.79 -2.82 24.50
N TRP A 7 -21.01 -2.33 24.27
CA TRP A 7 -21.67 -1.32 25.14
C TRP A 7 -23.20 -1.46 25.08
N GLY A 8 -23.88 -0.74 25.97
CA GLY A 8 -25.35 -0.78 26.15
C GLY A 8 -25.73 -0.73 27.62
N ALA A 9 -26.95 -0.27 27.92
CA ALA A 9 -27.49 -0.13 29.29
C ALA A 9 -27.66 -1.51 29.93
N GLY A 10 -27.00 -1.73 31.07
CA GLY A 10 -27.00 -3.02 31.81
C GLY A 10 -28.14 -3.12 32.82
N LEU A 11 -28.53 -2.02 33.46
CA LEU A 11 -29.55 -2.01 34.56
C LEU A 11 -30.94 -1.74 33.98
N LEU A 12 -31.85 -2.72 34.03
CA LEU A 12 -33.20 -2.67 33.42
C LEU A 12 -34.27 -3.11 34.42
N LYS A 13 -35.49 -2.62 34.24
CA LYS A 13 -36.70 -3.06 34.99
C LYS A 13 -37.44 -4.07 34.14
N PRO A 14 -38.19 -5.03 34.74
CA PRO A 14 -39.03 -5.95 33.97
C PRO A 14 -39.92 -5.25 32.94
N SER A 15 -40.08 -5.87 31.76
CA SER A 15 -40.92 -5.43 30.62
C SER A 15 -40.14 -4.52 29.65
N GLU A 16 -39.00 -3.95 30.07
CA GLU A 16 -38.16 -3.05 29.23
C GLU A 16 -37.49 -3.85 28.10
N THR A 17 -36.86 -3.15 27.15
CA THR A 17 -36.14 -3.72 25.99
C THR A 17 -34.63 -3.61 26.24
N LEU A 18 -33.92 -4.74 26.33
CA LEU A 18 -32.44 -4.79 26.38
C LEU A 18 -31.91 -4.44 25.00
N SER A 19 -30.96 -3.49 24.92
CA SER A 19 -30.33 -3.01 23.68
C SER A 19 -28.81 -2.96 23.86
N LEU A 20 -28.08 -3.87 23.19
CA LEU A 20 -26.61 -3.93 23.23
C LEU A 20 -26.07 -3.79 21.81
N THR A 21 -24.90 -3.16 21.68
CA THR A 21 -24.17 -3.02 20.40
C THR A 21 -22.74 -3.53 20.58
N CYS A 22 -22.24 -4.21 19.55
CA CYS A 22 -20.85 -4.70 19.42
C CYS A 22 -20.22 -3.99 18.23
N ALA A 23 -19.11 -3.28 18.42
CA ALA A 23 -18.31 -2.62 17.35
C ALA A 23 -17.11 -3.51 17.00
N VAL A 24 -16.87 -3.73 15.70
CA VAL A 24 -15.70 -4.48 15.15
C VAL A 24 -14.62 -3.43 14.82
N TYR A 25 -13.62 -3.26 15.69
CA TYR A 25 -12.68 -2.11 15.69
C TYR A 25 -11.51 -2.39 14.74
N ARG A 26 -11.06 -3.65 14.70
CA ARG A 26 -10.11 -4.19 13.68
C ARG A 26 -10.69 -5.49 13.11
N GLY A 27 -10.30 -5.85 11.89
CA GLY A 27 -10.75 -7.06 11.16
C GLY A 27 -11.89 -6.77 10.21
N SER A 28 -12.09 -7.63 9.23
CA SER A 28 -13.10 -7.48 8.16
C SER A 28 -14.50 -7.75 8.75
N PHE A 29 -15.40 -6.78 8.67
CA PHE A 29 -16.81 -6.91 9.12
C PHE A 29 -17.53 -7.99 8.28
N SER A 30 -17.24 -8.07 6.98
CA SER A 30 -17.94 -8.97 6.03
C SER A 30 -17.47 -10.43 6.14
N ALA A 31 -16.36 -10.70 6.83
CA ALA A 31 -15.64 -12.00 6.79
C ALA A 31 -16.12 -12.98 7.87
N TYR A 32 -16.99 -12.58 8.82
CA TYR A 32 -17.36 -13.42 9.99
C TYR A 32 -18.87 -13.43 10.23
N TYR A 33 -19.36 -14.52 10.82
CA TYR A 33 -20.70 -14.62 11.44
C TYR A 33 -20.60 -14.01 12.84
N TRP A 34 -21.48 -13.04 13.12
CA TRP A 34 -21.51 -12.29 14.40
C TRP A 34 -22.60 -12.87 15.30
N THR A 35 -22.22 -13.23 16.54
CA THR A 35 -23.01 -14.09 17.46
C THR A 35 -23.20 -13.38 18.81
N TRP A 36 -24.34 -13.61 19.45
CA TRP A 36 -24.61 -13.19 20.85
C TRP A 36 -24.77 -14.45 21.73
N PHE A 37 -24.12 -14.43 22.90
CA PHE A 37 -24.28 -15.42 23.99
C PHE A 37 -24.68 -14.69 25.28
N ARG A 38 -25.28 -15.42 26.21
CA ARG A 38 -25.44 -14.93 27.60
C ARG A 38 -25.11 -16.05 28.60
N GLN A 39 -24.64 -15.65 29.77
CA GLN A 39 -24.29 -16.54 30.90
C GLN A 39 -24.97 -15.99 32.16
N PRO A 40 -26.09 -16.60 32.63
CA PRO A 40 -26.69 -16.23 33.91
C PRO A 40 -25.73 -16.43 35.08
N PRO A 41 -25.81 -15.61 36.16
CA PRO A 41 -24.81 -15.65 37.24
C PRO A 41 -24.61 -17.06 37.82
N GLY A 42 -23.37 -17.55 37.80
CA GLY A 42 -22.95 -18.86 38.35
C GLY A 42 -23.57 -20.04 37.62
N LYS A 43 -23.94 -19.88 36.35
CA LYS A 43 -24.55 -20.94 35.48
C LYS A 43 -23.73 -21.08 34.19
N GLY A 44 -24.13 -22.00 33.30
CA GLY A 44 -23.51 -22.24 31.98
C GLY A 44 -23.95 -21.20 30.96
N LEU A 45 -23.64 -21.43 29.69
CA LEU A 45 -23.79 -20.43 28.61
C LEU A 45 -25.00 -20.79 27.73
N GLU A 46 -25.61 -19.78 27.10
CA GLU A 46 -26.76 -19.93 26.17
C GLU A 46 -26.43 -19.18 24.88
N TRP A 47 -26.62 -19.85 23.74
CA TRP A 47 -26.50 -19.25 22.39
C TRP A 47 -27.81 -18.51 22.09
N ILE A 48 -27.74 -17.20 21.82
CA ILE A 48 -28.93 -16.33 21.58
C ILE A 48 -29.26 -16.37 20.09
N GLY A 49 -28.26 -16.08 19.25
CA GLY A 49 -28.41 -16.09 17.80
C GLY A 49 -27.21 -15.46 17.11
N GLU A 50 -27.32 -15.29 15.79
CA GLU A 50 -26.19 -14.81 14.96
C GLU A 50 -26.74 -14.13 13.70
N ILE A 51 -25.85 -13.42 13.02
CA ILE A 51 -26.13 -12.63 11.79
C ILE A 51 -24.85 -12.60 10.94
N ASN A 52 -24.97 -12.44 9.63
CA ASN A 52 -23.83 -12.12 8.72
C ASN A 52 -24.02 -10.70 8.21
N HIS A 53 -23.06 -10.20 7.42
CA HIS A 53 -23.00 -8.80 6.94
C HIS A 53 -24.19 -8.46 6.02
N ARG A 54 -24.86 -9.46 5.43
CA ARG A 54 -26.05 -9.26 4.55
C ARG A 54 -27.35 -9.30 5.38
N GLY A 55 -27.27 -9.58 6.68
CA GLY A 55 -28.38 -9.45 7.64
C GLY A 55 -29.19 -10.73 7.79
N TYR A 56 -28.73 -11.85 7.25
CA TYR A 56 -29.37 -13.18 7.44
C TYR A 56 -29.11 -13.62 8.88
N THR A 57 -30.18 -13.98 9.60
CA THR A 57 -30.18 -14.28 11.06
C THR A 57 -30.62 -15.73 11.30
N ASN A 58 -30.16 -16.30 12.41
CA ASN A 58 -30.72 -17.51 13.04
C ASN A 58 -30.78 -17.26 14.55
N TYR A 59 -31.91 -17.59 15.18
CA TYR A 59 -32.19 -17.34 16.62
C TYR A 59 -32.43 -18.67 17.33
N ASN A 60 -32.10 -18.72 18.61
CA ASN A 60 -32.49 -19.80 19.53
C ASN A 60 -34.00 -19.70 19.77
N PRO A 61 -34.80 -20.76 19.50
CA PRO A 61 -36.22 -20.79 19.88
C PRO A 61 -36.50 -20.55 21.37
N SER A 62 -35.53 -20.83 22.26
CA SER A 62 -35.62 -20.67 23.74
C SER A 62 -36.06 -19.26 24.16
N LEU A 63 -35.77 -18.23 23.36
CA LEU A 63 -36.05 -16.81 23.71
C LEU A 63 -37.47 -16.38 23.26
N ARG A 64 -38.25 -17.30 22.69
CA ARG A 64 -39.72 -17.17 22.49
C ARG A 64 -40.05 -15.98 21.58
N GLY A 65 -39.27 -15.78 20.51
CA GLY A 65 -39.45 -14.71 19.50
C GLY A 65 -39.30 -13.29 20.06
N ARG A 66 -38.67 -13.13 21.22
CA ARG A 66 -38.45 -11.81 21.88
C ARG A 66 -37.13 -11.19 21.42
N VAL A 67 -36.29 -11.95 20.69
CA VAL A 67 -34.91 -11.54 20.30
C VAL A 67 -34.90 -11.05 18.85
N SER A 68 -34.16 -9.96 18.61
CA SER A 68 -33.82 -9.45 17.25
C SER A 68 -32.33 -9.08 17.22
N ILE A 69 -31.61 -9.50 16.16
CA ILE A 69 -30.18 -9.11 15.91
C ILE A 69 -30.16 -8.35 14.58
N SER A 70 -29.42 -7.24 14.52
CA SER A 70 -29.26 -6.39 13.31
C SER A 70 -27.77 -6.08 13.08
N VAL A 71 -27.43 -5.70 11.85
CA VAL A 71 -26.06 -5.26 11.44
C VAL A 71 -26.16 -3.84 10.88
N ASP A 72 -25.12 -3.04 11.12
CA ASP A 72 -24.89 -1.73 10.48
C ASP A 72 -23.51 -1.80 9.82
N THR A 73 -23.48 -2.07 8.51
CA THR A 73 -22.25 -2.25 7.70
C THR A 73 -21.47 -0.93 7.62
N SER A 74 -22.16 0.21 7.64
CA SER A 74 -21.56 1.58 7.60
C SER A 74 -20.70 1.80 8.85
N LYS A 75 -21.17 1.37 10.03
CA LYS A 75 -20.47 1.56 11.33
C LYS A 75 -19.64 0.32 11.69
N LYS A 76 -19.81 -0.80 10.97
CA LYS A 76 -19.20 -2.11 11.30
C LYS A 76 -19.61 -2.47 12.74
N GLN A 77 -20.91 -2.41 13.02
CA GLN A 77 -21.53 -2.74 14.32
C GLN A 77 -22.65 -3.76 14.08
N PHE A 78 -22.91 -4.60 15.08
CA PHE A 78 -24.12 -5.45 15.15
C PHE A 78 -24.72 -5.31 16.56
N SER A 79 -26.03 -5.52 16.66
CA SER A 79 -26.84 -5.16 17.85
C SER A 79 -27.75 -6.32 18.25
N LEU A 80 -28.06 -6.39 19.55
CA LEU A 80 -29.02 -7.35 20.14
C LEU A 80 -30.17 -6.52 20.73
N LYS A 81 -31.41 -6.89 20.40
CA LYS A 81 -32.62 -6.40 21.09
C LYS A 81 -33.35 -7.60 21.67
N LEU A 82 -33.58 -7.59 22.98
CA LEU A 82 -34.42 -8.58 23.70
C LEU A 82 -35.60 -7.83 24.33
N ARG A 83 -36.82 -8.16 23.88
CA ARG A 83 -38.08 -7.49 24.28
C ARG A 83 -38.57 -8.13 25.59
N SER A 84 -39.32 -7.36 26.38
CA SER A 84 -40.14 -7.86 27.52
C SER A 84 -39.24 -8.61 28.52
N VAL A 85 -38.17 -7.96 28.98
CA VAL A 85 -37.16 -8.61 29.86
C VAL A 85 -37.77 -8.94 31.22
N ASN A 86 -37.33 -10.03 31.85
CA ASN A 86 -37.72 -10.46 33.21
C ASN A 86 -36.45 -10.88 33.96
N ALA A 87 -36.58 -11.24 35.25
CA ALA A 87 -35.47 -11.61 36.16
C ALA A 87 -34.57 -12.68 35.54
N ALA A 88 -35.14 -13.64 34.79
CA ALA A 88 -34.42 -14.78 34.18
C ALA A 88 -33.54 -14.32 33.01
N ASP A 89 -33.65 -13.06 32.54
CA ASP A 89 -32.77 -12.50 31.48
C ASP A 89 -31.53 -11.85 32.11
N THR A 90 -31.42 -11.82 33.45
CA THR A 90 -30.21 -11.38 34.18
C THR A 90 -29.05 -12.29 33.76
N ALA A 91 -27.97 -11.71 33.22
CA ALA A 91 -26.81 -12.46 32.69
C ALA A 91 -25.70 -11.48 32.27
N VAL A 92 -24.49 -12.02 32.08
CA VAL A 92 -23.43 -11.36 31.26
C VAL A 92 -23.75 -11.73 29.81
N TYR A 93 -23.97 -10.72 28.95
CA TYR A 93 -24.20 -10.87 27.50
C TYR A 93 -22.87 -10.65 26.80
N TYR A 94 -22.49 -11.56 25.88
CA TYR A 94 -21.23 -11.51 25.10
C TYR A 94 -21.56 -11.46 23.61
N CYS A 95 -20.91 -10.56 22.87
CA CYS A 95 -20.83 -10.64 21.38
C CYS A 95 -19.58 -11.45 21.03
N ALA A 96 -19.60 -12.14 19.89
CA ALA A 96 -18.51 -13.05 19.49
C ALA A 96 -18.59 -13.39 18.00
N THR A 97 -17.51 -13.97 17.48
CA THR A 97 -17.55 -14.80 16.25
C THR A 97 -16.88 -16.14 16.56
N LEU A 98 -17.54 -17.22 16.15
CA LEU A 98 -17.06 -18.61 16.25
C LEU A 98 -16.51 -19.10 14.91
N ARG A 99 -16.83 -18.45 13.78
CA ARG A 99 -16.30 -18.88 12.45
C ARG A 99 -16.47 -17.78 11.41
N SER A 100 -15.65 -17.86 10.37
CA SER A 100 -15.68 -16.98 9.17
C SER A 100 -16.86 -17.37 8.28
N THR A 101 -17.14 -16.55 7.26
CA THR A 101 -18.16 -16.82 6.21
C THR A 101 -17.76 -18.02 5.34
N SER A 102 -16.49 -18.46 5.37
CA SER A 102 -16.04 -19.70 4.69
C SER A 102 -16.70 -20.94 5.32
N GLY A 103 -17.02 -20.88 6.62
CA GLY A 103 -17.83 -21.91 7.30
C GLY A 103 -17.21 -22.40 8.60
N TRP A 104 -17.86 -23.39 9.21
CA TRP A 104 -17.52 -23.95 10.55
C TRP A 104 -16.11 -24.55 10.60
N HIS A 105 -15.54 -24.98 9.48
CA HIS A 105 -14.14 -25.47 9.41
C HIS A 105 -13.17 -24.35 9.83
N ASP A 106 -13.52 -23.08 9.54
CA ASP A 106 -12.65 -21.90 9.81
C ASP A 106 -13.09 -21.26 11.12
N TYR A 107 -12.80 -21.94 12.24
CA TYR A 107 -13.36 -21.67 13.58
C TYR A 107 -12.49 -20.63 14.30
N PHE A 108 -13.12 -19.69 15.01
CA PHE A 108 -12.44 -18.56 15.70
C PHE A 108 -12.91 -18.44 17.16
N ASP A 109 -12.23 -17.56 17.90
CA ASP A 109 -12.45 -17.34 19.36
C ASP A 109 -12.29 -15.85 19.67
N TYR A 110 -13.09 -15.01 19.03
CA TYR A 110 -13.14 -13.55 19.30
C TYR A 110 -14.40 -13.26 20.12
N TRP A 111 -14.23 -12.71 21.32
CA TRP A 111 -15.30 -12.38 22.29
C TRP A 111 -15.19 -10.90 22.66
N GLY A 112 -16.33 -10.23 22.79
CA GLY A 112 -16.44 -8.92 23.47
C GLY A 112 -16.12 -9.05 24.94
N GLN A 113 -16.01 -7.91 25.63
CA GLN A 113 -15.62 -7.82 27.08
C GLN A 113 -16.76 -8.39 27.94
N GLY A 114 -18.00 -8.35 27.43
CA GLY A 114 -19.22 -8.77 28.13
C GLY A 114 -19.90 -7.57 28.78
N THR A 115 -21.23 -7.61 28.88
CA THR A 115 -22.06 -6.59 29.56
C THR A 115 -22.88 -7.30 30.64
N LEU A 116 -22.69 -6.93 31.91
CA LEU A 116 -23.56 -7.41 33.02
C LEU A 116 -24.92 -6.74 32.85
N VAL A 117 -25.95 -7.53 32.53
CA VAL A 117 -27.36 -7.06 32.42
C VAL A 117 -28.10 -7.58 33.67
N THR A 118 -28.56 -6.66 34.52
CA THR A 118 -29.38 -6.94 35.73
C THR A 118 -30.82 -6.52 35.44
N VAL A 119 -31.77 -7.45 35.50
CA VAL A 119 -33.24 -7.22 35.35
C VAL A 119 -33.87 -7.38 36.73
N SER A 120 -34.43 -6.29 37.27
CA SER A 120 -35.02 -6.24 38.63
C SER A 120 -35.85 -4.96 38.80
N SER A 121 -36.95 -5.04 39.56
CA SER A 121 -37.80 -3.90 39.97
C SER A 121 -37.11 -3.08 41.07
N ALA A 122 -36.06 -3.63 41.69
CA ALA A 122 -35.23 -2.93 42.71
C ALA A 122 -34.62 -1.66 42.12
N SER A 123 -34.45 -0.64 42.95
CA SER A 123 -33.81 0.66 42.61
C SER A 123 -32.42 0.70 43.23
N THR A 124 -31.52 1.51 42.63
CA THR A 124 -30.11 1.67 43.05
C THR A 124 -30.07 2.13 44.52
N LYS A 125 -29.32 1.44 45.39
CA LYS A 125 -29.25 1.66 46.86
C LYS A 125 -27.87 1.26 47.40
N GLY A 126 -27.24 2.13 48.20
CA GLY A 126 -25.93 1.87 48.82
C GLY A 126 -26.07 0.91 50.01
N PRO A 127 -24.98 0.21 50.42
CA PRO A 127 -25.05 -0.74 51.54
C PRO A 127 -25.03 -0.09 52.93
N SER A 128 -25.49 -0.82 53.94
CA SER A 128 -25.11 -0.66 55.36
C SER A 128 -23.88 -1.56 55.62
N VAL A 129 -22.87 -1.05 56.33
CA VAL A 129 -21.63 -1.80 56.70
C VAL A 129 -21.66 -2.01 58.21
N PHE A 130 -21.80 -3.26 58.64
CA PHE A 130 -21.79 -3.65 60.08
C PHE A 130 -20.48 -4.38 60.36
N PRO A 131 -19.81 -4.10 61.51
CA PRO A 131 -18.61 -4.85 61.89
C PRO A 131 -18.96 -6.28 62.32
N LEU A 132 -18.12 -7.25 61.95
CA LEU A 132 -18.07 -8.61 62.52
C LEU A 132 -16.93 -8.62 63.53
N ALA A 133 -17.25 -8.30 64.79
CA ALA A 133 -16.28 -7.98 65.85
C ALA A 133 -15.69 -9.27 66.40
N PRO A 134 -14.36 -9.32 66.67
CA PRO A 134 -13.76 -10.46 67.35
C PRO A 134 -14.15 -10.45 68.85
N SER A 135 -14.50 -11.63 69.39
CA SER A 135 -14.96 -11.84 70.78
C SER A 135 -14.70 -13.28 71.22
N GLY A 142 -4.73 -18.14 69.53
CA GLY A 142 -3.60 -17.65 68.69
C GLY A 142 -4.08 -16.91 67.45
N THR A 143 -5.15 -17.42 66.82
CA THR A 143 -5.76 -16.84 65.59
C THR A 143 -7.18 -16.33 65.92
N ALA A 144 -7.49 -15.08 65.57
CA ALA A 144 -8.82 -14.43 65.74
C ALA A 144 -9.40 -14.07 64.37
N ALA A 145 -10.71 -14.26 64.19
CA ALA A 145 -11.46 -13.92 62.96
C ALA A 145 -12.27 -12.65 63.20
N LEU A 146 -12.22 -11.71 62.26
CA LEU A 146 -13.06 -10.48 62.24
C LEU A 146 -13.45 -10.18 60.79
N GLY A 147 -14.38 -9.23 60.58
CA GLY A 147 -14.85 -8.89 59.22
C GLY A 147 -15.80 -7.71 59.19
N CYS A 148 -16.45 -7.52 58.04
CA CYS A 148 -17.51 -6.51 57.79
C CYS A 148 -18.64 -7.16 57.00
N LEU A 149 -19.89 -7.00 57.46
CA LEU A 149 -21.12 -7.41 56.76
C LEU A 149 -21.59 -6.20 55.93
N VAL A 150 -21.60 -6.35 54.60
CA VAL A 150 -22.00 -5.30 53.62
C VAL A 150 -23.39 -5.68 53.12
N LYS A 151 -24.43 -5.11 53.74
CA LYS A 151 -25.84 -5.60 53.63
C LYS A 151 -26.71 -4.61 52.85
N ASP A 152 -27.61 -5.14 52.01
CA ASP A 152 -28.77 -4.43 51.41
C ASP A 152 -28.28 -3.36 50.42
N TYR A 153 -27.53 -3.76 49.38
CA TYR A 153 -27.12 -2.87 48.25
C TYR A 153 -27.68 -3.41 46.93
N PHE A 154 -27.77 -2.54 45.92
CA PHE A 154 -28.25 -2.89 44.55
C PHE A 154 -27.79 -1.79 43.57
N PRO A 155 -27.35 -2.11 42.34
CA PRO A 155 -27.10 -3.48 41.88
C PRO A 155 -25.67 -3.92 42.24
N GLU A 156 -25.24 -5.07 41.71
CA GLU A 156 -23.82 -5.49 41.69
C GLU A 156 -23.04 -4.51 40.81
N PRO A 157 -21.72 -4.29 41.01
CA PRO A 157 -20.94 -4.90 42.10
C PRO A 157 -20.64 -3.97 43.28
N VAL A 158 -20.10 -4.54 44.36
CA VAL A 158 -19.41 -3.81 45.47
C VAL A 158 -17.96 -4.34 45.51
N THR A 159 -17.01 -3.49 45.91
CA THR A 159 -15.60 -3.88 46.19
C THR A 159 -15.35 -3.68 47.68
N VAL A 160 -14.56 -4.57 48.28
CA VAL A 160 -14.07 -4.47 49.67
C VAL A 160 -12.55 -4.63 49.64
N SER A 161 -11.83 -3.75 50.33
CA SER A 161 -10.40 -3.87 50.66
C SER A 161 -10.23 -3.69 52.17
N TRP A 162 -9.04 -3.99 52.69
CA TRP A 162 -8.67 -3.81 54.12
C TRP A 162 -7.44 -2.89 54.21
N ASN A 163 -7.52 -1.87 55.07
CA ASN A 163 -6.48 -0.83 55.28
C ASN A 163 -6.01 -0.29 53.92
N SER A 164 -7.00 0.13 53.10
CA SER A 164 -6.83 0.79 51.79
C SER A 164 -6.07 -0.11 50.79
N GLY A 165 -6.24 -1.43 50.90
CA GLY A 165 -5.64 -2.43 49.99
C GLY A 165 -4.26 -2.92 50.43
N ALA A 166 -3.78 -2.46 51.60
CA ALA A 166 -2.46 -2.83 52.16
C ALA A 166 -2.52 -4.23 52.79
N LEU A 167 -3.68 -4.63 53.33
CA LEU A 167 -3.91 -5.98 53.93
C LEU A 167 -4.67 -6.87 52.92
N THR A 168 -3.95 -7.83 52.33
CA THR A 168 -4.50 -8.87 51.40
C THR A 168 -4.38 -10.28 52.01
N SER A 169 -3.39 -10.53 52.88
CA SER A 169 -3.10 -11.88 53.45
C SER A 169 -4.18 -12.24 54.48
N GLY A 170 -4.79 -13.42 54.34
CA GLY A 170 -5.81 -13.95 55.26
C GLY A 170 -7.21 -13.39 55.00
N VAL A 171 -7.39 -12.56 53.97
CA VAL A 171 -8.70 -11.91 53.64
C VAL A 171 -9.51 -12.90 52.80
N HIS A 172 -10.76 -13.13 53.18
CA HIS A 172 -11.80 -13.84 52.38
C HIS A 172 -13.00 -12.93 52.18
N THR A 173 -13.20 -12.45 50.95
CA THR A 173 -14.39 -11.66 50.53
C THR A 173 -15.33 -12.63 49.81
N PHE A 174 -16.49 -12.90 50.41
CA PHE A 174 -17.45 -13.93 49.91
C PHE A 174 -18.19 -13.39 48.70
N PRO A 175 -18.62 -14.25 47.76
CA PRO A 175 -19.59 -13.87 46.72
C PRO A 175 -20.85 -13.25 47.34
N ALA A 176 -21.43 -12.25 46.67
CA ALA A 176 -22.73 -11.64 47.01
C ALA A 176 -23.82 -12.71 46.93
N VAL A 177 -24.79 -12.65 47.85
CA VAL A 177 -26.07 -13.41 47.78
C VAL A 177 -27.19 -12.41 47.47
N LEU A 178 -28.12 -12.79 46.60
CA LEU A 178 -29.36 -12.02 46.32
C LEU A 178 -30.41 -12.43 47.36
N GLN A 179 -30.82 -11.50 48.24
CA GLN A 179 -31.83 -11.72 49.30
C GLN A 179 -33.24 -11.68 48.68
N SER A 180 -34.25 -12.13 49.44
CA SER A 180 -35.69 -12.11 49.08
C SER A 180 -36.16 -10.69 48.75
N SER A 181 -35.54 -9.67 49.36
CA SER A 181 -35.80 -8.22 49.14
C SER A 181 -35.45 -7.78 47.71
N GLY A 182 -34.62 -8.56 46.99
CA GLY A 182 -34.02 -8.15 45.70
C GLY A 182 -32.79 -7.27 45.87
N LEU A 183 -32.29 -7.16 47.10
CA LEU A 183 -31.03 -6.46 47.45
C LEU A 183 -29.95 -7.50 47.73
N TYR A 184 -28.69 -7.14 47.49
CA TYR A 184 -27.50 -8.01 47.63
C TYR A 184 -26.90 -7.84 49.02
N SER A 185 -26.16 -8.85 49.48
CA SER A 185 -25.37 -8.84 50.73
C SER A 185 -24.10 -9.66 50.54
N LEU A 186 -22.97 -9.20 51.10
CA LEU A 186 -21.76 -10.05 51.26
C LEU A 186 -21.05 -9.70 52.56
N SER A 187 -20.27 -10.66 53.06
CA SER A 187 -19.31 -10.50 54.18
C SER A 187 -17.89 -10.55 53.62
N SER A 188 -17.01 -9.75 54.19
CA SER A 188 -15.54 -9.85 54.02
C SER A 188 -14.95 -10.12 55.40
N VAL A 189 -14.15 -11.17 55.52
CA VAL A 189 -13.54 -11.60 56.82
C VAL A 189 -12.02 -11.66 56.65
N VAL A 190 -11.30 -11.59 57.76
CA VAL A 190 -9.80 -11.72 57.82
C VAL A 190 -9.46 -12.41 59.13
N THR A 191 -8.49 -13.33 59.10
CA THR A 191 -7.89 -13.96 60.30
C THR A 191 -6.56 -13.26 60.60
N VAL A 192 -6.34 -12.91 61.86
CA VAL A 192 -5.15 -12.13 62.33
C VAL A 192 -4.67 -12.73 63.65
N PRO A 193 -3.41 -12.48 64.06
CA PRO A 193 -2.95 -12.86 65.40
C PRO A 193 -3.83 -12.20 66.47
N SER A 194 -4.27 -12.97 67.47
CA SER A 194 -5.14 -12.52 68.59
C SER A 194 -4.44 -11.41 69.40
N SER A 195 -3.11 -11.45 69.50
CA SER A 195 -2.27 -10.45 70.20
C SER A 195 -2.32 -9.08 69.50
N SER A 196 -2.56 -9.06 68.18
CA SER A 196 -2.49 -7.84 67.32
C SER A 196 -3.75 -6.97 67.44
N LEU A 197 -4.83 -7.46 68.09
CA LEU A 197 -6.16 -6.79 68.14
C LEU A 197 -6.07 -5.44 68.85
N GLY A 198 -5.29 -5.34 69.94
CA GLY A 198 -5.08 -4.08 70.68
C GLY A 198 -4.16 -3.11 69.94
N THR A 199 -3.11 -3.62 69.30
CA THR A 199 -2.03 -2.82 68.64
C THR A 199 -2.51 -2.33 67.28
N GLN A 200 -2.93 -3.23 66.39
CA GLN A 200 -3.10 -2.96 64.93
C GLN A 200 -4.52 -2.44 64.65
N THR A 201 -4.66 -1.47 63.74
CA THR A 201 -5.94 -0.93 63.22
C THR A 201 -6.41 -1.81 62.04
N TYR A 202 -7.70 -2.16 62.01
CA TYR A 202 -8.36 -2.90 60.89
C TYR A 202 -9.58 -2.09 60.41
N ILE A 203 -9.48 -1.52 59.20
CA ILE A 203 -10.57 -0.77 58.52
C ILE A 203 -10.89 -1.53 57.23
N CYS A 204 -12.15 -1.93 57.05
CA CYS A 204 -12.69 -2.42 55.76
C CYS A 204 -13.17 -1.21 54.93
N ASN A 205 -12.74 -1.13 53.68
CA ASN A 205 -13.06 -0.03 52.73
C ASN A 205 -14.07 -0.57 51.74
N VAL A 206 -15.35 -0.17 51.87
CA VAL A 206 -16.47 -0.64 51.01
C VAL A 206 -16.76 0.48 50.00
N ASN A 207 -16.75 0.14 48.70
CA ASN A 207 -17.12 1.08 47.61
C ASN A 207 -18.24 0.44 46.79
N HIS A 208 -19.39 1.10 46.74
CA HIS A 208 -20.54 0.78 45.85
C HIS A 208 -20.70 1.94 44.86
N LYS A 209 -20.12 1.80 43.67
CA LYS A 209 -20.00 2.87 42.64
C LYS A 209 -21.37 3.32 42.17
N PRO A 210 -22.35 2.42 41.85
CA PRO A 210 -23.65 2.85 41.34
C PRO A 210 -24.42 3.85 42.22
N SER A 211 -24.23 3.82 43.55
CA SER A 211 -24.90 4.72 44.53
C SER A 211 -23.93 5.78 45.07
N ASN A 212 -22.68 5.81 44.59
CA ASN A 212 -21.59 6.71 45.06
C ASN A 212 -21.43 6.57 46.58
N THR A 213 -21.51 5.34 47.10
CA THR A 213 -21.33 5.02 48.53
C THR A 213 -19.90 4.53 48.76
N LYS A 214 -19.16 5.23 49.63
CA LYS A 214 -17.80 4.87 50.11
C LYS A 214 -17.83 4.89 51.64
N VAL A 215 -17.49 3.76 52.28
CA VAL A 215 -17.51 3.60 53.76
C VAL A 215 -16.15 3.02 54.19
N ASP A 216 -15.56 3.61 55.23
CA ASP A 216 -14.31 3.14 55.88
C ASP A 216 -14.66 2.82 57.33
N LYS A 217 -15.03 1.56 57.62
CA LYS A 217 -15.55 1.11 58.94
C LYS A 217 -14.41 0.46 59.74
N LYS A 218 -14.04 1.07 60.86
CA LYS A 218 -13.09 0.49 61.86
C LYS A 218 -13.78 -0.71 62.53
N VAL A 219 -13.13 -1.89 62.54
CA VAL A 219 -13.63 -3.12 63.23
C VAL A 219 -12.88 -3.25 64.56
N GLU A 220 -13.56 -2.99 65.68
CA GLU A 220 -13.00 -3.08 67.06
C GLU A 220 -13.64 -4.27 67.77
N PRO A 221 -12.98 -4.89 68.78
CA PRO A 221 -13.58 -5.98 69.56
C PRO A 221 -14.86 -5.54 70.29
N GLU B 1 -33.74 -29.61 20.93
CA GLU B 1 -32.27 -29.29 20.87
C GLU B 1 -31.46 -30.47 21.39
N ILE B 2 -30.18 -30.56 20.99
CA ILE B 2 -29.22 -31.54 21.57
C ILE B 2 -28.89 -31.08 22.99
N VAL B 3 -28.98 -32.01 23.95
CA VAL B 3 -28.61 -31.79 25.37
C VAL B 3 -27.23 -32.41 25.59
N LEU B 4 -26.30 -31.63 26.15
CA LEU B 4 -24.94 -32.10 26.52
C LEU B 4 -24.88 -32.26 28.04
N THR B 5 -24.34 -33.39 28.51
CA THR B 5 -24.05 -33.67 29.94
C THR B 5 -22.53 -33.79 30.09
N GLN B 6 -21.97 -33.29 31.19
CA GLN B 6 -20.51 -33.31 31.48
C GLN B 6 -20.25 -34.08 32.78
N SER B 7 -19.18 -34.89 32.80
CA SER B 7 -18.76 -35.74 33.95
C SER B 7 -17.25 -35.61 34.15
N PRO B 8 -16.72 -35.57 35.41
CA PRO B 8 -17.55 -35.38 36.61
C PRO B 8 -18.01 -33.93 36.75
N GLY B 9 -18.88 -33.64 37.72
CA GLY B 9 -19.26 -32.27 38.09
C GLY B 9 -18.05 -31.49 38.57
N THR B 10 -17.27 -32.10 39.48
CA THR B 10 -15.98 -31.59 40.01
C THR B 10 -14.91 -32.67 39.88
N LEU B 11 -13.74 -32.34 39.35
CA LEU B 11 -12.56 -33.23 39.25
C LEU B 11 -11.48 -32.68 40.18
N SER B 12 -11.06 -33.48 41.17
CA SER B 12 -10.03 -33.12 42.17
C SER B 12 -8.72 -33.85 41.85
N LEU B 13 -7.68 -33.11 41.47
CA LEU B 13 -6.38 -33.67 41.02
C LEU B 13 -5.25 -32.74 41.49
N SER B 14 -4.01 -33.22 41.47
CA SER B 14 -2.79 -32.47 41.84
C SER B 14 -2.19 -31.82 40.59
N PRO B 15 -1.49 -30.67 40.71
CA PRO B 15 -0.66 -30.17 39.62
C PRO B 15 0.29 -31.25 39.06
N GLY B 16 0.40 -31.35 37.73
CA GLY B 16 1.27 -32.34 37.05
C GLY B 16 0.53 -33.61 36.65
N GLU B 17 -0.67 -33.85 37.18
CA GLU B 17 -1.48 -35.06 36.88
C GLU B 17 -2.26 -34.86 35.57
N ARG B 18 -2.72 -35.97 34.99
CA ARG B 18 -3.53 -36.02 33.75
CA ARG B 18 -3.53 -36.02 33.75
C ARG B 18 -5.02 -35.86 34.13
N ALA B 19 -5.72 -34.92 33.48
CA ALA B 19 -7.17 -34.69 33.63
C ALA B 19 -7.87 -35.24 32.39
N THR B 20 -8.94 -36.02 32.60
CA THR B 20 -9.85 -36.52 31.54
C THR B 20 -11.26 -36.02 31.87
N LEU B 21 -11.82 -35.18 31.00
CA LEU B 21 -13.18 -34.60 31.13
C LEU B 21 -14.07 -35.21 30.04
N SER B 22 -15.30 -35.58 30.39
CA SER B 22 -16.28 -36.25 29.50
C SER B 22 -17.38 -35.27 29.12
N CYS B 23 -17.81 -35.31 27.85
CA CYS B 23 -19.02 -34.64 27.31
C CYS B 23 -19.83 -35.69 26.55
N ARG B 24 -21.09 -35.88 26.90
CA ARG B 24 -22.02 -36.83 26.25
C ARG B 24 -23.20 -36.05 25.66
N ALA B 25 -23.56 -36.37 24.42
CA ALA B 25 -24.67 -35.72 23.67
C ALA B 25 -25.89 -36.65 23.65
N SER B 26 -27.10 -36.08 23.76
CA SER B 26 -28.39 -36.81 23.73
C SER B 26 -28.59 -37.49 22.37
N GLN B 27 -28.01 -36.95 21.30
CA GLN B 27 -27.99 -37.56 19.95
C GLN B 27 -26.68 -37.19 19.25
N SER B 28 -26.39 -37.88 18.13
CA SER B 28 -25.12 -37.79 17.38
C SER B 28 -24.87 -36.34 16.96
N VAL B 29 -23.67 -35.82 17.26
CA VAL B 29 -23.24 -34.44 16.90
C VAL B 29 -22.71 -34.49 15.46
N SER B 30 -23.43 -33.91 14.51
CA SER B 30 -23.12 -33.88 13.06
C SER B 30 -21.71 -33.32 12.83
N SER B 31 -20.92 -33.98 12.00
CA SER B 31 -19.56 -33.57 11.55
C SER B 31 -18.57 -33.49 12.72
N SER B 32 -18.86 -34.13 13.87
CA SER B 32 -18.08 -34.01 15.13
C SER B 32 -17.85 -32.52 15.48
N TYR B 33 -18.86 -31.68 15.26
CA TYR B 33 -18.86 -30.24 15.57
C TYR B 33 -19.05 -30.07 17.08
N LEU B 34 -17.98 -30.36 17.83
CA LEU B 34 -17.92 -30.30 19.31
C LEU B 34 -16.69 -29.47 19.68
N ALA B 35 -16.89 -28.36 20.39
CA ALA B 35 -15.83 -27.45 20.87
C ALA B 35 -15.69 -27.57 22.39
N TRP B 36 -14.48 -27.39 22.90
CA TRP B 36 -14.17 -27.32 24.36
C TRP B 36 -13.73 -25.89 24.70
N TYR B 37 -14.32 -25.33 25.76
CA TYR B 37 -14.01 -23.97 26.27
C TYR B 37 -13.54 -24.07 27.72
N GLN B 38 -12.56 -23.24 28.07
CA GLN B 38 -12.08 -23.00 29.45
C GLN B 38 -12.66 -21.66 29.87
N GLN B 39 -13.11 -21.53 31.12
CA GLN B 39 -13.55 -20.23 31.70
C GLN B 39 -12.87 -20.05 33.06
N THR B 40 -12.03 -19.02 33.17
CA THR B 40 -11.44 -18.50 34.42
C THR B 40 -12.41 -17.46 34.98
N PRO B 41 -12.68 -17.42 36.32
CA PRO B 41 -13.61 -16.44 36.89
C PRO B 41 -13.35 -14.99 36.42
N GLY B 42 -14.40 -14.30 35.99
CA GLY B 42 -14.35 -12.89 35.54
C GLY B 42 -13.96 -12.74 34.08
N GLN B 43 -13.87 -13.83 33.31
CA GLN B 43 -13.43 -13.78 31.89
C GLN B 43 -14.48 -14.41 30.97
N ALA B 44 -14.48 -14.00 29.70
CA ALA B 44 -15.22 -14.67 28.61
C ALA B 44 -14.68 -16.08 28.44
N PRO B 45 -15.47 -17.03 27.89
CA PRO B 45 -14.95 -18.35 27.55
C PRO B 45 -13.73 -18.28 26.62
N ARG B 46 -12.82 -19.25 26.77
CA ARG B 46 -11.58 -19.37 25.97
C ARG B 46 -11.62 -20.71 25.24
N LEU B 47 -11.65 -20.69 23.90
CA LEU B 47 -11.65 -21.90 23.04
C LEU B 47 -10.34 -22.67 23.23
N LEU B 48 -10.44 -23.98 23.47
CA LEU B 48 -9.28 -24.91 23.50
C LEU B 48 -9.28 -25.75 22.23
N ILE B 49 -10.41 -26.41 21.94
CA ILE B 49 -10.57 -27.44 20.90
C ILE B 49 -11.83 -27.10 20.08
N TYR B 50 -11.76 -27.20 18.76
CA TYR B 50 -12.94 -27.21 17.86
C TYR B 50 -12.89 -28.47 17.00
N GLY B 51 -14.01 -28.84 16.39
CA GLY B 51 -14.14 -30.05 15.55
C GLY B 51 -13.72 -31.30 16.29
N ALA B 52 -13.99 -31.36 17.60
CA ALA B 52 -13.72 -32.51 18.52
C ALA B 52 -12.23 -32.64 18.85
N SER B 53 -11.30 -32.45 17.89
CA SER B 53 -9.85 -32.76 18.07
C SER B 53 -8.91 -31.69 17.52
N SER B 54 -9.40 -30.58 16.94
CA SER B 54 -8.54 -29.49 16.41
C SER B 54 -8.21 -28.51 17.54
N ARG B 55 -6.92 -28.38 17.89
CA ARG B 55 -6.43 -27.40 18.88
C ARG B 55 -6.48 -26.00 18.25
N ALA B 56 -7.04 -25.03 18.98
CA ALA B 56 -7.23 -23.63 18.53
C ALA B 56 -5.88 -22.90 18.53
N THR B 57 -5.81 -21.80 17.78
CA THR B 57 -4.63 -20.89 17.68
C THR B 57 -4.12 -20.57 19.08
N GLY B 58 -2.83 -20.84 19.33
CA GLY B 58 -2.08 -20.36 20.51
C GLY B 58 -2.32 -21.18 21.76
N ILE B 59 -3.11 -22.26 21.69
CA ILE B 59 -3.44 -23.11 22.87
C ILE B 59 -2.28 -24.08 23.11
N PRO B 60 -1.79 -24.25 24.36
CA PRO B 60 -0.71 -25.18 24.65
C PRO B 60 -1.06 -26.63 24.27
N ASP B 61 -0.04 -27.41 23.88
CA ASP B 61 -0.23 -28.79 23.33
C ASP B 61 -0.65 -29.79 24.42
N ARG B 62 -0.62 -29.41 25.71
CA ARG B 62 -1.09 -30.29 26.82
C ARG B 62 -2.62 -30.49 26.71
N PHE B 63 -3.34 -29.60 26.01
CA PHE B 63 -4.80 -29.72 25.73
C PHE B 63 -5.00 -30.51 24.43
N SER B 64 -5.80 -31.58 24.49
CA SER B 64 -6.24 -32.37 23.31
C SER B 64 -7.67 -32.86 23.51
N GLY B 65 -8.42 -32.98 22.40
CA GLY B 65 -9.78 -33.52 22.36
C GLY B 65 -9.82 -34.76 21.49
N SER B 66 -10.75 -35.68 21.80
CA SER B 66 -11.02 -36.90 21.02
C SER B 66 -12.51 -37.25 21.12
N GLY B 67 -12.95 -38.19 20.29
CA GLY B 67 -14.32 -38.73 20.30
C GLY B 67 -15.11 -38.30 19.08
N SER B 68 -16.31 -38.86 18.93
CA SER B 68 -17.25 -38.64 17.80
C SER B 68 -18.64 -39.13 18.21
N GLY B 69 -19.65 -38.86 17.39
CA GLY B 69 -21.06 -39.23 17.65
C GLY B 69 -21.58 -38.55 18.89
N THR B 70 -21.65 -39.28 20.01
CA THR B 70 -22.25 -38.83 21.29
C THR B 70 -21.22 -38.74 22.42
N ASP B 71 -19.99 -39.25 22.25
CA ASP B 71 -18.99 -39.40 23.33
C ASP B 71 -17.72 -38.61 22.98
N PHE B 72 -17.39 -37.61 23.79
CA PHE B 72 -16.26 -36.69 23.57
C PHE B 72 -15.47 -36.53 24.86
N THR B 73 -14.16 -36.37 24.72
CA THR B 73 -13.18 -36.29 25.83
C THR B 73 -12.25 -35.09 25.61
N LEU B 74 -12.06 -34.26 26.64
CA LEU B 74 -10.94 -33.29 26.73
C LEU B 74 -9.89 -33.90 27.67
N THR B 75 -8.63 -33.94 27.23
CA THR B 75 -7.47 -34.41 28.02
C THR B 75 -6.54 -33.21 28.24
N ILE B 76 -6.18 -32.97 29.50
CA ILE B 76 -5.07 -32.07 29.92
C ILE B 76 -3.96 -33.01 30.40
N SER B 77 -2.89 -33.15 29.62
CA SER B 77 -1.85 -34.19 29.82
CA SER B 77 -1.85 -34.19 29.82
C SER B 77 -1.11 -33.98 31.15
N ARG B 78 -0.84 -32.72 31.50
CA ARG B 78 -0.07 -32.33 32.72
C ARG B 78 -0.61 -31.00 33.25
N LEU B 79 -1.44 -31.05 34.30
CA LEU B 79 -2.19 -29.88 34.86
C LEU B 79 -1.22 -28.82 35.38
N GLU B 80 -1.37 -27.58 34.91
CA GLU B 80 -0.68 -26.38 35.45
C GLU B 80 -1.64 -25.68 36.42
N PRO B 81 -1.15 -24.85 37.37
CA PRO B 81 -2.02 -24.13 38.32
C PRO B 81 -3.17 -23.32 37.69
N GLU B 82 -2.93 -22.72 36.53
CA GLU B 82 -3.93 -21.90 35.79
C GLU B 82 -5.06 -22.78 35.21
N ASP B 83 -4.90 -24.10 35.15
CA ASP B 83 -5.87 -25.04 34.51
C ASP B 83 -7.02 -25.40 35.48
N PHE B 84 -6.91 -25.06 36.77
CA PHE B 84 -7.87 -25.47 37.82
C PHE B 84 -9.06 -24.50 37.84
N VAL B 85 -9.82 -24.49 36.74
CA VAL B 85 -10.99 -23.58 36.50
C VAL B 85 -12.12 -24.43 35.89
N VAL B 86 -13.06 -23.81 35.17
CA VAL B 86 -14.28 -24.48 34.62
C VAL B 86 -14.05 -24.78 33.14
N TYR B 87 -14.59 -25.90 32.68
CA TYR B 87 -14.53 -26.36 31.27
C TYR B 87 -15.95 -26.69 30.81
N PHE B 88 -16.33 -26.17 29.65
CA PHE B 88 -17.64 -26.38 28.98
C PHE B 88 -17.41 -26.98 27.60
N CYS B 89 -18.24 -27.93 27.21
CA CYS B 89 -18.34 -28.41 25.81
C CYS B 89 -19.48 -27.64 25.13
N LEU B 90 -19.36 -27.44 23.82
CA LEU B 90 -20.35 -26.76 22.94
C LEU B 90 -20.54 -27.64 21.71
N GLN B 91 -21.78 -27.97 21.37
CA GLN B 91 -22.12 -28.63 20.08
C GLN B 91 -22.63 -27.53 19.14
N TYR B 92 -22.15 -27.55 17.89
CA TYR B 92 -22.61 -26.64 16.81
C TYR B 92 -22.94 -27.49 15.57
N GLY B 93 -23.23 -28.79 15.75
CA GLY B 93 -23.72 -29.70 14.71
C GLY B 93 -25.20 -29.53 14.46
N SER B 94 -25.94 -28.95 15.40
CA SER B 94 -27.41 -28.75 15.37
C SER B 94 -27.76 -27.35 15.88
N SER B 95 -28.66 -26.64 15.20
CA SER B 95 -29.27 -25.37 15.67
C SER B 95 -30.44 -25.71 16.60
N PRO B 96 -30.56 -25.11 17.81
CA PRO B 96 -29.62 -24.13 18.34
C PRO B 96 -28.33 -24.75 18.91
N LEU B 97 -27.24 -23.98 18.88
CA LEU B 97 -25.98 -24.28 19.62
C LEU B 97 -26.33 -24.46 21.10
N THR B 98 -25.79 -25.50 21.73
CA THR B 98 -26.04 -25.82 23.16
C THR B 98 -24.71 -26.15 23.83
N PHE B 99 -24.55 -25.71 25.08
CA PHE B 99 -23.39 -26.00 25.96
C PHE B 99 -23.80 -27.07 26.97
N GLY B 100 -22.80 -27.84 27.43
CA GLY B 100 -22.91 -28.65 28.65
C GLY B 100 -22.94 -27.77 29.90
N PRO B 101 -23.29 -28.32 31.08
CA PRO B 101 -23.39 -27.52 32.31
C PRO B 101 -22.03 -27.18 32.96
N GLY B 102 -20.95 -27.80 32.49
CA GLY B 102 -19.58 -27.48 32.91
C GLY B 102 -19.01 -28.51 33.87
N THR B 103 -17.67 -28.59 33.94
CA THR B 103 -16.88 -29.37 34.91
C THR B 103 -15.87 -28.42 35.55
N LYS B 104 -15.82 -28.39 36.88
CA LYS B 104 -14.80 -27.63 37.66
C LYS B 104 -13.63 -28.58 37.96
N VAL B 105 -12.39 -28.13 37.75
CA VAL B 105 -11.15 -28.86 38.13
C VAL B 105 -10.59 -28.14 39.36
N ASP B 106 -10.47 -28.86 40.49
N ASP B 106 -10.45 -28.86 40.48
CA ASP B 106 -9.99 -28.31 41.80
CA ASP B 106 -9.98 -28.28 41.77
C ASP B 106 -8.67 -28.97 42.18
C ASP B 106 -8.69 -28.97 42.19
N ILE B 107 -7.83 -28.26 42.93
CA ILE B 107 -6.52 -28.77 43.42
C ILE B 107 -6.83 -29.71 44.59
N LYS B 108 -6.47 -31.00 44.46
CA LYS B 108 -6.55 -32.00 45.54
C LYS B 108 -5.44 -31.67 46.55
N ARG B 109 -5.81 -31.53 47.81
CA ARG B 109 -4.89 -31.38 48.96
C ARG B 109 -5.37 -32.29 50.10
N THR B 110 -4.62 -32.34 51.21
CA THR B 110 -5.00 -33.10 52.42
C THR B 110 -6.29 -32.52 53.00
N VAL B 111 -7.12 -33.38 53.58
CA VAL B 111 -8.41 -32.98 54.24
C VAL B 111 -8.05 -31.98 55.34
N ALA B 112 -8.81 -30.88 55.41
CA ALA B 112 -8.65 -29.79 56.40
C ALA B 112 -10.02 -29.49 57.02
N ALA B 113 -10.17 -29.68 58.32
CA ALA B 113 -11.42 -29.40 59.06
C ALA B 113 -11.63 -27.89 59.08
N PRO B 114 -12.89 -27.40 58.98
CA PRO B 114 -13.15 -25.97 59.10
C PRO B 114 -12.93 -25.47 60.53
N SER B 115 -12.31 -24.31 60.67
CA SER B 115 -12.33 -23.49 61.92
C SER B 115 -13.64 -22.71 61.91
N VAL B 116 -14.51 -22.91 62.92
CA VAL B 116 -15.89 -22.36 62.96
C VAL B 116 -15.91 -21.18 63.94
N PHE B 117 -16.35 -20.01 63.48
CA PHE B 117 -16.51 -18.76 64.27
C PHE B 117 -17.96 -18.28 64.14
N ILE B 118 -18.54 -17.76 65.23
CA ILE B 118 -19.89 -17.11 65.23
C ILE B 118 -19.73 -15.62 65.54
N PHE B 119 -20.50 -14.76 64.86
CA PHE B 119 -20.58 -13.30 65.10
C PHE B 119 -22.03 -12.94 65.41
N PRO B 120 -22.36 -12.46 66.64
CA PRO B 120 -23.70 -11.92 66.91
C PRO B 120 -23.93 -10.65 66.10
N PRO B 121 -25.20 -10.19 65.92
CA PRO B 121 -25.45 -8.93 65.23
C PRO B 121 -24.82 -7.77 66.00
N SER B 122 -24.35 -6.74 65.28
CA SER B 122 -23.80 -5.49 65.85
C SER B 122 -24.93 -4.71 66.53
N ASP B 123 -24.59 -3.85 67.50
CA ASP B 123 -25.56 -2.97 68.21
C ASP B 123 -26.21 -2.02 67.20
N GLU B 124 -25.42 -1.45 66.29
CA GLU B 124 -25.89 -0.49 65.25
C GLU B 124 -26.91 -1.17 64.33
N GLN B 125 -26.72 -2.45 63.97
CA GLN B 125 -27.71 -3.20 63.13
C GLN B 125 -29.00 -3.43 63.94
N LEU B 126 -28.87 -3.81 65.22
CA LEU B 126 -30.03 -4.04 66.12
C LEU B 126 -30.86 -2.75 66.25
N LYS B 127 -30.21 -1.58 66.31
CA LYS B 127 -30.88 -0.24 66.28
C LYS B 127 -31.79 -0.10 65.05
N SER B 128 -31.33 -0.60 63.90
CA SER B 128 -32.06 -0.53 62.59
C SER B 128 -33.27 -1.48 62.55
N GLY B 129 -33.33 -2.48 63.46
CA GLY B 129 -34.48 -3.41 63.62
C GLY B 129 -34.31 -4.73 62.88
N THR B 130 -33.07 -5.14 62.63
CA THR B 130 -32.71 -6.43 61.98
C THR B 130 -31.54 -7.06 62.72
N ALA B 131 -31.53 -8.39 62.79
CA ALA B 131 -30.48 -9.23 63.41
C ALA B 131 -29.89 -10.18 62.35
N SER B 132 -28.66 -9.91 61.90
CA SER B 132 -27.86 -10.80 61.04
C SER B 132 -26.85 -11.53 61.93
N VAL B 133 -26.94 -12.86 62.00
CA VAL B 133 -25.99 -13.73 62.75
C VAL B 133 -25.16 -14.49 61.71
N VAL B 134 -23.83 -14.37 61.79
CA VAL B 134 -22.88 -14.92 60.77
C VAL B 134 -22.13 -16.10 61.40
N CYS B 135 -22.18 -17.26 60.73
CA CYS B 135 -21.33 -18.46 61.02
C CYS B 135 -20.26 -18.54 59.93
N LEU B 136 -18.97 -18.47 60.31
CA LEU B 136 -17.81 -18.52 59.37
C LEU B 136 -17.14 -19.90 59.50
N LEU B 137 -17.09 -20.67 58.42
CA LEU B 137 -16.30 -21.92 58.26
C LEU B 137 -15.04 -21.55 57.49
N ASN B 138 -13.87 -21.54 58.14
CA ASN B 138 -12.62 -20.99 57.55
C ASN B 138 -11.64 -22.12 57.18
N ASN B 139 -11.16 -22.08 55.93
CA ASN B 139 -9.92 -22.78 55.46
C ASN B 139 -10.10 -24.28 55.61
N PHE B 140 -11.11 -24.84 54.95
CA PHE B 140 -11.44 -26.29 54.98
C PHE B 140 -11.26 -26.90 53.58
N TYR B 141 -11.09 -28.21 53.53
CA TYR B 141 -11.06 -29.03 52.28
C TYR B 141 -11.52 -30.45 52.60
N PRO B 142 -12.39 -31.11 51.81
CA PRO B 142 -12.92 -30.59 50.54
C PRO B 142 -14.06 -29.56 50.67
N ARG B 143 -14.61 -29.11 49.52
CA ARG B 143 -15.62 -28.01 49.42
C ARG B 143 -16.92 -28.38 50.14
N GLU B 144 -17.28 -29.67 50.18
CA GLU B 144 -18.61 -30.13 50.66
C GLU B 144 -18.67 -29.91 52.19
N ALA B 145 -19.55 -29.03 52.65
CA ALA B 145 -19.83 -28.79 54.08
C ALA B 145 -21.30 -28.37 54.22
N LYS B 146 -21.96 -28.83 55.29
CA LYS B 146 -23.37 -28.49 55.61
C LYS B 146 -23.37 -27.63 56.87
N VAL B 147 -24.04 -26.46 56.80
CA VAL B 147 -24.35 -25.58 57.96
C VAL B 147 -25.86 -25.68 58.21
N GLN B 148 -26.25 -25.94 59.46
CA GLN B 148 -27.66 -26.01 59.91
C GLN B 148 -27.82 -25.06 61.10
N TRP B 149 -28.74 -24.09 60.99
CA TRP B 149 -29.06 -23.14 62.09
C TRP B 149 -30.11 -23.78 63.01
N LYS B 150 -29.89 -23.71 64.32
CA LYS B 150 -30.85 -24.13 65.37
C LYS B 150 -31.01 -22.97 66.35
N VAL B 151 -32.25 -22.52 66.56
CA VAL B 151 -32.62 -21.42 67.50
C VAL B 151 -33.45 -22.03 68.62
N ASP B 152 -32.93 -22.05 69.86
CA ASP B 152 -33.53 -22.75 71.02
C ASP B 152 -33.83 -24.20 70.63
N ASN B 153 -32.87 -24.86 69.98
CA ASN B 153 -32.90 -26.30 69.57
C ASN B 153 -33.97 -26.56 68.49
N ALA B 154 -34.55 -25.52 67.87
CA ALA B 154 -35.53 -25.63 66.76
C ALA B 154 -34.80 -25.44 65.43
N LEU B 155 -34.89 -26.42 64.53
CA LEU B 155 -34.27 -26.41 63.18
C LEU B 155 -34.84 -25.23 62.37
N GLN B 156 -33.95 -24.41 61.79
CA GLN B 156 -34.30 -23.32 60.84
C GLN B 156 -34.17 -23.83 59.41
N SER B 157 -34.86 -23.19 58.45
CA SER B 157 -34.81 -23.54 57.00
C SER B 157 -34.90 -22.32 56.08
N GLY B 158 -35.94 -21.48 56.18
CA GLY B 158 -36.29 -20.48 55.15
C GLY B 158 -35.55 -19.16 55.29
N ASN B 159 -34.62 -19.01 56.26
CA ASN B 159 -34.21 -17.68 56.79
C ASN B 159 -32.69 -17.51 56.81
N SER B 160 -31.93 -18.38 56.13
CA SER B 160 -30.44 -18.30 56.04
C SER B 160 -30.01 -18.27 54.57
N GLN B 161 -28.86 -17.64 54.31
CA GLN B 161 -28.19 -17.65 52.98
C GLN B 161 -26.72 -18.02 53.18
N GLU B 162 -26.16 -18.79 52.24
CA GLU B 162 -24.80 -19.38 52.29
C GLU B 162 -23.99 -18.84 51.11
N SER B 163 -22.71 -18.56 51.34
CA SER B 163 -21.74 -18.12 50.31
C SER B 163 -20.40 -18.84 50.53
N VAL B 164 -19.76 -19.27 49.45
CA VAL B 164 -18.48 -20.06 49.47
C VAL B 164 -17.47 -19.35 48.57
N THR B 165 -16.24 -19.17 49.04
CA THR B 165 -15.12 -18.59 48.26
C THR B 165 -14.66 -19.61 47.20
N GLU B 166 -13.96 -19.13 46.17
CA GLU B 166 -13.19 -19.99 45.23
C GLU B 166 -12.04 -20.62 46.01
N GLN B 167 -11.51 -21.74 45.52
CA GLN B 167 -10.34 -22.44 46.13
C GLN B 167 -9.21 -21.42 46.28
N ASP B 168 -8.67 -21.29 47.51
CA ASP B 168 -7.63 -20.28 47.87
C ASP B 168 -6.37 -20.53 47.03
N SER B 169 -5.78 -19.46 46.51
CA SER B 169 -4.60 -19.49 45.59
C SER B 169 -3.34 -19.96 46.34
N LYS B 170 -3.27 -19.72 47.66
CA LYS B 170 -2.08 -20.07 48.51
C LYS B 170 -2.19 -21.52 49.01
N ASP B 171 -3.25 -21.85 49.77
CA ASP B 171 -3.34 -23.11 50.57
C ASP B 171 -4.39 -24.08 50.00
N SER B 172 -5.09 -23.72 48.92
CA SER B 172 -6.06 -24.58 48.19
C SER B 172 -7.22 -25.02 49.09
N THR B 173 -7.60 -24.20 50.09
CA THR B 173 -8.76 -24.44 50.97
C THR B 173 -9.95 -23.58 50.53
N TYR B 174 -11.13 -23.90 51.04
CA TYR B 174 -12.39 -23.14 50.88
C TYR B 174 -12.73 -22.48 52.20
N SER B 175 -13.50 -21.39 52.14
CA SER B 175 -14.18 -20.77 53.29
C SER B 175 -15.67 -20.60 52.94
N LEU B 176 -16.52 -20.61 53.97
CA LEU B 176 -18.00 -20.53 53.83
C LEU B 176 -18.53 -19.57 54.90
N SER B 177 -19.45 -18.69 54.51
CA SER B 177 -20.26 -17.85 55.43
C SER B 177 -21.71 -18.31 55.35
N SER B 178 -22.36 -18.53 56.50
CA SER B 178 -23.83 -18.69 56.63
C SER B 178 -24.37 -17.54 57.47
N THR B 179 -25.34 -16.79 56.94
CA THR B 179 -25.98 -15.62 57.59
C THR B 179 -27.44 -15.97 57.92
N LEU B 180 -27.79 -15.98 59.20
CA LEU B 180 -29.19 -16.10 59.70
C LEU B 180 -29.74 -14.68 59.89
N THR B 181 -30.83 -14.35 59.19
CA THR B 181 -31.44 -13.00 59.19
C THR B 181 -32.83 -13.08 59.85
N LEU B 182 -33.01 -12.35 60.96
CA LEU B 182 -34.32 -12.20 61.67
C LEU B 182 -34.59 -10.72 61.94
N SER B 183 -35.87 -10.34 62.10
CA SER B 183 -36.28 -9.04 62.70
C SER B 183 -35.76 -8.96 64.14
N LYS B 184 -35.52 -7.75 64.65
CA LYS B 184 -35.07 -7.52 66.06
C LYS B 184 -36.08 -8.18 67.02
N ALA B 185 -37.38 -8.03 66.74
CA ALA B 185 -38.50 -8.59 67.52
C ALA B 185 -38.37 -10.11 67.63
N ASP B 186 -38.28 -10.79 66.49
CA ASP B 186 -38.15 -12.29 66.42
C ASP B 186 -36.83 -12.75 67.04
N TYR B 187 -35.75 -11.97 66.87
CA TYR B 187 -34.41 -12.23 67.47
C TYR B 187 -34.51 -12.26 69.01
N GLU B 188 -35.20 -11.28 69.59
CA GLU B 188 -35.33 -11.09 71.06
C GLU B 188 -36.29 -12.12 71.67
N LYS B 189 -37.08 -12.84 70.85
CA LYS B 189 -38.01 -13.91 71.32
C LYS B 189 -37.26 -15.21 71.65
N HIS B 190 -35.96 -15.32 71.36
CA HIS B 190 -35.14 -16.55 71.56
C HIS B 190 -33.84 -16.24 72.30
N LYS B 191 -33.23 -17.29 72.89
CA LYS B 191 -32.00 -17.20 73.72
C LYS B 191 -30.80 -17.82 72.98
N VAL B 192 -30.88 -19.11 72.66
CA VAL B 192 -29.74 -19.92 72.11
C VAL B 192 -29.77 -19.84 70.58
N TYR B 193 -28.71 -19.29 69.96
CA TYR B 193 -28.45 -19.29 68.51
C TYR B 193 -27.21 -20.16 68.24
N ALA B 194 -27.37 -21.23 67.45
CA ALA B 194 -26.30 -22.21 67.14
C ALA B 194 -26.29 -22.52 65.64
N CYS B 195 -25.10 -22.55 65.04
CA CYS B 195 -24.83 -23.14 63.69
C CYS B 195 -24.10 -24.47 63.88
N GLU B 196 -24.68 -25.54 63.32
CA GLU B 196 -24.15 -26.93 63.36
C GLU B 196 -23.40 -27.17 62.04
N VAL B 197 -22.10 -27.47 62.12
CA VAL B 197 -21.20 -27.68 60.94
C VAL B 197 -20.88 -29.17 60.83
N THR B 198 -21.15 -29.76 59.66
CA THR B 198 -20.77 -31.15 59.31
C THR B 198 -19.78 -31.11 58.14
N HIS B 199 -18.69 -31.85 58.24
CA HIS B 199 -17.57 -31.86 57.24
C HIS B 199 -16.73 -33.14 57.42
N GLN B 200 -16.15 -33.62 56.32
CA GLN B 200 -15.33 -34.86 56.22
C GLN B 200 -14.19 -34.84 57.25
N GLY B 201 -13.60 -33.67 57.51
CA GLY B 201 -12.46 -33.49 58.44
C GLY B 201 -12.86 -33.49 59.91
N LEU B 202 -14.16 -33.49 60.23
CA LEU B 202 -14.69 -33.49 61.62
C LEU B 202 -15.20 -34.89 61.98
N SER B 203 -14.76 -35.44 63.12
CA SER B 203 -15.21 -36.74 63.68
C SER B 203 -16.70 -36.69 64.00
N SER B 204 -17.13 -35.62 64.67
CA SER B 204 -18.55 -35.30 65.01
C SER B 204 -18.87 -33.87 64.56
N PRO B 205 -20.16 -33.52 64.37
CA PRO B 205 -20.52 -32.15 64.00
C PRO B 205 -20.03 -31.12 65.03
N VAL B 206 -19.46 -30.00 64.58
CA VAL B 206 -18.98 -28.87 65.43
C VAL B 206 -20.10 -27.83 65.49
N THR B 207 -20.54 -27.49 66.71
CA THR B 207 -21.61 -26.51 67.01
C THR B 207 -20.95 -25.27 67.65
N LYS B 208 -21.06 -24.10 67.03
CA LYS B 208 -20.71 -22.77 67.61
C LYS B 208 -22.02 -22.04 67.90
N SER B 209 -22.14 -21.51 69.12
CA SER B 209 -23.40 -20.95 69.67
C SER B 209 -23.13 -19.81 70.65
N PHE B 210 -24.17 -19.02 70.95
CA PHE B 210 -24.20 -18.05 72.08
C PHE B 210 -25.62 -18.02 72.66
N ASN B 211 -25.75 -17.58 73.92
CA ASN B 211 -27.03 -17.24 74.58
C ASN B 211 -27.20 -15.72 74.49
N ARG B 212 -28.39 -15.24 74.13
CA ARG B 212 -28.73 -13.79 74.05
C ARG B 212 -29.18 -13.30 75.43
N LEU C 27 26.76 -58.92 -16.83
CA LEU C 27 26.96 -59.13 -15.35
C LEU C 27 26.13 -58.09 -14.58
N LEU C 28 24.79 -58.26 -14.58
CA LEU C 28 23.80 -57.31 -14.00
C LEU C 28 23.33 -57.82 -12.63
N ILE C 29 23.69 -57.11 -11.55
CA ILE C 29 23.17 -57.32 -10.17
C ILE C 29 22.27 -56.14 -9.82
N LYS C 30 21.00 -56.40 -9.49
CA LYS C 30 19.95 -55.37 -9.22
C LYS C 30 19.07 -55.83 -8.05
N GLY C 31 19.30 -55.30 -6.85
CA GLY C 31 18.55 -55.64 -5.62
C GLY C 31 18.97 -56.98 -5.06
N GLY C 32 20.29 -57.26 -5.04
CA GLY C 32 20.90 -58.49 -4.49
C GLY C 32 20.49 -59.74 -5.26
N VAL C 33 20.24 -59.63 -6.57
CA VAL C 33 19.83 -60.77 -7.45
C VAL C 33 20.43 -60.55 -8.85
N GLU C 34 20.94 -61.62 -9.48
CA GLU C 34 21.56 -61.61 -10.83
C GLU C 34 20.44 -61.59 -11.89
N VAL C 35 20.46 -60.59 -12.77
CA VAL C 35 19.38 -60.31 -13.77
C VAL C 35 19.77 -60.94 -15.10
N LEU C 36 18.85 -61.70 -15.71
CA LEU C 36 19.02 -62.40 -17.01
C LEU C 36 18.14 -61.71 -18.06
N GLU C 37 17.71 -62.41 -19.11
CA GLU C 37 17.02 -61.80 -20.29
C GLU C 37 15.57 -61.45 -19.94
N VAL C 38 15.00 -60.50 -20.70
CA VAL C 38 13.55 -60.17 -20.74
C VAL C 38 12.82 -61.35 -21.39
N LYS C 39 11.76 -61.86 -20.74
CA LYS C 39 10.98 -63.03 -21.24
C LYS C 39 10.10 -62.54 -22.39
N THR C 40 10.19 -63.22 -23.53
CA THR C 40 9.52 -62.88 -24.81
C THR C 40 8.40 -63.88 -25.09
N GLY C 41 7.25 -63.70 -24.43
CA GLY C 41 6.01 -64.48 -24.65
C GLY C 41 4.85 -63.57 -25.04
N VAL C 42 3.63 -64.14 -25.13
CA VAL C 42 2.37 -63.41 -25.50
C VAL C 42 1.86 -62.65 -24.27
N ASP C 43 1.74 -63.34 -23.13
CA ASP C 43 1.24 -62.78 -21.85
C ASP C 43 2.42 -62.40 -20.95
N ALA C 44 3.49 -61.84 -21.51
CA ALA C 44 4.73 -61.43 -20.79
C ALA C 44 4.61 -60.00 -20.26
N ILE C 45 3.63 -59.22 -20.74
CA ILE C 45 3.34 -57.80 -20.34
C ILE C 45 2.04 -57.76 -19.57
N THR C 46 1.96 -56.94 -18.52
CA THR C 46 0.72 -56.62 -17.76
C THR C 46 0.74 -55.13 -17.35
N GLU C 47 -0.43 -54.54 -17.13
CA GLU C 47 -0.62 -53.17 -16.61
C GLU C 47 -1.38 -53.23 -15.28
N VAL C 48 -0.88 -52.52 -14.27
CA VAL C 48 -1.61 -52.28 -12.98
C VAL C 48 -1.83 -50.77 -12.85
N GLU C 49 -2.90 -50.38 -12.15
CA GLU C 49 -3.27 -48.97 -11.96
C GLU C 49 -3.77 -48.77 -10.53
N CYS C 50 -3.61 -47.54 -10.04
CA CYS C 50 -4.06 -47.10 -8.70
CA CYS C 50 -4.07 -47.11 -8.70
C CYS C 50 -4.28 -45.59 -8.69
N PHE C 51 -5.37 -45.14 -8.06
CA PHE C 51 -5.57 -43.74 -7.63
C PHE C 51 -5.14 -43.67 -6.16
N LEU C 52 -4.10 -42.89 -5.88
CA LEU C 52 -3.57 -42.70 -4.51
C LEU C 52 -4.08 -41.37 -3.95
N ASN C 53 -4.89 -41.42 -2.89
CA ASN C 53 -5.51 -40.23 -2.27
C ASN C 53 -4.45 -39.42 -1.53
N PRO C 54 -4.58 -38.08 -1.48
CA PRO C 54 -3.64 -37.25 -0.74
C PRO C 54 -3.98 -37.30 0.76
N GLU C 55 -2.96 -37.05 1.60
N GLU C 55 -2.97 -37.04 1.59
CA GLU C 55 -3.08 -37.09 3.08
CA GLU C 55 -3.07 -37.09 3.08
C GLU C 55 -2.59 -35.74 3.62
C GLU C 55 -2.59 -35.74 3.62
N MET C 56 -3.43 -34.72 3.48
CA MET C 56 -3.11 -33.32 3.84
C MET C 56 -3.39 -33.05 5.33
N GLY C 57 -4.10 -33.97 6.01
CA GLY C 57 -4.41 -33.87 7.46
C GLY C 57 -5.89 -34.07 7.72
N ASP C 58 -6.76 -33.57 6.85
CA ASP C 58 -8.23 -33.83 6.86
C ASP C 58 -8.80 -33.60 8.25
N PRO C 59 -8.64 -32.41 8.86
CA PRO C 59 -9.12 -32.17 10.24
C PRO C 59 -10.65 -32.20 10.38
N ASP C 60 -11.37 -31.94 9.31
CA ASP C 60 -12.84 -31.78 9.29
C ASP C 60 -13.34 -32.83 8.28
N GLU C 61 -14.36 -33.61 8.64
CA GLU C 61 -14.85 -34.73 7.77
C GLU C 61 -15.47 -34.18 6.47
N ASN C 62 -15.84 -32.90 6.40
CA ASN C 62 -16.37 -32.26 5.16
C ASN C 62 -15.25 -31.70 4.26
N LEU C 63 -14.06 -31.39 4.81
CA LEU C 63 -12.92 -30.79 4.05
C LEU C 63 -11.80 -31.83 3.89
N ARG C 64 -12.17 -32.99 3.36
CA ARG C 64 -11.23 -34.02 2.85
C ARG C 64 -10.36 -33.39 1.76
N GLY C 65 -9.04 -33.59 1.83
CA GLY C 65 -8.06 -33.03 0.88
C GLY C 65 -7.49 -31.69 1.33
N PHE C 66 -7.88 -31.20 2.52
CA PHE C 66 -7.39 -29.93 3.10
C PHE C 66 -6.71 -30.21 4.44
N SER C 67 -5.69 -29.43 4.78
CA SER C 67 -5.02 -29.46 6.11
C SER C 67 -5.84 -28.61 7.08
N LEU C 68 -5.59 -28.77 8.38
CA LEU C 68 -5.94 -27.75 9.40
C LEU C 68 -5.29 -26.43 9.00
N LYS C 69 -5.89 -25.30 9.39
CA LYS C 69 -5.33 -23.96 9.07
CA LYS C 69 -5.34 -23.96 9.08
C LYS C 69 -3.91 -23.87 9.61
N LEU C 70 -3.04 -23.13 8.91
CA LEU C 70 -1.62 -22.97 9.27
C LEU C 70 -1.51 -22.01 10.46
N SER C 71 -0.87 -22.46 11.54
CA SER C 71 -0.33 -21.58 12.61
C SER C 71 0.86 -20.82 12.03
N ALA C 72 1.23 -19.70 12.64
CA ALA C 72 2.41 -18.91 12.24
C ALA C 72 3.10 -18.37 13.49
N GLU C 73 4.40 -18.16 13.38
CA GLU C 73 5.23 -17.39 14.35
C GLU C 73 5.37 -18.15 15.66
N ASN C 74 5.41 -19.50 15.63
CA ASN C 74 5.81 -20.29 16.83
C ASN C 74 7.29 -20.02 17.10
N ASP C 75 7.66 -19.84 18.37
CA ASP C 75 9.09 -19.78 18.82
C ASP C 75 9.74 -21.10 18.39
N PHE C 76 10.97 -21.04 17.86
CA PHE C 76 11.75 -22.28 17.53
C PHE C 76 11.85 -23.18 18.77
N SER C 77 11.88 -22.61 19.98
CA SER C 77 12.00 -23.35 21.27
C SER C 77 10.64 -23.95 21.69
N SER C 78 9.52 -23.53 21.09
CA SER C 78 8.15 -23.93 21.50
C SER C 78 7.26 -24.09 20.26
N ASP C 79 7.61 -25.06 19.42
CA ASP C 79 7.00 -25.29 18.09
C ASP C 79 6.34 -26.67 18.13
N SER C 80 5.03 -26.69 18.33
CA SER C 80 4.21 -27.92 18.54
C SER C 80 3.08 -27.96 17.50
N PRO C 81 3.37 -28.33 16.24
CA PRO C 81 2.32 -28.37 15.21
C PRO C 81 1.23 -29.41 15.50
N GLU C 82 -0.02 -29.05 15.19
CA GLU C 82 -1.20 -29.95 15.23
C GLU C 82 -0.99 -31.05 14.18
N ARG C 83 -1.30 -32.31 14.52
CA ARG C 83 -1.18 -33.47 13.60
C ARG C 83 -1.87 -33.16 12.26
N LYS C 84 -3.10 -32.64 12.32
CA LYS C 84 -3.98 -32.49 11.13
C LYS C 84 -3.55 -31.26 10.31
N MET C 85 -2.56 -30.49 10.76
CA MET C 85 -1.96 -29.35 10.01
C MET C 85 -0.81 -29.84 9.11
N LEU C 86 -0.35 -31.09 9.26
CA LEU C 86 0.88 -31.64 8.63
C LEU C 86 0.51 -32.60 7.50
N PRO C 87 0.65 -32.19 6.22
CA PRO C 87 0.53 -33.14 5.12
C PRO C 87 1.56 -34.26 5.25
N CYS C 88 1.16 -35.48 4.88
CA CYS C 88 1.99 -36.71 4.96
C CYS C 88 2.11 -37.34 3.57
N TYR C 89 3.18 -38.09 3.36
CA TYR C 89 3.36 -38.92 2.13
C TYR C 89 2.25 -39.98 2.08
N SER C 90 1.73 -40.25 0.89
CA SER C 90 0.79 -41.37 0.60
C SER C 90 1.62 -42.53 0.03
N THR C 91 1.22 -43.77 0.29
CA THR C 91 1.83 -44.98 -0.30
C THR C 91 0.78 -46.11 -0.37
N ALA C 92 0.94 -47.02 -1.33
CA ALA C 92 0.13 -48.23 -1.49
C ALA C 92 1.03 -49.36 -2.00
N ARG C 93 0.86 -50.55 -1.42
CA ARG C 93 1.47 -51.82 -1.89
C ARG C 93 0.47 -52.46 -2.86
N ILE C 94 0.88 -52.68 -4.12
CA ILE C 94 0.04 -53.33 -5.15
C ILE C 94 0.51 -54.78 -5.26
N PRO C 95 -0.29 -55.78 -4.79
CA PRO C 95 0.06 -57.19 -4.99
C PRO C 95 -0.02 -57.57 -6.48
N LEU C 96 0.89 -58.45 -6.95
CA LEU C 96 0.98 -58.89 -8.36
C LEU C 96 0.80 -60.41 -8.44
N PRO C 97 0.38 -60.96 -9.61
CA PRO C 97 0.32 -62.42 -9.77
C PRO C 97 1.67 -63.10 -9.52
N ASN C 98 1.71 -64.18 -8.75
CA ASN C 98 2.93 -65.02 -8.59
C ASN C 98 3.17 -65.70 -9.94
N LEU C 99 4.42 -65.66 -10.44
CA LEU C 99 4.84 -66.20 -11.77
C LEU C 99 5.53 -67.56 -11.63
N ASN C 100 6.06 -67.89 -10.45
CA ASN C 100 6.89 -69.09 -10.20
C ASN C 100 5.99 -70.21 -9.65
N GLU C 101 5.64 -71.21 -10.49
CA GLU C 101 5.03 -72.49 -10.03
C GLU C 101 5.94 -73.12 -8.97
N ASP C 102 7.25 -73.00 -9.15
CA ASP C 102 8.28 -73.60 -8.27
C ASP C 102 9.35 -72.55 -7.94
N LEU C 103 9.92 -72.61 -6.73
CA LEU C 103 10.92 -71.65 -6.21
C LEU C 103 12.32 -72.27 -6.20
N THR C 104 12.49 -73.48 -6.76
CA THR C 104 13.79 -74.23 -6.82
C THR C 104 14.42 -74.16 -8.22
N SER C 105 13.63 -73.80 -9.24
CA SER C 105 14.06 -73.70 -10.66
C SER C 105 15.31 -72.83 -10.78
N GLY C 106 16.21 -73.20 -11.70
CA GLY C 106 17.53 -72.55 -11.87
C GLY C 106 17.37 -71.07 -12.14
N ASN C 107 16.49 -70.72 -13.07
CA ASN C 107 16.00 -69.35 -13.33
C ASN C 107 14.61 -69.18 -12.72
N LEU C 108 14.34 -68.00 -12.16
CA LEU C 108 13.02 -67.57 -11.63
C LEU C 108 12.52 -66.37 -12.44
N LEU C 109 11.22 -66.04 -12.30
CA LEU C 109 10.56 -64.89 -12.97
C LEU C 109 10.20 -63.85 -11.91
N MET C 110 10.51 -62.59 -12.19
CA MET C 110 10.11 -61.40 -11.39
C MET C 110 9.41 -60.42 -12.31
N TRP C 111 8.37 -59.74 -11.81
CA TRP C 111 7.77 -58.57 -12.50
C TRP C 111 8.78 -57.43 -12.50
N GLU C 112 8.94 -56.76 -13.64
CA GLU C 112 9.84 -55.58 -13.84
C GLU C 112 8.97 -54.40 -14.27
N ALA C 113 8.95 -53.32 -13.48
CA ALA C 113 8.29 -52.05 -13.84
C ALA C 113 9.11 -51.35 -14.93
N VAL C 114 8.50 -51.12 -16.09
CA VAL C 114 9.19 -50.58 -17.30
C VAL C 114 8.85 -49.10 -17.48
N THR C 115 7.57 -48.73 -17.35
CA THR C 115 7.08 -47.35 -17.53
C THR C 115 5.99 -47.00 -16.51
N VAL C 116 5.78 -45.71 -16.28
CA VAL C 116 4.64 -45.19 -15.46
C VAL C 116 4.01 -44.04 -16.26
N GLN C 117 2.68 -44.06 -16.33
CA GLN C 117 1.85 -42.90 -16.73
C GLN C 117 1.23 -42.37 -15.42
N THR C 118 1.43 -41.10 -15.11
CA THR C 118 0.96 -40.50 -13.82
C THR C 118 0.53 -39.06 -14.06
N GLU C 119 -0.51 -38.62 -13.37
CA GLU C 119 -0.88 -37.19 -13.29
C GLU C 119 -1.71 -36.94 -12.02
N VAL C 120 -1.82 -35.67 -11.67
CA VAL C 120 -2.64 -35.18 -10.53
C VAL C 120 -4.08 -35.11 -11.02
N ILE C 121 -5.03 -35.58 -10.21
CA ILE C 121 -6.46 -35.73 -10.58
C ILE C 121 -7.27 -34.63 -9.89
N GLY C 122 -7.99 -33.83 -10.69
CA GLY C 122 -8.95 -32.82 -10.23
C GLY C 122 -8.35 -31.42 -10.23
N ILE C 123 -7.40 -31.15 -11.13
CA ILE C 123 -6.65 -29.85 -11.16
C ILE C 123 -7.64 -28.71 -11.46
N THR C 124 -8.70 -28.98 -12.22
CA THR C 124 -9.72 -27.98 -12.60
C THR C 124 -10.61 -27.58 -11.42
N SER C 125 -10.65 -28.36 -10.32
CA SER C 125 -11.41 -28.00 -9.09
C SER C 125 -10.93 -26.66 -8.52
N MET C 126 -9.69 -26.25 -8.82
CA MET C 126 -9.14 -24.93 -8.42
C MET C 126 -9.79 -23.76 -9.19
N LEU C 127 -10.60 -24.04 -10.23
CA LEU C 127 -11.40 -23.00 -10.94
C LEU C 127 -12.70 -22.68 -10.19
N ASN C 128 -12.99 -23.38 -9.09
CA ASN C 128 -14.05 -22.98 -8.13
C ASN C 128 -13.50 -21.83 -7.28
N LEU C 129 -13.84 -20.58 -7.64
CA LEU C 129 -13.46 -19.36 -6.87
C LEU C 129 -14.67 -18.78 -6.15
N HIS C 130 -15.78 -19.54 -6.03
CA HIS C 130 -17.03 -19.11 -5.36
C HIS C 130 -17.12 -19.68 -3.92
N ALA C 131 -16.53 -20.86 -3.67
CA ALA C 131 -16.60 -21.56 -2.37
C ALA C 131 -15.48 -21.08 -1.44
N GLY C 132 -15.83 -20.21 -0.50
CA GLY C 132 -15.08 -19.98 0.75
C GLY C 132 -13.74 -19.30 0.61
N SER C 133 -13.27 -18.94 -0.59
CA SER C 133 -11.94 -18.31 -0.78
C SER C 133 -12.08 -16.79 -0.65
N GLN C 134 -11.13 -16.14 0.05
CA GLN C 134 -11.10 -14.67 0.27
C GLN C 134 -11.19 -13.94 -1.08
N LYS C 135 -12.03 -12.90 -1.17
CA LYS C 135 -12.11 -12.06 -2.38
C LYS C 135 -10.74 -11.43 -2.63
N VAL C 136 -10.32 -11.37 -3.88
CA VAL C 136 -8.99 -10.80 -4.30
C VAL C 136 -8.99 -9.29 -4.03
N HIS C 137 -10.15 -8.65 -4.09
CA HIS C 137 -10.40 -7.20 -3.79
C HIS C 137 -11.91 -6.99 -3.74
N GLU C 138 -12.37 -5.78 -3.42
CA GLU C 138 -13.82 -5.46 -3.36
C GLU C 138 -14.46 -5.78 -4.72
N HIS C 139 -15.55 -6.56 -4.72
CA HIS C 139 -16.33 -7.00 -5.92
C HIS C 139 -15.62 -8.12 -6.71
N GLY C 140 -14.41 -8.53 -6.31
CA GLY C 140 -13.60 -9.53 -7.04
C GLY C 140 -14.06 -10.96 -6.76
N GLY C 141 -13.60 -11.90 -7.58
CA GLY C 141 -13.78 -13.35 -7.32
C GLY C 141 -12.92 -13.81 -6.16
N GLY C 142 -13.07 -15.07 -5.75
CA GLY C 142 -12.23 -15.68 -4.71
C GLY C 142 -10.77 -15.81 -5.12
N LYS C 143 -9.88 -15.87 -4.13
CA LYS C 143 -8.41 -16.02 -4.32
C LYS C 143 -8.13 -17.44 -4.80
N PRO C 144 -7.47 -17.63 -5.97
CA PRO C 144 -6.96 -18.94 -6.37
C PRO C 144 -6.07 -19.59 -5.30
N ILE C 145 -6.08 -20.92 -5.25
CA ILE C 145 -5.04 -21.70 -4.51
C ILE C 145 -3.68 -21.34 -5.11
N GLN C 146 -2.72 -21.01 -4.25
CA GLN C 146 -1.36 -20.61 -4.69
C GLN C 146 -0.44 -20.65 -3.46
N GLY C 147 0.87 -20.44 -3.70
CA GLY C 147 1.91 -20.56 -2.65
C GLY C 147 2.66 -21.87 -2.81
N SER C 148 3.52 -22.19 -1.85
CA SER C 148 4.48 -23.31 -1.90
C SER C 148 3.75 -24.60 -2.33
N ASN C 149 4.33 -25.36 -3.25
CA ASN C 149 3.76 -26.65 -3.69
C ASN C 149 4.89 -27.68 -3.80
N PHE C 150 4.53 -28.95 -3.69
CA PHE C 150 5.44 -30.11 -3.81
C PHE C 150 4.69 -31.21 -4.57
N HIS C 151 5.28 -31.69 -5.66
CA HIS C 151 4.72 -32.75 -6.54
C HIS C 151 5.78 -33.85 -6.64
N PHE C 152 5.46 -35.01 -6.09
CA PHE C 152 6.40 -36.14 -5.89
C PHE C 152 5.65 -37.44 -6.19
N PHE C 153 6.32 -38.35 -6.89
CA PHE C 153 5.86 -39.75 -7.07
C PHE C 153 7.06 -40.67 -7.14
N ALA C 154 6.85 -41.92 -6.73
CA ALA C 154 7.87 -43.00 -6.77
C ALA C 154 7.20 -44.31 -7.15
N VAL C 155 7.93 -45.14 -7.90
CA VAL C 155 7.53 -46.52 -8.27
C VAL C 155 8.74 -47.42 -7.95
N GLY C 156 8.51 -48.48 -7.18
CA GLY C 156 9.60 -49.38 -6.75
C GLY C 156 9.10 -50.79 -6.45
N GLY C 157 10.03 -51.74 -6.34
CA GLY C 157 9.80 -53.14 -5.94
C GLY C 157 9.96 -53.32 -4.44
N ASP C 158 10.30 -52.24 -3.72
CA ASP C 158 10.43 -52.18 -2.24
C ASP C 158 9.79 -50.89 -1.74
N PRO C 159 9.44 -50.76 -0.44
CA PRO C 159 8.95 -49.49 0.10
C PRO C 159 9.93 -48.34 -0.16
N LEU C 160 9.41 -47.14 -0.39
CA LEU C 160 10.24 -45.93 -0.64
C LEU C 160 11.13 -45.73 0.59
N GLU C 161 12.42 -45.47 0.38
CA GLU C 161 13.39 -45.20 1.46
C GLU C 161 13.58 -43.71 1.59
N MET C 162 13.55 -43.18 2.81
CA MET C 162 13.49 -41.73 3.07
C MET C 162 14.60 -41.31 4.03
N GLN C 163 15.03 -40.05 3.89
CA GLN C 163 16.03 -39.35 4.74
C GLN C 163 15.30 -38.21 5.45
N GLY C 164 15.50 -38.07 6.76
CA GLY C 164 14.92 -37.01 7.59
C GLY C 164 15.74 -35.73 7.53
N VAL C 165 15.08 -34.59 7.28
CA VAL C 165 15.67 -33.22 7.42
C VAL C 165 14.59 -32.32 7.99
N LEU C 166 14.94 -31.48 8.97
CA LEU C 166 13.98 -30.61 9.71
C LEU C 166 14.35 -29.14 9.51
N MET C 167 13.34 -28.27 9.38
CA MET C 167 13.51 -26.80 9.48
C MET C 167 14.07 -26.45 10.85
N ASN C 168 13.51 -27.10 11.88
CA ASN C 168 13.73 -26.82 13.32
C ASN C 168 13.82 -28.15 14.06
N TYR C 169 15.01 -28.54 14.52
CA TYR C 169 15.24 -29.84 15.18
C TYR C 169 14.45 -29.89 16.50
N ARG C 170 14.14 -28.74 17.09
CA ARG C 170 13.42 -28.64 18.39
C ARG C 170 11.90 -28.72 18.23
N THR C 171 11.38 -28.83 17.00
CA THR C 171 9.92 -29.02 16.76
C THR C 171 9.46 -30.26 17.56
N LYS C 172 8.40 -30.11 18.35
CA LYS C 172 7.73 -31.20 19.07
C LYS C 172 6.62 -31.73 18.15
N TYR C 173 6.87 -32.82 17.44
CA TYR C 173 5.88 -33.43 16.51
C TYR C 173 4.84 -34.20 17.32
N PRO C 174 3.57 -34.21 16.88
CA PRO C 174 2.49 -34.78 17.69
C PRO C 174 2.37 -36.30 17.53
N ASP C 175 1.67 -36.93 18.47
CA ASP C 175 1.36 -38.39 18.47
C ASP C 175 0.63 -38.72 17.16
N GLY C 176 0.98 -39.84 16.54
CA GLY C 176 0.41 -40.30 15.25
C GLY C 176 1.26 -39.90 14.06
N THR C 177 2.35 -39.14 14.26
CA THR C 177 3.38 -38.87 13.22
C THR C 177 4.63 -39.70 13.52
N ILE C 178 5.33 -40.13 12.47
CA ILE C 178 6.68 -40.76 12.55
C ILE C 178 7.65 -39.71 11.98
N THR C 179 8.51 -39.16 12.83
CA THR C 179 9.42 -38.04 12.50
C THR C 179 10.82 -38.43 12.97
N PRO C 180 11.88 -37.74 12.47
CA PRO C 180 13.26 -38.04 12.90
C PRO C 180 13.42 -38.21 14.41
N LYS C 181 13.89 -39.38 14.83
CA LYS C 181 14.05 -39.75 16.26
C LYS C 181 15.40 -39.24 16.75
N ASN C 182 15.45 -38.79 18.01
CA ASN C 182 16.68 -38.22 18.64
C ASN C 182 17.26 -37.15 17.73
N PRO C 183 16.48 -36.13 17.31
CA PRO C 183 17.00 -35.07 16.45
C PRO C 183 18.01 -34.19 17.19
N THR C 184 19.00 -33.67 16.48
CA THR C 184 20.03 -32.72 16.96
C THR C 184 20.05 -31.52 15.99
N ALA C 185 20.88 -30.51 16.26
CA ALA C 185 21.14 -29.37 15.35
C ALA C 185 21.53 -29.90 13.96
N GLN C 186 22.28 -31.00 13.89
CA GLN C 186 22.73 -31.64 12.62
CA GLN C 186 22.72 -31.60 12.60
C GLN C 186 21.50 -32.08 11.79
N SER C 187 20.37 -32.38 12.44
CA SER C 187 19.11 -32.80 11.77
C SER C 187 18.52 -31.66 10.91
N GLN C 188 18.96 -30.40 11.08
CA GLN C 188 18.57 -29.26 10.22
C GLN C 188 19.39 -29.24 8.92
N VAL C 189 20.49 -29.99 8.87
CA VAL C 189 21.29 -30.20 7.63
C VAL C 189 21.21 -31.70 7.33
N MET C 190 22.32 -32.42 7.21
CA MET C 190 22.26 -33.89 6.98
C MET C 190 22.79 -34.65 8.21
N ASN C 191 21.88 -35.38 8.85
CA ASN C 191 22.12 -36.35 9.95
C ASN C 191 21.73 -37.73 9.40
N THR C 192 22.73 -38.58 9.14
CA THR C 192 22.52 -39.91 8.47
C THR C 192 21.80 -40.89 9.41
N ASP C 193 21.54 -40.56 10.68
CA ASP C 193 20.68 -41.37 11.58
C ASP C 193 19.23 -41.45 11.07
N HIS C 194 18.73 -40.42 10.35
CA HIS C 194 17.27 -40.28 10.05
C HIS C 194 16.92 -41.05 8.77
N LYS C 195 16.85 -42.38 8.88
CA LYS C 195 16.50 -43.32 7.78
C LYS C 195 15.16 -43.96 8.11
N ALA C 196 14.22 -43.92 7.17
CA ALA C 196 12.88 -44.54 7.33
C ALA C 196 12.47 -45.23 6.04
N TYR C 197 11.62 -46.24 6.17
CA TYR C 197 10.79 -46.80 5.07
C TYR C 197 9.44 -46.09 5.13
N LEU C 198 8.92 -45.67 3.96
CA LEU C 198 7.52 -45.18 3.83
C LEU C 198 6.61 -46.41 3.95
N ASP C 199 6.36 -46.85 5.19
CA ASP C 199 5.71 -48.15 5.52
C ASP C 199 4.37 -47.92 6.21
N LYS C 200 3.88 -46.68 6.27
CA LYS C 200 2.58 -46.35 6.91
C LYS C 200 1.98 -45.10 6.25
N ASN C 201 0.70 -45.18 5.88
N ASN C 201 0.70 -45.18 5.88
CA ASN C 201 -0.06 -44.06 5.30
CA ASN C 201 -0.05 -44.05 5.28
C ASN C 201 -0.38 -43.04 6.40
C ASN C 201 -0.37 -43.04 6.39
N ASN C 202 -0.38 -41.75 6.06
CA ASN C 202 -0.86 -40.65 6.93
C ASN C 202 -0.03 -40.58 8.22
N ALA C 203 1.30 -40.76 8.14
CA ALA C 203 2.20 -40.94 9.30
C ALA C 203 3.49 -40.15 9.12
N TYR C 204 4.11 -40.17 7.94
CA TYR C 204 5.41 -39.51 7.65
C TYR C 204 5.14 -38.10 7.11
N PRO C 205 5.31 -37.02 7.92
CA PRO C 205 5.03 -35.68 7.43
C PRO C 205 5.98 -35.29 6.29
N VAL C 206 5.44 -34.64 5.25
CA VAL C 206 6.21 -34.21 4.06
C VAL C 206 7.36 -33.28 4.52
N GLU C 207 7.12 -32.42 5.52
CA GLU C 207 8.12 -31.41 5.98
C GLU C 207 9.32 -32.06 6.70
N CYS C 208 9.25 -33.34 7.05
CA CYS C 208 10.28 -34.06 7.84
C CYS C 208 11.15 -34.96 6.95
N TRP C 209 10.66 -35.38 5.79
CA TRP C 209 11.21 -36.54 5.03
C TRP C 209 11.35 -36.19 3.55
N VAL C 210 12.42 -36.66 2.92
CA VAL C 210 12.65 -36.61 1.46
C VAL C 210 13.02 -38.01 1.00
N PRO C 211 12.85 -38.35 -0.30
CA PRO C 211 13.40 -39.59 -0.83
C PRO C 211 14.92 -39.59 -0.61
N ASP C 212 15.47 -40.75 -0.24
CA ASP C 212 16.91 -40.93 0.09
C ASP C 212 17.67 -41.29 -1.17
N PRO C 213 18.52 -40.39 -1.75
CA PRO C 213 19.27 -40.72 -2.94
C PRO C 213 20.43 -41.70 -2.68
N SER C 214 20.81 -41.91 -1.42
CA SER C 214 21.87 -42.88 -1.01
C SER C 214 21.32 -44.31 -0.98
N ARG C 215 20.01 -44.51 -1.09
CA ARG C 215 19.36 -45.84 -1.11
CA ARG C 215 19.36 -45.85 -1.11
C ARG C 215 18.42 -45.87 -2.32
N ASN C 216 17.26 -46.54 -2.23
CA ASN C 216 16.27 -46.64 -3.35
C ASN C 216 16.94 -47.22 -4.60
N GLU C 217 17.70 -48.31 -4.43
CA GLU C 217 18.37 -49.05 -5.53
C GLU C 217 17.30 -49.67 -6.43
N ASN C 218 16.12 -49.97 -5.89
CA ASN C 218 15.02 -50.69 -6.57
C ASN C 218 13.76 -49.82 -6.68
N THR C 219 13.92 -48.49 -6.61
CA THR C 219 12.83 -47.49 -6.74
C THR C 219 13.30 -46.35 -7.65
N ARG C 220 12.38 -45.82 -8.45
CA ARG C 220 12.59 -44.57 -9.23
CA ARG C 220 12.59 -44.57 -9.22
C ARG C 220 11.66 -43.51 -8.64
N TYR C 221 12.20 -42.36 -8.27
CA TYR C 221 11.43 -41.25 -7.65
C TYR C 221 11.72 -39.95 -8.40
N PHE C 222 10.72 -39.06 -8.37
CA PHE C 222 10.68 -37.78 -9.12
C PHE C 222 9.93 -36.75 -8.26
N GLY C 223 10.56 -35.62 -7.97
CA GLY C 223 10.00 -34.58 -7.10
C GLY C 223 10.38 -33.20 -7.57
N THR C 224 9.44 -32.25 -7.49
CA THR C 224 9.69 -30.80 -7.68
C THR C 224 9.07 -30.04 -6.52
N PHE C 225 9.90 -29.28 -5.82
CA PHE C 225 9.48 -28.29 -4.80
C PHE C 225 9.54 -26.89 -5.42
N THR C 226 8.43 -26.15 -5.35
CA THR C 226 8.33 -24.73 -5.73
C THR C 226 7.86 -23.97 -4.50
N GLY C 227 8.77 -23.20 -3.88
CA GLY C 227 8.46 -22.45 -2.64
C GLY C 227 8.14 -21.00 -2.96
N GLY C 228 7.26 -20.39 -2.17
CA GLY C 228 7.05 -18.93 -2.25
C GLY C 228 5.62 -18.57 -1.92
N GLU C 229 5.45 -17.32 -1.49
CA GLU C 229 4.16 -16.79 -0.98
C GLU C 229 3.07 -16.94 -2.04
N ASN C 230 3.37 -16.55 -3.29
CA ASN C 230 2.37 -16.35 -4.37
C ASN C 230 2.64 -17.27 -5.57
N VAL C 231 3.42 -18.33 -5.39
CA VAL C 231 3.80 -19.30 -6.47
C VAL C 231 2.53 -19.81 -7.14
N PRO C 232 2.39 -19.68 -8.47
CA PRO C 232 1.25 -20.27 -9.19
C PRO C 232 1.40 -21.78 -9.35
N PRO C 233 0.36 -22.58 -9.04
CA PRO C 233 0.34 -23.99 -9.41
C PRO C 233 0.37 -24.11 -10.94
N VAL C 234 1.21 -25.00 -11.46
CA VAL C 234 1.26 -25.35 -12.91
C VAL C 234 1.21 -26.87 -13.00
N LEU C 235 0.12 -27.42 -13.51
CA LEU C 235 -0.10 -28.90 -13.58
C LEU C 235 -0.53 -29.28 -15.00
N HIS C 236 0.11 -30.31 -15.53
CA HIS C 236 -0.12 -30.85 -16.89
C HIS C 236 -0.83 -32.20 -16.76
N VAL C 237 -1.79 -32.46 -17.63
CA VAL C 237 -2.47 -33.77 -17.79
C VAL C 237 -2.36 -34.19 -19.25
N THR C 238 -2.07 -35.46 -19.49
CA THR C 238 -2.11 -36.10 -20.82
C THR C 238 -1.96 -37.61 -20.67
N ASN C 239 -2.71 -38.38 -21.46
CA ASN C 239 -2.59 -39.86 -21.49
C ASN C 239 -1.57 -40.29 -22.57
N THR C 240 -0.77 -39.36 -23.11
CA THR C 240 0.23 -39.60 -24.19
C THR C 240 1.66 -39.58 -23.63
N ALA C 241 1.85 -39.21 -22.37
CA ALA C 241 3.19 -39.05 -21.73
C ALA C 241 3.50 -40.28 -20.87
N THR C 242 4.72 -40.79 -21.00
CA THR C 242 5.23 -41.99 -20.31
C THR C 242 6.60 -41.65 -19.71
N THR C 243 6.84 -42.04 -18.45
CA THR C 243 8.18 -41.98 -17.79
C THR C 243 8.79 -43.38 -17.82
N VAL C 244 9.98 -43.51 -18.41
CA VAL C 244 10.76 -44.78 -18.45
C VAL C 244 11.35 -45.02 -17.05
N LEU C 245 11.21 -46.24 -16.51
CA LEU C 245 11.68 -46.62 -15.15
C LEU C 245 12.97 -47.45 -15.24
N LEU C 246 13.45 -47.75 -16.45
CA LEU C 246 14.68 -48.55 -16.68
C LEU C 246 15.90 -47.70 -16.30
N ASP C 247 16.88 -48.32 -15.64
CA ASP C 247 18.16 -47.66 -15.26
C ASP C 247 19.12 -47.71 -16.46
N GLU C 248 20.37 -47.24 -16.28
CA GLU C 248 21.43 -47.22 -17.33
C GLU C 248 21.66 -48.62 -17.90
N GLN C 249 21.51 -49.68 -17.10
CA GLN C 249 21.70 -51.10 -17.51
C GLN C 249 20.44 -51.67 -18.19
N GLY C 250 19.37 -50.88 -18.35
CA GLY C 250 18.11 -51.30 -19.00
C GLY C 250 17.23 -52.14 -18.07
N VAL C 251 17.42 -52.03 -16.74
CA VAL C 251 16.64 -52.80 -15.73
C VAL C 251 15.76 -51.82 -14.94
N GLY C 252 14.45 -52.05 -14.96
CA GLY C 252 13.48 -51.32 -14.12
C GLY C 252 13.41 -51.91 -12.71
N PRO C 253 12.66 -51.27 -11.79
CA PRO C 253 12.39 -51.86 -10.48
C PRO C 253 11.87 -53.30 -10.59
N LEU C 254 12.48 -54.21 -9.83
CA LEU C 254 12.12 -55.66 -9.78
C LEU C 254 11.27 -55.89 -8.53
N CYS C 255 10.07 -56.45 -8.70
CA CYS C 255 9.02 -56.52 -7.65
C CYS C 255 9.29 -57.71 -6.75
N LYS C 256 10.03 -57.45 -5.65
CA LYS C 256 10.35 -58.45 -4.59
C LYS C 256 9.04 -58.86 -3.88
N ALA C 257 8.88 -60.16 -3.61
CA ALA C 257 7.67 -60.77 -3.01
C ALA C 257 6.42 -60.38 -3.80
N ASP C 258 6.53 -60.34 -5.14
CA ASP C 258 5.45 -60.02 -6.11
C ASP C 258 4.63 -58.80 -5.63
N SER C 259 5.33 -57.75 -5.18
CA SER C 259 4.74 -56.48 -4.68
C SER C 259 5.38 -55.27 -5.39
N LEU C 260 4.55 -54.35 -5.87
CA LEU C 260 4.93 -53.03 -6.44
C LEU C 260 4.50 -51.96 -5.43
N TYR C 261 5.34 -50.95 -5.18
CA TYR C 261 5.05 -49.83 -4.25
C TYR C 261 4.91 -48.54 -5.07
N VAL C 262 3.80 -47.83 -4.88
CA VAL C 262 3.57 -46.46 -5.43
C VAL C 262 3.49 -45.49 -4.26
N SER C 263 4.13 -44.33 -4.38
CA SER C 263 4.22 -43.28 -3.33
C SER C 263 3.98 -41.92 -3.97
N ALA C 264 3.38 -40.98 -3.22
CA ALA C 264 3.08 -39.63 -3.74
C ALA C 264 3.00 -38.61 -2.61
N ALA C 265 3.26 -37.35 -2.96
CA ALA C 265 2.88 -36.15 -2.21
C ALA C 265 2.57 -35.07 -3.25
N ASP C 266 1.35 -34.54 -3.23
CA ASP C 266 0.88 -33.52 -4.21
C ASP C 266 0.18 -32.41 -3.42
N ILE C 267 0.99 -31.60 -2.75
CA ILE C 267 0.57 -30.33 -2.09
C ILE C 267 0.49 -29.29 -3.21
N CYS C 268 -0.71 -28.85 -3.56
CA CYS C 268 -0.95 -27.98 -4.75
C CYS C 268 -0.71 -26.50 -4.42
N GLY C 269 -0.77 -26.15 -3.14
CA GLY C 269 -0.65 -24.75 -2.66
C GLY C 269 -1.55 -24.53 -1.45
N LEU C 270 -1.78 -23.26 -1.11
CA LEU C 270 -2.59 -22.85 0.05
C LEU C 270 -3.92 -22.30 -0.43
N PHE C 271 -5.00 -22.77 0.20
CA PHE C 271 -6.36 -22.20 0.12
C PHE C 271 -6.48 -21.10 1.18
N THR C 272 -7.01 -19.93 0.84
CA THR C 272 -7.19 -18.78 1.75
C THR C 272 -8.69 -18.56 2.02
N ASN C 273 -9.12 -18.76 3.26
CA ASN C 273 -10.51 -18.50 3.73
C ASN C 273 -10.75 -16.98 3.78
N SER C 274 -12.01 -16.55 3.91
CA SER C 274 -12.43 -15.12 3.95
C SER C 274 -11.69 -14.38 5.08
N SER C 275 -11.36 -15.09 6.16
CA SER C 275 -10.61 -14.60 7.35
C SER C 275 -9.12 -14.35 7.04
N GLY C 276 -8.57 -14.91 5.96
CA GLY C 276 -7.12 -14.92 5.70
C GLY C 276 -6.42 -16.18 6.18
N THR C 277 -7.10 -17.09 6.88
CA THR C 277 -6.49 -18.37 7.31
C THR C 277 -6.18 -19.21 6.06
N GLN C 278 -5.08 -19.96 6.12
CA GLN C 278 -4.57 -20.72 4.96
C GLN C 278 -4.59 -22.21 5.31
N GLN C 279 -4.96 -23.05 4.33
CA GLN C 279 -5.00 -24.53 4.47
C GLN C 279 -4.33 -25.14 3.23
N TRP C 280 -3.47 -26.14 3.43
CA TRP C 280 -2.90 -26.92 2.30
C TRP C 280 -4.05 -27.60 1.56
N ARG C 281 -4.05 -27.55 0.22
CA ARG C 281 -4.94 -28.35 -0.64
C ARG C 281 -4.09 -29.40 -1.35
N GLY C 282 -4.53 -30.65 -1.28
CA GLY C 282 -3.88 -31.79 -1.96
C GLY C 282 -4.85 -32.48 -2.88
N LEU C 283 -4.32 -33.17 -3.89
CA LEU C 283 -5.13 -33.90 -4.89
C LEU C 283 -4.57 -35.31 -5.05
N ALA C 284 -5.44 -36.24 -5.45
CA ALA C 284 -5.07 -37.64 -5.73
C ALA C 284 -4.10 -37.68 -6.91
N ARG C 285 -3.26 -38.72 -6.94
CA ARG C 285 -2.38 -39.02 -8.09
C ARG C 285 -2.77 -40.39 -8.65
N TYR C 286 -2.97 -40.44 -9.96
CA TYR C 286 -3.18 -41.70 -10.74
C TYR C 286 -1.82 -42.26 -11.15
N PHE C 287 -1.68 -43.59 -11.11
CA PHE C 287 -0.54 -44.36 -11.63
C PHE C 287 -1.07 -45.45 -12.58
N LYS C 288 -0.47 -45.59 -13.76
CA LYS C 288 -0.57 -46.80 -14.60
C LYS C 288 0.85 -47.28 -14.90
N ILE C 289 1.21 -48.46 -14.35
CA ILE C 289 2.58 -49.06 -14.43
C ILE C 289 2.52 -50.22 -15.43
N ARG C 290 3.34 -50.15 -16.49
CA ARG C 290 3.55 -51.28 -17.44
C ARG C 290 4.65 -52.18 -16.87
N LEU C 291 4.37 -53.47 -16.74
CA LEU C 291 5.27 -54.48 -16.12
C LEU C 291 5.57 -55.57 -17.16
N ARG C 292 6.78 -56.13 -17.11
CA ARG C 292 7.18 -57.28 -17.96
C ARG C 292 7.82 -58.36 -17.09
N LYS C 293 7.80 -59.60 -17.57
CA LYS C 293 8.45 -60.75 -16.91
C LYS C 293 9.95 -60.68 -17.19
N ARG C 294 10.76 -60.65 -16.13
CA ARG C 294 12.24 -60.66 -16.18
C ARG C 294 12.73 -61.99 -15.61
N SER C 295 13.54 -62.72 -16.37
CA SER C 295 14.28 -63.92 -15.86
CA SER C 295 14.28 -63.92 -15.86
C SER C 295 15.40 -63.43 -14.95
N VAL C 296 15.56 -64.06 -13.79
CA VAL C 296 16.68 -63.81 -12.83
C VAL C 296 17.25 -65.17 -12.41
N LYS C 297 18.52 -65.20 -11.98
CA LYS C 297 19.17 -66.39 -11.37
C LYS C 297 18.51 -66.63 -10.01
N ASN C 298 18.23 -67.89 -9.68
CA ASN C 298 17.75 -68.31 -8.33
C ASN C 298 18.84 -67.99 -7.31
N PRO C 299 18.58 -67.08 -6.34
CA PRO C 299 19.59 -66.70 -5.35
C PRO C 299 19.84 -67.73 -4.24
N TYR C 300 18.86 -68.58 -3.93
CA TYR C 300 18.85 -69.48 -2.74
C TYR C 300 19.81 -70.65 -2.96
N GLN D 1 -18.90 -2.57 -1.65
CA GLN D 1 -19.24 -1.86 -0.35
C GLN D 1 -19.53 -0.37 -0.58
N VAL D 2 -20.03 -0.01 -1.78
CA VAL D 2 -20.34 1.40 -2.17
C VAL D 2 -21.44 1.90 -1.23
N GLN D 3 -21.25 3.08 -0.63
CA GLN D 3 -22.21 3.71 0.30
C GLN D 3 -22.67 5.04 -0.30
N LEU D 4 -23.98 5.20 -0.49
CA LEU D 4 -24.63 6.44 -1.00
C LEU D 4 -25.35 7.14 0.15
N GLN D 5 -24.97 8.40 0.43
CA GLN D 5 -25.59 9.26 1.47
C GLN D 5 -26.31 10.41 0.77
N GLN D 6 -27.62 10.52 0.99
CA GLN D 6 -28.54 11.44 0.30
C GLN D 6 -28.97 12.56 1.25
N TRP D 7 -29.07 13.81 0.77
CA TRP D 7 -29.64 14.97 1.52
C TRP D 7 -30.17 16.05 0.57
N GLY D 8 -30.86 17.05 1.14
CA GLY D 8 -31.50 18.16 0.41
C GLY D 8 -32.88 18.48 0.98
N ALA D 9 -33.35 19.70 0.79
CA ALA D 9 -34.65 20.20 1.28
C ALA D 9 -35.79 19.45 0.56
N GLY D 10 -36.66 18.78 1.33
CA GLY D 10 -37.79 17.98 0.82
C GLY D 10 -39.06 18.80 0.62
N LEU D 11 -39.29 19.83 1.43
CA LEU D 11 -40.59 20.58 1.46
C LEU D 11 -40.51 21.81 0.57
N LEU D 12 -41.31 21.85 -0.49
CA LEU D 12 -41.28 22.89 -1.55
C LEU D 12 -42.70 23.39 -1.84
N LYS D 13 -42.81 24.64 -2.32
CA LYS D 13 -44.06 25.23 -2.90
C LYS D 13 -43.99 25.06 -4.42
N PRO D 14 -45.14 24.97 -5.14
CA PRO D 14 -45.13 24.97 -6.60
C PRO D 14 -44.30 26.11 -7.20
N SER D 15 -43.57 25.85 -8.29
CA SER D 15 -42.73 26.79 -9.07
C SER D 15 -41.28 26.84 -8.52
N GLU D 16 -41.03 26.37 -7.29
CA GLU D 16 -39.67 26.34 -6.69
C GLU D 16 -38.80 25.28 -7.39
N THR D 17 -37.50 25.27 -7.09
CA THR D 17 -36.50 24.33 -7.68
C THR D 17 -36.10 23.31 -6.61
N LEU D 18 -36.33 22.02 -6.87
CA LEU D 18 -35.82 20.89 -6.06
C LEU D 18 -34.30 20.79 -6.26
N SER D 19 -33.54 20.67 -5.16
CA SER D 19 -32.08 20.47 -5.13
C SER D 19 -31.75 19.33 -4.17
N LEU D 20 -31.28 18.20 -4.69
CA LEU D 20 -30.82 17.03 -3.89
C LEU D 20 -29.37 16.72 -4.24
N THR D 21 -28.60 16.25 -3.27
CA THR D 21 -27.19 15.82 -3.42
C THR D 21 -27.06 14.39 -2.89
N CYS D 22 -26.26 13.59 -3.58
CA CYS D 22 -25.83 12.23 -3.18
C CYS D 22 -24.32 12.26 -3.01
N ALA D 23 -23.80 11.85 -1.85
CA ALA D 23 -22.36 11.63 -1.60
C ALA D 23 -22.04 10.14 -1.75
N VAL D 24 -20.98 9.81 -2.48
CA VAL D 24 -20.42 8.44 -2.62
C VAL D 24 -19.29 8.30 -1.58
N TYR D 25 -19.57 7.69 -0.43
CA TYR D 25 -18.72 7.75 0.79
C TYR D 25 -17.66 6.65 0.75
N ARG D 26 -18.04 5.49 0.22
CA ARG D 26 -17.12 4.36 -0.10
C ARG D 26 -17.28 4.03 -1.58
N GLY D 27 -16.23 3.52 -2.21
CA GLY D 27 -16.21 3.07 -3.62
C GLY D 27 -15.69 4.15 -4.57
N SER D 28 -15.28 3.72 -5.77
CA SER D 28 -14.69 4.60 -6.82
C SER D 28 -15.79 5.46 -7.43
N PHE D 29 -15.64 6.78 -7.36
CA PHE D 29 -16.59 7.74 -7.98
C PHE D 29 -16.58 7.59 -9.52
N SER D 30 -15.42 7.31 -10.11
CA SER D 30 -15.23 7.29 -11.59
C SER D 30 -15.76 5.98 -12.22
N ALA D 31 -16.04 4.94 -11.42
CA ALA D 31 -16.28 3.56 -11.93
C ALA D 31 -17.75 3.28 -12.20
N TYR D 32 -18.69 4.19 -11.88
CA TYR D 32 -20.16 3.92 -11.97
C TYR D 32 -20.90 5.05 -12.67
N TYR D 33 -22.00 4.70 -13.34
CA TYR D 33 -23.06 5.63 -13.78
C TYR D 33 -23.95 5.94 -12.56
N TRP D 34 -24.14 7.23 -12.28
CA TRP D 34 -24.90 7.72 -11.11
C TRP D 34 -26.28 8.16 -11.59
N THR D 35 -27.34 7.62 -10.99
CA THR D 35 -28.73 7.69 -11.48
C THR D 35 -29.63 8.27 -10.37
N TRP D 36 -30.66 9.02 -10.79
CA TRP D 36 -31.78 9.47 -9.92
C TRP D 36 -33.06 8.74 -10.33
N PHE D 37 -33.81 8.27 -9.33
CA PHE D 37 -35.18 7.70 -9.46
C PHE D 37 -36.12 8.48 -8.53
N ARG D 38 -37.42 8.40 -8.80
CA ARG D 38 -38.46 8.85 -7.84
C ARG D 38 -39.60 7.82 -7.82
N GLN D 39 -40.27 7.74 -6.68
CA GLN D 39 -41.44 6.87 -6.41
C GLN D 39 -42.54 7.73 -5.79
N PRO D 40 -43.57 8.14 -6.57
CA PRO D 40 -44.74 8.80 -5.99
C PRO D 40 -45.44 7.92 -4.95
N PRO D 41 -46.11 8.50 -3.92
CA PRO D 41 -46.73 7.69 -2.86
C PRO D 41 -47.67 6.60 -3.40
N GLY D 42 -47.41 5.34 -3.03
CA GLY D 42 -48.22 4.16 -3.40
C GLY D 42 -48.23 3.87 -4.89
N LYS D 43 -47.20 4.29 -5.63
CA LYS D 43 -47.03 4.01 -7.08
C LYS D 43 -45.70 3.30 -7.33
N GLY D 44 -45.43 2.95 -8.59
CA GLY D 44 -44.14 2.38 -9.05
C GLY D 44 -43.07 3.44 -9.19
N LEU D 45 -41.90 3.08 -9.73
CA LEU D 45 -40.73 3.98 -9.82
C LEU D 45 -40.62 4.59 -11.21
N GLU D 46 -40.02 5.78 -11.28
CA GLU D 46 -39.73 6.54 -12.51
C GLU D 46 -38.22 6.81 -12.55
N TRP D 47 -37.58 6.53 -13.69
CA TRP D 47 -36.16 6.87 -13.97
C TRP D 47 -36.11 8.34 -14.36
N ILE D 48 -35.34 9.15 -13.63
CA ILE D 48 -35.23 10.62 -13.85
C ILE D 48 -34.11 10.86 -14.87
N GLY D 49 -32.93 10.32 -14.62
CA GLY D 49 -31.76 10.45 -15.50
C GLY D 49 -30.49 10.03 -14.80
N GLU D 50 -29.34 10.24 -15.45
CA GLU D 50 -28.05 9.70 -14.98
C GLU D 50 -26.90 10.53 -15.54
N ILE D 51 -25.74 10.37 -14.92
CA ILE D 51 -24.48 11.10 -15.24
C ILE D 51 -23.32 10.14 -14.98
N ASN D 52 -22.18 10.35 -15.65
CA ASN D 52 -20.88 9.69 -15.30
C ASN D 52 -19.94 10.76 -14.74
N HIS D 53 -18.74 10.36 -14.33
CA HIS D 53 -17.73 11.24 -13.67
C HIS D 53 -17.27 12.37 -14.59
N ARG D 54 -17.41 12.23 -15.92
CA ARG D 54 -17.02 13.27 -16.92
C ARG D 54 -18.19 14.23 -17.18
N GLY D 55 -19.38 13.98 -16.62
CA GLY D 55 -20.52 14.91 -16.67
C GLY D 55 -21.42 14.71 -17.87
N TYR D 56 -21.26 13.60 -18.61
CA TYR D 56 -22.18 13.21 -19.71
C TYR D 56 -23.48 12.74 -19.08
N THR D 57 -24.62 13.26 -19.55
CA THR D 57 -25.96 13.06 -18.96
C THR D 57 -26.92 12.44 -19.99
N ASN D 58 -27.92 11.72 -19.50
CA ASN D 58 -29.13 11.28 -20.24
C ASN D 58 -30.33 11.48 -19.31
N TYR D 59 -31.42 12.06 -19.83
CA TYR D 59 -32.63 12.44 -19.04
C TYR D 59 -33.86 11.73 -19.60
N ASN D 60 -34.84 11.48 -18.73
CA ASN D 60 -36.21 11.04 -19.12
C ASN D 60 -36.91 12.22 -19.79
N PRO D 61 -37.40 12.09 -21.04
CA PRO D 61 -38.25 13.12 -21.65
C PRO D 61 -39.50 13.51 -20.85
N SER D 62 -40.01 12.62 -19.99
CA SER D 62 -41.23 12.80 -19.15
C SER D 62 -41.17 14.07 -18.29
N LEU D 63 -39.97 14.53 -17.91
CA LEU D 63 -39.79 15.70 -17.01
C LEU D 63 -39.73 17.02 -17.80
N ARG D 64 -39.90 16.98 -19.13
CA ARG D 64 -40.17 18.15 -20.01
C ARG D 64 -39.01 19.17 -19.93
N GLY D 65 -37.76 18.69 -19.91
CA GLY D 65 -36.53 19.52 -19.88
C GLY D 65 -36.38 20.34 -18.60
N ARG D 66 -37.07 19.98 -17.52
CA ARG D 66 -37.02 20.71 -16.21
C ARG D 66 -35.88 20.18 -15.34
N VAL D 67 -35.27 19.05 -15.71
CA VAL D 67 -34.32 18.28 -14.86
C VAL D 67 -32.88 18.54 -15.32
N SER D 68 -31.99 18.74 -14.36
CA SER D 68 -30.53 18.90 -14.52
C SER D 68 -29.84 17.99 -13.51
N ILE D 69 -28.81 17.27 -13.94
CA ILE D 69 -27.93 16.43 -13.08
C ILE D 69 -26.49 16.91 -13.29
N SER D 70 -25.72 17.06 -12.20
CA SER D 70 -24.30 17.49 -12.23
C SER D 70 -23.47 16.60 -11.31
N VAL D 71 -22.15 16.61 -11.48
CA VAL D 71 -21.15 15.87 -10.64
C VAL D 71 -20.14 16.87 -10.09
N ASP D 72 -19.66 16.61 -8.87
CA ASP D 72 -18.48 17.27 -8.25
C ASP D 72 -17.49 16.16 -7.91
N THR D 73 -16.51 15.94 -8.79
CA THR D 73 -15.50 14.85 -8.67
C THR D 73 -14.59 15.11 -7.46
N SER D 74 -14.34 16.36 -7.09
CA SER D 74 -13.49 16.72 -5.92
C SER D 74 -14.18 16.26 -4.62
N LYS D 75 -15.51 16.42 -4.52
CA LYS D 75 -16.31 16.04 -3.32
C LYS D 75 -16.89 14.62 -3.44
N LYS D 76 -16.79 13.99 -4.62
CA LYS D 76 -17.40 12.67 -4.94
C LYS D 76 -18.91 12.76 -4.65
N GLN D 77 -19.54 13.79 -5.21
CA GLN D 77 -20.99 14.07 -5.08
C GLN D 77 -21.59 14.25 -6.47
N PHE D 78 -22.87 13.88 -6.61
CA PHE D 78 -23.70 14.23 -7.78
C PHE D 78 -25.05 14.76 -7.28
N SER D 79 -25.68 15.62 -8.07
CA SER D 79 -26.84 16.44 -7.66
C SER D 79 -27.96 16.34 -8.69
N LEU D 80 -29.19 16.48 -8.21
CA LEU D 80 -30.44 16.58 -9.01
C LEU D 80 -30.99 17.99 -8.83
N LYS D 81 -31.31 18.66 -9.94
CA LYS D 81 -32.04 19.96 -9.94
C LYS D 81 -33.30 19.76 -10.78
N LEU D 82 -34.49 19.91 -10.19
CA LEU D 82 -35.79 19.85 -10.91
C LEU D 82 -36.46 21.21 -10.78
N ARG D 83 -36.58 21.94 -11.89
CA ARG D 83 -37.11 23.33 -11.94
C ARG D 83 -38.64 23.28 -12.03
N SER D 84 -39.31 24.33 -11.53
CA SER D 84 -40.75 24.57 -11.71
C SER D 84 -41.56 23.36 -11.20
N VAL D 85 -41.34 22.98 -9.94
CA VAL D 85 -42.00 21.79 -9.32
C VAL D 85 -43.51 22.05 -9.18
N ASN D 86 -44.31 20.99 -9.28
CA ASN D 86 -45.78 20.99 -9.04
C ASN D 86 -46.12 19.77 -8.17
N ALA D 87 -47.39 19.64 -7.77
CA ALA D 87 -47.90 18.58 -6.86
C ALA D 87 -47.49 17.18 -7.35
N ALA D 88 -47.47 16.95 -8.67
CA ALA D 88 -47.14 15.65 -9.30
C ALA D 88 -45.65 15.29 -9.15
N ASP D 89 -44.80 16.20 -8.67
CA ASP D 89 -43.37 15.93 -8.36
C ASP D 89 -43.21 15.39 -6.93
N THR D 90 -44.29 15.32 -6.14
CA THR D 90 -44.30 14.72 -4.78
C THR D 90 -43.91 13.24 -4.91
N ALA D 91 -42.84 12.83 -4.23
CA ALA D 91 -42.26 11.46 -4.32
C ALA D 91 -41.13 11.29 -3.33
N VAL D 92 -40.75 10.05 -3.07
CA VAL D 92 -39.42 9.68 -2.50
C VAL D 92 -38.45 9.66 -3.68
N TYR D 93 -37.41 10.49 -3.62
CA TYR D 93 -36.33 10.58 -4.63
C TYR D 93 -35.16 9.73 -4.12
N TYR D 94 -34.62 8.87 -5.00
CA TYR D 94 -33.47 7.98 -4.70
C TYR D 94 -32.31 8.30 -5.65
N CYS D 95 -31.09 8.40 -5.12
CA CYS D 95 -29.84 8.26 -5.92
C CYS D 95 -29.46 6.78 -5.93
N ALA D 96 -28.77 6.34 -6.99
CA ALA D 96 -28.37 4.92 -7.15
C ALA D 96 -27.29 4.78 -8.23
N THR D 97 -26.69 3.60 -8.29
CA THR D 97 -26.01 3.09 -9.51
C THR D 97 -26.55 1.70 -9.81
N LEU D 98 -26.88 1.47 -11.08
CA LEU D 98 -27.37 0.17 -11.63
C LEU D 98 -26.25 -0.53 -12.39
N ARG D 99 -25.15 0.14 -12.74
CA ARG D 99 -24.03 -0.52 -13.49
CA ARG D 99 -24.04 -0.51 -13.49
C ARG D 99 -22.77 0.35 -13.47
N SER D 100 -21.63 -0.31 -13.64
CA SER D 100 -20.30 0.32 -13.78
C SER D 100 -20.18 0.96 -15.17
N THR D 101 -19.13 1.76 -15.36
CA THR D 101 -18.76 2.40 -16.64
C THR D 101 -18.37 1.34 -17.69
N SER D 102 -18.11 0.09 -17.32
CA SER D 102 -17.89 -1.02 -18.28
C SER D 102 -19.17 -1.34 -19.05
N GLY D 103 -20.34 -1.09 -18.46
CA GLY D 103 -21.64 -1.20 -19.14
C GLY D 103 -22.64 -2.06 -18.41
N TRP D 104 -23.82 -2.23 -19.02
CA TRP D 104 -25.04 -2.86 -18.43
C TRP D 104 -24.80 -4.32 -18.03
N HIS D 105 -23.84 -5.02 -18.67
CA HIS D 105 -23.45 -6.40 -18.27
C HIS D 105 -22.94 -6.40 -16.82
N ASP D 106 -22.31 -5.31 -16.37
CA ASP D 106 -21.71 -5.19 -15.02
C ASP D 106 -22.71 -4.45 -14.12
N TYR D 107 -23.79 -5.15 -13.76
CA TYR D 107 -25.00 -4.59 -13.12
C TYR D 107 -24.82 -4.56 -11.59
N PHE D 108 -25.28 -3.49 -10.94
CA PHE D 108 -25.11 -3.23 -9.48
C PHE D 108 -26.45 -2.83 -8.85
N ASP D 109 -26.43 -2.71 -7.52
CA ASP D 109 -27.64 -2.46 -6.69
C ASP D 109 -27.28 -1.62 -5.46
N TYR D 110 -26.76 -0.43 -5.68
CA TYR D 110 -26.44 0.55 -4.61
C TYR D 110 -27.45 1.69 -4.68
N TRP D 111 -28.16 1.93 -3.58
CA TRP D 111 -29.25 2.94 -3.43
C TRP D 111 -28.95 3.84 -2.24
N GLY D 112 -29.23 5.14 -2.37
CA GLY D 112 -29.38 6.06 -1.22
C GLY D 112 -30.57 5.66 -0.37
N GLN D 113 -30.70 6.24 0.83
CA GLN D 113 -31.81 5.94 1.78
C GLN D 113 -33.14 6.53 1.25
N GLY D 114 -33.05 7.53 0.37
CA GLY D 114 -34.23 8.21 -0.21
C GLY D 114 -34.56 9.48 0.55
N THR D 115 -35.15 10.47 -0.13
CA THR D 115 -35.62 11.75 0.43
C THR D 115 -37.10 11.92 0.06
N LEU D 116 -37.97 12.08 1.06
CA LEU D 116 -39.38 12.47 0.86
C LEU D 116 -39.40 13.92 0.38
N VAL D 117 -39.84 14.15 -0.85
CA VAL D 117 -40.04 15.50 -1.43
C VAL D 117 -41.55 15.73 -1.55
N THR D 118 -42.07 16.73 -0.83
CA THR D 118 -43.50 17.15 -0.88
C THR D 118 -43.56 18.51 -1.58
N VAL D 119 -44.29 18.59 -2.70
CA VAL D 119 -44.60 19.85 -3.43
C VAL D 119 -46.08 20.16 -3.21
N SER D 120 -46.36 21.29 -2.56
CA SER D 120 -47.75 21.71 -2.20
C SER D 120 -47.78 23.18 -1.82
N SER D 121 -48.91 23.87 -2.11
CA SER D 121 -49.22 25.25 -1.65
C SER D 121 -49.56 25.26 -0.16
N ALA D 122 -49.84 24.10 0.44
CA ALA D 122 -50.10 23.93 1.89
C ALA D 122 -48.89 24.41 2.69
N SER D 123 -49.14 24.95 3.88
CA SER D 123 -48.11 25.34 4.88
C SER D 123 -48.06 24.30 5.99
N THR D 124 -46.92 24.18 6.66
CA THR D 124 -46.65 23.22 7.76
C THR D 124 -47.69 23.43 8.86
N LYS D 125 -48.36 22.35 9.25
CA LYS D 125 -49.48 22.36 10.24
C LYS D 125 -49.45 21.04 11.01
N GLY D 126 -49.49 21.10 12.34
CA GLY D 126 -49.65 19.93 13.22
C GLY D 126 -51.08 19.41 13.18
N PRO D 127 -51.31 18.11 13.50
CA PRO D 127 -52.66 17.53 13.46
C PRO D 127 -53.53 17.95 14.65
N SER D 128 -54.84 17.97 14.40
CA SER D 128 -55.90 17.79 15.42
C SER D 128 -56.00 16.29 15.72
N VAL D 129 -56.01 15.91 17.00
CA VAL D 129 -56.19 14.50 17.45
C VAL D 129 -57.55 14.42 18.12
N PHE D 130 -58.52 13.76 17.48
CA PHE D 130 -59.90 13.54 18.00
C PHE D 130 -60.03 12.09 18.45
N PRO D 131 -60.72 11.81 19.57
CA PRO D 131 -60.93 10.43 20.01
C PRO D 131 -61.94 9.71 19.11
N LEU D 132 -61.67 8.42 18.85
CA LEU D 132 -62.66 7.45 18.32
C LEU D 132 -63.10 6.60 19.52
N ALA D 133 -64.16 7.04 20.20
CA ALA D 133 -64.54 6.59 21.56
C ALA D 133 -65.22 5.24 21.46
N PRO D 134 -64.87 4.27 22.34
CA PRO D 134 -65.56 2.97 22.37
C PRO D 134 -66.96 3.14 22.98
N SER D 135 -67.96 2.51 22.36
CA SER D 135 -69.39 2.50 22.79
C SER D 135 -69.99 1.12 22.56
N SER D 136 -71.27 0.94 22.91
CA SER D 136 -72.05 -0.31 22.72
C SER D 136 -72.03 -0.71 21.24
N GLY D 142 -67.73 -8.56 23.80
CA GLY D 142 -66.44 -9.15 24.22
C GLY D 142 -65.26 -8.30 23.79
N THR D 143 -65.29 -7.81 22.54
CA THR D 143 -64.22 -6.97 21.93
C THR D 143 -64.78 -5.58 21.63
N ALA D 144 -64.07 -4.54 22.05
CA ALA D 144 -64.38 -3.11 21.77
C ALA D 144 -63.26 -2.54 20.89
N ALA D 145 -63.62 -1.71 19.90
CA ALA D 145 -62.69 -0.93 19.06
C ALA D 145 -62.67 0.52 19.55
N LEU D 146 -61.49 1.10 19.67
CA LEU D 146 -61.27 2.54 19.95
C LEU D 146 -60.10 3.03 19.09
N GLY D 147 -59.90 4.34 19.00
CA GLY D 147 -58.82 4.90 18.20
C GLY D 147 -58.65 6.39 18.40
N CYS D 148 -57.82 7.00 17.54
CA CYS D 148 -57.61 8.45 17.41
C CYS D 148 -57.67 8.81 15.93
N LEU D 149 -58.46 9.84 15.59
CA LEU D 149 -58.47 10.50 14.25
C LEU D 149 -57.41 11.59 14.27
N VAL D 150 -56.37 11.45 13.45
CA VAL D 150 -55.22 12.39 13.32
C VAL D 150 -55.44 13.21 12.05
N LYS D 151 -56.09 14.37 12.17
CA LYS D 151 -56.72 15.11 11.03
C LYS D 151 -55.97 16.41 10.76
N ASP D 152 -55.81 16.74 9.48
CA ASP D 152 -55.40 18.06 8.95
C ASP D 152 -53.96 18.38 9.37
N TYR D 153 -53.00 17.52 9.01
CA TYR D 153 -51.55 17.78 9.20
C TYR D 153 -50.86 17.85 7.84
N PHE D 154 -49.72 18.53 7.81
CA PHE D 154 -48.87 18.71 6.60
C PHE D 154 -47.45 19.09 7.04
N PRO D 155 -46.38 18.53 6.42
CA PRO D 155 -46.47 17.43 5.45
C PRO D 155 -46.48 16.08 6.18
N GLU D 156 -46.38 14.98 5.41
CA GLU D 156 -46.02 13.64 5.93
C GLU D 156 -44.58 13.72 6.49
N PRO D 157 -44.18 12.88 7.46
CA PRO D 157 -45.03 11.88 8.10
C PRO D 157 -45.51 12.26 9.51
N VAL D 158 -46.44 11.46 10.04
CA VAL D 158 -46.80 11.40 11.48
C VAL D 158 -46.49 9.99 11.98
N THR D 159 -46.12 9.85 13.26
CA THR D 159 -45.97 8.55 13.95
C THR D 159 -47.03 8.47 15.05
N VAL D 160 -47.61 7.29 15.28
CA VAL D 160 -48.61 7.03 16.35
C VAL D 160 -48.16 5.78 17.12
N SER D 161 -48.19 5.85 18.46
CA SER D 161 -48.07 4.69 19.39
C SER D 161 -49.25 4.73 20.36
N TRP D 162 -49.44 3.66 21.14
CA TRP D 162 -50.48 3.55 22.19
C TRP D 162 -49.82 3.22 23.53
N ASN D 163 -50.16 3.98 24.56
CA ASN D 163 -49.60 3.90 25.94
C ASN D 163 -48.06 3.86 25.85
N SER D 164 -47.47 4.79 25.08
CA SER D 164 -46.01 5.01 24.90
C SER D 164 -45.31 3.73 24.38
N GLY D 165 -45.99 2.95 23.53
CA GLY D 165 -45.43 1.73 22.89
C GLY D 165 -45.69 0.46 23.69
N ALA D 166 -46.40 0.54 24.83
CA ALA D 166 -46.73 -0.60 25.71
C ALA D 166 -47.88 -1.43 25.13
N LEU D 167 -48.80 -0.78 24.40
CA LEU D 167 -49.92 -1.45 23.67
C LEU D 167 -49.59 -1.49 22.17
N THR D 168 -49.19 -2.66 21.65
CA THR D 168 -48.90 -2.93 20.22
C THR D 168 -49.86 -3.99 19.63
N SER D 169 -50.38 -4.91 20.45
CA SER D 169 -51.32 -5.98 20.01
C SER D 169 -52.67 -5.38 19.62
N GLY D 170 -53.15 -5.70 18.41
CA GLY D 170 -54.47 -5.27 17.89
C GLY D 170 -54.45 -3.85 17.33
N VAL D 171 -53.29 -3.21 17.25
CA VAL D 171 -53.15 -1.80 16.79
C VAL D 171 -53.08 -1.80 15.27
N HIS D 172 -53.91 -0.97 14.62
CA HIS D 172 -53.87 -0.66 13.16
C HIS D 172 -53.79 0.85 12.97
N THR D 173 -52.65 1.33 12.48
CA THR D 173 -52.43 2.74 12.06
C THR D 173 -52.54 2.76 10.52
N PHE D 174 -53.58 3.41 10.01
CA PHE D 174 -53.90 3.41 8.56
C PHE D 174 -52.94 4.31 7.81
N PRO D 175 -52.60 4.02 6.53
CA PRO D 175 -51.90 4.97 5.67
C PRO D 175 -52.68 6.30 5.60
N ALA D 176 -51.94 7.41 5.56
CA ALA D 176 -52.47 8.78 5.39
C ALA D 176 -53.20 8.89 4.05
N VAL D 177 -54.31 9.65 4.03
CA VAL D 177 -54.97 10.10 2.78
C VAL D 177 -54.74 11.61 2.65
N LEU D 178 -54.47 12.08 1.43
CA LEU D 178 -54.41 13.52 1.08
C LEU D 178 -55.85 13.99 0.80
N GLN D 179 -56.36 14.92 1.62
CA GLN D 179 -57.73 15.50 1.47
C GLN D 179 -57.69 16.59 0.40
N SER D 180 -58.88 17.03 -0.06
CA SER D 180 -59.09 18.13 -1.05
C SER D 180 -58.44 19.44 -0.55
N SER D 181 -58.37 19.62 0.77
CA SER D 181 -57.73 20.77 1.47
C SER D 181 -56.21 20.84 1.21
N GLY D 182 -55.57 19.75 0.78
CA GLY D 182 -54.11 19.63 0.67
C GLY D 182 -53.46 19.25 1.99
N LEU D 183 -54.27 18.91 3.00
CA LEU D 183 -53.80 18.42 4.32
C LEU D 183 -54.06 16.92 4.41
N TYR D 184 -53.25 16.22 5.20
CA TYR D 184 -53.30 14.75 5.36
C TYR D 184 -54.19 14.40 6.56
N SER D 185 -54.73 13.18 6.54
CA SER D 185 -55.50 12.58 7.66
C SER D 185 -55.23 11.09 7.75
N LEU D 186 -55.14 10.55 8.96
CA LEU D 186 -55.19 9.09 9.22
C LEU D 186 -55.92 8.82 10.53
N SER D 187 -56.41 7.59 10.69
CA SER D 187 -56.88 7.03 11.98
C SER D 187 -55.89 5.96 12.44
N SER D 188 -55.68 5.91 13.76
CA SER D 188 -55.04 4.77 14.45
C SER D 188 -56.08 4.15 15.37
N VAL D 189 -56.31 2.84 15.24
CA VAL D 189 -57.35 2.11 16.02
C VAL D 189 -56.69 0.94 16.75
N VAL D 190 -57.33 0.47 17.81
CA VAL D 190 -56.92 -0.74 18.58
C VAL D 190 -58.20 -1.45 19.03
N THR D 191 -58.20 -2.79 19.01
CA THR D 191 -59.25 -3.63 19.64
C THR D 191 -58.75 -4.12 20.99
N VAL D 192 -59.60 -4.05 22.02
CA VAL D 192 -59.28 -4.42 23.42
C VAL D 192 -60.47 -5.18 24.01
N PRO D 193 -60.28 -5.97 25.09
CA PRO D 193 -61.41 -6.54 25.83
C PRO D 193 -62.34 -5.42 26.34
N SER D 194 -63.66 -5.59 26.14
CA SER D 194 -64.72 -4.64 26.58
C SER D 194 -64.68 -4.42 28.10
N SER D 195 -64.29 -5.46 28.86
CA SER D 195 -64.15 -5.42 30.35
C SER D 195 -63.04 -4.45 30.78
N SER D 196 -62.03 -4.21 29.94
CA SER D 196 -60.85 -3.37 30.25
C SER D 196 -61.16 -1.87 30.12
N LEU D 197 -62.32 -1.48 29.56
CA LEU D 197 -62.64 -0.06 29.23
C LEU D 197 -62.73 0.79 30.51
N GLY D 198 -63.29 0.26 31.60
CA GLY D 198 -63.35 0.93 32.92
C GLY D 198 -62.00 0.97 33.62
N THR D 199 -61.24 -0.13 33.55
CA THR D 199 -59.97 -0.34 34.30
C THR D 199 -58.81 0.38 33.62
N GLN D 200 -58.56 0.08 32.33
CA GLN D 200 -57.33 0.48 31.60
C GLN D 200 -57.52 1.85 30.96
N THR D 201 -56.47 2.70 31.02
CA THR D 201 -56.38 3.99 30.30
C THR D 201 -55.72 3.73 28.94
N TYR D 202 -56.30 4.29 27.88
CA TYR D 202 -55.81 4.18 26.48
C TYR D 202 -55.47 5.59 25.96
N ILE D 203 -54.18 5.84 25.74
CA ILE D 203 -53.61 7.13 25.27
C ILE D 203 -52.90 6.87 23.95
N CYS D 204 -53.29 7.56 22.87
CA CYS D 204 -52.57 7.57 21.58
C CYS D 204 -51.53 8.69 21.63
N ASN D 205 -50.28 8.36 21.29
CA ASN D 205 -49.12 9.30 21.32
C ASN D 205 -48.83 9.68 19.86
N VAL D 206 -49.24 10.87 19.44
CA VAL D 206 -49.08 11.37 18.03
C VAL D 206 -47.91 12.35 18.02
N ASN D 207 -46.90 12.08 17.18
CA ASN D 207 -45.72 12.97 16.97
C ASN D 207 -45.72 13.42 15.51
N HIS D 208 -45.79 14.73 15.29
CA HIS D 208 -45.58 15.37 13.97
C HIS D 208 -44.35 16.28 14.07
N LYS D 209 -43.19 15.76 13.67
CA LYS D 209 -41.86 16.42 13.84
C LYS D 209 -41.81 17.75 13.07
N PRO D 210 -42.29 17.84 11.81
CA PRO D 210 -42.22 19.10 11.05
C PRO D 210 -42.84 20.34 11.73
N SER D 211 -43.87 20.16 12.56
CA SER D 211 -44.56 21.24 13.31
C SER D 211 -44.21 21.22 14.81
N ASN D 212 -43.30 20.34 15.24
CA ASN D 212 -42.91 20.13 16.66
C ASN D 212 -44.16 19.87 17.51
N THR D 213 -45.11 19.09 17.00
CA THR D 213 -46.37 18.72 17.70
C THR D 213 -46.20 17.32 18.30
N LYS D 214 -46.37 17.22 19.63
CA LYS D 214 -46.58 15.95 20.38
C LYS D 214 -47.92 16.06 21.11
N VAL D 215 -48.86 15.15 20.81
CA VAL D 215 -50.20 15.07 21.47
C VAL D 215 -50.34 13.70 22.11
N ASP D 216 -50.78 13.67 23.38
CA ASP D 216 -51.12 12.44 24.14
C ASP D 216 -52.60 12.51 24.50
N LYS D 217 -53.46 11.92 23.66
CA LYS D 217 -54.94 12.02 23.76
C LYS D 217 -55.49 10.79 24.49
N LYS D 218 -56.04 11.00 25.70
CA LYS D 218 -56.79 9.97 26.45
C LYS D 218 -58.11 9.70 25.71
N VAL D 219 -58.36 8.45 25.34
CA VAL D 219 -59.59 8.00 24.62
C VAL D 219 -60.45 7.24 25.63
N GLU D 220 -61.58 7.82 26.04
CA GLU D 220 -62.50 7.26 27.06
C GLU D 220 -63.84 6.96 26.41
N PRO D 221 -64.68 6.06 27.00
CA PRO D 221 -66.06 5.86 26.55
C PRO D 221 -66.90 7.16 26.57
N LYS D 222 -67.86 7.26 25.65
CA LYS D 222 -68.50 8.54 25.21
C LYS D 222 -69.31 9.19 26.35
N SER D 223 -70.14 8.42 27.04
CA SER D 223 -70.92 8.81 28.26
C SER D 223 -71.88 7.67 28.64
N GLU E 1 -41.92 5.35 -25.22
CA GLU E 1 -41.22 4.49 -24.23
C GLU E 1 -41.84 3.09 -24.23
N ILE E 2 -41.08 2.09 -23.79
CA ILE E 2 -41.61 0.71 -23.56
C ILE E 2 -42.50 0.77 -22.31
N VAL E 3 -43.71 0.19 -22.41
CA VAL E 3 -44.65 0.05 -21.27
C VAL E 3 -44.55 -1.40 -20.80
N LEU E 4 -44.33 -1.60 -19.49
CA LEU E 4 -44.32 -2.92 -18.82
C LEU E 4 -45.63 -3.09 -18.06
N THR E 5 -46.28 -4.24 -18.24
CA THR E 5 -47.48 -4.66 -17.47
C THR E 5 -47.09 -5.87 -16.63
N GLN E 6 -47.54 -5.91 -15.37
CA GLN E 6 -47.28 -7.03 -14.43
C GLN E 6 -48.61 -7.72 -14.11
N SER E 7 -48.61 -9.06 -14.13
CA SER E 7 -49.76 -9.91 -13.77
C SER E 7 -49.30 -11.03 -12.82
N PRO E 8 -50.09 -11.42 -11.80
CA PRO E 8 -51.32 -10.71 -11.42
C PRO E 8 -50.99 -9.41 -10.65
N GLY E 9 -52.00 -8.59 -10.38
CA GLY E 9 -51.89 -7.42 -9.49
C GLY E 9 -51.51 -7.86 -8.09
N THR E 10 -52.21 -8.86 -7.57
CA THR E 10 -51.94 -9.54 -6.27
C THR E 10 -51.86 -11.04 -6.49
N LEU E 11 -50.83 -11.68 -5.96
CA LEU E 11 -50.66 -13.16 -5.91
C LEU E 11 -50.82 -13.61 -4.46
N SER E 12 -51.82 -14.45 -4.18
CA SER E 12 -52.13 -15.01 -2.84
C SER E 12 -51.70 -16.48 -2.79
N LEU E 13 -50.71 -16.79 -1.95
CA LEU E 13 -50.08 -18.12 -1.84
C LEU E 13 -49.69 -18.37 -0.39
N SER E 14 -49.42 -19.63 -0.04
CA SER E 14 -48.99 -20.07 1.31
CA SER E 14 -48.99 -20.07 1.31
C SER E 14 -47.47 -20.08 1.37
N PRO E 15 -46.85 -19.83 2.55
CA PRO E 15 -45.42 -20.10 2.73
C PRO E 15 -45.04 -21.51 2.30
N GLY E 16 -43.90 -21.65 1.59
CA GLY E 16 -43.39 -22.94 1.09
C GLY E 16 -43.81 -23.23 -0.36
N GLU E 17 -44.80 -22.50 -0.89
CA GLU E 17 -45.32 -22.71 -2.27
C GLU E 17 -44.44 -21.97 -3.29
N ARG E 18 -44.60 -22.32 -4.57
CA ARG E 18 -43.89 -21.73 -5.73
C ARG E 18 -44.70 -20.53 -6.23
N ALA E 19 -44.06 -19.36 -6.35
CA ALA E 19 -44.66 -18.11 -6.88
C ALA E 19 -44.12 -17.86 -8.28
N THR E 20 -45.00 -17.56 -9.24
CA THR E 20 -44.67 -17.19 -10.64
C THR E 20 -45.25 -15.81 -10.92
N LEU E 21 -44.39 -14.82 -11.19
CA LEU E 21 -44.76 -13.41 -11.46
C LEU E 21 -44.45 -13.12 -12.92
N SER E 22 -45.35 -12.45 -13.63
CA SER E 22 -45.26 -12.17 -15.08
C SER E 22 -44.97 -10.68 -15.30
N CYS E 23 -44.06 -10.39 -16.24
CA CYS E 23 -43.79 -9.03 -16.77
C CYS E 23 -43.88 -9.10 -18.29
N ARG E 24 -44.74 -8.28 -18.90
CA ARG E 24 -44.92 -8.21 -20.38
C ARG E 24 -44.57 -6.80 -20.86
N ALA E 25 -43.79 -6.69 -21.95
CA ALA E 25 -43.33 -5.42 -22.56
C ALA E 25 -44.17 -5.11 -23.81
N SER E 26 -44.44 -3.82 -24.06
CA SER E 26 -45.20 -3.31 -25.22
C SER E 26 -44.47 -3.64 -26.53
N GLN E 27 -43.14 -3.75 -26.50
CA GLN E 27 -42.28 -4.21 -27.63
C GLN E 27 -41.04 -4.92 -27.06
N SER E 28 -40.29 -5.58 -27.94
CA SER E 28 -39.15 -6.47 -27.60
C SER E 28 -38.11 -5.69 -26.79
N VAL E 29 -37.70 -6.23 -25.64
CA VAL E 29 -36.69 -5.62 -24.74
C VAL E 29 -35.30 -6.05 -25.25
N SER E 30 -34.53 -5.09 -25.79
CA SER E 30 -33.20 -5.33 -26.41
C SER E 30 -32.27 -6.02 -25.41
N SER E 31 -31.58 -7.08 -25.85
CA SER E 31 -30.55 -7.86 -25.09
C SER E 31 -31.15 -8.54 -23.85
N SER E 32 -32.48 -8.70 -23.77
CA SER E 32 -33.20 -9.21 -22.57
C SER E 32 -32.76 -8.43 -21.32
N TYR E 33 -32.61 -7.11 -21.47
CA TYR E 33 -32.25 -6.17 -20.37
C TYR E 33 -33.51 -5.93 -19.53
N LEU E 34 -33.83 -6.92 -18.71
CA LEU E 34 -35.02 -6.95 -17.83
C LEU E 34 -34.54 -7.33 -16.43
N ALA E 35 -34.74 -6.44 -15.46
CA ALA E 35 -34.34 -6.65 -14.05
C ALA E 35 -35.60 -6.82 -13.20
N TRP E 36 -35.49 -7.62 -12.14
CA TRP E 36 -36.55 -7.82 -11.11
C TRP E 36 -36.06 -7.22 -9.79
N TYR E 37 -36.93 -6.40 -9.20
CA TYR E 37 -36.70 -5.74 -7.88
C TYR E 37 -37.77 -6.21 -6.90
N GLN E 38 -37.35 -6.41 -5.65
CA GLN E 38 -38.22 -6.60 -4.47
C GLN E 38 -38.28 -5.25 -3.75
N GLN E 39 -39.44 -4.88 -3.19
CA GLN E 39 -39.53 -3.71 -2.28
C GLN E 39 -40.31 -4.10 -1.03
N THR E 40 -39.62 -4.03 0.13
CA THR E 40 -40.22 -4.13 1.49
C THR E 40 -40.65 -2.72 1.90
N PRO E 41 -41.84 -2.52 2.53
CA PRO E 41 -42.30 -1.19 2.91
C PRO E 41 -41.25 -0.36 3.67
N GLY E 42 -41.02 0.88 3.23
CA GLY E 42 -40.10 1.84 3.86
C GLY E 42 -38.65 1.69 3.39
N GLN E 43 -38.35 0.78 2.46
CA GLN E 43 -36.97 0.51 1.96
C GLN E 43 -36.86 0.86 0.48
N ALA E 44 -35.64 1.13 0.02
CA ALA E 44 -35.29 1.26 -1.41
C ALA E 44 -35.55 -0.08 -2.10
N PRO E 45 -35.80 -0.11 -3.44
CA PRO E 45 -35.85 -1.37 -4.17
C PRO E 45 -34.58 -2.21 -3.99
N ARG E 46 -34.75 -3.53 -3.99
CA ARG E 46 -33.65 -4.53 -3.82
C ARG E 46 -33.61 -5.38 -5.09
N LEU E 47 -32.49 -5.34 -5.82
CA LEU E 47 -32.27 -6.13 -7.06
C LEU E 47 -32.24 -7.61 -6.71
N LEU E 48 -33.01 -8.42 -7.44
CA LEU E 48 -33.00 -9.90 -7.38
C LEU E 48 -32.28 -10.45 -8.62
N ILE E 49 -32.73 -10.02 -9.80
CA ILE E 49 -32.36 -10.58 -11.13
C ILE E 49 -32.04 -9.40 -12.06
N TYR E 50 -30.99 -9.52 -12.86
CA TYR E 50 -30.68 -8.60 -14.00
C TYR E 50 -30.47 -9.47 -15.24
N GLY E 51 -30.54 -8.85 -16.42
CA GLY E 51 -30.36 -9.55 -17.71
C GLY E 51 -31.33 -10.72 -17.85
N ALA E 52 -32.55 -10.58 -17.31
CA ALA E 52 -33.66 -11.56 -17.36
C ALA E 52 -33.42 -12.75 -16.42
N SER E 53 -32.19 -13.29 -16.32
CA SER E 53 -31.91 -14.58 -15.63
C SER E 53 -30.67 -14.56 -14.72
N SER E 54 -29.92 -13.44 -14.63
CA SER E 54 -28.69 -13.36 -13.80
C SER E 54 -29.07 -12.96 -12.38
N ARG E 55 -28.80 -13.83 -11.40
CA ARG E 55 -29.04 -13.55 -9.96
C ARG E 55 -27.99 -12.56 -9.44
N ALA E 56 -28.42 -11.53 -8.70
CA ALA E 56 -27.55 -10.47 -8.16
C ALA E 56 -26.74 -11.01 -6.98
N THR E 57 -25.64 -10.32 -6.65
CA THR E 57 -24.77 -10.60 -5.48
C THR E 57 -25.63 -10.84 -4.24
N GLY E 58 -25.45 -12.00 -3.59
CA GLY E 58 -25.97 -12.32 -2.25
C GLY E 58 -27.46 -12.67 -2.22
N ILE E 59 -28.09 -12.80 -3.38
CA ILE E 59 -29.55 -13.10 -3.49
C ILE E 59 -29.71 -14.62 -3.37
N PRO E 60 -30.64 -15.12 -2.50
CA PRO E 60 -30.84 -16.55 -2.36
C PRO E 60 -31.25 -17.24 -3.67
N ASP E 61 -30.86 -18.50 -3.83
CA ASP E 61 -31.04 -19.27 -5.10
C ASP E 61 -32.51 -19.64 -5.32
N ARG E 62 -33.41 -19.43 -4.35
CA ARG E 62 -34.88 -19.66 -4.56
C ARG E 62 -35.44 -18.66 -5.57
N PHE E 63 -34.77 -17.52 -5.78
CA PHE E 63 -35.12 -16.50 -6.81
C PHE E 63 -34.47 -16.85 -8.14
N SER E 64 -35.27 -16.93 -9.22
CA SER E 64 -34.78 -17.16 -10.60
C SER E 64 -35.68 -16.42 -11.61
N GLY E 65 -35.08 -15.99 -12.72
CA GLY E 65 -35.78 -15.29 -13.81
C GLY E 65 -35.59 -16.01 -15.12
N SER E 66 -36.58 -15.91 -16.01
CA SER E 66 -36.53 -16.47 -17.39
C SER E 66 -37.27 -15.52 -18.34
N GLY E 67 -37.13 -15.79 -19.64
CA GLY E 67 -37.87 -15.11 -20.71
C GLY E 67 -36.95 -14.28 -21.58
N SER E 68 -37.54 -13.68 -22.61
CA SER E 68 -36.87 -12.86 -23.67
C SER E 68 -37.96 -12.17 -24.50
N GLY E 69 -37.56 -11.23 -25.36
CA GLY E 69 -38.47 -10.43 -26.18
C GLY E 69 -39.41 -9.60 -25.33
N THR E 70 -40.67 -10.04 -25.21
CA THR E 70 -41.76 -9.28 -24.53
C THR E 70 -42.27 -10.01 -23.28
N ASP E 71 -41.88 -11.27 -23.05
CA ASP E 71 -42.46 -12.12 -21.97
C ASP E 71 -41.35 -12.54 -21.00
N PHE E 72 -41.48 -12.14 -19.74
CA PHE E 72 -40.49 -12.42 -18.66
C PHE E 72 -41.21 -12.94 -17.43
N THR E 73 -40.53 -13.81 -16.68
CA THR E 73 -41.06 -14.51 -15.47
C THR E 73 -40.03 -14.42 -14.33
N LEU E 74 -40.49 -14.06 -13.13
CA LEU E 74 -39.76 -14.27 -11.86
C LEU E 74 -40.39 -15.47 -11.16
N THR E 75 -39.57 -16.44 -10.76
CA THR E 75 -39.97 -17.64 -9.98
C THR E 75 -39.33 -17.55 -8.59
N ILE E 76 -40.14 -17.65 -7.55
CA ILE E 76 -39.70 -17.88 -6.15
C ILE E 76 -40.07 -19.33 -5.83
N SER E 77 -39.07 -20.22 -5.77
CA SER E 77 -39.24 -21.70 -5.76
C SER E 77 -40.00 -22.15 -4.51
N ARG E 78 -39.71 -21.53 -3.36
CA ARG E 78 -40.29 -21.87 -2.04
C ARG E 78 -40.38 -20.58 -1.21
N LEU E 79 -41.58 -20.01 -1.10
CA LEU E 79 -41.83 -18.69 -0.47
C LEU E 79 -41.48 -18.75 1.02
N GLU E 80 -40.63 -17.81 1.46
CA GLU E 80 -40.32 -17.54 2.88
C GLU E 80 -41.20 -16.38 3.35
N PRO E 81 -41.45 -16.23 4.68
CA PRO E 81 -42.27 -15.14 5.20
C PRO E 81 -41.87 -13.73 4.74
N GLU E 82 -40.57 -13.47 4.58
CA GLU E 82 -40.00 -12.16 4.17
C GLU E 82 -40.30 -11.88 2.67
N ASP E 83 -40.72 -12.88 1.89
CA ASP E 83 -40.96 -12.75 0.42
C ASP E 83 -42.33 -12.14 0.10
N PHE E 84 -43.22 -12.01 1.09
CA PHE E 84 -44.63 -11.57 0.88
C PHE E 84 -44.69 -10.04 0.85
N VAL E 85 -44.05 -9.45 -0.17
CA VAL E 85 -43.92 -7.96 -0.34
C VAL E 85 -44.19 -7.63 -1.82
N VAL E 86 -43.68 -6.52 -2.34
CA VAL E 86 -43.95 -6.05 -3.73
C VAL E 86 -42.76 -6.41 -4.63
N TYR E 87 -43.03 -6.75 -5.89
CA TYR E 87 -42.01 -7.04 -6.93
C TYR E 87 -42.29 -6.17 -8.15
N PHE E 88 -41.26 -5.48 -8.64
CA PHE E 88 -41.29 -4.63 -9.87
C PHE E 88 -40.31 -5.20 -10.90
N CYS E 89 -40.70 -5.18 -12.18
CA CYS E 89 -39.77 -5.39 -13.31
C CYS E 89 -39.31 -4.02 -13.81
N LEU E 90 -38.09 -3.97 -14.33
CA LEU E 90 -37.46 -2.77 -14.95
C LEU E 90 -36.87 -3.21 -16.29
N GLN E 91 -37.20 -2.51 -17.38
CA GLN E 91 -36.52 -2.68 -18.68
C GLN E 91 -35.47 -1.57 -18.80
N TYR E 92 -34.27 -1.95 -19.23
CA TYR E 92 -33.14 -1.02 -19.50
C TYR E 92 -32.57 -1.30 -20.90
N GLY E 93 -33.36 -1.95 -21.77
CA GLY E 93 -33.02 -2.19 -23.18
C GLY E 93 -33.26 -0.95 -24.05
N SER E 94 -34.13 -0.05 -23.59
CA SER E 94 -34.56 1.17 -24.31
C SER E 94 -34.55 2.35 -23.33
N SER E 95 -34.01 3.50 -23.77
CA SER E 95 -34.12 4.78 -23.05
C SER E 95 -35.44 5.46 -23.42
N PRO E 96 -36.27 5.95 -22.48
CA PRO E 96 -35.98 5.90 -21.03
C PRO E 96 -36.23 4.54 -20.39
N LEU E 97 -35.48 4.22 -19.33
CA LEU E 97 -35.77 3.09 -18.40
C LEU E 97 -37.21 3.24 -17.88
N THR E 98 -37.97 2.14 -17.88
CA THR E 98 -39.38 2.11 -17.40
C THR E 98 -39.59 0.89 -16.50
N PHE E 99 -40.41 1.06 -15.46
CA PHE E 99 -40.80 0.01 -14.50
C PHE E 99 -42.23 -0.45 -14.81
N GLY E 100 -42.54 -1.69 -14.46
CA GLY E 100 -43.93 -2.18 -14.35
C GLY E 100 -44.62 -1.57 -13.12
N PRO E 101 -45.95 -1.74 -12.98
CA PRO E 101 -46.70 -1.15 -11.87
C PRO E 101 -46.55 -1.90 -10.54
N GLY E 102 -45.97 -3.11 -10.57
CA GLY E 102 -45.69 -3.94 -9.38
C GLY E 102 -46.71 -5.06 -9.22
N THR E 103 -46.30 -6.14 -8.54
CA THR E 103 -47.15 -7.27 -8.09
C THR E 103 -46.93 -7.42 -6.59
N LYS E 104 -48.02 -7.46 -5.81
CA LYS E 104 -47.99 -7.77 -4.36
C LYS E 104 -48.16 -9.29 -4.18
N VAL E 105 -47.30 -9.91 -3.38
CA VAL E 105 -47.42 -11.34 -2.96
C VAL E 105 -47.95 -11.35 -1.53
N ASP E 106 -49.15 -11.90 -1.32
CA ASP E 106 -49.87 -11.91 -0.01
C ASP E 106 -49.98 -13.35 0.49
N ILE E 107 -50.04 -13.54 1.81
CA ILE E 107 -50.25 -14.86 2.46
C ILE E 107 -51.72 -15.24 2.26
N LYS E 108 -51.97 -16.38 1.59
CA LYS E 108 -53.32 -16.99 1.48
C LYS E 108 -53.69 -17.56 2.85
N ARG E 109 -54.86 -17.20 3.36
CA ARG E 109 -55.46 -17.75 4.60
C ARG E 109 -56.95 -17.99 4.36
N THR E 110 -57.65 -18.54 5.34
CA THR E 110 -59.11 -18.79 5.31
C THR E 110 -59.84 -17.44 5.23
N VAL E 111 -61.02 -17.43 4.61
CA VAL E 111 -61.94 -16.25 4.57
C VAL E 111 -62.23 -15.83 6.01
N ALA E 112 -62.13 -14.52 6.29
CA ALA E 112 -62.50 -13.90 7.57
C ALA E 112 -63.38 -12.68 7.26
N ALA E 113 -64.61 -12.69 7.77
CA ALA E 113 -65.56 -11.55 7.67
C ALA E 113 -65.01 -10.39 8.49
N PRO E 114 -65.22 -9.12 8.08
CA PRO E 114 -64.84 -7.98 8.90
C PRO E 114 -65.72 -7.84 10.15
N SER E 115 -65.11 -7.47 11.28
CA SER E 115 -65.83 -6.87 12.44
C SER E 115 -66.00 -5.38 12.14
N VAL E 116 -67.23 -4.89 12.16
CA VAL E 116 -67.59 -3.50 11.74
C VAL E 116 -67.85 -2.67 13.00
N PHE E 117 -67.18 -1.52 13.12
CA PHE E 117 -67.35 -0.52 14.21
C PHE E 117 -67.62 0.84 13.56
N ILE E 118 -68.54 1.61 14.13
CA ILE E 118 -68.84 3.01 13.68
C ILE E 118 -68.56 3.95 14.86
N PHE E 119 -67.93 5.09 14.56
CA PHE E 119 -67.53 6.15 15.53
C PHE E 119 -68.19 7.45 15.12
N PRO E 120 -69.10 8.03 15.94
CA PRO E 120 -69.60 9.38 15.72
C PRO E 120 -68.47 10.41 15.82
N PRO E 121 -68.65 11.65 15.31
CA PRO E 121 -67.69 12.72 15.55
C PRO E 121 -67.59 12.99 17.07
N SER E 122 -66.40 13.32 17.55
CA SER E 122 -66.16 13.81 18.93
C SER E 122 -66.84 15.17 19.11
N ASP E 123 -67.18 15.53 20.35
CA ASP E 123 -67.74 16.87 20.71
C ASP E 123 -66.71 17.95 20.34
N GLU E 124 -65.42 17.71 20.61
CA GLU E 124 -64.30 18.64 20.34
C GLU E 124 -64.24 18.97 18.83
N GLN E 125 -64.43 17.99 17.95
CA GLN E 125 -64.41 18.24 16.48
C GLN E 125 -65.67 19.01 16.09
N LEU E 126 -66.84 18.63 16.64
CA LEU E 126 -68.14 19.30 16.33
C LEU E 126 -68.06 20.79 16.67
N LYS E 127 -67.44 21.15 17.80
CA LYS E 127 -67.19 22.55 18.24
C LYS E 127 -66.41 23.31 17.16
N SER E 128 -65.43 22.65 16.51
CA SER E 128 -64.54 23.24 15.47
C SER E 128 -65.28 23.49 14.15
N GLY E 129 -66.45 22.86 13.93
CA GLY E 129 -67.34 23.11 12.78
C GLY E 129 -67.23 22.07 11.67
N THR E 130 -66.71 20.87 11.97
CA THR E 130 -66.57 19.74 11.02
C THR E 130 -67.01 18.45 11.71
N ALA E 131 -67.60 17.53 10.94
CA ALA E 131 -68.09 16.21 11.39
C ALA E 131 -67.42 15.11 10.58
N SER E 132 -66.49 14.38 11.20
CA SER E 132 -65.85 13.14 10.68
C SER E 132 -66.54 11.94 11.32
N VAL E 133 -67.16 11.09 10.51
CA VAL E 133 -67.76 9.79 10.93
C VAL E 133 -66.84 8.69 10.38
N VAL E 134 -66.37 7.80 11.26
CA VAL E 134 -65.38 6.74 10.90
C VAL E 134 -66.06 5.37 10.98
N CYS E 135 -65.99 4.60 9.89
CA CYS E 135 -66.40 3.18 9.81
C CYS E 135 -65.12 2.34 9.76
N LEU E 136 -64.93 1.43 10.73
CA LEU E 136 -63.78 0.50 10.82
C LEU E 136 -64.24 -0.90 10.41
N LEU E 137 -63.62 -1.45 9.36
CA LEU E 137 -63.73 -2.87 8.96
C LEU E 137 -62.45 -3.55 9.43
N ASN E 138 -62.54 -4.40 10.46
CA ASN E 138 -61.35 -4.90 11.20
C ASN E 138 -61.12 -6.37 10.87
N ASN E 139 -59.88 -6.69 10.45
CA ASN E 139 -59.29 -8.05 10.46
C ASN E 139 -60.10 -8.97 9.54
N PHE E 140 -60.20 -8.61 8.27
CA PHE E 140 -60.92 -9.38 7.23
C PHE E 140 -59.92 -9.95 6.22
N TYR E 141 -60.34 -11.00 5.52
CA TYR E 141 -59.62 -11.60 4.37
C TYR E 141 -60.63 -12.27 3.45
N PRO E 142 -60.56 -12.11 2.10
CA PRO E 142 -59.50 -11.36 1.40
C PRO E 142 -59.70 -9.83 1.42
N ARG E 143 -58.80 -9.10 0.74
CA ARG E 143 -58.66 -7.61 0.79
C ARG E 143 -59.90 -6.91 0.22
N GLU E 144 -60.61 -7.52 -0.73
CA GLU E 144 -61.76 -6.89 -1.44
C GLU E 144 -62.89 -6.64 -0.44
N ALA E 145 -63.24 -5.38 -0.20
CA ALA E 145 -64.35 -4.97 0.70
C ALA E 145 -64.98 -3.69 0.16
N LYS E 146 -66.30 -3.55 0.31
CA LYS E 146 -67.08 -2.36 -0.12
C LYS E 146 -67.78 -1.78 1.10
N VAL E 147 -67.64 -0.46 1.30
CA VAL E 147 -68.38 0.34 2.32
C VAL E 147 -69.29 1.31 1.58
N GLN E 148 -70.56 1.36 1.95
CA GLN E 148 -71.60 2.30 1.45
C GLN E 148 -72.10 3.13 2.64
N TRP E 149 -72.01 4.45 2.55
CA TRP E 149 -72.56 5.38 3.57
C TRP E 149 -74.03 5.67 3.26
N LYS E 150 -74.88 5.63 4.28
CA LYS E 150 -76.30 6.03 4.23
C LYS E 150 -76.55 7.05 5.34
N VAL E 151 -77.07 8.22 4.99
CA VAL E 151 -77.50 9.31 5.92
C VAL E 151 -79.03 9.44 5.80
N ASP E 152 -79.77 9.12 6.87
CA ASP E 152 -81.24 9.01 6.87
C ASP E 152 -81.69 8.12 5.70
N ASN E 153 -81.02 6.98 5.53
CA ASN E 153 -81.33 5.91 4.54
C ASN E 153 -81.07 6.37 3.10
N ALA E 154 -80.43 7.54 2.89
CA ALA E 154 -80.05 8.07 1.56
C ALA E 154 -78.58 7.72 1.29
N LEU E 155 -78.30 7.07 0.15
CA LEU E 155 -76.92 6.70 -0.30
C LEU E 155 -76.08 7.97 -0.49
N GLN E 156 -74.89 8.03 0.11
CA GLN E 156 -73.91 9.14 -0.04
C GLN E 156 -72.88 8.81 -1.14
N SER E 157 -72.30 9.84 -1.74
CA SER E 157 -71.08 9.77 -2.60
C SER E 157 -70.30 11.09 -2.53
N GLY E 158 -68.98 11.04 -2.80
CA GLY E 158 -68.15 12.24 -3.04
C GLY E 158 -67.62 12.90 -1.78
N ASN E 159 -67.98 12.42 -0.57
CA ASN E 159 -67.54 13.00 0.72
C ASN E 159 -67.01 11.89 1.65
N SER E 160 -66.54 10.76 1.10
CA SER E 160 -65.87 9.69 1.88
C SER E 160 -64.48 9.39 1.30
N GLN E 161 -63.55 9.01 2.17
CA GLN E 161 -62.17 8.58 1.80
C GLN E 161 -61.85 7.28 2.54
N GLU E 162 -61.18 6.37 1.84
CA GLU E 162 -60.90 4.98 2.28
C GLU E 162 -59.40 4.78 2.45
N SER E 163 -58.97 4.07 3.49
CA SER E 163 -57.56 3.66 3.73
C SER E 163 -57.53 2.20 4.20
N VAL E 164 -56.57 1.43 3.69
CA VAL E 164 -56.41 -0.03 3.95
C VAL E 164 -55.00 -0.30 4.48
N THR E 165 -54.86 -1.09 5.54
CA THR E 165 -53.56 -1.54 6.08
C THR E 165 -52.96 -2.60 5.13
N GLU E 166 -51.65 -2.80 5.18
CA GLU E 166 -50.99 -4.00 4.60
C GLU E 166 -51.42 -5.22 5.42
N GLN E 167 -51.24 -6.41 4.84
CA GLN E 167 -51.57 -7.70 5.51
C GLN E 167 -50.87 -7.73 6.87
N ASP E 168 -51.63 -7.99 7.94
CA ASP E 168 -51.14 -8.03 9.35
C ASP E 168 -50.10 -9.15 9.48
N SER E 169 -49.02 -8.90 10.23
CA SER E 169 -47.88 -9.83 10.42
C SER E 169 -48.29 -11.04 11.29
N LYS E 170 -49.29 -10.89 12.16
CA LYS E 170 -49.74 -11.94 13.12
C LYS E 170 -50.76 -12.86 12.46
N ASP E 171 -51.88 -12.32 11.95
CA ASP E 171 -53.08 -13.09 11.54
C ASP E 171 -53.36 -13.00 10.02
N SER E 172 -52.52 -12.29 9.26
CA SER E 172 -52.58 -12.20 7.77
C SER E 172 -53.92 -11.61 7.30
N THR E 173 -54.54 -10.73 8.10
CA THR E 173 -55.81 -10.03 7.75
C THR E 173 -55.52 -8.61 7.28
N TYR E 174 -56.53 -7.97 6.71
CA TYR E 174 -56.55 -6.53 6.33
C TYR E 174 -57.55 -5.83 7.24
N SER E 175 -57.33 -4.52 7.43
CA SER E 175 -58.30 -3.60 8.06
C SER E 175 -58.51 -2.42 7.14
N LEU E 176 -59.70 -1.82 7.20
CA LEU E 176 -60.10 -0.69 6.33
C LEU E 176 -60.82 0.35 7.19
N SER E 177 -60.47 1.62 7.01
CA SER E 177 -61.14 2.81 7.58
C SER E 177 -61.85 3.54 6.44
N SER E 178 -63.13 3.85 6.62
CA SER E 178 -63.93 4.75 5.75
C SER E 178 -64.34 5.96 6.58
N THR E 179 -63.98 7.16 6.12
CA THR E 179 -64.20 8.44 6.85
C THR E 179 -65.17 9.30 6.04
N LEU E 180 -66.36 9.56 6.56
CA LEU E 180 -67.36 10.49 5.98
C LEU E 180 -67.15 11.86 6.63
N THR E 181 -66.84 12.89 5.83
CA THR E 181 -66.59 14.28 6.27
C THR E 181 -67.75 15.16 5.81
N LEU E 182 -68.42 15.81 6.76
CA LEU E 182 -69.47 16.83 6.53
C LEU E 182 -69.13 18.09 7.35
N SER E 183 -69.63 19.24 6.92
CA SER E 183 -69.74 20.47 7.76
C SER E 183 -70.64 20.17 8.96
N LYS E 184 -70.44 20.88 10.07
CA LYS E 184 -71.31 20.79 11.28
C LYS E 184 -72.77 21.01 10.88
N ALA E 185 -73.03 22.02 10.03
CA ALA E 185 -74.37 22.41 9.54
C ALA E 185 -75.03 21.21 8.85
N ASP E 186 -74.38 20.62 7.84
CA ASP E 186 -74.89 19.46 7.06
C ASP E 186 -75.05 18.24 7.96
N TYR E 187 -74.14 18.03 8.92
CA TYR E 187 -74.20 16.92 9.92
C TYR E 187 -75.48 17.03 10.76
N GLU E 188 -75.78 18.24 11.25
CA GLU E 188 -76.92 18.52 12.18
C GLU E 188 -78.27 18.50 11.44
N LYS E 189 -78.28 18.48 10.11
CA LYS E 189 -79.53 18.40 9.29
C LYS E 189 -80.07 16.96 9.24
N HIS E 190 -79.35 15.95 9.76
CA HIS E 190 -79.70 14.51 9.63
C HIS E 190 -79.56 13.79 10.97
N LYS E 191 -80.19 12.62 11.09
CA LYS E 191 -80.33 11.81 12.33
C LYS E 191 -79.51 10.52 12.22
N VAL E 192 -79.82 9.66 11.25
CA VAL E 192 -79.29 8.27 11.15
C VAL E 192 -78.03 8.28 10.27
N TYR E 193 -76.89 7.87 10.83
CA TYR E 193 -75.59 7.70 10.14
C TYR E 193 -75.25 6.21 10.14
N ALA E 194 -75.10 5.60 8.96
CA ALA E 194 -74.94 4.14 8.77
C ALA E 194 -73.85 3.87 7.73
N CYS E 195 -72.97 2.92 8.01
CA CYS E 195 -72.04 2.33 7.00
C CYS E 195 -72.45 0.87 6.75
N GLU E 196 -72.71 0.53 5.49
CA GLU E 196 -73.11 -0.82 5.02
C GLU E 196 -71.86 -1.49 4.44
N VAL E 197 -71.48 -2.65 5.00
CA VAL E 197 -70.23 -3.39 4.66
C VAL E 197 -70.61 -4.67 3.91
N THR E 198 -70.04 -4.85 2.71
CA THR E 198 -70.16 -6.08 1.88
C THR E 198 -68.77 -6.70 1.74
N HIS E 199 -68.68 -8.02 1.87
CA HIS E 199 -67.43 -8.81 1.83
C HIS E 199 -67.76 -10.28 1.56
N GLN E 200 -66.83 -11.06 0.99
CA GLN E 200 -66.97 -12.51 0.64
C GLN E 200 -67.42 -13.32 1.87
N GLY E 201 -66.98 -12.95 3.07
CA GLY E 201 -67.30 -13.63 4.34
C GLY E 201 -68.69 -13.30 4.89
N LEU E 202 -69.45 -12.39 4.27
CA LEU E 202 -70.77 -11.94 4.78
C LEU E 202 -71.84 -12.38 3.78
N SER E 203 -72.77 -13.24 4.21
CA SER E 203 -73.95 -13.68 3.40
C SER E 203 -74.85 -12.47 3.12
N SER E 204 -75.14 -11.67 4.16
CA SER E 204 -75.87 -10.38 4.05
C SER E 204 -74.92 -9.24 4.39
N PRO E 205 -75.12 -8.04 3.80
CA PRO E 205 -74.34 -6.87 4.20
C PRO E 205 -74.54 -6.54 5.69
N VAL E 206 -73.47 -6.19 6.41
CA VAL E 206 -73.51 -5.75 7.83
C VAL E 206 -73.61 -4.21 7.85
N THR E 207 -74.63 -3.69 8.53
CA THR E 207 -74.87 -2.25 8.74
C THR E 207 -74.62 -1.94 10.22
N LYS E 208 -73.72 -0.99 10.50
CA LYS E 208 -73.54 -0.36 11.84
C LYS E 208 -73.99 1.10 11.71
N SER E 209 -74.84 1.55 12.65
CA SER E 209 -75.45 2.90 12.62
C SER E 209 -75.57 3.46 14.04
N PHE E 210 -75.73 4.78 14.11
CA PHE E 210 -76.09 5.53 15.33
C PHE E 210 -77.08 6.65 14.94
N ASN E 211 -77.80 7.16 15.93
CA ASN E 211 -78.64 8.39 15.83
C ASN E 211 -77.84 9.56 16.40
N ARG E 212 -77.79 10.68 15.70
CA ARG E 212 -77.07 11.91 16.14
C ARG E 212 -77.60 12.33 17.52
N GLY E 213 -76.70 12.46 18.49
CA GLY E 213 -77.02 12.57 19.93
C GLY E 213 -76.93 11.21 20.60
N GLU E 214 -78.06 10.62 20.98
CA GLU E 214 -78.17 9.25 21.55
C GLU E 214 -79.65 8.82 21.58
N CYS E 215 -80.07 8.07 20.54
CA CYS E 215 -81.45 7.53 20.38
C CYS E 215 -81.39 6.13 19.75
N LEU F 27 -1.35 -58.76 -33.44
CA LEU F 27 -2.43 -59.26 -32.52
C LEU F 27 -2.75 -58.19 -31.47
N LEU F 28 -3.45 -57.12 -31.89
CA LEU F 28 -3.64 -55.85 -31.14
C LEU F 28 -5.14 -55.55 -31.05
N ILE F 29 -5.66 -55.52 -29.81
CA ILE F 29 -7.07 -55.13 -29.47
C ILE F 29 -7.06 -53.68 -28.96
N LYS F 30 -7.83 -52.80 -29.61
CA LYS F 30 -7.91 -51.34 -29.33
C LYS F 30 -9.36 -50.87 -29.50
N GLY F 31 -10.07 -50.65 -28.39
CA GLY F 31 -11.50 -50.27 -28.37
C GLY F 31 -12.40 -51.45 -28.71
N GLY F 32 -12.10 -52.64 -28.16
CA GLY F 32 -12.88 -53.89 -28.31
C GLY F 32 -12.91 -54.38 -29.75
N VAL F 33 -11.85 -54.17 -30.52
CA VAL F 33 -11.73 -54.56 -31.97
C VAL F 33 -10.27 -54.91 -32.30
N GLU F 34 -10.03 -55.96 -33.10
CA GLU F 34 -8.68 -56.38 -33.59
C GLU F 34 -8.22 -55.44 -34.71
N VAL F 35 -7.01 -54.85 -34.58
CA VAL F 35 -6.44 -53.86 -35.56
C VAL F 35 -5.60 -54.62 -36.59
N LEU F 36 -5.86 -54.39 -37.88
CA LEU F 36 -5.17 -55.04 -39.03
C LEU F 36 -4.29 -53.99 -39.72
N GLU F 37 -3.95 -54.14 -41.02
CA GLU F 37 -3.01 -53.25 -41.74
C GLU F 37 -3.69 -51.91 -42.06
N VAL F 38 -2.87 -50.87 -42.25
CA VAL F 38 -3.27 -49.55 -42.80
C VAL F 38 -3.53 -49.74 -44.30
N LYS F 39 -4.69 -49.28 -44.80
CA LYS F 39 -4.97 -49.16 -46.27
C LYS F 39 -4.11 -48.03 -46.85
N THR F 40 -3.48 -48.25 -48.01
CA THR F 40 -2.58 -47.27 -48.70
C THR F 40 -3.32 -46.60 -49.89
N GLY F 41 -2.66 -45.62 -50.51
CA GLY F 41 -3.14 -44.92 -51.73
C GLY F 41 -3.56 -43.49 -51.43
N VAL F 42 -4.15 -42.84 -52.43
CA VAL F 42 -4.41 -41.37 -52.46
C VAL F 42 -5.70 -41.07 -51.68
N ASP F 43 -6.76 -41.86 -51.91
CA ASP F 43 -8.07 -41.78 -51.21
C ASP F 43 -8.12 -42.55 -49.87
N ALA F 44 -6.97 -42.96 -49.32
CA ALA F 44 -6.84 -43.60 -47.99
C ALA F 44 -6.67 -42.55 -46.88
N ILE F 45 -6.35 -41.29 -47.23
CA ILE F 45 -6.13 -40.16 -46.27
C ILE F 45 -7.28 -39.16 -46.44
N THR F 46 -7.75 -38.60 -45.33
CA THR F 46 -8.73 -37.48 -45.31
C THR F 46 -8.34 -36.50 -44.19
N GLU F 47 -8.74 -35.23 -44.36
CA GLU F 47 -8.55 -34.14 -43.37
C GLU F 47 -9.93 -33.58 -43.01
N VAL F 48 -10.17 -33.39 -41.72
CA VAL F 48 -11.38 -32.74 -41.15
C VAL F 48 -10.92 -31.57 -40.29
N GLU F 49 -11.75 -30.53 -40.20
CA GLU F 49 -11.42 -29.29 -39.44
C GLU F 49 -12.68 -28.73 -38.79
N CYS F 50 -12.49 -28.01 -37.68
CA CYS F 50 -13.57 -27.38 -36.88
C CYS F 50 -12.99 -26.25 -36.04
N PHE F 51 -13.70 -25.11 -35.99
CA PHE F 51 -13.50 -24.05 -34.98
C PHE F 51 -14.51 -24.33 -33.87
N LEU F 52 -14.05 -24.74 -32.68
CA LEU F 52 -14.91 -25.12 -31.53
C LEU F 52 -15.04 -23.90 -30.60
N ASN F 53 -16.26 -23.37 -30.46
CA ASN F 53 -16.51 -22.15 -29.65
C ASN F 53 -16.39 -22.49 -28.16
N PRO F 54 -15.91 -21.54 -27.33
CA PRO F 54 -15.79 -21.75 -25.89
C PRO F 54 -17.16 -21.59 -25.24
N GLU F 55 -17.36 -22.20 -24.06
CA GLU F 55 -18.65 -22.19 -23.32
C GLU F 55 -18.37 -21.67 -21.91
N MET F 56 -18.16 -20.35 -21.79
CA MET F 56 -17.77 -19.68 -20.53
C MET F 56 -19.00 -19.33 -19.69
N GLY F 57 -20.21 -19.40 -20.26
CA GLY F 57 -21.48 -19.14 -19.55
C GLY F 57 -22.37 -18.19 -20.34
N ASP F 58 -21.78 -17.17 -20.97
CA ASP F 58 -22.47 -16.23 -21.91
C ASP F 58 -23.76 -15.72 -21.26
N PRO F 59 -23.72 -15.08 -20.06
CA PRO F 59 -24.94 -14.63 -19.38
C PRO F 59 -25.67 -13.47 -20.10
N ASP F 60 -24.96 -12.73 -20.93
CA ASP F 60 -25.42 -11.51 -21.61
C ASP F 60 -25.25 -11.78 -23.10
N GLU F 61 -26.25 -11.49 -23.94
CA GLU F 61 -26.25 -11.79 -25.40
C GLU F 61 -25.14 -11.00 -26.10
N ASN F 62 -24.65 -9.88 -25.54
CA ASN F 62 -23.57 -9.04 -26.12
C ASN F 62 -22.18 -9.52 -25.70
N LEU F 63 -22.03 -10.25 -24.59
CA LEU F 63 -20.69 -10.68 -24.09
C LEU F 63 -20.57 -12.20 -24.20
N ARG F 64 -20.78 -12.70 -25.42
N ARG F 64 -20.78 -12.70 -25.42
CA ARG F 64 -20.41 -14.07 -25.84
CA ARG F 64 -20.41 -14.08 -25.83
C ARG F 64 -18.90 -14.26 -25.58
C ARG F 64 -18.90 -14.26 -25.58
N GLY F 65 -18.51 -15.37 -24.96
CA GLY F 65 -17.11 -15.69 -24.62
C GLY F 65 -16.74 -15.25 -23.21
N PHE F 66 -17.67 -14.68 -22.45
CA PHE F 66 -17.45 -14.23 -21.06
C PHE F 66 -18.43 -14.99 -20.14
N SER F 67 -17.97 -15.27 -18.91
CA SER F 67 -18.83 -15.81 -17.82
C SER F 67 -19.58 -14.65 -17.17
N LEU F 68 -20.61 -14.97 -16.41
CA LEU F 68 -21.16 -14.07 -15.37
C LEU F 68 -20.04 -13.70 -14.41
N LYS F 69 -20.13 -12.53 -13.78
CA LYS F 69 -19.14 -12.06 -12.79
C LYS F 69 -19.01 -13.12 -11.69
N LEU F 70 -17.79 -13.26 -11.16
CA LEU F 70 -17.48 -14.25 -10.09
C LEU F 70 -18.03 -13.72 -8.76
N SER F 71 -18.87 -14.52 -8.09
CA SER F 71 -19.18 -14.38 -6.66
C SER F 71 -17.92 -14.73 -5.85
N ALA F 72 -17.87 -14.38 -4.57
CA ALA F 72 -16.78 -14.79 -3.66
C ALA F 72 -17.37 -15.03 -2.27
N GLU F 73 -16.69 -15.88 -1.48
CA GLU F 73 -16.84 -16.01 -0.01
C GLU F 73 -18.20 -16.65 0.33
N ASN F 74 -18.71 -17.55 -0.51
CA ASN F 74 -19.83 -18.44 -0.12
C ASN F 74 -19.34 -19.37 1.00
N ASP F 75 -20.17 -19.58 2.00
CA ASP F 75 -19.99 -20.68 2.99
C ASP F 75 -19.94 -21.99 2.20
N PHE F 76 -19.04 -22.91 2.56
CA PHE F 76 -18.98 -24.27 1.98
C PHE F 76 -20.35 -24.95 2.13
N SER F 77 -21.09 -24.64 3.20
CA SER F 77 -22.43 -25.22 3.50
C SER F 77 -23.54 -24.57 2.65
N SER F 78 -23.28 -23.43 2.00
CA SER F 78 -24.30 -22.67 1.23
C SER F 78 -23.66 -22.04 -0.01
N ASP F 79 -23.25 -22.92 -0.93
CA ASP F 79 -22.47 -22.57 -2.14
C ASP F 79 -23.31 -22.97 -3.35
N SER F 80 -24.01 -22.00 -3.94
CA SER F 80 -25.00 -22.19 -5.04
C SER F 80 -24.61 -21.32 -6.23
N PRO F 81 -23.59 -21.71 -7.03
CA PRO F 81 -23.14 -20.88 -8.14
C PRO F 81 -24.21 -20.73 -9.24
N GLU F 82 -24.28 -19.54 -9.83
CA GLU F 82 -25.14 -19.21 -10.99
C GLU F 82 -24.66 -20.02 -12.19
N ARG F 83 -25.57 -20.59 -12.98
CA ARG F 83 -25.25 -21.43 -14.16
CA ARG F 83 -25.23 -21.45 -14.14
C ARG F 83 -24.25 -20.70 -15.07
N LYS F 84 -24.53 -19.44 -15.38
CA LYS F 84 -23.79 -18.68 -16.42
C LYS F 84 -22.45 -18.17 -15.85
N MET F 85 -22.15 -18.43 -14.57
CA MET F 85 -20.84 -18.12 -13.92
C MET F 85 -19.85 -19.28 -14.13
N LEU F 86 -20.32 -20.46 -14.58
CA LEU F 86 -19.55 -21.72 -14.63
C LEU F 86 -19.14 -22.06 -16.06
N PRO F 87 -17.85 -21.86 -16.45
CA PRO F 87 -17.37 -22.38 -17.73
C PRO F 87 -17.57 -23.90 -17.83
N CYS F 88 -17.95 -24.37 -19.01
CA CYS F 88 -18.19 -25.81 -19.32
C CYS F 88 -17.23 -26.26 -20.42
N TYR F 89 -16.94 -27.55 -20.47
CA TYR F 89 -16.20 -28.18 -21.58
C TYR F 89 -17.00 -28.00 -22.87
N SER F 90 -16.30 -27.66 -23.95
CA SER F 90 -16.82 -27.64 -25.34
C SER F 90 -16.58 -29.02 -25.96
N THR F 91 -17.51 -29.48 -26.77
CA THR F 91 -17.35 -30.75 -27.53
C THR F 91 -18.18 -30.68 -28.82
N ALA F 92 -17.72 -31.38 -29.84
CA ALA F 92 -18.45 -31.58 -31.11
C ALA F 92 -18.15 -32.98 -31.65
N ARG F 93 -19.17 -33.63 -32.18
CA ARG F 93 -19.06 -34.87 -33.00
C ARG F 93 -18.94 -34.43 -34.47
N ILE F 94 -17.82 -34.74 -35.12
CA ILE F 94 -17.58 -34.41 -36.55
C ILE F 94 -17.82 -35.68 -37.37
N PRO F 95 -18.89 -35.73 -38.21
CA PRO F 95 -19.09 -36.84 -39.14
C PRO F 95 -17.95 -36.98 -40.16
N LEU F 96 -17.52 -38.23 -40.40
CA LEU F 96 -16.44 -38.56 -41.38
C LEU F 96 -17.05 -39.20 -42.63
N PRO F 97 -16.33 -39.27 -43.77
CA PRO F 97 -16.82 -40.01 -44.95
C PRO F 97 -17.18 -41.47 -44.63
N ASN F 98 -18.34 -41.92 -45.12
CA ASN F 98 -18.87 -43.28 -44.86
C ASN F 98 -17.89 -44.32 -45.42
N LEU F 99 -17.51 -45.29 -44.59
CA LEU F 99 -16.65 -46.44 -44.98
C LEU F 99 -17.51 -47.71 -44.95
N ASN F 100 -17.28 -48.64 -45.86
CA ASN F 100 -17.87 -50.01 -45.88
C ASN F 100 -19.23 -49.99 -46.63
N SER F 105 -12.75 -53.47 -48.67
CA SER F 105 -14.10 -54.11 -48.56
C SER F 105 -14.03 -55.48 -47.87
N GLY F 106 -13.00 -56.28 -48.15
CA GLY F 106 -12.78 -57.62 -47.55
C GLY F 106 -12.80 -57.55 -46.03
N ASN F 107 -12.03 -56.60 -45.47
CA ASN F 107 -12.00 -56.23 -44.03
C ASN F 107 -12.87 -54.99 -43.81
N LEU F 108 -13.51 -54.88 -42.63
CA LEU F 108 -14.19 -53.63 -42.17
C LEU F 108 -13.12 -52.55 -42.04
N LEU F 109 -13.50 -51.31 -42.34
CA LEU F 109 -12.61 -50.13 -42.33
C LEU F 109 -13.12 -49.12 -41.29
N MET F 110 -12.19 -48.55 -40.53
CA MET F 110 -12.43 -47.40 -39.62
C MET F 110 -11.40 -46.32 -39.93
N TRP F 111 -11.81 -45.05 -39.89
CA TRP F 111 -10.88 -43.89 -39.92
C TRP F 111 -10.04 -43.91 -38.63
N GLU F 112 -8.74 -43.74 -38.79
CA GLU F 112 -7.73 -43.70 -37.70
C GLU F 112 -7.14 -42.29 -37.68
N ALA F 113 -7.31 -41.54 -36.58
CA ALA F 113 -6.75 -40.19 -36.40
C ALA F 113 -5.24 -40.29 -36.18
N VAL F 114 -4.44 -39.68 -37.06
CA VAL F 114 -2.96 -39.79 -37.09
C VAL F 114 -2.33 -38.56 -36.43
N THR F 115 -2.82 -37.36 -36.78
CA THR F 115 -2.26 -36.06 -36.32
C THR F 115 -3.39 -35.07 -36.04
N VAL F 116 -3.11 -34.08 -35.20
CA VAL F 116 -3.97 -32.89 -34.98
C VAL F 116 -3.06 -31.65 -35.00
N GLN F 117 -3.47 -30.62 -35.74
CA GLN F 117 -2.95 -29.24 -35.62
C GLN F 117 -4.04 -28.44 -34.91
N THR F 118 -3.68 -27.71 -33.85
CA THR F 118 -4.64 -27.00 -32.99
C THR F 118 -4.01 -25.70 -32.46
N GLU F 119 -4.80 -24.64 -32.33
CA GLU F 119 -4.38 -23.43 -31.58
C GLU F 119 -5.61 -22.65 -31.11
N VAL F 120 -5.39 -21.77 -30.14
CA VAL F 120 -6.43 -20.87 -29.57
C VAL F 120 -6.56 -19.69 -30.54
N ILE F 121 -7.80 -19.33 -30.86
CA ILE F 121 -8.13 -18.35 -31.94
C ILE F 121 -8.56 -17.03 -31.31
N GLY F 122 -7.86 -15.95 -31.65
CA GLY F 122 -8.20 -14.57 -31.24
C GLY F 122 -7.38 -14.12 -30.03
N ILE F 123 -6.17 -14.63 -29.86
CA ILE F 123 -5.31 -14.34 -28.68
C ILE F 123 -4.98 -12.84 -28.64
N THR F 124 -4.89 -12.18 -29.81
CA THR F 124 -4.54 -10.75 -29.94
C THR F 124 -5.70 -9.85 -29.46
N SER F 125 -6.92 -10.35 -29.36
CA SER F 125 -8.10 -9.60 -28.84
C SER F 125 -7.84 -9.08 -27.42
N MET F 126 -6.93 -9.74 -26.67
CA MET F 126 -6.50 -9.31 -25.31
C MET F 126 -5.63 -8.05 -25.35
N LEU F 127 -5.22 -7.57 -26.55
CA LEU F 127 -4.53 -6.26 -26.71
C LEU F 127 -5.55 -5.11 -26.75
N ASN F 128 -6.86 -5.39 -26.74
CA ASN F 128 -7.92 -4.36 -26.51
C ASN F 128 -7.96 -4.07 -25.01
N LEU F 129 -7.29 -2.99 -24.59
CA LEU F 129 -7.26 -2.51 -23.19
C LEU F 129 -8.09 -1.23 -23.04
N HIS F 130 -8.92 -0.90 -24.04
CA HIS F 130 -9.79 0.32 -24.06
C HIS F 130 -11.24 -0.02 -23.67
N ALA F 131 -11.72 -1.23 -23.97
CA ALA F 131 -13.10 -1.69 -23.70
C ALA F 131 -13.21 -2.24 -22.27
N GLY F 132 -13.76 -1.43 -21.37
CA GLY F 132 -14.40 -1.88 -20.11
C GLY F 132 -13.48 -2.44 -19.05
N SER F 133 -12.16 -2.54 -19.28
CA SER F 133 -11.22 -3.13 -18.29
C SER F 133 -10.72 -2.03 -17.35
N GLN F 134 -10.66 -2.33 -16.05
CA GLN F 134 -10.25 -1.39 -14.98
C GLN F 134 -8.88 -0.81 -15.32
N LYS F 135 -8.71 0.50 -15.17
CA LYS F 135 -7.40 1.17 -15.33
C LYS F 135 -6.43 0.55 -14.32
N VAL F 136 -5.19 0.29 -14.75
CA VAL F 136 -4.12 -0.30 -13.89
C VAL F 136 -3.73 0.70 -12.80
N HIS F 137 -3.85 1.99 -13.09
CA HIS F 137 -3.60 3.13 -12.16
C HIS F 137 -4.17 4.39 -12.79
N GLU F 138 -4.14 5.52 -12.09
CA GLU F 138 -4.63 6.82 -12.61
C GLU F 138 -3.89 7.14 -13.92
N HIS F 139 -4.63 7.45 -14.98
CA HIS F 139 -4.13 7.78 -16.35
C HIS F 139 -3.65 6.55 -17.13
N GLY F 140 -3.66 5.35 -16.53
CA GLY F 140 -3.13 4.13 -17.15
C GLY F 140 -4.12 3.48 -18.11
N GLY F 141 -3.64 2.55 -18.93
CA GLY F 141 -4.50 1.73 -19.80
C GLY F 141 -5.30 0.72 -18.99
N GLY F 142 -6.20 -0.02 -19.65
CA GLY F 142 -6.98 -1.09 -19.01
C GLY F 142 -6.11 -2.24 -18.52
N LYS F 143 -6.60 -2.95 -17.52
CA LYS F 143 -5.92 -4.14 -16.94
C LYS F 143 -6.04 -5.29 -17.94
N PRO F 144 -4.90 -5.89 -18.38
CA PRO F 144 -4.94 -7.11 -19.18
C PRO F 144 -5.74 -8.23 -18.51
N ILE F 145 -6.35 -9.09 -19.32
CA ILE F 145 -6.87 -10.41 -18.86
C ILE F 145 -5.69 -11.18 -18.26
N GLN F 146 -5.87 -11.73 -17.07
CA GLN F 146 -4.82 -12.48 -16.34
C GLN F 146 -5.47 -13.26 -15.21
N GLY F 147 -4.69 -14.09 -14.53
CA GLY F 147 -5.17 -14.98 -13.47
C GLY F 147 -5.32 -16.40 -13.97
N SER F 148 -5.96 -17.27 -13.17
CA SER F 148 -6.03 -18.73 -13.41
C SER F 148 -6.48 -19.00 -14.85
N ASN F 149 -5.81 -19.92 -15.55
CA ASN F 149 -6.17 -20.31 -16.92
C ASN F 149 -6.07 -21.83 -17.05
N PHE F 150 -6.84 -22.37 -17.97
CA PHE F 150 -6.89 -23.81 -18.31
C PHE F 150 -6.97 -23.94 -19.82
N HIS F 151 -6.01 -24.64 -20.42
CA HIS F 151 -5.93 -24.88 -21.89
C HIS F 151 -5.88 -26.39 -22.08
N PHE F 152 -6.92 -26.92 -22.73
CA PHE F 152 -7.19 -28.37 -22.82
C PHE F 152 -7.78 -28.66 -24.21
N PHE F 153 -7.35 -29.76 -24.82
CA PHE F 153 -8.01 -30.33 -26.01
C PHE F 153 -7.88 -31.86 -25.97
N ALA F 154 -8.83 -32.53 -26.61
CA ALA F 154 -8.86 -33.99 -26.80
C ALA F 154 -9.37 -34.31 -28.20
N VAL F 155 -8.82 -35.39 -28.78
CA VAL F 155 -9.30 -35.99 -30.06
C VAL F 155 -9.50 -37.48 -29.79
N GLY F 156 -10.67 -38.01 -30.11
CA GLY F 156 -10.98 -39.44 -29.91
C GLY F 156 -12.02 -39.96 -30.88
N GLY F 157 -12.14 -41.29 -30.95
CA GLY F 157 -13.18 -42.03 -31.71
C GLY F 157 -14.40 -42.31 -30.86
N ASP F 158 -14.38 -41.91 -29.58
CA ASP F 158 -15.51 -41.96 -28.63
C ASP F 158 -15.58 -40.62 -27.91
N PRO F 159 -16.72 -40.27 -27.24
CA PRO F 159 -16.77 -39.13 -26.34
C PRO F 159 -15.64 -39.18 -25.29
N LEU F 160 -15.10 -38.02 -24.93
CA LEU F 160 -14.07 -37.92 -23.86
C LEU F 160 -14.65 -38.51 -22.57
N GLU F 161 -13.89 -39.36 -21.89
CA GLU F 161 -14.29 -39.94 -20.59
C GLU F 161 -13.68 -39.09 -19.47
N MET F 162 -14.49 -38.75 -18.48
CA MET F 162 -14.12 -37.76 -17.45
C MET F 162 -14.33 -38.35 -16.05
N GLN F 163 -13.51 -37.86 -15.10
CA GLN F 163 -13.55 -38.17 -13.66
C GLN F 163 -13.99 -36.90 -12.94
N GLY F 164 -14.94 -37.01 -12.00
CA GLY F 164 -15.41 -35.88 -11.18
C GLY F 164 -14.53 -35.65 -9.98
N VAL F 165 -14.10 -34.41 -9.75
CA VAL F 165 -13.42 -33.95 -8.51
C VAL F 165 -13.94 -32.54 -8.20
N LEU F 166 -14.29 -32.29 -6.94
CA LEU F 166 -14.93 -31.03 -6.49
C LEU F 166 -14.04 -30.33 -5.47
N MET F 167 -13.98 -28.99 -5.54
CA MET F 167 -13.43 -28.13 -4.47
C MET F 167 -14.24 -28.38 -3.19
N ASN F 168 -15.57 -28.45 -3.34
CA ASN F 168 -16.57 -28.49 -2.25
C ASN F 168 -17.68 -29.48 -2.64
N TYR F 169 -17.75 -30.64 -1.98
CA TYR F 169 -18.73 -31.70 -2.31
C TYR F 169 -20.15 -31.20 -2.05
N ARG F 170 -20.32 -30.22 -1.17
CA ARG F 170 -21.65 -29.67 -0.77
C ARG F 170 -22.11 -28.57 -1.74
N THR F 171 -21.34 -28.22 -2.77
CA THR F 171 -21.76 -27.22 -3.78
C THR F 171 -23.11 -27.67 -4.37
N LYS F 172 -24.10 -26.77 -4.37
N LYS F 172 -24.10 -26.77 -4.37
CA LYS F 172 -25.40 -26.99 -5.04
CA LYS F 172 -25.41 -26.99 -5.03
C LYS F 172 -25.30 -26.45 -6.47
C LYS F 172 -25.30 -26.46 -6.46
N TYR F 173 -25.05 -27.35 -7.42
CA TYR F 173 -24.89 -26.99 -8.85
C TYR F 173 -26.28 -26.75 -9.45
N PRO F 174 -26.41 -25.76 -10.35
CA PRO F 174 -27.73 -25.34 -10.84
C PRO F 174 -28.25 -26.22 -11.99
N ASP F 175 -29.55 -26.12 -12.26
CA ASP F 175 -30.24 -26.79 -13.41
C ASP F 175 -29.51 -26.40 -14.70
N GLY F 176 -29.32 -27.36 -15.59
CA GLY F 176 -28.62 -27.19 -16.87
C GLY F 176 -27.16 -27.62 -16.81
N THR F 177 -26.62 -27.91 -15.61
CA THR F 177 -25.26 -28.48 -15.43
C THR F 177 -25.39 -29.98 -15.13
N ILE F 178 -24.43 -30.76 -15.64
CA ILE F 178 -24.25 -32.19 -15.28
C ILE F 178 -22.98 -32.25 -14.43
N THR F 179 -23.13 -32.62 -13.15
CA THR F 179 -22.05 -32.59 -12.13
C THR F 179 -22.08 -33.93 -11.37
N PRO F 180 -21.01 -34.27 -10.62
CA PRO F 180 -20.98 -35.50 -9.83
C PRO F 180 -22.27 -35.74 -9.01
N LYS F 181 -22.91 -36.89 -9.24
CA LYS F 181 -24.17 -37.29 -8.56
C LYS F 181 -23.83 -37.92 -7.21
N ASN F 182 -24.65 -37.66 -6.19
CA ASN F 182 -24.49 -38.20 -4.81
C ASN F 182 -23.06 -37.98 -4.34
N PRO F 183 -22.54 -36.73 -4.36
CA PRO F 183 -21.16 -36.46 -3.93
C PRO F 183 -21.03 -36.66 -2.41
N THR F 184 -19.84 -37.08 -1.97
CA THR F 184 -19.45 -37.25 -0.55
C THR F 184 -18.17 -36.44 -0.31
N ALA F 185 -17.67 -36.40 0.92
CA ALA F 185 -16.36 -35.79 1.27
C ALA F 185 -15.26 -36.37 0.36
N GLN F 186 -15.34 -37.66 0.03
CA GLN F 186 -14.38 -38.37 -0.86
C GLN F 186 -14.35 -37.73 -2.26
N SER F 187 -15.44 -37.09 -2.69
CA SER F 187 -15.53 -36.40 -4.00
C SER F 187 -14.58 -35.19 -4.09
N GLN F 188 -14.04 -34.70 -2.97
CA GLN F 188 -13.02 -33.63 -2.95
C GLN F 188 -11.62 -34.19 -3.22
N VAL F 189 -11.45 -35.51 -3.11
CA VAL F 189 -10.19 -36.22 -3.49
C VAL F 189 -10.57 -37.16 -4.64
N MET F 190 -10.34 -38.47 -4.56
CA MET F 190 -10.74 -39.40 -5.66
C MET F 190 -11.91 -40.29 -5.20
N ASN F 191 -13.07 -40.09 -5.83
CA ASN F 191 -14.29 -40.93 -5.70
C ASN F 191 -14.56 -41.54 -7.08
N THR F 192 -14.29 -42.84 -7.24
CA THR F 192 -14.39 -43.57 -8.53
C THR F 192 -15.84 -43.69 -9.01
N ASP F 193 -16.84 -43.33 -8.20
CA ASP F 193 -18.27 -43.25 -8.65
C ASP F 193 -18.47 -42.18 -9.73
N HIS F 194 -17.67 -41.10 -9.74
CA HIS F 194 -17.91 -39.91 -10.60
C HIS F 194 -17.28 -40.11 -11.97
N LYS F 195 -17.95 -40.89 -12.80
CA LYS F 195 -17.54 -41.16 -14.21
C LYS F 195 -18.59 -40.56 -15.15
N ALA F 196 -18.17 -39.82 -16.18
CA ALA F 196 -19.06 -39.21 -17.19
C ALA F 196 -18.43 -39.32 -18.58
N TYR F 197 -19.29 -39.32 -19.60
CA TYR F 197 -18.93 -39.06 -21.01
C TYR F 197 -19.20 -37.59 -21.28
N LEU F 198 -18.25 -36.90 -21.92
CA LEU F 198 -18.46 -35.53 -22.43
C LEU F 198 -19.36 -35.65 -23.67
N ASP F 199 -20.66 -35.80 -23.44
CA ASP F 199 -21.68 -36.19 -24.45
C ASP F 199 -22.68 -35.06 -24.67
N LYS F 200 -22.41 -33.87 -24.11
CA LYS F 200 -23.28 -32.69 -24.28
C LYS F 200 -22.41 -31.44 -24.18
N ASN F 201 -22.57 -30.54 -25.15
CA ASN F 201 -21.88 -29.23 -25.19
C ASN F 201 -22.53 -28.33 -24.15
N ASN F 202 -21.72 -27.53 -23.45
CA ASN F 202 -22.16 -26.45 -22.53
C ASN F 202 -23.00 -27.05 -21.38
N ALA F 203 -22.56 -28.18 -20.81
CA ALA F 203 -23.28 -28.89 -19.72
C ALA F 203 -22.36 -29.30 -18.56
N TYR F 204 -21.16 -29.77 -18.84
CA TYR F 204 -20.20 -30.32 -17.83
C TYR F 204 -19.28 -29.20 -17.37
N PRO F 205 -19.45 -28.63 -16.15
CA PRO F 205 -18.58 -27.54 -15.69
C PRO F 205 -17.11 -27.96 -15.60
N VAL F 206 -16.20 -27.09 -16.06
CA VAL F 206 -14.74 -27.34 -16.03
C VAL F 206 -14.31 -27.63 -14.58
N GLU F 207 -14.89 -26.93 -13.61
CA GLU F 207 -14.48 -27.02 -12.18
C GLU F 207 -14.87 -28.37 -11.55
N CYS F 208 -15.72 -29.17 -12.20
CA CYS F 208 -16.25 -30.46 -11.67
C CYS F 208 -15.53 -31.67 -12.26
N TRP F 209 -14.93 -31.53 -13.45
CA TRP F 209 -14.55 -32.68 -14.31
C TRP F 209 -13.13 -32.51 -14.85
N VAL F 210 -12.40 -33.62 -14.93
CA VAL F 210 -11.07 -33.71 -15.59
C VAL F 210 -11.10 -34.89 -16.54
N PRO F 211 -10.25 -34.92 -17.59
CA PRO F 211 -10.09 -36.13 -18.39
C PRO F 211 -9.63 -37.28 -17.48
N ASP F 212 -10.18 -38.47 -17.69
CA ASP F 212 -9.95 -39.65 -16.82
C ASP F 212 -8.78 -40.46 -17.39
N PRO F 213 -7.61 -40.48 -16.72
CA PRO F 213 -6.46 -41.25 -17.23
C PRO F 213 -6.64 -42.76 -17.07
N SER F 214 -7.60 -43.22 -16.27
CA SER F 214 -7.93 -44.66 -16.08
C SER F 214 -8.75 -45.22 -17.26
N ARG F 215 -9.24 -44.37 -18.15
N ARG F 215 -9.25 -44.36 -18.15
CA ARG F 215 -10.05 -44.76 -19.35
CA ARG F 215 -10.06 -44.76 -19.34
C ARG F 215 -9.46 -44.05 -20.57
C ARG F 215 -9.46 -44.04 -20.56
N ASN F 216 -10.29 -43.61 -21.53
CA ASN F 216 -9.83 -42.89 -22.76
C ASN F 216 -8.79 -43.75 -23.51
N GLU F 217 -9.09 -45.04 -23.70
CA GLU F 217 -8.28 -45.97 -24.53
C GLU F 217 -8.32 -45.50 -25.99
N ASN F 218 -9.39 -44.82 -26.40
CA ASN F 218 -9.63 -44.42 -27.80
C ASN F 218 -9.63 -42.89 -27.96
N THR F 219 -9.03 -42.17 -27.01
CA THR F 219 -8.91 -40.68 -27.02
C THR F 219 -7.48 -40.29 -26.61
N ARG F 220 -6.96 -39.22 -27.21
CA ARG F 220 -5.70 -38.55 -26.77
CA ARG F 220 -5.70 -38.55 -26.77
C ARG F 220 -6.09 -37.16 -26.24
N TYR F 221 -5.68 -36.82 -25.02
CA TYR F 221 -6.02 -35.53 -24.37
C TYR F 221 -4.74 -34.88 -23.82
N PHE F 222 -4.77 -33.55 -23.75
CA PHE F 222 -3.63 -32.67 -23.38
C PHE F 222 -4.22 -31.46 -22.65
N GLY F 223 -3.76 -31.20 -21.43
CA GLY F 223 -4.22 -30.07 -20.61
C GLY F 223 -3.10 -29.47 -19.81
N THR F 224 -3.13 -28.14 -19.63
CA THR F 224 -2.27 -27.39 -18.69
C THR F 224 -3.15 -26.44 -17.87
N PHE F 225 -3.11 -26.59 -16.55
CA PHE F 225 -3.72 -25.66 -15.58
C PHE F 225 -2.61 -24.77 -15.00
N THR F 226 -2.81 -23.45 -15.06
CA THR F 226 -1.94 -22.42 -14.43
C THR F 226 -2.83 -21.58 -13.52
N GLY F 227 -2.73 -21.79 -12.20
CA GLY F 227 -3.57 -21.11 -11.19
C GLY F 227 -2.85 -19.91 -10.60
N GLY F 228 -3.57 -18.89 -10.16
CA GLY F 228 -2.98 -17.77 -9.41
C GLY F 228 -3.62 -16.44 -9.76
N GLU F 229 -3.56 -15.48 -8.84
CA GLU F 229 -4.23 -14.16 -8.94
C GLU F 229 -3.80 -13.45 -10.23
N ASN F 230 -2.50 -13.43 -10.52
CA ASN F 230 -1.87 -12.51 -11.50
C ASN F 230 -1.13 -13.29 -12.60
N VAL F 231 -1.41 -14.58 -12.77
CA VAL F 231 -0.79 -15.45 -13.80
C VAL F 231 -0.93 -14.79 -15.17
N PRO F 232 0.17 -14.55 -15.92
CA PRO F 232 0.07 -14.05 -17.29
C PRO F 232 -0.36 -15.13 -18.28
N PRO F 233 -1.35 -14.88 -19.15
CA PRO F 233 -1.62 -15.78 -20.27
C PRO F 233 -0.41 -15.83 -21.20
N VAL F 234 -0.01 -17.04 -21.60
CA VAL F 234 1.09 -17.29 -22.57
C VAL F 234 0.53 -18.24 -23.64
N LEU F 235 0.31 -17.76 -24.86
CA LEU F 235 -0.34 -18.55 -25.94
C LEU F 235 0.49 -18.41 -27.22
N HIS F 236 0.71 -19.55 -27.88
CA HIS F 236 1.54 -19.70 -29.10
C HIS F 236 0.62 -20.03 -30.27
N VAL F 237 0.91 -19.45 -31.44
CA VAL F 237 0.26 -19.81 -32.73
C VAL F 237 1.36 -20.17 -33.73
N THR F 238 1.13 -21.23 -34.49
CA THR F 238 1.95 -21.61 -35.67
C THR F 238 1.21 -22.70 -36.46
N ASN F 239 1.27 -22.62 -37.78
CA ASN F 239 0.71 -23.66 -38.69
C ASN F 239 1.80 -24.68 -39.04
N THR F 240 2.94 -24.68 -38.33
CA THR F 240 4.08 -25.62 -38.56
C THR F 240 4.14 -26.71 -37.49
N ALA F 241 3.29 -26.65 -36.45
CA ALA F 241 3.25 -27.61 -35.32
C ALA F 241 2.15 -28.65 -35.56
N THR F 242 2.48 -29.92 -35.38
CA THR F 242 1.57 -31.09 -35.51
C THR F 242 1.79 -32.00 -34.30
N THR F 243 0.70 -32.46 -33.65
CA THR F 243 0.75 -33.44 -32.54
C THR F 243 0.36 -34.81 -33.09
N VAL F 244 1.23 -35.81 -32.93
CA VAL F 244 0.98 -37.22 -33.35
C VAL F 244 -0.01 -37.83 -32.36
N LEU F 245 -1.04 -38.51 -32.86
CA LEU F 245 -2.11 -39.13 -32.05
C LEU F 245 -1.92 -40.65 -31.94
N LEU F 246 -0.89 -41.20 -32.57
CA LEU F 246 -0.58 -42.67 -32.53
C LEU F 246 -0.06 -43.02 -31.14
N ASP F 247 -0.48 -44.16 -30.61
CA ASP F 247 -0.04 -44.68 -29.29
C ASP F 247 1.29 -45.43 -29.46
N GLU F 248 1.77 -46.07 -28.39
CA GLU F 248 3.04 -46.86 -28.36
C GLU F 248 3.02 -47.95 -29.46
N GLN F 249 1.85 -48.53 -29.77
CA GLN F 249 1.67 -49.61 -30.77
C GLN F 249 1.55 -49.03 -32.20
N GLY F 250 1.59 -47.70 -32.38
CA GLY F 250 1.44 -47.03 -33.69
C GLY F 250 0.00 -46.97 -34.15
N VAL F 251 -0.97 -47.02 -33.23
CA VAL F 251 -2.43 -46.98 -33.53
C VAL F 251 -3.01 -45.67 -32.98
N GLY F 252 -3.63 -44.87 -33.84
CA GLY F 252 -4.36 -43.65 -33.47
C GLY F 252 -5.78 -43.98 -33.00
N PRO F 253 -6.53 -43.00 -32.45
CA PRO F 253 -7.95 -43.19 -32.17
C PRO F 253 -8.71 -43.73 -33.38
N LEU F 254 -9.52 -44.78 -33.18
CA LEU F 254 -10.35 -45.44 -34.23
C LEU F 254 -11.78 -44.92 -34.11
N CYS F 255 -12.29 -44.31 -35.18
CA CYS F 255 -13.53 -43.52 -35.18
C CYS F 255 -14.73 -44.46 -35.36
N LYS F 256 -15.32 -44.85 -34.23
CA LYS F 256 -16.55 -45.68 -34.15
C LYS F 256 -17.74 -44.90 -34.74
N ALA F 257 -18.56 -45.58 -35.54
CA ALA F 257 -19.74 -45.02 -36.26
C ALA F 257 -19.31 -43.82 -37.12
N ASP F 258 -18.12 -43.88 -37.73
CA ASP F 258 -17.55 -42.84 -38.64
C ASP F 258 -17.72 -41.45 -38.00
N SER F 259 -17.42 -41.33 -36.70
CA SER F 259 -17.56 -40.10 -35.89
C SER F 259 -16.22 -39.80 -35.18
N LEU F 260 -15.76 -38.55 -35.30
CA LEU F 260 -14.58 -38.00 -34.60
C LEU F 260 -15.09 -37.04 -33.52
N TYR F 261 -14.56 -37.15 -32.31
CA TYR F 261 -14.93 -36.27 -31.16
C TYR F 261 -13.75 -35.32 -30.88
N VAL F 262 -14.04 -34.01 -30.92
CA VAL F 262 -13.10 -32.93 -30.49
C VAL F 262 -13.71 -32.29 -29.25
N SER F 263 -12.86 -32.03 -28.25
CA SER F 263 -13.22 -31.46 -26.93
C SER F 263 -12.19 -30.41 -26.56
N ALA F 264 -12.62 -29.36 -25.87
CA ALA F 264 -11.72 -28.24 -25.49
C ALA F 264 -12.25 -27.51 -24.26
N ALA F 265 -11.33 -26.89 -23.54
CA ALA F 265 -11.58 -25.83 -22.54
C ALA F 265 -10.39 -24.86 -22.63
N ASP F 266 -10.66 -23.59 -22.93
CA ASP F 266 -9.62 -22.55 -23.11
C ASP F 266 -10.07 -21.30 -22.34
N ILE F 267 -10.03 -21.42 -21.00
CA ILE F 267 -10.22 -20.28 -20.06
C ILE F 267 -8.89 -19.52 -20.05
N CYS F 268 -8.87 -18.31 -20.62
CA CYS F 268 -7.64 -17.53 -20.87
C CYS F 268 -7.23 -16.75 -19.62
N GLY F 269 -8.18 -16.48 -18.72
CA GLY F 269 -7.97 -15.74 -17.47
C GLY F 269 -9.21 -14.96 -17.10
N LEU F 270 -9.03 -13.97 -16.23
CA LEU F 270 -10.13 -13.13 -15.72
C LEU F 270 -10.04 -11.74 -16.34
N PHE F 271 -11.17 -11.24 -16.83
CA PHE F 271 -11.40 -9.85 -17.25
C PHE F 271 -11.89 -9.08 -16.03
N THR F 272 -11.31 -7.90 -15.76
CA THR F 272 -11.67 -7.04 -14.61
C THR F 272 -12.38 -5.78 -15.11
N ASN F 273 -13.66 -5.61 -14.76
CA ASN F 273 -14.46 -4.39 -15.05
C ASN F 273 -13.96 -3.23 -14.18
N SER F 274 -14.37 -1.99 -14.49
CA SER F 274 -13.99 -0.76 -13.75
C SER F 274 -14.34 -0.88 -12.27
N SER F 275 -15.41 -1.63 -11.96
CA SER F 275 -15.93 -1.91 -10.60
C SER F 275 -15.01 -2.86 -9.80
N GLY F 276 -14.13 -3.61 -10.46
CA GLY F 276 -13.35 -4.69 -9.83
C GLY F 276 -13.97 -6.06 -10.02
N THR F 277 -15.19 -6.16 -10.56
CA THR F 277 -15.82 -7.49 -10.83
C THR F 277 -15.00 -8.21 -11.90
N GLN F 278 -14.97 -9.54 -11.80
CA GLN F 278 -14.12 -10.40 -12.65
C GLN F 278 -15.02 -11.38 -13.40
N GLN F 279 -14.71 -11.61 -14.68
CA GLN F 279 -15.43 -12.56 -15.56
C GLN F 279 -14.39 -13.41 -16.28
N TRP F 280 -14.62 -14.71 -16.38
CA TRP F 280 -13.79 -15.61 -17.20
C TRP F 280 -13.92 -15.16 -18.66
N ARG F 281 -12.80 -15.08 -19.38
CA ARG F 281 -12.77 -14.89 -20.85
C ARG F 281 -12.27 -16.20 -21.47
N GLY F 282 -13.01 -16.71 -22.46
CA GLY F 282 -12.62 -17.89 -23.24
C GLY F 282 -12.45 -17.55 -24.70
N LEU F 283 -11.73 -18.39 -25.43
CA LEU F 283 -11.51 -18.25 -26.89
C LEU F 283 -11.79 -19.60 -27.55
N ALA F 284 -12.20 -19.55 -28.82
CA ALA F 284 -12.41 -20.73 -29.68
C ALA F 284 -11.08 -21.47 -29.87
N ARG F 285 -11.15 -22.77 -30.12
CA ARG F 285 -9.99 -23.62 -30.48
C ARG F 285 -10.25 -24.19 -31.87
N TYR F 286 -9.27 -24.06 -32.76
CA TYR F 286 -9.24 -24.68 -34.11
C TYR F 286 -8.64 -26.08 -33.98
N PHE F 287 -9.21 -27.04 -34.71
CA PHE F 287 -8.69 -28.42 -34.89
C PHE F 287 -8.59 -28.73 -36.39
N LYS F 288 -7.45 -29.26 -36.83
CA LYS F 288 -7.30 -29.92 -38.15
C LYS F 288 -6.73 -31.32 -37.90
N ILE F 289 -7.53 -32.36 -38.16
CA ILE F 289 -7.18 -33.79 -37.89
C ILE F 289 -6.94 -34.49 -39.22
N ARG F 290 -5.76 -35.07 -39.41
CA ARG F 290 -5.45 -35.99 -40.52
C ARG F 290 -5.84 -37.41 -40.09
N LEU F 291 -6.62 -38.12 -40.93
CA LEU F 291 -7.08 -39.50 -40.66
C LEU F 291 -6.66 -40.41 -41.82
N ARG F 292 -6.44 -41.70 -41.54
CA ARG F 292 -6.16 -42.75 -42.55
C ARG F 292 -7.12 -43.92 -42.35
N LYS F 293 -7.34 -44.71 -43.40
CA LYS F 293 -8.21 -45.92 -43.38
C LYS F 293 -7.42 -47.06 -42.71
N ARG F 294 -8.03 -47.70 -41.72
CA ARG F 294 -7.46 -48.83 -40.97
C ARG F 294 -8.39 -50.03 -41.09
N SER F 295 -7.88 -51.17 -41.54
CA SER F 295 -8.58 -52.47 -41.56
C SER F 295 -8.73 -52.98 -40.12
N VAL F 296 -9.93 -53.43 -39.77
CA VAL F 296 -10.31 -53.89 -38.41
C VAL F 296 -11.12 -55.20 -38.54
N LYS F 297 -11.09 -56.02 -37.51
CA LYS F 297 -11.84 -57.30 -37.38
C LYS F 297 -12.42 -57.39 -35.96
N ASN F 298 -13.65 -57.92 -35.83
CA ASN F 298 -14.33 -58.13 -34.52
C ASN F 298 -13.52 -59.12 -33.68
N GLN G 1 -7.93 12.67 -12.23
CA GLN G 1 -8.48 13.32 -10.98
C GLN G 1 -7.56 14.45 -10.47
N VAL G 2 -6.57 14.93 -11.24
CA VAL G 2 -5.69 16.07 -10.87
C VAL G 2 -6.58 17.30 -10.71
N GLN G 3 -6.47 18.00 -9.57
CA GLN G 3 -7.37 19.11 -9.16
C GLN G 3 -6.53 20.36 -8.91
N LEU G 4 -6.84 21.46 -9.61
CA LEU G 4 -6.19 22.79 -9.48
C LEU G 4 -7.14 23.74 -8.74
N GLN G 5 -6.68 24.30 -7.63
CA GLN G 5 -7.42 25.29 -6.80
C GLN G 5 -6.69 26.63 -6.87
N GLN G 6 -7.38 27.67 -7.35
CA GLN G 6 -6.82 29.00 -7.69
C GLN G 6 -7.30 30.04 -6.67
N TRP G 7 -6.44 30.97 -6.25
CA TRP G 7 -6.81 32.14 -5.38
C TRP G 7 -5.82 33.30 -5.56
N GLY G 8 -6.16 34.46 -4.98
CA GLY G 8 -5.39 35.71 -5.03
C GLY G 8 -6.28 36.92 -5.25
N ALA G 9 -5.79 38.12 -4.93
CA ALA G 9 -6.51 39.41 -5.05
C ALA G 9 -6.76 39.71 -6.52
N GLY G 10 -8.03 39.87 -6.92
CA GLY G 10 -8.47 40.18 -8.29
C GLY G 10 -8.48 41.68 -8.59
N LEU G 11 -8.72 42.53 -7.60
CA LEU G 11 -8.97 43.98 -7.79
C LEU G 11 -7.66 44.76 -7.57
N LEU G 12 -7.18 45.44 -8.61
CA LEU G 12 -5.90 46.21 -8.59
C LEU G 12 -6.11 47.58 -9.23
N LYS G 13 -5.33 48.57 -8.77
CA LYS G 13 -5.16 49.90 -9.40
C LYS G 13 -3.92 49.86 -10.27
N PRO G 14 -3.85 50.67 -11.36
CA PRO G 14 -2.66 50.71 -12.22
C PRO G 14 -1.35 50.87 -11.45
N SER G 15 -0.30 50.18 -11.89
CA SER G 15 1.10 50.19 -11.35
C SER G 15 1.28 49.12 -10.27
N GLU G 16 0.21 48.57 -9.69
CA GLU G 16 0.29 47.54 -8.61
C GLU G 16 0.76 46.20 -9.18
N THR G 17 1.05 45.22 -8.32
CA THR G 17 1.54 43.87 -8.69
C THR G 17 0.40 42.87 -8.52
N LEU G 18 0.04 42.17 -9.60
CA LEU G 18 -0.85 40.98 -9.55
C LEU G 18 -0.09 39.82 -8.91
N SER G 19 -0.70 39.16 -7.93
CA SER G 19 -0.17 37.95 -7.26
C SER G 19 -1.27 36.88 -7.21
N LEU G 20 -1.09 35.78 -7.95
CA LEU G 20 -2.03 34.61 -7.94
C LEU G 20 -1.25 33.36 -7.53
N THR G 21 -1.94 32.43 -6.85
CA THR G 21 -1.40 31.11 -6.45
C THR G 21 -2.37 30.03 -6.94
N CYS G 22 -1.80 28.93 -7.42
CA CYS G 22 -2.52 27.68 -7.80
C CYS G 22 -2.02 26.57 -6.90
N ALA G 23 -2.91 25.85 -6.22
CA ALA G 23 -2.61 24.63 -5.43
C ALA G 23 -2.98 23.39 -6.26
N VAL G 24 -2.09 22.40 -6.28
CA VAL G 24 -2.32 21.06 -6.90
C VAL G 24 -2.77 20.11 -5.79
N TYR G 25 -4.08 19.85 -5.71
CA TYR G 25 -4.74 19.24 -4.52
C TYR G 25 -4.71 17.71 -4.65
N ARG G 26 -4.88 17.21 -5.87
CA ARG G 26 -4.65 15.78 -6.22
C ARG G 26 -3.68 15.73 -7.41
N GLY G 27 -2.92 14.63 -7.51
CA GLY G 27 -1.97 14.38 -8.60
C GLY G 27 -0.54 14.74 -8.21
N SER G 28 0.44 14.16 -8.91
CA SER G 28 1.89 14.37 -8.65
C SER G 28 2.30 15.77 -9.09
N PHE G 29 2.83 16.58 -8.17
CA PHE G 29 3.32 17.95 -8.45
C PHE G 29 4.52 17.89 -9.41
N SER G 30 5.39 16.88 -9.29
CA SER G 30 6.66 16.77 -10.05
C SER G 30 6.43 16.29 -11.49
N ALA G 31 5.25 15.76 -11.83
CA ALA G 31 5.00 15.04 -13.10
C ALA G 31 4.52 15.97 -14.24
N TYR G 32 4.25 17.26 -13.98
CA TYR G 32 3.62 18.17 -14.98
C TYR G 32 4.37 19.51 -15.06
N TYR G 33 4.30 20.13 -16.23
CA TYR G 33 4.62 21.56 -16.45
C TYR G 33 3.39 22.37 -16.03
N TRP G 34 3.61 23.37 -15.18
CA TRP G 34 2.56 24.25 -14.62
C TRP G 34 2.56 25.58 -15.39
N THR G 35 1.40 25.97 -15.91
CA THR G 35 1.24 27.05 -16.92
C THR G 35 0.22 28.08 -16.42
N TRP G 36 0.44 29.36 -16.75
CA TRP G 36 -0.54 30.46 -16.58
C TRP G 36 -1.01 30.96 -17.94
N PHE G 37 -2.33 31.15 -18.08
CA PHE G 37 -3.00 31.80 -19.23
C PHE G 37 -3.84 32.98 -18.72
N ARG G 38 -4.22 33.90 -19.60
CA ARG G 38 -5.28 34.91 -19.31
C ARG G 38 -6.17 35.09 -20.54
N GLN G 39 -7.43 35.49 -20.30
CA GLN G 39 -8.47 35.75 -21.32
C GLN G 39 -9.13 37.10 -21.01
N PRO G 40 -8.75 38.20 -21.71
CA PRO G 40 -9.47 39.47 -21.58
C PRO G 40 -10.95 39.34 -21.93
N PRO G 41 -11.85 40.14 -21.32
CA PRO G 41 -13.30 39.99 -21.54
C PRO G 41 -13.68 40.01 -23.04
N GLY G 42 -14.36 38.95 -23.49
CA GLY G 42 -14.86 38.79 -24.87
C GLY G 42 -13.76 38.68 -25.91
N LYS G 43 -12.57 38.21 -25.53
CA LYS G 43 -11.42 37.98 -26.43
C LYS G 43 -10.98 36.51 -26.33
N GLY G 44 -9.97 36.12 -27.12
CA GLY G 44 -9.31 34.81 -27.04
C GLY G 44 -8.32 34.75 -25.88
N LEU G 45 -7.53 33.68 -25.80
CA LEU G 45 -6.60 33.43 -24.68
C LEU G 45 -5.16 33.81 -25.06
N GLU G 46 -4.38 34.18 -24.05
CA GLU G 46 -2.95 34.51 -24.14
C GLU G 46 -2.17 33.59 -23.19
N TRP G 47 -1.10 32.97 -23.69
CA TRP G 47 -0.15 32.16 -22.88
C TRP G 47 0.79 33.13 -22.16
N ILE G 48 0.88 33.03 -20.83
CA ILE G 48 1.72 33.94 -19.99
C ILE G 48 3.10 33.31 -19.85
N GLY G 49 3.15 32.06 -19.36
CA GLY G 49 4.41 31.34 -19.12
C GLY G 49 4.18 30.02 -18.38
N GLU G 50 5.27 29.35 -18.02
CA GLU G 50 5.21 28.00 -17.40
C GLU G 50 6.46 27.75 -16.56
N ILE G 51 6.39 26.71 -15.72
CA ILE G 51 7.46 26.29 -14.78
C ILE G 51 7.35 24.77 -14.58
N ASN G 52 8.45 24.10 -14.23
CA ASN G 52 8.44 22.69 -13.76
C ASN G 52 8.82 22.68 -12.27
N HIS G 53 8.85 21.50 -11.63
CA HIS G 53 9.04 21.36 -10.16
C HIS G 53 10.45 21.81 -9.75
N ARG G 54 11.42 21.86 -10.68
CA ARG G 54 12.81 22.33 -10.43
C ARG G 54 12.94 23.84 -10.64
N GLY G 55 11.89 24.51 -11.10
CA GLY G 55 11.80 25.98 -11.17
C GLY G 55 12.26 26.55 -12.50
N TYR G 56 12.50 25.71 -13.52
CA TYR G 56 12.88 26.18 -14.88
C TYR G 56 11.64 26.80 -15.53
N THR G 57 11.78 28.05 -16.00
CA THR G 57 10.65 28.89 -16.49
C THR G 57 10.84 29.23 -17.98
N ASN G 58 9.73 29.46 -18.67
CA ASN G 58 9.66 30.08 -20.02
C ASN G 58 8.49 31.05 -20.02
N TYR G 59 8.68 32.26 -20.53
CA TYR G 59 7.68 33.36 -20.51
C TYR G 59 7.39 33.83 -21.94
N ASN G 60 6.17 34.33 -22.15
CA ASN G 60 5.77 35.05 -23.39
C ASN G 60 6.50 36.40 -23.42
N PRO G 61 7.23 36.75 -24.50
CA PRO G 61 7.79 38.10 -24.66
C PRO G 61 6.78 39.25 -24.57
N SER G 62 5.49 38.99 -24.89
CA SER G 62 4.38 39.98 -24.90
C SER G 62 4.23 40.73 -23.57
N LEU G 63 4.62 40.11 -22.45
CA LEU G 63 4.45 40.71 -21.09
C LEU G 63 5.64 41.57 -20.70
N ARG G 64 6.65 41.73 -21.58
CA ARG G 64 7.69 42.80 -21.53
C ARG G 64 8.50 42.72 -20.23
N GLY G 65 8.88 41.51 -19.82
CA GLY G 65 9.71 41.24 -18.61
C GLY G 65 9.04 41.60 -17.30
N ARG G 66 7.71 41.77 -17.28
CA ARG G 66 6.93 42.15 -16.07
C ARG G 66 6.51 40.90 -15.28
N VAL G 67 6.67 39.71 -15.86
CA VAL G 67 6.07 38.44 -15.34
C VAL G 67 7.15 37.60 -14.65
N SER G 68 6.78 37.02 -13.51
CA SER G 68 7.58 36.01 -12.75
C SER G 68 6.65 34.85 -12.37
N ILE G 69 7.12 33.61 -12.53
CA ILE G 69 6.42 32.38 -12.06
C ILE G 69 7.38 31.65 -11.11
N SER G 70 6.86 31.17 -9.98
CA SER G 70 7.62 30.39 -8.96
C SER G 70 6.86 29.13 -8.59
N VAL G 71 7.57 28.16 -7.99
CA VAL G 71 7.00 26.90 -7.43
C VAL G 71 7.35 26.82 -5.95
N ASP G 72 6.45 26.25 -5.14
CA ASP G 72 6.70 25.81 -3.74
C ASP G 72 6.39 24.32 -3.68
N THR G 73 7.43 23.47 -3.78
CA THR G 73 7.30 21.99 -3.84
C THR G 73 6.78 21.45 -2.51
N SER G 74 7.08 22.10 -1.39
CA SER G 74 6.61 21.69 -0.04
C SER G 74 5.08 21.83 0.05
N LYS G 75 4.51 22.90 -0.53
CA LYS G 75 3.04 23.18 -0.51
C LYS G 75 2.34 22.64 -1.77
N LYS G 76 3.11 22.20 -2.77
CA LYS G 76 2.59 21.76 -4.10
C LYS G 76 1.77 22.91 -4.69
N GLN G 77 2.37 24.10 -4.73
CA GLN G 77 1.77 25.35 -5.23
C GLN G 77 2.72 25.98 -6.25
N PHE G 78 2.17 26.72 -7.20
CA PHE G 78 2.93 27.60 -8.11
C PHE G 78 2.19 28.94 -8.22
N SER G 79 2.95 30.00 -8.46
CA SER G 79 2.47 31.40 -8.31
C SER G 79 2.82 32.22 -9.55
N LEU G 80 1.99 33.23 -9.83
CA LEU G 80 2.20 34.23 -10.92
C LEU G 80 2.38 35.60 -10.24
N LYS G 81 3.43 36.33 -10.62
CA LYS G 81 3.59 37.76 -10.27
C LYS G 81 3.70 38.55 -11.58
N LEU G 82 2.77 39.49 -11.80
CA LEU G 82 2.76 40.41 -12.96
C LEU G 82 2.90 41.84 -12.43
N ARG G 83 4.00 42.50 -12.77
CA ARG G 83 4.38 43.83 -12.23
C ARG G 83 3.72 44.93 -13.07
N SER G 84 3.51 46.11 -12.47
CA SER G 84 3.19 47.37 -13.17
C SER G 84 1.92 47.19 -14.03
N VAL G 85 0.83 46.75 -13.41
CA VAL G 85 -0.42 46.37 -14.14
C VAL G 85 -1.07 47.64 -14.71
N ASN G 86 -1.76 47.50 -15.85
CA ASN G 86 -2.55 48.56 -16.53
C ASN G 86 -3.88 47.96 -16.98
N ALA G 87 -4.77 48.79 -17.55
CA ALA G 87 -6.15 48.41 -17.96
C ALA G 87 -6.14 47.16 -18.85
N ALA G 88 -5.13 47.01 -19.72
CA ALA G 88 -5.01 45.91 -20.70
C ALA G 88 -4.69 44.57 -20.00
N ASP G 89 -4.35 44.55 -18.70
CA ASP G 89 -4.11 43.31 -17.92
C ASP G 89 -5.43 42.78 -17.33
N THR G 90 -6.54 43.50 -17.50
CA THR G 90 -7.90 43.04 -17.11
C THR G 90 -8.21 41.75 -17.88
N ALA G 91 -8.48 40.66 -17.17
CA ALA G 91 -8.70 39.31 -17.74
C ALA G 91 -9.08 38.33 -16.64
N VAL G 92 -9.65 37.20 -17.05
CA VAL G 92 -9.68 35.96 -16.23
C VAL G 92 -8.32 35.28 -16.43
N TYR G 93 -7.59 35.07 -15.33
CA TYR G 93 -6.27 34.37 -15.30
C TYR G 93 -6.54 32.92 -14.90
N TYR G 94 -5.96 31.96 -15.63
CA TYR G 94 -6.11 30.51 -15.39
C TYR G 94 -4.73 29.89 -15.14
N CYS G 95 -4.62 29.04 -14.11
CA CYS G 95 -3.51 28.06 -13.99
C CYS G 95 -3.93 26.77 -14.70
N ALA G 96 -2.96 26.02 -15.23
CA ALA G 96 -3.23 24.78 -16.00
C ALA G 96 -1.97 23.93 -16.14
N THR G 97 -2.15 22.68 -16.55
CA THR G 97 -1.10 21.87 -17.20
C THR G 97 -1.63 21.35 -18.52
N LEU G 98 -0.83 21.54 -19.57
CA LEU G 98 -1.10 21.05 -20.95
C LEU G 98 -0.28 19.78 -21.24
N ARG G 99 0.74 19.44 -20.44
CA ARG G 99 1.51 18.20 -20.67
C ARG G 99 2.36 17.82 -19.44
N SER G 100 2.70 16.53 -19.36
CA SER G 100 3.60 15.95 -18.34
C SER G 100 5.05 16.33 -18.65
N THR G 101 5.94 16.06 -17.70
CA THR G 101 7.41 16.25 -17.85
C THR G 101 7.99 15.31 -18.90
N SER G 102 7.27 14.25 -19.33
CA SER G 102 7.68 13.38 -20.45
C SER G 102 7.70 14.16 -21.78
N GLY G 103 6.84 15.18 -21.90
CA GLY G 103 6.85 16.11 -23.05
C GLY G 103 5.49 16.28 -23.71
N TRP G 104 5.47 17.05 -24.81
CA TRP G 104 4.26 17.53 -25.51
C TRP G 104 3.41 16.38 -26.06
N HIS G 105 4.00 15.21 -26.34
CA HIS G 105 3.23 14.01 -26.77
C HIS G 105 2.24 13.60 -25.67
N ASP G 106 2.58 13.83 -24.39
CA ASP G 106 1.78 13.42 -23.22
C ASP G 106 0.92 14.61 -22.77
N TYR G 107 -0.09 14.93 -23.56
CA TYR G 107 -0.88 16.18 -23.50
C TYR G 107 -2.04 16.01 -22.52
N PHE G 108 -2.33 17.05 -21.73
CA PHE G 108 -3.34 17.06 -20.64
C PHE G 108 -4.24 18.29 -20.75
N ASP G 109 -5.29 18.31 -19.91
CA ASP G 109 -6.36 19.34 -19.92
C ASP G 109 -6.86 19.59 -18.50
N TYR G 110 -5.97 19.94 -17.58
CA TYR G 110 -6.31 20.32 -16.19
C TYR G 110 -6.22 21.84 -16.06
N TRP G 111 -7.32 22.51 -15.71
CA TRP G 111 -7.45 23.97 -15.56
C TRP G 111 -7.94 24.30 -14.15
N GLY G 112 -7.43 25.38 -13.55
CA GLY G 112 -8.07 26.03 -12.38
C GLY G 112 -9.41 26.63 -12.76
N GLN G 113 -10.16 27.11 -11.76
CA GLN G 113 -11.51 27.72 -11.93
C GLN G 113 -11.38 29.07 -12.64
N GLY G 114 -10.21 29.71 -12.55
CA GLY G 114 -9.95 31.06 -13.08
C GLY G 114 -10.15 32.11 -12.01
N THR G 115 -9.44 33.24 -12.12
CA THR G 115 -9.58 34.44 -11.25
C THR G 115 -9.82 35.65 -12.14
N LEU G 116 -10.96 36.33 -11.96
CA LEU G 116 -11.22 37.65 -12.61
C LEU G 116 -10.28 38.67 -11.98
N VAL G 117 -9.35 39.19 -12.78
CA VAL G 117 -8.43 40.30 -12.38
C VAL G 117 -8.90 41.55 -13.13
N THR G 118 -9.33 42.57 -12.38
CA THR G 118 -9.74 43.91 -12.90
C THR G 118 -8.65 44.91 -12.51
N VAL G 119 -8.06 45.58 -13.51
CA VAL G 119 -7.11 46.71 -13.33
C VAL G 119 -7.82 47.99 -13.76
N SER G 120 -8.04 48.90 -12.81
CA SER G 120 -8.74 50.19 -13.01
C SER G 120 -8.54 51.11 -11.80
N SER G 121 -8.43 52.42 -12.05
CA SER G 121 -8.32 53.49 -11.02
C SER G 121 -9.67 53.74 -10.35
N ALA G 122 -10.76 53.20 -10.91
CA ALA G 122 -12.13 53.22 -10.31
C ALA G 122 -12.10 52.56 -8.93
N SER G 123 -12.96 53.02 -8.02
CA SER G 123 -13.15 52.48 -6.64
C SER G 123 -14.37 51.56 -6.61
N THR G 124 -14.40 50.60 -5.69
CA THR G 124 -15.51 49.63 -5.50
C THR G 124 -16.81 50.42 -5.25
N LYS G 125 -17.86 50.12 -6.02
CA LYS G 125 -19.18 50.76 -5.92
C LYS G 125 -20.26 49.71 -6.18
N GLY G 126 -21.25 49.62 -5.29
CA GLY G 126 -22.44 48.75 -5.47
C GLY G 126 -23.38 49.32 -6.53
N PRO G 127 -24.22 48.49 -7.19
CA PRO G 127 -25.14 48.98 -8.20
C PRO G 127 -26.37 49.70 -7.62
N SER G 128 -26.89 50.65 -8.39
CA SER G 128 -28.29 51.14 -8.28
C SER G 128 -29.17 50.19 -9.11
N VAL G 129 -30.25 49.70 -8.53
CA VAL G 129 -31.21 48.76 -9.18
C VAL G 129 -32.51 49.53 -9.40
N PHE G 130 -32.83 49.85 -10.66
CA PHE G 130 -34.06 50.58 -11.06
C PHE G 130 -35.02 49.58 -11.70
N PRO G 131 -36.34 49.63 -11.40
CA PRO G 131 -37.30 48.73 -12.04
C PRO G 131 -37.54 49.13 -13.51
N LEU G 132 -37.69 48.13 -14.37
CA LEU G 132 -38.25 48.28 -15.75
C LEU G 132 -39.68 47.75 -15.69
N ALA G 133 -40.63 48.65 -15.39
CA ALA G 133 -42.02 48.32 -15.01
C ALA G 133 -42.81 47.91 -16.24
N PRO G 134 -43.63 46.83 -16.17
CA PRO G 134 -44.48 46.43 -17.28
C PRO G 134 -45.64 47.42 -17.45
N SER G 135 -45.90 47.82 -18.70
CA SER G 135 -46.91 48.83 -19.09
C SER G 135 -47.49 48.46 -20.46
N SER G 136 -48.33 49.32 -21.04
CA SER G 136 -48.88 49.22 -22.42
C SER G 136 -47.76 49.25 -23.45
N LYS G 137 -46.64 49.93 -23.16
CA LYS G 137 -45.47 50.11 -24.08
C LYS G 137 -44.48 48.94 -23.96
N SER G 138 -44.68 48.01 -23.00
CA SER G 138 -43.79 46.84 -22.78
C SER G 138 -44.57 45.51 -22.74
N THR G 139 -45.78 45.47 -23.28
CA THR G 139 -46.69 44.29 -23.27
C THR G 139 -47.26 44.07 -24.67
N SER G 140 -47.48 42.82 -25.05
CA SER G 140 -47.79 42.38 -26.44
C SER G 140 -48.58 41.06 -26.39
N GLY G 141 -49.90 41.10 -26.67
CA GLY G 141 -50.80 39.94 -26.59
C GLY G 141 -50.86 39.37 -25.18
N GLY G 142 -50.58 38.08 -25.02
CA GLY G 142 -50.54 37.38 -23.71
C GLY G 142 -49.19 37.48 -22.98
N THR G 143 -48.27 38.33 -23.43
CA THR G 143 -46.88 38.50 -22.92
C THR G 143 -46.72 39.91 -22.35
N ALA G 144 -46.17 40.02 -21.13
CA ALA G 144 -45.67 41.28 -20.53
C ALA G 144 -44.17 41.14 -20.31
N ALA G 145 -43.42 42.19 -20.65
CA ALA G 145 -41.96 42.30 -20.44
C ALA G 145 -41.72 43.23 -19.25
N LEU G 146 -40.86 42.79 -18.31
CA LEU G 146 -40.40 43.59 -17.16
C LEU G 146 -38.92 43.28 -16.91
N GLY G 147 -38.26 44.09 -16.07
CA GLY G 147 -36.83 43.87 -15.77
C GLY G 147 -36.33 44.71 -14.62
N CYS G 148 -35.02 44.67 -14.42
CA CYS G 148 -34.25 45.56 -13.52
C CYS G 148 -33.04 46.11 -14.27
N LEU G 149 -32.85 47.44 -14.23
CA LEU G 149 -31.63 48.11 -14.72
C LEU G 149 -30.62 48.15 -13.57
N VAL G 150 -29.49 47.45 -13.73
CA VAL G 150 -28.42 47.32 -12.70
C VAL G 150 -27.27 48.23 -13.13
N LYS G 151 -27.27 49.47 -12.64
CA LYS G 151 -26.48 50.60 -13.20
C LYS G 151 -25.38 51.02 -12.24
N ASP G 152 -24.19 51.32 -12.80
CA ASP G 152 -23.09 52.10 -12.15
C ASP G 152 -22.49 51.32 -10.98
N TYR G 153 -21.96 50.12 -11.27
CA TYR G 153 -21.23 49.27 -10.29
C TYR G 153 -19.81 49.00 -10.78
N PHE G 154 -18.92 48.67 -9.84
CA PHE G 154 -17.51 48.31 -10.11
C PHE G 154 -16.97 47.48 -8.94
N PRO G 155 -16.18 46.41 -9.19
CA PRO G 155 -15.93 45.84 -10.52
C PRO G 155 -17.04 44.86 -10.93
N GLU G 156 -16.84 44.11 -12.02
CA GLU G 156 -17.58 42.86 -12.31
C GLU G 156 -17.22 41.83 -11.24
N PRO G 157 -18.06 40.80 -10.95
CA PRO G 157 -19.38 40.63 -11.55
C PRO G 157 -20.55 41.00 -10.62
N VAL G 158 -21.76 41.06 -11.21
CA VAL G 158 -23.05 41.06 -10.48
CA VAL G 158 -23.06 41.05 -10.48
C VAL G 158 -23.79 39.77 -10.87
N THR G 159 -24.55 39.19 -9.93
CA THR G 159 -25.45 38.05 -10.19
C THR G 159 -26.89 38.55 -10.03
N VAL G 160 -27.76 38.13 -10.94
CA VAL G 160 -29.20 38.49 -10.92
C VAL G 160 -29.99 37.19 -11.01
N SER G 161 -30.95 37.03 -10.11
CA SER G 161 -32.01 35.99 -10.20
C SER G 161 -33.37 36.68 -10.12
N TRP G 162 -34.43 35.94 -10.45
CA TRP G 162 -35.83 36.39 -10.32
C TRP G 162 -36.58 35.45 -9.37
N ASN G 163 -37.27 36.02 -8.38
CA ASN G 163 -38.03 35.30 -7.32
C ASN G 163 -37.13 34.22 -6.71
N SER G 164 -35.91 34.61 -6.31
CA SER G 164 -34.90 33.79 -5.60
C SER G 164 -34.50 32.55 -6.42
N GLY G 165 -34.48 32.67 -7.76
CA GLY G 165 -34.04 31.61 -8.69
C GLY G 165 -35.17 30.70 -9.14
N ALA G 166 -36.42 30.97 -8.72
CA ALA G 166 -37.63 30.18 -9.08
C ALA G 166 -38.08 30.52 -10.52
N LEU G 167 -37.85 31.76 -10.97
CA LEU G 167 -38.18 32.24 -12.35
C LEU G 167 -36.89 32.26 -13.19
N THR G 168 -36.76 31.29 -14.11
CA THR G 168 -35.64 31.16 -15.08
C THR G 168 -36.14 31.23 -16.52
N SER G 169 -37.37 30.79 -16.81
CA SER G 169 -37.97 30.81 -18.18
C SER G 169 -38.23 32.25 -18.63
N GLY G 170 -37.75 32.62 -19.82
CA GLY G 170 -37.94 33.96 -20.42
C GLY G 170 -36.98 35.01 -19.89
N VAL G 171 -36.05 34.65 -18.99
CA VAL G 171 -35.08 35.59 -18.36
C VAL G 171 -33.92 35.82 -19.33
N HIS G 172 -33.59 37.08 -19.59
CA HIS G 172 -32.40 37.53 -20.37
C HIS G 172 -31.65 38.57 -19.53
N THR G 173 -30.49 38.19 -18.98
CA THR G 173 -29.55 39.09 -18.27
C THR G 173 -28.44 39.46 -19.27
N PHE G 174 -28.40 40.72 -19.70
CA PHE G 174 -27.50 41.21 -20.77
C PHE G 174 -26.08 41.29 -20.23
N PRO G 175 -25.05 41.04 -21.07
CA PRO G 175 -23.67 41.30 -20.69
C PRO G 175 -23.49 42.77 -20.24
N ALA G 176 -22.70 42.97 -19.20
CA ALA G 176 -22.35 44.30 -18.66
C ALA G 176 -21.60 45.08 -19.73
N VAL G 177 -21.88 46.39 -19.82
CA VAL G 177 -21.16 47.34 -20.70
C VAL G 177 -20.36 48.27 -19.78
N LEU G 178 -19.10 48.50 -20.15
CA LEU G 178 -18.20 49.44 -19.42
C LEU G 178 -18.46 50.85 -19.96
N GLN G 179 -19.00 51.72 -19.10
CA GLN G 179 -19.38 53.12 -19.44
C GLN G 179 -18.12 54.00 -19.37
N SER G 180 -18.22 55.22 -19.91
CA SER G 180 -17.14 56.25 -19.92
C SER G 180 -16.68 56.58 -18.50
N SER G 181 -17.59 56.46 -17.52
CA SER G 181 -17.33 56.68 -16.06
C SER G 181 -16.34 55.66 -15.49
N GLY G 182 -16.13 54.52 -16.15
CA GLY G 182 -15.36 53.37 -15.61
C GLY G 182 -16.23 52.48 -14.75
N LEU G 183 -17.56 52.67 -14.76
CA LEU G 183 -18.54 51.83 -14.04
C LEU G 183 -19.24 50.92 -15.06
N TYR G 184 -19.71 49.76 -14.61
CA TYR G 184 -20.45 48.77 -15.44
C TYR G 184 -21.95 49.01 -15.29
N SER G 185 -22.71 48.62 -16.31
CA SER G 185 -24.20 48.67 -16.32
C SER G 185 -24.74 47.50 -17.14
N LEU G 186 -25.83 46.89 -16.69
CA LEU G 186 -26.62 45.89 -17.47
C LEU G 186 -28.10 45.99 -17.09
N SER G 187 -28.97 45.47 -17.95
CA SER G 187 -30.38 45.13 -17.63
C SER G 187 -30.53 43.61 -17.52
N SER G 188 -31.40 43.15 -16.61
CA SER G 188 -32.00 41.80 -16.65
C SER G 188 -33.50 41.98 -16.94
N VAL G 189 -34.00 41.31 -17.97
CA VAL G 189 -35.43 41.37 -18.39
C VAL G 189 -36.01 39.96 -18.31
N VAL G 190 -37.33 39.88 -18.20
CA VAL G 190 -38.11 38.60 -18.21
C VAL G 190 -39.44 38.86 -18.91
N THR G 191 -39.90 37.91 -19.71
CA THR G 191 -41.28 37.89 -20.28
C THR G 191 -42.10 36.90 -19.46
N VAL G 192 -43.29 37.31 -19.05
CA VAL G 192 -44.22 36.51 -18.20
C VAL G 192 -45.63 36.67 -18.78
N PRO G 193 -46.58 35.76 -18.47
CA PRO G 193 -47.98 35.96 -18.89
C PRO G 193 -48.54 37.28 -18.35
N SER G 194 -49.17 38.08 -19.22
CA SER G 194 -49.74 39.42 -18.89
C SER G 194 -50.84 39.29 -17.83
N SER G 195 -51.56 38.16 -17.81
CA SER G 195 -52.62 37.82 -16.83
C SER G 195 -52.04 37.67 -15.41
N SER G 196 -50.76 37.30 -15.28
CA SER G 196 -50.06 37.07 -13.98
C SER G 196 -49.68 38.39 -13.29
N LEU G 197 -49.76 39.54 -13.96
CA LEU G 197 -49.36 40.87 -13.41
C LEU G 197 -50.30 41.20 -12.23
N GLY G 198 -49.70 41.64 -11.13
CA GLY G 198 -50.42 41.98 -9.89
C GLY G 198 -50.72 40.74 -9.07
N THR G 199 -51.14 39.63 -9.70
CA THR G 199 -51.42 38.31 -9.05
C THR G 199 -50.12 37.64 -8.59
N GLN G 200 -49.15 37.50 -9.49
CA GLN G 200 -47.77 37.02 -9.21
C GLN G 200 -46.89 38.25 -8.96
N THR G 201 -46.07 38.17 -7.91
CA THR G 201 -45.06 39.20 -7.55
C THR G 201 -43.73 38.84 -8.22
N TYR G 202 -43.06 39.83 -8.81
CA TYR G 202 -41.78 39.69 -9.55
C TYR G 202 -40.71 40.55 -8.87
N ILE G 203 -39.69 39.89 -8.30
CA ILE G 203 -38.57 40.50 -7.55
C ILE G 203 -37.26 40.06 -8.22
N CYS G 204 -36.43 41.02 -8.63
CA CYS G 204 -35.04 40.75 -9.09
C CYS G 204 -34.11 40.79 -7.86
N ASN G 205 -33.30 39.75 -7.69
CA ASN G 205 -32.35 39.58 -6.58
C ASN G 205 -30.95 39.88 -7.12
N VAL G 206 -30.41 41.06 -6.77
CA VAL G 206 -29.11 41.58 -7.28
C VAL G 206 -28.07 41.40 -6.16
N ASN G 207 -26.99 40.67 -6.42
CA ASN G 207 -25.85 40.52 -5.47
C ASN G 207 -24.59 41.05 -6.16
N HIS G 208 -23.97 42.08 -5.58
CA HIS G 208 -22.62 42.59 -5.95
C HIS G 208 -21.66 42.31 -4.79
N LYS G 209 -20.94 41.19 -4.87
CA LYS G 209 -20.07 40.64 -3.77
C LYS G 209 -18.97 41.64 -3.42
N PRO G 210 -18.25 42.25 -4.38
CA PRO G 210 -17.14 43.16 -4.06
C PRO G 210 -17.48 44.34 -3.14
N SER G 211 -18.73 44.83 -3.18
CA SER G 211 -19.24 45.97 -2.34
C SER G 211 -20.17 45.48 -1.23
N ASN G 212 -20.36 44.16 -1.10
CA ASN G 212 -21.29 43.50 -0.14
C ASN G 212 -22.70 44.11 -0.30
N THR G 213 -23.14 44.34 -1.53
CA THR G 213 -24.47 44.90 -1.87
C THR G 213 -25.41 43.75 -2.25
N LYS G 214 -26.53 43.62 -1.52
CA LYS G 214 -27.68 42.73 -1.85
C LYS G 214 -28.94 43.61 -1.95
N VAL G 215 -29.62 43.59 -3.09
CA VAL G 215 -30.86 44.38 -3.35
C VAL G 215 -31.93 43.43 -3.89
N ASP G 216 -33.13 43.49 -3.31
CA ASP G 216 -34.33 42.73 -3.75
C ASP G 216 -35.40 43.74 -4.17
N LYS G 217 -35.44 44.07 -5.46
CA LYS G 217 -36.33 45.14 -6.02
C LYS G 217 -37.62 44.51 -6.55
N LYS G 218 -38.75 44.77 -5.89
CA LYS G 218 -40.11 44.44 -6.39
C LYS G 218 -40.38 45.31 -7.62
N VAL G 219 -40.67 44.67 -8.76
CA VAL G 219 -41.04 45.35 -10.03
C VAL G 219 -42.57 45.25 -10.18
N GLU G 220 -43.29 46.36 -9.96
CA GLU G 220 -44.78 46.44 -10.04
C GLU G 220 -45.17 47.15 -11.34
N PRO G 221 -46.34 46.84 -11.93
CA PRO G 221 -46.83 47.55 -13.12
C PRO G 221 -46.95 49.06 -12.92
N LYS G 222 -46.64 49.84 -13.96
CA LYS G 222 -46.63 51.33 -13.93
C LYS G 222 -48.08 51.85 -13.89
N SER G 223 -48.26 53.04 -13.31
CA SER G 223 -49.57 53.74 -13.14
C SER G 223 -50.04 54.29 -14.50
N GLU H 1 5.96 35.85 -33.20
CA GLU H 1 5.10 34.71 -32.77
C GLU H 1 4.25 34.23 -33.96
N ILE H 2 3.81 32.97 -33.92
CA ILE H 2 2.88 32.40 -34.95
C ILE H 2 1.51 33.04 -34.73
N VAL H 3 0.89 33.54 -35.81
CA VAL H 3 -0.49 34.11 -35.81
C VAL H 3 -1.42 33.04 -36.38
N LEU H 4 -2.50 32.72 -35.67
CA LEU H 4 -3.55 31.78 -36.12
C LEU H 4 -4.79 32.59 -36.49
N THR H 5 -5.37 32.31 -37.65
CA THR H 5 -6.66 32.89 -38.12
C THR H 5 -7.69 31.77 -38.17
N GLN H 6 -8.91 32.06 -37.72
CA GLN H 6 -10.01 31.05 -37.71
C GLN H 6 -11.12 31.52 -38.65
N SER H 7 -11.67 30.57 -39.42
CA SER H 7 -12.73 30.80 -40.44
C SER H 7 -13.83 29.76 -40.25
N PRO H 8 -15.13 30.13 -40.36
CA PRO H 8 -15.58 31.52 -40.33
C PRO H 8 -15.53 32.07 -38.89
N GLY H 9 -15.76 33.38 -38.73
CA GLY H 9 -15.95 34.02 -37.42
C GLY H 9 -17.17 33.45 -36.71
N THR H 10 -18.28 33.32 -37.43
CA THR H 10 -19.55 32.71 -36.97
C THR H 10 -20.01 31.67 -38.00
N LEU H 11 -20.37 30.48 -37.55
CA LEU H 11 -20.82 29.35 -38.40
C LEU H 11 -22.27 29.03 -37.99
N SER H 12 -23.21 29.07 -38.92
CA SER H 12 -24.67 28.83 -38.68
C SER H 12 -25.07 27.50 -39.32
N LEU H 13 -25.46 26.51 -38.50
CA LEU H 13 -25.90 25.16 -38.95
C LEU H 13 -27.01 24.64 -38.04
N SER H 14 -27.72 23.59 -38.44
CA SER H 14 -28.80 22.95 -37.64
C SER H 14 -28.22 21.76 -36.87
N PRO H 15 -28.77 21.40 -35.68
CA PRO H 15 -28.40 20.16 -35.00
C PRO H 15 -28.49 18.94 -35.93
N GLY H 16 -27.49 18.05 -35.87
CA GLY H 16 -27.41 16.83 -36.70
C GLY H 16 -26.55 17.02 -37.94
N GLU H 17 -26.27 18.26 -38.35
CA GLU H 17 -25.42 18.58 -39.52
C GLU H 17 -23.94 18.52 -39.15
N ARG H 18 -23.09 18.47 -40.17
CA ARG H 18 -21.61 18.43 -40.06
C ARG H 18 -21.09 19.87 -40.02
N ALA H 19 -20.27 20.20 -39.01
CA ALA H 19 -19.57 21.51 -38.88
C ALA H 19 -18.10 21.32 -39.29
N THR H 20 -17.58 22.22 -40.13
CA THR H 20 -16.15 22.29 -40.53
C THR H 20 -15.60 23.64 -40.11
N LEU H 21 -14.63 23.65 -39.18
CA LEU H 21 -13.96 24.88 -38.67
C LEU H 21 -12.51 24.86 -39.15
N SER H 22 -11.99 26.01 -39.59
CA SER H 22 -10.63 26.16 -40.15
C SER H 22 -9.76 26.92 -39.16
N CYS H 23 -8.52 26.46 -38.98
CA CYS H 23 -7.41 27.18 -38.31
C CYS H 23 -6.24 27.25 -39.30
N ARG H 24 -5.78 28.45 -39.63
CA ARG H 24 -4.62 28.67 -40.53
C ARG H 24 -3.53 29.42 -39.78
N ALA H 25 -2.29 28.98 -39.90
CA ALA H 25 -1.10 29.53 -39.21
C ALA H 25 -0.26 30.35 -40.19
N SER H 26 0.32 31.45 -39.71
CA SER H 26 1.20 32.38 -40.48
C SER H 26 2.46 31.65 -40.95
N GLN H 27 2.89 30.61 -40.23
CA GLN H 27 4.03 29.73 -40.64
C GLN H 27 3.71 28.29 -40.24
N SER H 28 4.50 27.35 -40.74
CA SER H 28 4.37 25.89 -40.49
C SER H 28 4.43 25.63 -38.97
N VAL H 29 3.45 24.90 -38.44
CA VAL H 29 3.38 24.51 -37.00
C VAL H 29 4.22 23.24 -36.83
N SER H 30 5.36 23.34 -36.14
CA SER H 30 6.33 22.24 -35.93
C SER H 30 5.61 21.03 -35.30
N SER H 31 5.84 19.84 -35.86
CA SER H 31 5.35 18.52 -35.38
C SER H 31 3.82 18.43 -35.38
N SER H 32 3.12 19.28 -36.13
CA SER H 32 1.63 19.38 -36.13
C SER H 32 1.11 19.55 -34.69
N TYR H 33 1.82 20.32 -33.88
CA TYR H 33 1.45 20.66 -32.48
C TYR H 33 0.34 21.71 -32.53
N LEU H 34 -0.87 21.26 -32.85
CA LEU H 34 -2.09 22.10 -32.98
C LEU H 34 -3.19 21.43 -32.14
N ALA H 35 -3.74 22.16 -31.18
CA ALA H 35 -4.83 21.70 -30.29
C ALA H 35 -6.11 22.47 -30.60
N TRP H 36 -7.26 21.81 -30.44
CA TRP H 36 -8.61 22.45 -30.53
C TRP H 36 -9.26 22.45 -29.16
N TYR H 37 -9.75 23.62 -28.74
CA TYR H 37 -10.44 23.87 -27.46
C TYR H 37 -11.88 24.33 -27.73
N GLN H 38 -12.80 23.86 -26.90
CA GLN H 38 -14.20 24.32 -26.83
C GLN H 38 -14.30 25.21 -25.59
N GLN H 39 -15.03 26.31 -25.67
CA GLN H 39 -15.34 27.15 -24.49
C GLN H 39 -16.84 27.45 -24.45
N THR H 40 -17.49 26.97 -23.38
CA THR H 40 -18.87 27.30 -22.97
C THR H 40 -18.79 28.53 -22.06
N PRO H 41 -19.70 29.52 -22.18
CA PRO H 41 -19.63 30.75 -21.37
C PRO H 41 -19.47 30.47 -19.86
N GLY H 42 -18.51 31.14 -19.23
CA GLY H 42 -18.24 31.06 -17.78
C GLY H 42 -17.32 29.91 -17.39
N GLN H 43 -16.83 29.11 -18.35
CA GLN H 43 -15.97 27.93 -18.08
C GLN H 43 -14.58 28.16 -18.67
N ALA H 44 -13.58 27.46 -18.13
CA ALA H 44 -12.23 27.35 -18.72
C ALA H 44 -12.34 26.64 -20.07
N PRO H 45 -11.38 26.83 -21.00
CA PRO H 45 -11.33 26.00 -22.21
C PRO H 45 -11.32 24.50 -21.91
N ARG H 46 -11.94 23.73 -22.80
CA ARG H 46 -12.04 22.26 -22.76
C ARG H 46 -11.33 21.70 -24.00
N LEU H 47 -10.24 20.94 -23.81
CA LEU H 47 -9.47 20.29 -24.90
C LEU H 47 -10.35 19.26 -25.61
N LEU H 48 -10.41 19.32 -26.93
CA LEU H 48 -11.05 18.30 -27.80
C LEU H 48 -9.97 17.45 -28.47
N ILE H 49 -9.00 18.12 -29.13
CA ILE H 49 -7.99 17.50 -30.03
C ILE H 49 -6.63 18.06 -29.65
N TYR H 50 -5.59 17.22 -29.58
CA TYR H 50 -4.17 17.64 -29.52
C TYR H 50 -3.41 16.94 -30.66
N GLY H 51 -2.21 17.42 -30.97
CA GLY H 51 -1.37 16.88 -32.06
C GLY H 51 -2.11 16.85 -33.39
N ALA H 52 -2.98 17.84 -33.64
CA ALA H 52 -3.78 18.03 -34.87
C ALA H 52 -4.94 17.04 -34.98
N SER H 53 -4.76 15.76 -34.64
CA SER H 53 -5.76 14.69 -34.92
C SER H 53 -6.02 13.76 -33.72
N SER H 54 -5.34 13.93 -32.59
CA SER H 54 -5.47 13.02 -31.42
C SER H 54 -6.63 13.51 -30.54
N ARG H 55 -7.66 12.68 -30.38
CA ARG H 55 -8.83 13.01 -29.53
C ARG H 55 -8.44 12.84 -28.06
N ALA H 56 -8.75 13.84 -27.24
CA ALA H 56 -8.41 13.89 -25.81
C ALA H 56 -9.29 12.90 -25.02
N THR H 57 -8.82 12.51 -23.85
CA THR H 57 -9.53 11.61 -22.88
C THR H 57 -11.00 12.04 -22.75
N GLY H 58 -11.92 11.12 -23.03
CA GLY H 58 -13.35 11.24 -22.73
C GLY H 58 -14.13 12.07 -23.75
N ILE H 59 -13.48 12.57 -24.81
CA ILE H 59 -14.12 13.44 -25.84
C ILE H 59 -14.92 12.57 -26.81
N PRO H 60 -16.19 12.91 -27.13
CA PRO H 60 -17.00 12.08 -28.04
C PRO H 60 -16.36 11.96 -29.43
N ASP H 61 -16.62 10.85 -30.12
CA ASP H 61 -15.99 10.51 -31.42
C ASP H 61 -16.53 11.40 -32.55
N ARG H 62 -17.59 12.18 -32.33
CA ARG H 62 -18.11 13.13 -33.37
C ARG H 62 -17.08 14.25 -33.63
N PHE H 63 -16.17 14.50 -32.68
CA PHE H 63 -15.07 15.49 -32.82
C PHE H 63 -13.85 14.82 -33.44
N SER H 64 -13.36 15.37 -34.55
CA SER H 64 -12.10 14.92 -35.21
C SER H 64 -11.35 16.12 -35.79
N GLY H 65 -10.03 16.06 -35.74
CA GLY H 65 -9.11 17.05 -36.29
C GLY H 65 -8.28 16.44 -37.41
N SER H 66 -7.96 17.25 -38.42
CA SER H 66 -7.06 16.86 -39.53
C SER H 66 -6.20 18.07 -39.93
N GLY H 67 -5.20 17.83 -40.78
CA GLY H 67 -4.32 18.87 -41.34
C GLY H 67 -2.91 18.77 -40.80
N SER H 68 -2.03 19.62 -41.32
CA SER H 68 -0.59 19.72 -40.96
C SER H 68 -0.05 21.03 -41.50
N GLY H 69 1.17 21.39 -41.10
CA GLY H 69 1.86 22.61 -41.55
C GLY H 69 1.12 23.86 -41.14
N THR H 70 0.39 24.49 -42.09
CA THR H 70 -0.27 25.82 -41.92
C THR H 70 -1.80 25.68 -41.86
N ASP H 71 -2.37 24.51 -42.18
CA ASP H 71 -3.81 24.35 -42.51
C ASP H 71 -4.40 23.19 -41.69
N PHE H 72 -5.36 23.49 -40.82
CA PHE H 72 -5.95 22.55 -39.84
C PHE H 72 -7.48 22.71 -39.85
N THR H 73 -8.18 21.59 -39.63
CA THR H 73 -9.65 21.50 -39.65
C THR H 73 -10.13 20.76 -38.40
N LEU H 74 -11.10 21.32 -37.69
CA LEU H 74 -11.94 20.60 -36.71
C LEU H 74 -13.26 20.27 -37.39
N THR H 75 -13.65 18.99 -37.37
CA THR H 75 -14.93 18.48 -37.91
C THR H 75 -15.77 17.98 -36.75
N ILE H 76 -17.01 18.47 -36.64
CA ILE H 76 -18.04 17.93 -35.71
C ILE H 76 -19.07 17.23 -36.60
N SER H 77 -19.05 15.89 -36.62
CA SER H 77 -19.71 15.04 -37.65
C SER H 77 -21.23 15.20 -37.59
N ARG H 78 -21.79 15.31 -36.38
CA ARG H 78 -23.26 15.45 -36.13
C ARG H 78 -23.47 16.33 -34.90
N LEU H 79 -23.81 17.61 -35.13
CA LEU H 79 -23.89 18.66 -34.07
C LEU H 79 -24.98 18.30 -33.05
N GLU H 80 -24.61 18.29 -31.77
CA GLU H 80 -25.55 18.22 -30.61
C GLU H 80 -25.79 19.65 -30.10
N PRO H 81 -26.92 19.92 -29.40
CA PRO H 81 -27.21 21.26 -28.89
C PRO H 81 -26.10 21.93 -28.05
N GLU H 82 -25.38 21.13 -27.26
CA GLU H 82 -24.27 21.61 -26.37
C GLU H 82 -23.04 22.04 -27.19
N ASP H 83 -22.96 21.69 -28.48
CA ASP H 83 -21.80 22.00 -29.36
C ASP H 83 -21.86 23.44 -29.91
N PHE H 84 -22.98 24.15 -29.74
CA PHE H 84 -23.21 25.49 -30.36
C PHE H 84 -22.59 26.57 -29.47
N VAL H 85 -21.26 26.54 -29.32
CA VAL H 85 -20.47 27.44 -28.43
C VAL H 85 -19.23 27.90 -29.19
N VAL H 86 -18.16 28.33 -28.51
CA VAL H 86 -16.94 28.90 -29.15
C VAL H 86 -15.85 27.82 -29.23
N TYR H 87 -15.06 27.83 -30.31
CA TYR H 87 -13.92 26.91 -30.55
C TYR H 87 -12.67 27.73 -30.87
N PHE H 88 -11.57 27.45 -30.17
CA PHE H 88 -10.24 28.08 -30.35
C PHE H 88 -9.24 27.00 -30.77
N CYS H 89 -8.36 27.33 -31.72
CA CYS H 89 -7.15 26.52 -32.01
C CYS H 89 -5.99 27.11 -31.21
N LEU H 90 -5.04 26.24 -30.82
CA LEU H 90 -3.80 26.61 -30.09
C LEU H 90 -2.64 25.91 -30.80
N GLN H 91 -1.60 26.67 -31.17
CA GLN H 91 -0.32 26.10 -31.65
C GLN H 91 0.65 26.06 -30.45
N TYR H 92 1.34 24.94 -30.28
CA TYR H 92 2.39 24.77 -29.24
C TYR H 92 3.67 24.22 -29.89
N GLY H 93 3.81 24.36 -31.22
CA GLY H 93 5.01 23.98 -31.98
C GLY H 93 6.11 25.02 -31.86
N SER H 94 5.74 26.27 -31.54
CA SER H 94 6.68 27.42 -31.37
C SER H 94 6.35 28.18 -30.09
N SER H 95 7.37 28.57 -29.32
CA SER H 95 7.27 29.55 -28.21
C SER H 95 7.24 30.97 -28.78
N PRO H 96 6.32 31.87 -28.37
CA PRO H 96 5.26 31.57 -27.40
C PRO H 96 4.08 30.79 -27.99
N LEU H 97 3.40 30.00 -27.15
CA LEU H 97 2.08 29.40 -27.48
C LEU H 97 1.11 30.52 -27.85
N THR H 98 0.36 30.36 -28.94
CA THR H 98 -0.61 31.36 -29.44
C THR H 98 -1.92 30.67 -29.80
N PHE H 99 -3.03 31.35 -29.51
CA PHE H 99 -4.41 30.91 -29.83
C PHE H 99 -4.92 31.71 -31.04
N GLY H 100 -5.85 31.13 -31.79
CA GLY H 100 -6.67 31.86 -32.76
C GLY H 100 -7.72 32.70 -32.04
N PRO H 101 -8.42 33.61 -32.73
CA PRO H 101 -9.42 34.49 -32.11
C PRO H 101 -10.76 33.80 -31.80
N GLY H 102 -10.98 32.59 -32.32
CA GLY H 102 -12.14 31.74 -32.00
C GLY H 102 -13.22 31.79 -33.08
N THR H 103 -14.03 30.73 -33.15
CA THR H 103 -15.20 30.59 -34.06
C THR H 103 -16.42 30.26 -33.18
N LYS H 104 -17.51 31.02 -33.33
CA LYS H 104 -18.81 30.74 -32.68
C LYS H 104 -19.65 29.88 -33.65
N VAL H 105 -20.22 28.79 -33.15
CA VAL H 105 -21.18 27.94 -33.92
C VAL H 105 -22.59 28.26 -33.39
N ASP H 106 -23.48 28.76 -34.25
CA ASP H 106 -24.87 29.16 -33.91
C ASP H 106 -25.86 28.20 -34.58
N ILE H 107 -27.01 27.98 -33.94
CA ILE H 107 -28.15 27.20 -34.47
C ILE H 107 -28.81 28.03 -35.58
N LYS H 108 -28.87 27.49 -36.80
CA LYS H 108 -29.69 28.05 -37.90
C LYS H 108 -31.16 27.76 -37.59
N ARG H 109 -32.00 28.79 -37.64
CA ARG H 109 -33.41 28.76 -37.16
C ARG H 109 -34.27 29.45 -38.22
N THR H 110 -35.60 29.29 -38.18
CA THR H 110 -36.57 30.12 -38.96
C THR H 110 -36.42 31.59 -38.52
N VAL H 111 -36.64 32.53 -39.44
CA VAL H 111 -36.63 33.99 -39.15
C VAL H 111 -37.67 34.25 -38.04
N ALA H 112 -37.30 35.03 -37.03
CA ALA H 112 -38.19 35.47 -35.93
C ALA H 112 -38.06 36.99 -35.79
N ALA H 113 -39.18 37.69 -35.95
CA ALA H 113 -39.28 39.16 -35.74
C ALA H 113 -39.06 39.44 -34.25
N PRO H 114 -38.38 40.55 -33.88
CA PRO H 114 -38.33 40.96 -32.48
C PRO H 114 -39.70 41.46 -32.02
N SER H 115 -40.09 41.11 -30.79
CA SER H 115 -41.03 41.91 -29.96
C SER H 115 -40.24 43.11 -29.43
N VAL H 116 -40.68 44.33 -29.74
CA VAL H 116 -40.03 45.60 -29.32
C VAL H 116 -40.85 46.17 -28.15
N PHE H 117 -40.17 46.39 -27.03
CA PHE H 117 -40.72 47.01 -25.79
C PHE H 117 -39.85 48.20 -25.43
N ILE H 118 -40.48 49.30 -24.99
CA ILE H 118 -39.77 50.51 -24.50
C ILE H 118 -40.16 50.73 -23.05
N PHE H 119 -39.18 51.06 -22.21
CA PHE H 119 -39.34 51.39 -20.77
C PHE H 119 -38.84 52.81 -20.56
N PRO H 120 -39.71 53.77 -20.14
CA PRO H 120 -39.24 55.07 -19.67
C PRO H 120 -38.39 54.93 -18.41
N PRO H 121 -37.58 55.95 -18.04
CA PRO H 121 -36.84 55.91 -16.79
C PRO H 121 -37.81 55.82 -15.60
N SER H 122 -37.41 55.10 -14.55
CA SER H 122 -38.17 55.02 -13.26
C SER H 122 -38.13 56.39 -12.57
N ASP H 123 -39.12 56.67 -11.72
CA ASP H 123 -39.19 57.90 -10.90
C ASP H 123 -37.97 57.97 -9.97
N GLU H 124 -37.59 56.83 -9.38
CA GLU H 124 -36.42 56.71 -8.45
C GLU H 124 -35.13 57.13 -9.16
N GLN H 125 -34.93 56.74 -10.43
CA GLN H 125 -33.74 57.14 -11.21
C GLN H 125 -33.80 58.64 -11.51
N LEU H 126 -34.97 59.14 -11.91
CA LEU H 126 -35.18 60.58 -12.26
C LEU H 126 -34.83 61.45 -11.05
N LYS H 127 -35.22 61.04 -9.84
CA LYS H 127 -34.88 61.71 -8.55
C LYS H 127 -33.36 61.84 -8.39
N SER H 128 -32.60 60.80 -8.81
CA SER H 128 -31.12 60.73 -8.70
C SER H 128 -30.42 61.67 -9.71
N GLY H 129 -31.14 62.15 -10.74
CA GLY H 129 -30.67 63.18 -11.68
C GLY H 129 -30.23 62.62 -13.03
N THR H 130 -30.62 61.39 -13.38
CA THR H 130 -30.27 60.72 -14.67
C THR H 130 -31.51 60.01 -15.24
N ALA H 131 -31.61 59.94 -16.57
CA ALA H 131 -32.69 59.30 -17.34
C ALA H 131 -32.10 58.21 -18.25
N SER H 132 -32.30 56.94 -17.89
CA SER H 132 -32.02 55.76 -18.75
C SER H 132 -33.34 55.32 -19.40
N VAL H 133 -33.41 55.40 -20.73
CA VAL H 133 -34.56 54.90 -21.55
C VAL H 133 -34.10 53.61 -22.22
N VAL H 134 -34.79 52.49 -21.98
CA VAL H 134 -34.37 51.13 -22.42
C VAL H 134 -35.36 50.65 -23.50
N CYS H 135 -34.84 50.31 -24.68
CA CYS H 135 -35.55 49.62 -25.79
C CYS H 135 -35.11 48.15 -25.79
N LEU H 136 -36.05 47.22 -25.61
CA LEU H 136 -35.81 45.76 -25.62
C LEU H 136 -36.28 45.18 -26.96
N LEU H 137 -35.36 44.59 -27.72
CA LEU H 137 -35.65 43.75 -28.91
C LEU H 137 -35.57 42.30 -28.45
N ASN H 138 -36.71 41.62 -28.31
CA ASN H 138 -36.79 40.31 -27.61
C ASN H 138 -37.03 39.19 -28.62
N ASN H 139 -36.19 38.15 -28.57
CA ASN H 139 -36.42 36.81 -29.15
C ASN H 139 -36.52 36.93 -30.68
N PHE H 140 -35.46 37.44 -31.32
CA PHE H 140 -35.38 37.61 -32.79
C PHE H 140 -34.27 36.73 -33.38
N TYR H 141 -34.39 36.44 -34.68
CA TYR H 141 -33.39 35.69 -35.50
C TYR H 141 -33.55 36.10 -36.96
N PRO H 142 -32.47 36.38 -37.75
CA PRO H 142 -31.08 36.31 -37.29
C PRO H 142 -30.62 37.53 -36.45
N ARG H 143 -29.34 37.55 -36.08
CA ARG H 143 -28.72 38.53 -35.14
C ARG H 143 -28.77 39.96 -35.71
N GLU H 144 -28.72 40.12 -37.03
CA GLU H 144 -28.61 41.44 -37.71
C GLU H 144 -29.89 42.24 -37.45
N ALA H 145 -29.78 43.35 -36.71
CA ALA H 145 -30.88 44.29 -36.39
C ALA H 145 -30.28 45.68 -36.16
N LYS H 146 -30.98 46.73 -36.59
CA LYS H 146 -30.57 48.15 -36.37
C LYS H 146 -31.58 48.81 -35.43
N VAL H 147 -31.10 49.46 -34.37
CA VAL H 147 -31.92 50.27 -33.42
C VAL H 147 -31.45 51.73 -33.54
N GLN H 148 -32.38 52.67 -33.72
CA GLN H 148 -32.12 54.12 -33.86
C GLN H 148 -33.04 54.87 -32.89
N TRP H 149 -32.45 55.71 -32.04
CA TRP H 149 -33.18 56.56 -31.07
C TRP H 149 -33.57 57.88 -31.75
N LYS H 150 -34.81 58.32 -31.56
CA LYS H 150 -35.33 59.65 -32.00
C LYS H 150 -36.03 60.31 -30.80
N VAL H 151 -35.61 61.51 -30.43
CA VAL H 151 -36.19 62.34 -29.32
C VAL H 151 -36.81 63.59 -29.96
N ASP H 152 -38.14 63.71 -29.92
CA ASP H 152 -38.92 64.74 -30.66
C ASP H 152 -38.49 64.74 -32.14
N ASN H 153 -38.39 63.54 -32.73
CA ASN H 153 -38.08 63.29 -34.17
C ASN H 153 -36.63 63.69 -34.52
N ALA H 154 -35.76 63.95 -33.52
CA ALA H 154 -34.32 64.26 -33.72
C ALA H 154 -33.51 62.97 -33.49
N LEU H 155 -32.80 62.50 -34.54
CA LEU H 155 -31.96 61.27 -34.49
C LEU H 155 -30.82 61.46 -33.48
N GLN H 156 -30.56 60.47 -32.63
CA GLN H 156 -29.43 60.46 -31.64
C GLN H 156 -28.20 59.79 -32.24
N SER H 157 -27.00 60.05 -31.68
CA SER H 157 -25.70 59.79 -32.33
C SER H 157 -24.69 59.08 -31.41
N GLY H 158 -24.46 59.56 -30.17
CA GLY H 158 -23.38 59.06 -29.29
C GLY H 158 -23.76 59.06 -27.82
N ASN H 159 -25.03 58.77 -27.50
CA ASN H 159 -25.56 58.70 -26.12
C ASN H 159 -26.40 57.42 -25.91
N SER H 160 -26.19 56.39 -26.73
CA SER H 160 -26.87 55.07 -26.63
C SER H 160 -25.81 53.96 -26.57
N GLN H 161 -26.13 52.85 -25.90
CA GLN H 161 -25.26 51.65 -25.76
C GLN H 161 -26.11 50.40 -26.00
N GLU H 162 -25.52 49.42 -26.70
CA GLU H 162 -26.20 48.18 -27.14
C GLU H 162 -25.56 47.00 -26.40
N SER H 163 -26.39 46.07 -25.92
CA SER H 163 -25.94 44.77 -25.36
C SER H 163 -26.84 43.67 -25.93
N VAL H 164 -26.23 42.54 -26.31
CA VAL H 164 -26.89 41.41 -27.04
C VAL H 164 -26.59 40.12 -26.28
N THR H 165 -27.60 39.31 -26.03
CA THR H 165 -27.46 37.98 -25.39
C THR H 165 -26.86 37.01 -26.40
N GLU H 166 -26.22 35.94 -25.92
CA GLU H 166 -25.85 34.78 -26.77
C GLU H 166 -27.14 34.05 -27.15
N GLN H 167 -27.08 33.28 -28.23
CA GLN H 167 -28.26 32.56 -28.77
C GLN H 167 -28.88 31.71 -27.64
N ASP H 168 -30.19 31.89 -27.40
CA ASP H 168 -30.93 31.27 -26.28
C ASP H 168 -30.92 29.75 -26.44
N SER H 169 -30.73 29.01 -25.34
CA SER H 169 -30.61 27.52 -25.32
C SER H 169 -31.94 26.84 -25.67
N LYS H 170 -33.09 27.49 -25.40
CA LYS H 170 -34.44 26.90 -25.58
C LYS H 170 -34.95 27.15 -27.02
N ASP H 171 -35.03 28.42 -27.45
CA ASP H 171 -35.72 28.83 -28.70
C ASP H 171 -34.73 29.32 -29.78
N SER H 172 -33.41 29.31 -29.51
CA SER H 172 -32.33 29.64 -30.48
C SER H 172 -32.48 31.07 -31.03
N THR H 173 -33.03 32.00 -30.23
CA THR H 173 -33.20 33.43 -30.63
C THR H 173 -32.15 34.29 -29.93
N TYR H 174 -32.02 35.53 -30.38
CA TYR H 174 -31.22 36.59 -29.72
C TYR H 174 -32.17 37.61 -29.08
N SER H 175 -31.69 38.30 -28.05
CA SER H 175 -32.34 39.51 -27.49
C SER H 175 -31.30 40.63 -27.42
N LEU H 176 -31.76 41.88 -27.52
CA LEU H 176 -30.90 43.09 -27.58
C LEU H 176 -31.56 44.18 -26.73
N SER H 177 -30.76 44.83 -25.88
CA SER H 177 -31.11 46.03 -25.10
C SER H 177 -30.37 47.23 -25.70
N SER H 178 -31.11 48.30 -25.99
CA SER H 178 -30.56 49.63 -26.36
C SER H 178 -30.96 50.63 -25.28
N THR H 179 -29.97 51.25 -24.63
CA THR H 179 -30.15 52.17 -23.48
C THR H 179 -29.72 53.58 -23.91
N LEU H 180 -30.67 54.53 -23.96
CA LEU H 180 -30.41 55.98 -24.13
C LEU H 180 -30.23 56.59 -22.75
N THR H 181 -29.06 57.19 -22.47
CA THR H 181 -28.72 57.82 -21.18
C THR H 181 -28.64 59.34 -21.37
N LEU H 182 -29.48 60.09 -20.64
CA LEU H 182 -29.52 61.58 -20.63
C LEU H 182 -29.55 62.06 -19.17
N SER H 183 -29.09 63.29 -18.93
CA SER H 183 -29.32 64.03 -17.65
C SER H 183 -30.83 64.24 -17.47
N LYS H 184 -31.28 64.40 -16.22
CA LYS H 184 -32.69 64.73 -15.88
C LYS H 184 -33.10 66.01 -16.63
N ALA H 185 -32.23 67.02 -16.67
CA ALA H 185 -32.43 68.33 -17.34
C ALA H 185 -32.74 68.10 -18.84
N ASP H 186 -31.85 67.41 -19.55
CA ASP H 186 -31.97 67.11 -21.01
C ASP H 186 -33.20 66.24 -21.27
N TYR H 187 -33.50 65.28 -20.38
CA TYR H 187 -34.70 64.40 -20.49
C TYR H 187 -35.99 65.23 -20.45
N GLU H 188 -36.06 66.18 -19.51
CA GLU H 188 -37.27 67.02 -19.26
C GLU H 188 -37.45 68.09 -20.36
N LYS H 189 -36.45 68.31 -21.23
CA LYS H 189 -36.53 69.27 -22.37
C LYS H 189 -37.38 68.73 -23.52
N HIS H 190 -37.70 67.42 -23.52
CA HIS H 190 -38.35 66.75 -24.68
C HIS H 190 -39.57 65.93 -24.23
N LYS H 191 -40.45 65.61 -25.20
CA LYS H 191 -41.75 64.93 -24.96
C LYS H 191 -41.71 63.51 -25.53
N VAL H 192 -41.47 63.36 -26.84
CA VAL H 192 -41.56 62.08 -27.61
C VAL H 192 -40.20 61.38 -27.55
N TYR H 193 -40.16 60.16 -26.98
CA TYR H 193 -39.00 59.25 -26.97
C TYR H 193 -39.37 58.00 -27.75
N ALA H 194 -38.61 57.69 -28.82
CA ALA H 194 -38.89 56.60 -29.77
C ALA H 194 -37.61 55.83 -30.09
N CYS H 195 -37.67 54.49 -30.09
CA CYS H 195 -36.64 53.60 -30.70
C CYS H 195 -37.24 52.98 -31.97
N GLU H 196 -36.55 53.19 -33.10
CA GLU H 196 -36.92 52.65 -34.44
C GLU H 196 -36.11 51.38 -34.68
N VAL H 197 -36.79 50.25 -34.89
CA VAL H 197 -36.15 48.90 -35.04
C VAL H 197 -36.34 48.43 -36.48
N THR H 198 -35.24 48.04 -37.16
CA THR H 198 -35.22 47.41 -38.51
C THR H 198 -34.74 45.96 -38.35
N HIS H 199 -35.45 45.01 -38.97
CA HIS H 199 -35.13 43.57 -38.92
C HIS H 199 -35.84 42.84 -40.07
N GLN H 200 -35.20 41.78 -40.58
CA GLN H 200 -35.66 40.95 -41.73
C GLN H 200 -37.07 40.41 -41.47
N GLY H 201 -37.39 40.08 -40.22
CA GLY H 201 -38.70 39.52 -39.81
C GLY H 201 -39.82 40.54 -39.72
N LEU H 202 -39.51 41.85 -39.82
CA LEU H 202 -40.50 42.97 -39.76
C LEU H 202 -40.84 43.47 -41.17
N SER H 203 -42.14 43.65 -41.46
CA SER H 203 -42.72 44.12 -42.75
C SER H 203 -42.14 45.49 -43.12
N SER H 204 -42.15 46.41 -42.17
CA SER H 204 -41.50 47.76 -42.21
C SER H 204 -40.75 47.95 -40.90
N PRO H 205 -39.84 48.95 -40.78
CA PRO H 205 -39.28 49.33 -39.48
C PRO H 205 -40.37 49.70 -38.46
N VAL H 206 -40.26 49.18 -37.24
CA VAL H 206 -41.25 49.38 -36.14
C VAL H 206 -40.72 50.48 -35.22
N THR H 207 -41.56 51.46 -34.91
CA THR H 207 -41.32 52.52 -33.89
C THR H 207 -42.15 52.19 -32.64
N LYS H 208 -41.48 52.00 -31.48
CA LYS H 208 -42.11 52.00 -30.14
C LYS H 208 -41.70 53.29 -29.44
N SER H 209 -42.69 54.01 -28.91
CA SER H 209 -42.53 55.40 -28.40
C SER H 209 -43.51 55.70 -27.26
N PHE H 210 -43.19 56.72 -26.47
CA PHE H 210 -44.02 57.23 -25.35
C PHE H 210 -43.85 58.75 -25.26
N ASN H 211 -44.81 59.43 -24.62
CA ASN H 211 -44.80 60.88 -24.30
C ASN H 211 -44.29 61.07 -22.87
N ARG H 212 -43.54 62.15 -22.62
CA ARG H 212 -42.89 62.54 -21.33
C ARG H 212 -41.55 61.81 -21.22
N LEU I 27 2.70 -37.03 -57.78
CA LEU I 27 1.55 -36.06 -57.76
C LEU I 27 1.61 -35.23 -56.47
N LEU I 28 2.55 -34.28 -56.42
CA LEU I 28 2.78 -33.33 -55.30
C LEU I 28 2.25 -31.95 -55.68
N ILE I 29 1.14 -31.51 -55.07
CA ILE I 29 0.46 -30.20 -55.34
C ILE I 29 0.62 -29.32 -54.10
N LYS I 30 1.13 -28.09 -54.28
CA LYS I 30 1.25 -27.07 -53.21
C LYS I 30 0.81 -25.70 -53.75
N GLY I 31 -0.41 -25.27 -53.42
CA GLY I 31 -0.97 -23.98 -53.83
C GLY I 31 -1.44 -24.00 -55.28
N GLY I 32 -2.16 -25.07 -55.66
CA GLY I 32 -2.77 -25.25 -56.99
C GLY I 32 -1.74 -25.35 -58.11
N VAL I 33 -0.55 -25.90 -57.82
CA VAL I 33 0.58 -26.05 -58.79
C VAL I 33 1.32 -27.35 -58.49
N GLU I 34 1.67 -28.12 -59.53
CA GLU I 34 2.37 -29.43 -59.43
C GLU I 34 3.85 -29.16 -59.25
N VAL I 35 4.44 -29.70 -58.19
CA VAL I 35 5.85 -29.43 -57.75
C VAL I 35 6.74 -30.54 -58.30
N LEU I 36 7.82 -30.16 -59.00
CA LEU I 36 8.81 -31.09 -59.62
C LEU I 36 10.13 -30.98 -58.82
N GLU I 37 11.28 -31.27 -59.42
CA GLU I 37 12.59 -31.35 -58.71
C GLU I 37 13.10 -29.94 -58.37
N VAL I 38 13.95 -29.85 -57.35
CA VAL I 38 14.78 -28.66 -57.03
C VAL I 38 15.87 -28.55 -58.11
N LYS I 39 16.01 -27.38 -58.75
CA LYS I 39 17.10 -27.11 -59.73
C LYS I 39 18.43 -27.03 -58.98
N THR I 40 19.43 -27.81 -59.42
CA THR I 40 20.74 -27.97 -58.77
C THR I 40 21.81 -27.31 -59.66
N GLY I 41 21.71 -25.98 -59.82
CA GLY I 41 22.67 -25.13 -60.55
C GLY I 41 23.63 -24.43 -59.60
N VAL I 42 24.45 -23.52 -60.15
CA VAL I 42 25.43 -22.70 -59.37
C VAL I 42 24.68 -21.52 -58.72
N ASP I 43 23.91 -20.77 -59.52
CA ASP I 43 23.10 -19.61 -59.07
C ASP I 43 21.64 -20.04 -58.91
N ALA I 44 21.40 -21.22 -58.32
CA ALA I 44 20.06 -21.78 -58.03
C ALA I 44 19.57 -21.33 -56.64
N ILE I 45 20.46 -20.79 -55.79
CA ILE I 45 20.15 -20.24 -54.44
C ILE I 45 20.32 -18.72 -54.48
N THR I 46 19.42 -17.99 -53.81
CA THR I 46 19.52 -16.53 -53.58
C THR I 46 19.03 -16.20 -52.17
N GLU I 47 19.51 -15.08 -51.62
CA GLU I 47 19.10 -14.55 -50.29
C GLU I 47 18.51 -13.16 -50.52
N VAL I 48 17.34 -12.93 -49.92
CA VAL I 48 16.69 -11.59 -49.86
C VAL I 48 16.57 -11.20 -48.39
N GLU I 49 16.61 -9.90 -48.11
CA GLU I 49 16.50 -9.37 -46.74
C GLU I 49 15.62 -8.13 -46.73
N CYS I 50 15.02 -7.86 -45.58
CA CYS I 50 14.18 -6.67 -45.32
C CYS I 50 14.20 -6.37 -43.83
N PHE I 51 14.37 -5.09 -43.51
CA PHE I 51 14.02 -4.51 -42.19
C PHE I 51 12.59 -3.99 -42.30
N LEU I 52 11.66 -4.59 -41.55
CA LEU I 52 10.23 -4.23 -41.57
C LEU I 52 9.94 -3.37 -40.32
N ASN I 53 9.53 -2.12 -40.52
CA ASN I 53 9.25 -1.16 -39.42
C ASN I 53 7.96 -1.58 -38.71
N PRO I 54 7.84 -1.30 -37.39
CA PRO I 54 6.60 -1.56 -36.65
C PRO I 54 5.58 -0.47 -36.96
N GLU I 55 4.30 -0.80 -36.80
CA GLU I 55 3.16 0.12 -37.05
C GLU I 55 2.31 0.20 -35.78
N MET I 56 2.82 0.91 -34.78
CA MET I 56 2.22 1.03 -33.42
C MET I 56 1.19 2.16 -33.39
N GLY I 57 1.15 3.03 -34.42
CA GLY I 57 0.15 4.12 -34.53
C GLY I 57 0.81 5.46 -34.81
N ASP I 58 1.97 5.73 -34.19
CA ASP I 58 2.84 6.90 -34.50
C ASP I 58 2.01 8.18 -34.43
N PRO I 59 1.48 8.54 -33.24
CA PRO I 59 0.52 9.65 -33.14
C PRO I 59 1.15 11.03 -33.36
N ASP I 60 2.46 11.18 -33.14
CA ASP I 60 3.20 12.38 -33.61
C ASP I 60 4.49 11.94 -34.29
N GLU I 61 5.01 12.85 -35.12
CA GLU I 61 6.16 12.56 -36.00
C GLU I 61 7.44 12.34 -35.18
N ASN I 62 7.49 12.79 -33.92
CA ASN I 62 8.67 12.60 -33.02
C ASN I 62 8.65 11.24 -32.30
N LEU I 63 7.49 10.58 -32.16
CA LEU I 63 7.39 9.30 -31.40
C LEU I 63 6.98 8.15 -32.33
N ARG I 64 7.72 8.02 -33.43
CA ARG I 64 7.73 6.83 -34.32
C ARG I 64 8.06 5.60 -33.46
N GLY I 65 7.28 4.53 -33.59
CA GLY I 65 7.46 3.27 -32.84
C GLY I 65 6.65 3.22 -31.57
N PHE I 66 5.87 4.27 -31.27
CA PHE I 66 4.97 4.35 -30.10
C PHE I 66 3.53 4.51 -30.58
N SER I 67 2.57 4.01 -29.81
CA SER I 67 1.13 4.28 -29.99
C SER I 67 0.78 5.60 -29.31
N LEU I 68 -0.39 6.15 -29.63
CA LEU I 68 -1.08 7.14 -28.77
C LEU I 68 -1.30 6.50 -27.39
N LYS I 69 -1.39 7.32 -26.33
N LYS I 69 -1.38 7.31 -26.33
CA LYS I 69 -1.64 6.83 -24.96
CA LYS I 69 -1.59 6.78 -24.96
C LYS I 69 -2.93 5.99 -24.93
C LYS I 69 -2.92 6.01 -24.91
N LEU I 70 -2.97 4.98 -24.06
CA LEU I 70 -4.13 4.07 -23.93
C LEU I 70 -5.22 4.79 -23.13
N SER I 71 -6.42 4.89 -23.70
CA SER I 71 -7.68 5.15 -22.97
C SER I 71 -8.00 3.92 -22.12
N ALA I 72 -8.80 4.08 -21.08
CA ALA I 72 -9.29 2.95 -20.25
C ALA I 72 -10.75 3.17 -19.88
N GLU I 73 -11.47 2.07 -19.65
CA GLU I 73 -12.81 2.03 -18.99
C GLU I 73 -13.86 2.66 -19.91
N ASN I 74 -13.74 2.52 -21.23
CA ASN I 74 -14.85 2.79 -22.17
C ASN I 74 -15.94 1.76 -21.91
N ASP I 75 -17.20 2.20 -21.91
CA ASP I 75 -18.39 1.32 -21.93
C ASP I 75 -18.25 0.42 -23.17
N PHE I 76 -18.56 -0.87 -23.05
CA PHE I 76 -18.61 -1.82 -24.21
C PHE I 76 -19.55 -1.24 -25.28
N SER I 77 -20.62 -0.53 -24.88
CA SER I 77 -21.63 0.08 -25.80
C SER I 77 -21.11 1.37 -26.42
N SER I 78 -20.03 1.98 -25.90
CA SER I 78 -19.49 3.28 -26.39
C SER I 78 -17.96 3.23 -26.41
N ASP I 79 -17.42 2.36 -27.27
CA ASP I 79 -15.98 2.03 -27.34
C ASP I 79 -15.48 2.45 -28.72
N SER I 80 -14.87 3.63 -28.79
CA SER I 80 -14.41 4.30 -30.05
C SER I 80 -12.93 4.59 -29.94
N PRO I 81 -12.04 3.59 -30.12
CA PRO I 81 -10.60 3.84 -30.00
C PRO I 81 -10.06 4.79 -31.07
N GLU I 82 -9.13 5.64 -30.67
CA GLU I 82 -8.40 6.60 -31.56
C GLU I 82 -7.53 5.77 -32.51
N ARG I 83 -7.47 6.15 -33.79
CA ARG I 83 -6.74 5.40 -34.84
CA ARG I 83 -6.73 5.43 -34.86
C ARG I 83 -5.29 5.16 -34.40
N LYS I 84 -4.61 6.20 -33.89
CA LYS I 84 -3.15 6.16 -33.60
C LYS I 84 -2.88 5.41 -32.29
N MET I 85 -3.92 4.96 -31.57
CA MET I 85 -3.81 4.13 -30.35
C MET I 85 -3.72 2.65 -30.70
N LEU I 86 -4.01 2.26 -31.96
CA LEU I 86 -4.17 0.83 -32.36
C LEU I 86 -2.95 0.37 -33.16
N PRO I 87 -2.05 -0.45 -32.57
CA PRO I 87 -1.01 -1.12 -33.34
C PRO I 87 -1.62 -1.97 -34.44
N CYS I 88 -0.99 -1.96 -35.61
CA CYS I 88 -1.41 -2.72 -36.82
C CYS I 88 -0.31 -3.71 -37.20
N TYR I 89 -0.69 -4.77 -37.90
CA TYR I 89 0.27 -5.71 -38.55
C TYR I 89 1.10 -4.93 -39.57
N SER I 90 2.41 -5.23 -39.59
CA SER I 90 3.35 -4.77 -40.63
C SER I 90 3.41 -5.83 -41.72
N THR I 91 3.47 -5.41 -42.98
CA THR I 91 3.64 -6.33 -44.13
C THR I 91 4.38 -5.60 -45.25
N ALA I 92 5.11 -6.37 -46.05
CA ALA I 92 5.80 -5.91 -47.27
C ALA I 92 5.83 -7.05 -48.29
N ARG I 93 5.61 -6.72 -49.57
CA ARG I 93 5.88 -7.59 -50.74
C ARG I 93 7.34 -7.35 -51.16
N ILE I 94 8.19 -8.39 -51.13
CA ILE I 94 9.59 -8.32 -51.65
C ILE I 94 9.56 -8.84 -53.09
N PRO I 95 9.80 -7.99 -54.11
CA PRO I 95 9.97 -8.46 -55.48
C PRO I 95 11.21 -9.34 -55.62
N LEU I 96 11.10 -10.46 -56.33
CA LEU I 96 12.19 -11.41 -56.57
C LEU I 96 12.63 -11.31 -58.04
N PRO I 97 13.87 -11.73 -58.39
CA PRO I 97 14.28 -11.81 -59.80
C PRO I 97 13.33 -12.66 -60.66
N ASN I 98 12.95 -12.15 -61.84
CA ASN I 98 12.10 -12.90 -62.81
C ASN I 98 12.88 -14.14 -63.27
N LEU I 99 12.23 -15.32 -63.29
CA LEU I 99 12.87 -16.64 -63.55
C LEU I 99 12.54 -17.15 -64.95
N ASN I 100 11.36 -16.81 -65.50
CA ASN I 100 10.80 -17.46 -66.71
C ASN I 100 10.95 -16.48 -67.87
N GLY I 106 13.28 -25.87 -69.54
CA GLY I 106 12.17 -26.66 -70.10
C GLY I 106 10.91 -26.53 -69.27
N ASN I 107 11.03 -26.70 -67.95
CA ASN I 107 9.94 -26.53 -66.94
C ASN I 107 9.97 -25.12 -66.34
N LEU I 108 8.81 -24.56 -65.98
CA LEU I 108 8.69 -23.22 -65.33
C LEU I 108 9.37 -23.30 -63.96
N LEU I 109 9.89 -22.16 -63.52
CA LEU I 109 10.64 -22.02 -62.26
C LEU I 109 9.87 -21.07 -61.33
N MET I 110 9.78 -21.43 -60.05
CA MET I 110 9.33 -20.53 -58.95
C MET I 110 10.40 -20.53 -57.87
N TRP I 111 10.63 -19.37 -57.25
CA TRP I 111 11.43 -19.25 -56.00
C TRP I 111 10.68 -19.97 -54.88
N GLU I 112 11.40 -20.81 -54.15
CA GLU I 112 10.92 -21.58 -52.98
C GLU I 112 11.67 -21.07 -51.74
N ALA I 113 10.95 -20.54 -50.74
CA ALA I 113 11.53 -20.08 -49.46
C ALA I 113 11.88 -21.31 -48.63
N VAL I 114 13.17 -21.47 -48.29
CA VAL I 114 13.72 -22.69 -47.61
C VAL I 114 13.89 -22.39 -46.12
N THR I 115 14.48 -21.24 -45.77
CA THR I 115 14.80 -20.84 -44.38
C THR I 115 14.59 -19.34 -44.19
N VAL I 116 14.35 -18.94 -42.93
CA VAL I 116 14.32 -17.52 -42.53
C VAL I 116 15.18 -17.37 -41.28
N GLN I 117 16.03 -16.36 -41.27
CA GLN I 117 16.70 -15.82 -40.07
C GLN I 117 15.99 -14.50 -39.74
N THR I 118 15.54 -14.33 -38.50
CA THR I 118 14.74 -13.16 -38.08
C THR I 118 15.06 -12.80 -36.64
N GLU I 119 15.08 -11.50 -36.34
CA GLU I 119 15.12 -11.02 -34.94
C GLU I 119 14.58 -9.60 -34.86
N VAL I 120 14.19 -9.23 -33.64
CA VAL I 120 13.69 -7.89 -33.30
C VAL I 120 14.90 -6.97 -33.14
N ILE I 121 14.83 -5.79 -33.76
CA ILE I 121 15.98 -4.86 -33.91
C ILE I 121 15.80 -3.69 -32.95
N GLY I 122 16.79 -3.46 -32.08
CA GLY I 122 16.88 -2.33 -31.14
C GLY I 122 16.36 -2.68 -29.76
N ILE I 123 16.50 -3.93 -29.34
CA ILE I 123 16.01 -4.42 -28.02
C ILE I 123 16.73 -3.66 -26.88
N THR I 124 17.99 -3.26 -27.11
CA THR I 124 18.81 -2.53 -26.09
C THR I 124 18.32 -1.09 -25.89
N SER I 125 17.52 -0.53 -26.81
CA SER I 125 16.96 0.85 -26.68
C SER I 125 16.11 0.95 -25.40
N MET I 126 15.59 -0.18 -24.91
CA MET I 126 14.80 -0.25 -23.65
C MET I 126 15.68 -0.06 -22.41
N LEU I 127 17.01 -0.02 -22.55
CA LEU I 127 17.94 0.33 -21.43
C LEU I 127 18.04 1.86 -21.24
N ASN I 128 17.40 2.66 -22.10
CA ASN I 128 17.20 4.11 -21.88
C ASN I 128 16.08 4.28 -20.85
N LEU I 129 16.43 4.47 -19.57
CA LEU I 129 15.48 4.72 -18.46
C LEU I 129 15.54 6.18 -18.01
N HIS I 130 16.17 7.07 -18.79
CA HIS I 130 16.30 8.52 -18.51
C HIS I 130 15.27 9.35 -19.28
N ALA I 131 14.82 8.89 -20.46
CA ALA I 131 13.89 9.63 -21.35
C ALA I 131 12.44 9.29 -20.98
N GLY I 132 11.79 10.20 -20.25
CA GLY I 132 10.31 10.35 -20.18
C GLY I 132 9.56 9.22 -19.47
N SER I 133 10.24 8.19 -18.95
CA SER I 133 9.55 7.08 -18.23
C SER I 133 9.41 7.42 -16.75
N GLN I 134 8.24 7.14 -16.18
CA GLN I 134 7.90 7.40 -14.75
C GLN I 134 8.94 6.74 -13.85
N LYS I 135 9.41 7.47 -12.85
CA LYS I 135 10.35 6.92 -11.83
C LYS I 135 9.65 5.75 -11.14
N VAL I 136 10.39 4.67 -10.88
CA VAL I 136 9.88 3.43 -10.23
C VAL I 136 9.50 3.73 -8.77
N HIS I 137 10.17 4.70 -8.16
CA HIS I 137 9.96 5.19 -6.78
C HIS I 137 10.78 6.48 -6.63
N GLU I 138 10.67 7.14 -5.48
CA GLU I 138 11.39 8.41 -5.24
C GLU I 138 12.90 8.15 -5.37
N HIS I 139 13.59 8.96 -6.18
CA HIS I 139 15.06 8.88 -6.48
C HIS I 139 15.41 7.73 -7.43
N GLY I 140 14.45 6.91 -7.85
CA GLY I 140 14.70 5.72 -8.70
C GLY I 140 14.85 6.07 -10.17
N GLY I 141 15.34 5.13 -10.97
CA GLY I 141 15.39 5.26 -12.44
C GLY I 141 14.01 5.19 -13.06
N GLY I 142 13.91 5.45 -14.35
CA GLY I 142 12.64 5.32 -15.10
C GLY I 142 12.14 3.89 -15.15
N LYS I 143 10.83 3.71 -15.28
CA LYS I 143 10.16 2.40 -15.35
C LYS I 143 10.49 1.75 -16.70
N PRO I 144 11.06 0.53 -16.72
CA PRO I 144 11.22 -0.23 -17.96
C PRO I 144 9.89 -0.40 -18.72
N ILE I 145 9.97 -0.50 -20.03
CA ILE I 145 8.84 -1.00 -20.87
C ILE I 145 8.52 -2.42 -20.39
N GLN I 146 7.25 -2.69 -20.16
CA GLN I 146 6.78 -4.00 -19.66
C GLN I 146 5.26 -4.07 -19.84
N GLY I 147 4.71 -5.26 -19.62
CA GLY I 147 3.28 -5.52 -19.82
C GLY I 147 3.06 -6.35 -21.06
N SER I 148 1.79 -6.47 -21.47
CA SER I 148 1.35 -7.39 -22.55
C SER I 148 2.23 -7.19 -23.79
N ASN I 149 2.69 -8.28 -24.39
CA ASN I 149 3.53 -8.20 -25.61
C ASN I 149 3.07 -9.29 -26.58
N PHE I 150 3.31 -9.03 -27.86
CA PHE I 150 2.99 -9.94 -28.98
C PHE I 150 4.15 -9.90 -29.96
N HIS I 151 4.73 -11.07 -30.25
CA HIS I 151 5.87 -11.25 -31.18
C HIS I 151 5.44 -12.28 -32.22
N PHE I 152 5.32 -11.83 -33.48
CA PHE I 152 4.72 -12.58 -34.60
C PHE I 152 5.51 -12.28 -35.86
N PHE I 153 5.75 -13.30 -36.67
CA PHE I 153 6.26 -13.13 -38.06
C PHE I 153 5.67 -14.23 -38.93
N ALA I 154 5.56 -13.93 -40.22
CA ALA I 154 5.15 -14.88 -41.26
C ALA I 154 6.01 -14.65 -42.50
N VAL I 155 6.28 -15.74 -43.22
CA VAL I 155 6.93 -15.75 -44.56
C VAL I 155 6.06 -16.63 -45.47
N GLY I 156 5.64 -16.09 -46.62
CA GLY I 156 4.78 -16.82 -47.57
C GLY I 156 4.97 -16.34 -48.98
N GLY I 157 4.44 -17.13 -49.93
CA GLY I 157 4.36 -16.78 -51.36
C GLY I 157 3.05 -16.13 -51.73
N ASP I 158 2.17 -15.95 -50.74
CA ASP I 158 0.90 -15.17 -50.85
C ASP I 158 0.80 -14.25 -49.65
N PRO I 159 -0.03 -13.19 -49.68
CA PRO I 159 -0.32 -12.39 -48.49
C PRO I 159 -0.83 -13.27 -47.34
N LEU I 160 -0.49 -12.90 -46.10
CA LEU I 160 -0.93 -13.66 -44.89
C LEU I 160 -2.47 -13.65 -44.88
N GLU I 161 -3.08 -14.81 -44.62
CA GLU I 161 -4.55 -14.95 -44.46
C GLU I 161 -4.88 -14.88 -42.97
N MET I 162 -5.89 -14.09 -42.62
CA MET I 162 -6.20 -13.76 -41.21
C MET I 162 -7.67 -14.06 -40.91
N GLN I 163 -7.94 -14.35 -39.63
CA GLN I 163 -9.29 -14.55 -39.06
C GLN I 163 -9.53 -13.41 -38.07
N GLY I 164 -10.71 -12.80 -38.10
CA GLY I 164 -11.12 -11.73 -37.16
C GLY I 164 -11.66 -12.31 -35.87
N VAL I 165 -11.21 -11.80 -34.73
CA VAL I 165 -11.82 -12.05 -33.39
C VAL I 165 -11.73 -10.73 -32.61
N LEU I 166 -12.82 -10.35 -31.93
CA LEU I 166 -12.90 -9.06 -31.19
C LEU I 166 -13.08 -9.32 -29.70
N MET I 167 -12.45 -8.50 -28.86
CA MET I 167 -12.75 -8.37 -27.41
C MET I 167 -14.21 -7.94 -27.26
N ASN I 168 -14.64 -6.99 -28.10
CA ASN I 168 -15.95 -6.30 -28.02
C ASN I 168 -16.45 -6.08 -29.46
N TYR I 169 -17.50 -6.80 -29.87
CA TYR I 169 -18.04 -6.74 -31.26
C TYR I 169 -18.61 -5.34 -31.54
N ARG I 170 -19.00 -4.60 -30.49
CA ARG I 170 -19.60 -3.25 -30.60
C ARG I 170 -18.53 -2.15 -30.68
N THR I 171 -17.24 -2.47 -30.66
CA THR I 171 -16.16 -1.47 -30.83
C THR I 171 -16.39 -0.73 -32.16
N LYS I 172 -16.41 0.60 -32.13
CA LYS I 172 -16.51 1.47 -33.33
C LYS I 172 -15.08 1.78 -33.75
N TYR I 173 -14.56 1.07 -34.75
CA TYR I 173 -13.16 1.24 -35.22
C TYR I 173 -13.10 2.46 -36.13
N PRO I 174 -12.01 3.25 -36.07
CA PRO I 174 -11.93 4.52 -36.78
C PRO I 174 -11.53 4.35 -38.25
N ASP I 175 -11.75 5.42 -39.03
CA ASP I 175 -11.32 5.53 -40.45
C ASP I 175 -9.81 5.26 -40.53
N GLY I 176 -9.41 4.50 -41.56
CA GLY I 176 -8.01 4.12 -41.80
C GLY I 176 -7.68 2.74 -41.28
N THR I 177 -8.60 2.10 -40.53
CA THR I 177 -8.45 0.70 -40.08
C THR I 177 -9.36 -0.19 -40.92
N ILE I 178 -8.90 -1.41 -41.19
CA ILE I 178 -9.71 -2.50 -41.81
C ILE I 178 -9.95 -3.52 -40.70
N THR I 179 -11.20 -3.68 -40.26
CA THR I 179 -11.61 -4.51 -39.09
C THR I 179 -12.79 -5.36 -39.50
N PRO I 180 -13.16 -6.42 -38.73
CA PRO I 180 -14.30 -7.28 -39.07
C PRO I 180 -15.56 -6.50 -39.45
N LYS I 181 -16.08 -6.75 -40.67
CA LYS I 181 -17.27 -6.06 -41.23
C LYS I 181 -18.52 -6.78 -40.72
N ASN I 182 -19.56 -6.02 -40.40
CA ASN I 182 -20.86 -6.53 -39.90
C ASN I 182 -20.63 -7.50 -38.74
N PRO I 183 -19.90 -7.10 -37.69
CA PRO I 183 -19.63 -7.98 -36.55
C PRO I 183 -20.93 -8.25 -35.76
N THR I 184 -21.01 -9.44 -35.15
CA THR I 184 -22.10 -9.87 -34.24
C THR I 184 -21.49 -10.29 -32.90
N ALA I 185 -22.31 -10.67 -31.92
CA ALA I 185 -21.85 -11.24 -30.63
C ALA I 185 -20.91 -12.42 -30.90
N GLN I 186 -21.20 -13.23 -31.93
N GLN I 186 -21.20 -13.23 -31.93
CA GLN I 186 -20.39 -14.40 -32.34
CA GLN I 186 -20.37 -14.40 -32.33
C GLN I 186 -18.96 -13.97 -32.73
C GLN I 186 -18.96 -13.97 -32.73
N SER I 187 -18.76 -12.72 -33.16
CA SER I 187 -17.42 -12.17 -33.53
C SER I 187 -16.48 -12.09 -32.32
N GLN I 188 -17.00 -12.19 -31.09
CA GLN I 188 -16.16 -12.26 -29.85
C GLN I 188 -15.63 -13.67 -29.60
N VAL I 189 -16.21 -14.67 -30.27
CA VAL I 189 -15.72 -16.07 -30.27
C VAL I 189 -15.28 -16.38 -31.71
N MET I 190 -15.83 -17.38 -32.40
CA MET I 190 -15.46 -17.61 -33.82
C MET I 190 -16.64 -17.34 -34.75
N ASN I 191 -16.47 -16.34 -35.62
CA ASN I 191 -17.35 -15.99 -36.75
C ASN I 191 -16.54 -16.18 -38.04
N THR I 192 -16.81 -17.25 -38.81
CA THR I 192 -16.05 -17.62 -40.04
C THR I 192 -16.26 -16.60 -41.17
N ASP I 193 -17.17 -15.63 -41.03
CA ASP I 193 -17.32 -14.50 -42.00
C ASP I 193 -16.07 -13.60 -42.01
N HIS I 194 -15.34 -13.48 -40.89
CA HIS I 194 -14.23 -12.51 -40.73
C HIS I 194 -12.91 -13.09 -41.29
N LYS I 195 -12.80 -13.15 -42.62
CA LYS I 195 -11.59 -13.58 -43.35
C LYS I 195 -11.00 -12.36 -44.06
N ALA I 196 -9.69 -12.14 -43.94
CA ALA I 196 -8.99 -11.02 -44.61
C ALA I 196 -7.62 -11.51 -45.12
N TYR I 197 -7.12 -10.84 -46.15
CA TYR I 197 -5.71 -10.88 -46.60
C TYR I 197 -5.00 -9.69 -45.95
N LEU I 198 -3.82 -9.92 -45.37
CA LEU I 198 -2.93 -8.84 -44.90
C LEU I 198 -2.32 -8.20 -46.15
N ASP I 199 -3.09 -7.33 -46.80
CA ASP I 199 -2.85 -6.79 -48.16
C ASP I 199 -2.59 -5.29 -48.09
N LYS I 200 -2.44 -4.72 -46.88
CA LYS I 200 -2.12 -3.29 -46.68
C LYS I 200 -1.34 -3.13 -45.38
N ASN I 201 -0.23 -2.40 -45.44
CA ASN I 201 0.61 -2.04 -44.28
C ASN I 201 -0.13 -1.00 -43.44
N ASN I 202 -0.05 -1.11 -42.11
CA ASN I 202 -0.55 -0.09 -41.13
C ASN I 202 -2.06 0.12 -41.31
N ALA I 203 -2.82 -0.97 -41.47
CA ALA I 203 -4.29 -0.93 -41.72
C ALA I 203 -5.07 -1.94 -40.86
N TYR I 204 -4.55 -3.16 -40.66
CA TYR I 204 -5.23 -4.25 -39.93
C TYR I 204 -4.81 -4.21 -38.46
N PRO I 205 -5.65 -3.74 -37.51
CA PRO I 205 -5.25 -3.67 -36.10
C PRO I 205 -4.94 -5.07 -35.53
N VAL I 206 -3.86 -5.16 -34.75
CA VAL I 206 -3.41 -6.43 -34.14
C VAL I 206 -4.54 -7.00 -33.27
N GLU I 207 -5.30 -6.14 -32.56
CA GLU I 207 -6.34 -6.59 -31.60
C GLU I 207 -7.55 -7.23 -32.31
N CYS I 208 -7.69 -7.06 -33.63
CA CYS I 208 -8.87 -7.53 -34.41
C CYS I 208 -8.59 -8.84 -35.16
N TRP I 209 -7.33 -9.17 -35.42
CA TRP I 209 -6.94 -10.18 -36.43
C TRP I 209 -5.86 -11.12 -35.87
N VAL I 210 -5.96 -12.40 -36.22
CA VAL I 210 -4.93 -13.44 -35.93
C VAL I 210 -4.63 -14.16 -37.25
N PRO I 211 -3.44 -14.79 -37.38
CA PRO I 211 -3.20 -15.67 -38.53
C PRO I 211 -4.24 -16.79 -38.54
N ASP I 212 -4.74 -17.14 -39.72
CA ASP I 212 -5.85 -18.12 -39.89
C ASP I 212 -5.23 -19.50 -40.09
N PRO I 213 -5.33 -20.43 -39.10
CA PRO I 213 -4.75 -21.77 -39.26
C PRO I 213 -5.55 -22.66 -40.23
N SER I 214 -6.78 -22.27 -40.60
CA SER I 214 -7.63 -22.99 -41.59
C SER I 214 -7.18 -22.70 -43.03
N ARG I 215 -6.30 -21.72 -43.25
CA ARG I 215 -5.79 -21.34 -44.59
C ARG I 215 -4.26 -21.29 -44.51
N ASN I 216 -3.60 -20.36 -45.20
CA ASN I 216 -2.13 -20.18 -45.18
C ASN I 216 -1.42 -21.48 -45.58
N GLU I 217 -1.87 -22.14 -46.65
CA GLU I 217 -1.20 -23.35 -47.20
C GLU I 217 0.18 -22.97 -47.75
N ASN I 218 0.36 -21.71 -48.17
CA ASN I 218 1.60 -21.22 -48.84
C ASN I 218 2.34 -20.19 -47.96
N THR I 219 2.07 -20.18 -46.64
CA THR I 219 2.72 -19.30 -45.64
C THR I 219 3.09 -20.14 -44.42
N ARG I 220 4.23 -19.80 -43.79
CA ARG I 220 4.59 -20.29 -42.44
C ARG I 220 4.53 -19.08 -41.50
N TYR I 221 3.79 -19.21 -40.39
CA TYR I 221 3.64 -18.13 -39.37
C TYR I 221 3.95 -18.68 -37.98
N PHE I 222 4.42 -17.78 -37.10
CA PHE I 222 4.87 -18.07 -35.73
C PHE I 222 4.53 -16.87 -34.86
N GLY I 223 3.80 -17.08 -33.76
CA GLY I 223 3.42 -15.99 -32.84
C GLY I 223 3.40 -16.45 -31.41
N THR I 224 3.78 -15.54 -30.49
CA THR I 224 3.64 -15.71 -29.03
C THR I 224 2.99 -14.45 -28.45
N PHE I 225 1.85 -14.63 -27.78
CA PHE I 225 1.19 -13.60 -26.95
C PHE I 225 1.51 -13.88 -25.48
N THR I 226 2.02 -12.87 -24.78
CA THR I 226 2.24 -12.89 -23.30
C THR I 226 1.49 -11.69 -22.73
N GLY I 227 0.38 -11.96 -22.03
CA GLY I 227 -0.51 -10.92 -21.47
C GLY I 227 -0.20 -10.70 -20.01
N GLY I 228 -0.35 -9.47 -19.53
CA GLY I 228 -0.28 -9.18 -18.08
C GLY I 228 0.29 -7.81 -17.81
N GLU I 229 -0.07 -7.25 -16.66
CA GLU I 229 0.30 -5.86 -16.26
CA GLU I 229 0.31 -5.86 -16.29
C GLU I 229 1.83 -5.70 -16.26
N ASN I 230 2.54 -6.67 -15.67
CA ASN I 230 3.99 -6.54 -15.32
C ASN I 230 4.86 -7.55 -16.09
N VAL I 231 4.34 -8.14 -17.17
CA VAL I 231 5.08 -9.14 -18.01
C VAL I 231 6.42 -8.53 -18.44
N PRO I 232 7.57 -9.17 -18.15
CA PRO I 232 8.85 -8.71 -18.66
C PRO I 232 9.06 -9.05 -20.12
N PRO I 233 9.48 -8.10 -20.99
CA PRO I 233 9.93 -8.44 -22.33
C PRO I 233 11.18 -9.32 -22.22
N VAL I 234 11.19 -10.43 -22.98
CA VAL I 234 12.35 -11.36 -23.08
C VAL I 234 12.62 -11.55 -24.57
N LEU I 235 13.73 -11.02 -25.09
CA LEU I 235 14.03 -11.03 -26.55
C LEU I 235 15.47 -11.51 -26.77
N HIS I 236 15.63 -12.44 -27.71
CA HIS I 236 16.92 -13.09 -28.08
C HIS I 236 17.38 -12.56 -29.43
N VAL I 237 18.68 -12.30 -29.56
CA VAL I 237 19.34 -11.99 -30.86
C VAL I 237 20.48 -12.98 -31.06
N THR I 238 20.62 -13.48 -32.27
CA THR I 238 21.78 -14.28 -32.72
C THR I 238 21.70 -14.44 -34.24
N ASN I 239 22.85 -14.39 -34.91
CA ASN I 239 22.94 -14.63 -36.37
C ASN I 239 23.22 -16.12 -36.64
N THR I 240 23.07 -17.00 -35.64
CA THR I 240 23.34 -18.45 -35.74
C THR I 240 22.03 -19.27 -35.78
N ALA I 241 20.87 -18.64 -35.61
CA ALA I 241 19.55 -19.33 -35.55
C ALA I 241 18.84 -19.19 -36.90
N THR I 242 18.34 -20.32 -37.41
CA THR I 242 17.60 -20.44 -38.69
C THR I 242 16.31 -21.22 -38.44
N THR I 243 15.18 -20.75 -38.97
CA THR I 243 13.89 -21.50 -38.98
C THR I 243 13.70 -22.09 -40.37
N VAL I 244 13.52 -23.42 -40.45
CA VAL I 244 13.23 -24.14 -41.73
C VAL I 244 11.77 -23.87 -42.10
N LEU I 245 11.51 -23.52 -43.36
CA LEU I 245 10.15 -23.16 -43.87
C LEU I 245 9.55 -24.30 -44.70
N LEU I 246 10.28 -25.41 -44.90
CA LEU I 246 9.79 -26.59 -45.66
C LEU I 246 8.71 -27.30 -44.84
N ASP I 247 7.65 -27.77 -45.53
CA ASP I 247 6.52 -28.52 -44.91
C ASP I 247 6.92 -30.00 -44.78
N GLU I 248 5.98 -30.85 -44.36
CA GLU I 248 6.17 -32.33 -44.19
C GLU I 248 6.68 -32.96 -45.49
N GLN I 249 6.25 -32.46 -46.66
CA GLN I 249 6.64 -32.97 -48.00
C GLN I 249 7.98 -32.39 -48.47
N GLY I 250 8.64 -31.53 -47.68
CA GLY I 250 9.91 -30.88 -48.04
C GLY I 250 9.73 -29.73 -49.02
N VAL I 251 8.55 -29.11 -49.08
CA VAL I 251 8.24 -27.96 -49.97
C VAL I 251 8.04 -26.70 -49.10
N GLY I 252 8.84 -25.66 -49.36
CA GLY I 252 8.69 -24.33 -48.73
C GLY I 252 7.63 -23.50 -49.45
N PRO I 253 7.27 -22.30 -48.93
CA PRO I 253 6.40 -21.38 -49.66
C PRO I 253 6.88 -21.13 -51.09
N LEU I 254 5.99 -21.24 -52.06
CA LEU I 254 6.27 -21.01 -53.50
C LEU I 254 5.79 -19.59 -53.86
N CYS I 255 6.72 -18.78 -54.37
CA CYS I 255 6.54 -17.32 -54.52
C CYS I 255 5.81 -17.04 -55.83
N LYS I 256 4.48 -16.94 -55.74
CA LYS I 256 3.56 -16.62 -56.87
C LYS I 256 3.84 -15.19 -57.34
N ALA I 257 3.89 -15.00 -58.66
CA ALA I 257 4.18 -13.71 -59.35
C ALA I 257 5.52 -13.14 -58.85
N ASP I 258 6.51 -14.01 -58.61
CA ASP I 258 7.89 -13.65 -58.18
C ASP I 258 7.84 -12.65 -57.02
N SER I 259 6.96 -12.91 -56.04
CA SER I 259 6.70 -12.06 -54.85
C SER I 259 6.82 -12.91 -53.59
N LEU I 260 7.60 -12.42 -52.62
CA LEU I 260 7.71 -12.98 -51.25
C LEU I 260 7.00 -12.02 -50.29
N TYR I 261 6.19 -12.53 -49.37
CA TYR I 261 5.44 -11.71 -48.38
C TYR I 261 6.03 -11.95 -46.99
N VAL I 262 6.44 -10.86 -46.34
CA VAL I 262 6.90 -10.85 -44.94
C VAL I 262 5.91 -10.01 -44.13
N SER I 263 5.52 -10.54 -42.97
CA SER I 263 4.52 -9.94 -42.05
C SER I 263 5.05 -10.02 -40.62
N ALA I 264 4.72 -9.04 -39.79
CA ALA I 264 5.22 -8.98 -38.39
C ALA I 264 4.27 -8.16 -37.52
N ALA I 265 4.29 -8.47 -36.23
CA ALA I 265 3.81 -7.63 -35.12
C ALA I 265 4.75 -7.84 -33.94
N ASP I 266 5.41 -6.79 -33.47
CA ASP I 266 6.38 -6.87 -32.35
C ASP I 266 6.07 -5.75 -31.36
N ILE I 267 4.96 -5.92 -30.64
CA ILE I 267 4.56 -5.07 -29.48
C ILE I 267 5.39 -5.57 -28.30
N CYS I 268 6.31 -4.74 -27.81
CA CYS I 268 7.31 -5.12 -26.78
C CYS I 268 6.74 -4.98 -25.37
N GLY I 269 5.70 -4.16 -25.22
CA GLY I 269 5.11 -3.82 -23.91
C GLY I 269 4.63 -2.38 -23.91
N LEU I 270 4.35 -1.87 -22.71
CA LEU I 270 3.86 -0.49 -22.52
C LEU I 270 4.98 0.36 -21.94
N PHE I 271 5.17 1.55 -22.52
CA PHE I 271 5.99 2.67 -21.99
C PHE I 271 5.08 3.49 -21.07
N THR I 272 5.56 3.84 -19.87
CA THR I 272 4.80 4.65 -18.88
C THR I 272 5.43 6.04 -18.75
N ASN I 273 4.68 7.08 -19.13
CA ASN I 273 5.07 8.51 -18.96
C ASN I 273 5.01 8.87 -17.47
N SER I 274 5.62 10.00 -17.10
CA SER I 274 5.70 10.50 -15.70
C SER I 274 4.29 10.65 -15.09
N SER I 275 3.28 10.93 -15.92
CA SER I 275 1.84 11.08 -15.56
C SER I 275 1.19 9.73 -15.23
N GLY I 276 1.78 8.60 -15.64
CA GLY I 276 1.18 7.26 -15.54
C GLY I 276 0.49 6.84 -16.83
N THR I 277 0.40 7.70 -17.85
CA THR I 277 -0.15 7.30 -19.18
C THR I 277 0.77 6.26 -19.80
N GLN I 278 0.20 5.36 -20.57
CA GLN I 278 0.89 4.18 -21.16
C GLN I 278 0.76 4.23 -22.67
N GLN I 279 1.84 3.89 -23.37
CA GLN I 279 1.90 3.83 -24.85
C GLN I 279 2.55 2.51 -25.25
N TRP I 280 2.01 1.82 -26.25
CA TRP I 280 2.67 0.63 -26.85
C TRP I 280 4.02 1.06 -27.43
N ARG I 281 5.07 0.28 -27.18
CA ARG I 281 6.38 0.42 -27.88
C ARG I 281 6.53 -0.79 -28.80
N GLY I 282 6.85 -0.54 -30.07
CA GLY I 282 7.15 -1.57 -31.07
C GLY I 282 8.56 -1.39 -31.59
N LEU I 283 9.12 -2.45 -32.16
CA LEU I 283 10.47 -2.44 -32.78
C LEU I 283 10.39 -3.12 -34.14
N ALA I 284 11.29 -2.74 -35.03
CA ALA I 284 11.45 -3.32 -36.38
C ALA I 284 11.83 -4.80 -36.25
N ARG I 285 11.49 -5.59 -37.28
CA ARG I 285 11.92 -6.99 -37.42
C ARG I 285 12.73 -7.13 -38.71
N TYR I 286 13.89 -7.76 -38.60
CA TYR I 286 14.76 -8.13 -39.74
C TYR I 286 14.35 -9.52 -40.22
N PHE I 287 14.34 -9.72 -41.53
CA PHE I 287 14.14 -11.03 -42.21
C PHE I 287 15.29 -11.23 -43.20
N LYS I 288 15.94 -12.39 -43.13
CA LYS I 288 16.84 -12.92 -44.21
C LYS I 288 16.28 -14.26 -44.64
N ILE I 289 15.81 -14.34 -45.87
CA ILE I 289 15.12 -15.54 -46.43
C ILE I 289 16.02 -16.13 -47.52
N ARG I 290 16.41 -17.40 -47.34
CA ARG I 290 17.12 -18.21 -48.36
C ARG I 290 16.07 -18.82 -49.29
N LEU I 291 16.24 -18.62 -50.60
CA LEU I 291 15.30 -19.08 -51.64
C LEU I 291 16.06 -20.00 -52.61
N ARG I 292 15.38 -20.98 -53.18
CA ARG I 292 15.95 -21.89 -54.20
C ARG I 292 14.98 -22.00 -55.39
N LYS I 293 15.52 -22.33 -56.55
CA LYS I 293 14.76 -22.50 -57.80
C LYS I 293 14.07 -23.86 -57.75
N ARG I 294 12.73 -23.86 -57.85
CA ARG I 294 11.92 -25.10 -57.89
C ARG I 294 11.23 -25.19 -59.25
N SER I 295 11.42 -26.32 -59.95
CA SER I 295 10.68 -26.68 -61.18
C SER I 295 9.23 -26.97 -60.81
N VAL I 296 8.29 -26.37 -61.55
CA VAL I 296 6.82 -26.49 -61.34
C VAL I 296 6.15 -26.72 -62.70
N LYS I 297 4.94 -27.29 -62.71
CA LYS I 297 4.06 -27.44 -63.89
C LYS I 297 2.82 -26.54 -63.69
N ASN I 298 2.34 -25.90 -64.76
CA ASN I 298 1.25 -24.89 -64.72
C ASN I 298 1.68 -23.72 -63.83
N GLN J 1 12.19 13.90 -3.33
CA GLN J 1 11.30 14.97 -2.79
C GLN J 1 11.47 15.09 -1.26
N VAL J 2 12.66 14.80 -0.72
CA VAL J 2 12.99 14.95 0.73
C VAL J 2 12.84 16.43 1.09
N GLN J 3 12.08 16.73 2.13
CA GLN J 3 11.75 18.11 2.57
C GLN J 3 12.37 18.33 3.95
N LEU J 4 13.25 19.33 4.09
CA LEU J 4 13.91 19.71 5.37
C LEU J 4 13.27 21.00 5.90
N GLN J 5 12.64 20.94 7.08
CA GLN J 5 11.97 22.08 7.75
C GLN J 5 12.80 22.48 8.96
N GLN J 6 13.29 23.73 8.96
CA GLN J 6 14.24 24.27 9.95
C GLN J 6 13.51 25.26 10.86
N TRP J 7 13.72 25.15 12.17
CA TRP J 7 13.22 26.12 13.18
C TRP J 7 14.14 26.19 14.39
N GLY J 8 13.87 27.16 15.27
CA GLY J 8 14.70 27.52 16.43
C GLY J 8 14.84 29.02 16.54
N ALA J 9 15.22 29.52 17.73
CA ALA J 9 15.40 30.96 18.02
C ALA J 9 16.57 31.51 17.18
N GLY J 10 16.30 32.50 16.33
CA GLY J 10 17.29 33.19 15.48
C GLY J 10 17.94 34.36 16.19
N LEU J 11 17.22 35.05 17.10
CA LEU J 11 17.78 36.15 17.93
C LEU J 11 18.31 35.60 19.26
N LEU J 12 19.64 35.53 19.42
CA LEU J 12 20.31 35.04 20.66
C LEU J 12 21.08 36.21 21.29
N LYS J 13 21.28 36.15 22.61
CA LYS J 13 22.12 37.10 23.38
C LYS J 13 23.49 36.47 23.56
N PRO J 14 24.58 37.27 23.63
CA PRO J 14 25.90 36.74 23.93
C PRO J 14 25.91 35.82 25.17
N SER J 15 26.67 34.71 25.12
CA SER J 15 26.85 33.71 26.20
C SER J 15 25.78 32.60 26.16
N GLU J 16 24.65 32.80 25.47
CA GLU J 16 23.53 31.83 25.41
C GLU J 16 23.93 30.62 24.56
N THR J 17 23.09 29.59 24.58
CA THR J 17 23.27 28.35 23.76
C THR J 17 22.30 28.40 22.59
N LEU J 18 22.83 28.35 21.36
CA LEU J 18 22.04 28.22 20.10
C LEU J 18 21.43 26.82 20.06
N SER J 19 20.12 26.74 19.80
CA SER J 19 19.37 25.46 19.67
CA SER J 19 19.37 25.46 19.67
C SER J 19 18.52 25.52 18.39
N LEU J 20 18.89 24.70 17.39
CA LEU J 20 18.17 24.60 16.10
C LEU J 20 17.74 23.15 15.91
N THR J 21 16.58 22.97 15.29
CA THR J 21 16.01 21.64 14.94
C THR J 21 15.69 21.63 13.45
N CYS J 22 15.96 20.51 12.81
CA CYS J 22 15.61 20.20 11.40
C CYS J 22 14.64 19.00 11.41
N ALA J 23 13.44 19.15 10.84
CA ALA J 23 12.46 18.05 10.70
C ALA J 23 12.51 17.52 9.25
N VAL J 24 12.59 16.20 9.09
CA VAL J 24 12.59 15.49 7.79
C VAL J 24 11.16 15.05 7.45
N TYR J 25 10.65 15.50 6.30
CA TYR J 25 9.38 15.06 5.67
C TYR J 25 9.66 14.41 4.29
N ARG J 26 8.78 13.51 3.84
CA ARG J 26 8.69 13.00 2.44
C ARG J 26 10.00 12.30 2.05
N GLY J 27 10.65 11.66 3.03
CA GLY J 27 11.92 10.94 2.86
C GLY J 27 12.21 10.06 4.06
N SER J 28 13.02 9.02 3.87
CA SER J 28 13.46 8.08 4.94
C SER J 28 14.44 8.79 5.87
N PHE J 29 14.12 8.88 7.17
CA PHE J 29 15.02 9.46 8.20
C PHE J 29 16.31 8.63 8.32
N SER J 30 16.22 7.31 8.20
CA SER J 30 17.34 6.36 8.43
C SER J 30 18.30 6.30 7.23
N ALA J 31 17.95 6.85 6.06
CA ALA J 31 18.66 6.58 4.78
C ALA J 31 19.77 7.61 4.49
N TYR J 32 19.93 8.67 5.30
CA TYR J 32 20.84 9.80 4.99
C TYR J 32 21.67 10.18 6.22
N TYR J 33 22.86 10.72 5.95
CA TYR J 33 23.70 11.46 6.93
C TYR J 33 23.16 12.88 7.01
N TRP J 34 22.83 13.34 8.23
CA TRP J 34 22.24 14.67 8.49
C TRP J 34 23.35 15.62 8.96
N THR J 35 23.50 16.74 8.27
CA THR J 35 24.66 17.67 8.39
C THR J 35 24.16 19.07 8.76
N TRP J 36 24.97 19.81 9.53
CA TRP J 36 24.80 21.25 9.77
C TRP J 36 25.95 22.02 9.11
N PHE J 37 25.61 23.14 8.46
CA PHE J 37 26.56 24.15 7.93
C PHE J 37 26.18 25.52 8.50
N ARG J 38 27.13 26.46 8.50
CA ARG J 38 26.81 27.89 8.69
C ARG J 38 27.58 28.75 7.69
N GLN J 39 27.02 29.91 7.38
CA GLN J 39 27.57 30.94 6.46
C GLN J 39 27.49 32.29 7.16
N PRO J 40 28.58 32.83 7.74
CA PRO J 40 28.58 34.18 8.29
C PRO J 40 28.25 35.25 7.23
N PRO J 41 27.64 36.41 7.59
CA PRO J 41 27.27 37.43 6.61
C PRO J 41 28.42 37.83 5.67
N GLY J 42 28.20 37.69 4.36
CA GLY J 42 29.15 38.05 3.29
C GLY J 42 30.41 37.20 3.28
N LYS J 43 30.37 35.98 3.83
CA LYS J 43 31.54 35.04 3.90
C LYS J 43 31.16 33.71 3.25
N GLY J 44 32.11 32.78 3.19
CA GLY J 44 31.92 31.41 2.68
C GLY J 44 31.27 30.52 3.72
N LEU J 45 31.27 29.20 3.49
CA LEU J 45 30.52 28.22 4.31
C LEU J 45 31.50 27.44 5.18
N GLU J 46 31.01 27.05 6.36
CA GLU J 46 31.74 26.19 7.33
C GLU J 46 30.88 24.95 7.58
N TRP J 47 31.50 23.76 7.52
CA TRP J 47 30.90 22.48 7.94
C TRP J 47 30.98 22.40 9.47
N ILE J 48 29.85 22.23 10.13
CA ILE J 48 29.75 22.18 11.63
C ILE J 48 29.96 20.72 12.07
N GLY J 49 29.16 19.82 11.50
CA GLY J 49 29.27 18.37 11.74
C GLY J 49 28.06 17.63 11.23
N GLU J 50 27.93 16.35 11.59
CA GLU J 50 26.89 15.46 11.03
C GLU J 50 26.58 14.33 12.01
N ILE J 51 25.47 13.65 11.74
CA ILE J 51 24.93 12.53 12.57
C ILE J 51 24.18 11.59 11.63
N ASN J 52 24.05 10.31 12.00
CA ASN J 52 23.12 9.36 11.33
C ASN J 52 22.03 8.98 12.35
N HIS J 53 21.08 8.15 11.92
CA HIS J 53 19.88 7.77 12.71
C HIS J 53 20.27 6.98 13.98
N ARG J 54 21.45 6.37 14.02
CA ARG J 54 21.96 5.60 15.20
CA ARG J 54 21.95 5.60 15.20
C ARG J 54 22.73 6.51 16.16
N GLY J 55 22.93 7.78 15.80
CA GLY J 55 23.49 8.82 16.69
C GLY J 55 25.00 8.93 16.60
N TYR J 56 25.64 8.29 15.62
CA TYR J 56 27.10 8.43 15.38
C TYR J 56 27.36 9.82 14.82
N THR J 57 28.27 10.58 15.43
CA THR J 57 28.55 12.01 15.11
C THR J 57 30.01 12.19 14.69
N ASN J 58 30.24 13.21 13.86
CA ASN J 58 31.58 13.77 13.55
C ASN J 58 31.45 15.30 13.55
N TYR J 59 32.39 15.99 14.18
CA TYR J 59 32.37 17.46 14.38
C TYR J 59 33.62 18.08 13.75
N ASN J 60 33.47 19.33 13.30
CA ASN J 60 34.60 20.20 12.91
C ASN J 60 35.37 20.58 14.19
N PRO J 61 36.69 20.32 14.28
CA PRO J 61 37.51 20.84 15.39
C PRO J 61 37.46 22.36 15.61
N SER J 62 37.15 23.14 14.56
CA SER J 62 37.08 24.63 14.56
C SER J 62 36.13 25.17 15.64
N LEU J 63 35.11 24.41 16.04
CA LEU J 63 34.17 24.80 17.14
C LEU J 63 33.95 23.62 18.09
N ARG J 64 34.89 22.65 18.12
CA ARG J 64 34.79 21.40 18.94
C ARG J 64 34.79 21.77 20.44
N GLY J 65 34.10 20.97 21.24
CA GLY J 65 33.80 21.26 22.65
C GLY J 65 32.51 22.03 22.75
N ARG J 66 32.28 23.04 21.90
CA ARG J 66 31.12 23.96 21.97
C ARG J 66 29.89 23.38 21.26
N VAL J 67 30.08 22.36 20.42
CA VAL J 67 29.03 21.89 19.46
C VAL J 67 28.51 20.53 19.92
N SER J 68 27.19 20.35 19.84
CA SER J 68 26.49 19.05 20.02
C SER J 68 25.46 18.89 18.89
N ILE J 69 25.42 17.71 18.26
CA ILE J 69 24.35 17.32 17.29
C ILE J 69 23.67 16.07 17.85
N SER J 70 22.33 16.03 17.82
CA SER J 70 21.50 14.91 18.33
C SER J 70 20.41 14.56 17.30
N VAL J 71 19.85 13.34 17.41
CA VAL J 71 18.73 12.86 16.57
C VAL J 71 17.58 12.43 17.50
N ASP J 72 16.35 12.63 17.03
CA ASP J 72 15.12 12.07 17.63
C ASP J 72 14.41 11.28 16.52
N THR J 73 14.61 9.96 16.51
CA THR J 73 14.10 9.02 15.48
C THR J 73 12.57 8.96 15.55
N SER J 74 11.96 9.13 16.73
CA SER J 74 10.49 9.11 16.90
C SER J 74 9.86 10.32 16.18
N LYS J 75 10.50 11.49 16.23
CA LYS J 75 10.00 12.74 15.59
C LYS J 75 10.63 12.95 14.20
N LYS J 76 11.62 12.14 13.81
CA LYS J 76 12.38 12.28 12.54
C LYS J 76 12.96 13.70 12.49
N GLN J 77 13.65 14.07 13.56
CA GLN J 77 14.28 15.40 13.76
C GLN J 77 15.74 15.19 14.15
N PHE J 78 16.59 16.14 13.77
CA PHE J 78 17.96 16.26 14.31
C PHE J 78 18.19 17.73 14.69
N SER J 79 19.08 17.95 15.66
CA SER J 79 19.26 19.23 16.37
C SER J 79 20.73 19.62 16.42
N LEU J 80 20.98 20.93 16.47
CA LEU J 80 22.31 21.55 16.69
C LEU J 80 22.25 22.32 18.01
N LYS J 81 23.23 22.12 18.86
CA LYS J 81 23.49 22.94 20.07
C LYS J 81 24.90 23.53 19.94
N LEU J 82 25.00 24.85 20.05
CA LEU J 82 26.29 25.60 20.05
C LEU J 82 26.35 26.49 21.30
N ARG J 83 27.27 26.18 22.22
CA ARG J 83 27.37 26.81 23.57
C ARG J 83 28.16 28.11 23.48
N SER J 84 27.89 29.04 24.40
CA SER J 84 28.70 30.26 24.64
C SER J 84 28.82 31.08 23.35
N VAL J 85 27.70 31.43 22.74
CA VAL J 85 27.68 32.16 21.45
C VAL J 85 28.21 33.58 21.67
N ASN J 86 28.87 34.13 20.63
CA ASN J 86 29.26 35.57 20.56
C ASN J 86 28.99 36.09 19.13
N ALA J 87 29.32 37.35 18.83
CA ALA J 87 29.08 38.03 17.53
C ALA J 87 29.57 37.17 16.35
N ALA J 88 30.69 36.44 16.51
CA ALA J 88 31.32 35.60 15.46
C ALA J 88 30.46 34.37 15.13
N ASP J 89 29.43 34.05 15.92
CA ASP J 89 28.49 32.94 15.64
C ASP J 89 27.30 33.44 14.82
N THR J 90 27.22 34.74 14.55
CA THR J 90 26.21 35.34 13.64
C THR J 90 26.41 34.74 12.25
N ALA J 91 25.37 34.11 11.71
CA ALA J 91 25.43 33.35 10.43
C ALA J 91 24.03 32.84 10.09
N VAL J 92 23.86 32.48 8.83
CA VAL J 92 22.74 31.59 8.39
C VAL J 92 23.23 30.16 8.64
N TYR J 93 22.47 29.43 9.46
CA TYR J 93 22.71 28.00 9.78
C TYR J 93 21.80 27.17 8.88
N TYR J 94 22.36 26.17 8.20
CA TYR J 94 21.62 25.26 7.29
C TYR J 94 21.74 23.84 7.81
N CYS J 95 20.62 23.12 7.87
CA CYS J 95 20.61 21.63 7.93
C CYS J 95 20.60 21.11 6.49
N ALA J 96 21.17 19.92 6.27
CA ALA J 96 21.31 19.33 4.92
C ALA J 96 21.61 17.84 5.01
N THR J 97 21.49 17.16 3.87
CA THR J 97 22.17 15.88 3.61
C THR J 97 22.93 15.99 2.29
N LEU J 98 24.19 15.56 2.31
CA LEU J 98 25.09 15.50 1.13
C LEU J 98 25.20 14.08 0.58
N ARG J 99 24.80 13.05 1.34
CA ARG J 99 24.85 11.65 0.83
C ARG J 99 24.01 10.70 1.71
N SER J 100 23.59 9.60 1.10
CA SER J 100 22.85 8.49 1.75
C SER J 100 23.83 7.67 2.61
N THR J 101 23.28 6.78 3.44
CA THR J 101 24.04 5.82 4.28
C THR J 101 24.79 4.80 3.40
N SER J 102 24.47 4.67 2.10
CA SER J 102 25.25 3.83 1.15
C SER J 102 26.66 4.39 0.96
N GLY J 103 26.84 5.71 1.09
CA GLY J 103 28.16 6.35 1.06
C GLY J 103 28.22 7.55 0.11
N TRP J 104 29.41 8.14 0.02
CA TRP J 104 29.70 9.40 -0.72
C TRP J 104 29.42 9.27 -2.22
N HIS J 105 29.44 8.05 -2.79
CA HIS J 105 29.06 7.81 -4.20
C HIS J 105 27.60 8.24 -4.43
N ASP J 106 26.74 8.09 -3.41
CA ASP J 106 25.30 8.39 -3.50
C ASP J 106 25.05 9.79 -2.95
N TYR J 107 25.48 10.80 -3.71
CA TYR J 107 25.59 12.22 -3.27
C TYR J 107 24.25 12.93 -3.50
N PHE J 108 23.84 13.79 -2.56
CA PHE J 108 22.55 14.49 -2.53
C PHE J 108 22.73 16.00 -2.31
N ASP J 109 21.63 16.72 -2.51
CA ASP J 109 21.58 18.20 -2.43
C ASP J 109 20.27 18.65 -1.79
N TYR J 110 19.96 18.15 -0.60
CA TYR J 110 18.79 18.58 0.21
C TYR J 110 19.26 19.54 1.30
N TRP J 111 18.69 20.73 1.29
CA TRP J 111 19.01 21.84 2.23
C TRP J 111 17.71 22.30 2.88
N GLY J 112 17.76 22.59 4.18
CA GLY J 112 16.76 23.43 4.86
C GLY J 112 16.76 24.83 4.29
N GLN J 113 15.74 25.63 4.63
CA GLN J 113 15.59 27.04 4.14
C GLN J 113 16.67 27.93 4.77
N GLY J 114 17.21 27.52 5.92
CA GLY J 114 18.25 28.27 6.66
C GLY J 114 17.61 29.08 7.77
N THR J 115 18.35 29.27 8.86
CA THR J 115 17.96 30.14 10.00
C THR J 115 18.99 31.25 10.09
N LEU J 116 18.57 32.51 9.91
CA LEU J 116 19.43 33.68 10.22
C LEU J 116 19.56 33.74 11.75
N VAL J 117 20.77 33.49 12.25
CA VAL J 117 21.10 33.56 13.69
C VAL J 117 21.94 34.82 13.90
N THR J 118 21.38 35.79 14.63
CA THR J 118 22.03 37.05 15.05
C THR J 118 22.35 36.94 16.54
N VAL J 119 23.63 37.09 16.91
CA VAL J 119 24.10 37.11 18.33
C VAL J 119 24.37 38.59 18.70
N SER J 120 23.51 39.19 19.54
CA SER J 120 23.58 40.60 19.95
C SER J 120 22.67 40.83 21.17
N SER J 121 23.14 41.67 22.09
CA SER J 121 22.42 42.10 23.30
C SER J 121 21.40 43.19 22.96
N ALA J 122 21.44 43.73 21.74
CA ALA J 122 20.64 44.90 21.30
C ALA J 122 19.14 44.57 21.41
N SER J 123 18.32 45.60 21.69
CA SER J 123 16.84 45.49 21.82
C SER J 123 16.20 45.79 20.46
N THR J 124 15.02 45.23 20.20
CA THR J 124 14.20 45.52 19.01
C THR J 124 13.91 47.03 19.00
N LYS J 125 14.22 47.70 17.88
CA LYS J 125 14.15 49.17 17.74
C LYS J 125 13.78 49.50 16.29
N GLY J 126 12.74 50.31 16.11
CA GLY J 126 12.34 50.83 14.79
C GLY J 126 13.31 51.90 14.30
N PRO J 127 13.43 52.11 12.96
CA PRO J 127 14.36 53.11 12.42
C PRO J 127 13.87 54.55 12.55
N SER J 128 14.81 55.50 12.52
CA SER J 128 14.57 56.88 12.04
C SER J 128 14.78 56.89 10.51
N VAL J 129 13.86 57.49 9.77
CA VAL J 129 13.93 57.63 8.28
C VAL J 129 14.20 59.11 7.99
N PHE J 130 15.39 59.43 7.51
CA PHE J 130 15.83 60.80 7.15
C PHE J 130 15.83 60.93 5.63
N PRO J 131 15.38 62.08 5.06
CA PRO J 131 15.47 62.30 3.62
C PRO J 131 16.91 62.54 3.18
N LEU J 132 17.27 61.99 2.02
CA LEU J 132 18.44 62.40 1.20
C LEU J 132 17.89 63.29 0.08
N ALA J 133 17.84 64.59 0.34
CA ALA J 133 17.07 65.58 -0.45
C ALA J 133 17.83 65.90 -1.75
N PRO J 134 17.16 65.96 -2.91
CA PRO J 134 17.82 66.35 -4.16
C PRO J 134 18.13 67.86 -4.16
N SER J 135 19.30 68.23 -4.70
CA SER J 135 19.84 69.62 -4.69
C SER J 135 20.76 69.80 -5.90
N SER J 136 21.46 70.94 -5.97
CA SER J 136 22.53 71.23 -6.98
C SER J 136 23.69 70.23 -6.85
N LYS J 137 23.94 69.74 -5.63
CA LYS J 137 25.06 68.80 -5.30
C LYS J 137 24.61 67.34 -5.48
N SER J 138 23.31 67.10 -5.74
CA SER J 138 22.71 65.78 -6.03
C SER J 138 21.93 65.82 -7.36
N THR J 139 22.47 66.55 -8.35
CA THR J 139 22.04 66.52 -9.77
C THR J 139 23.29 66.38 -10.66
N SER J 140 23.16 65.64 -11.77
CA SER J 140 24.27 65.29 -12.70
C SER J 140 23.72 65.00 -14.10
N GLY J 141 23.93 65.91 -15.05
CA GLY J 141 23.63 65.76 -16.49
C GLY J 141 22.18 65.41 -16.76
N GLY J 142 21.25 66.17 -16.19
CA GLY J 142 19.79 66.02 -16.40
C GLY J 142 19.12 65.00 -15.49
N THR J 143 19.88 64.32 -14.61
CA THR J 143 19.35 63.32 -13.64
C THR J 143 19.66 63.78 -12.21
N ALA J 144 18.65 63.76 -11.34
CA ALA J 144 18.73 64.11 -9.90
C ALA J 144 18.60 62.83 -9.07
N ALA J 145 19.43 62.72 -8.03
CA ALA J 145 19.42 61.60 -7.06
C ALA J 145 18.73 62.07 -5.78
N LEU J 146 17.84 61.24 -5.26
CA LEU J 146 17.20 61.41 -3.93
C LEU J 146 17.13 60.05 -3.26
N GLY J 147 16.88 60.04 -1.96
CA GLY J 147 16.79 58.78 -1.20
C GLY J 147 16.27 58.96 0.20
N CYS J 148 16.32 57.87 0.97
CA CYS J 148 15.99 57.81 2.40
C CYS J 148 17.11 57.06 3.13
N LEU J 149 17.62 57.68 4.20
CA LEU J 149 18.55 57.04 5.17
C LEU J 149 17.69 56.39 6.26
N VAL J 150 17.71 55.06 6.35
CA VAL J 150 16.95 54.25 7.34
C VAL J 150 17.95 53.85 8.43
N LYS J 151 18.01 54.64 9.52
CA LYS J 151 19.11 54.61 10.51
C LYS J 151 18.63 54.01 11.84
N ASP J 152 19.47 53.16 12.43
CA ASP J 152 19.42 52.73 13.85
C ASP J 152 18.20 51.84 14.09
N TYR J 153 18.13 50.71 13.37
CA TYR J 153 17.08 49.68 13.57
C TYR J 153 17.72 48.35 13.94
N PHE J 154 16.93 47.51 14.60
CA PHE J 154 17.34 46.16 15.03
C PHE J 154 16.12 45.29 15.30
N PRO J 155 16.08 44.00 14.89
CA PRO J 155 17.09 43.39 14.03
C PRO J 155 16.77 43.64 12.55
N GLU J 156 17.51 42.99 11.65
CA GLU J 156 17.15 42.90 10.21
C GLU J 156 15.87 42.06 10.10
N PRO J 157 15.03 42.21 9.05
CA PRO J 157 15.25 43.15 7.95
C PRO J 157 14.36 44.39 8.00
N VAL J 158 14.69 45.37 7.15
CA VAL J 158 13.79 46.48 6.74
C VAL J 158 13.55 46.35 5.23
N THR J 159 12.35 46.71 4.77
CA THR J 159 11.99 46.76 3.33
C THR J 159 11.68 48.20 2.97
N VAL J 160 12.09 48.63 1.78
CA VAL J 160 11.86 50.01 1.25
C VAL J 160 11.22 49.87 -0.14
N SER J 161 10.16 50.64 -0.39
CA SER J 161 9.56 50.88 -1.72
C SER J 161 9.46 52.39 -1.93
N TRP J 162 9.18 52.81 -3.17
CA TRP J 162 9.01 54.23 -3.55
C TRP J 162 7.63 54.42 -4.20
N ASN J 163 6.88 55.43 -3.74
CA ASN J 163 5.49 55.74 -4.17
C ASN J 163 4.65 54.45 -4.16
N SER J 164 4.69 53.73 -3.03
CA SER J 164 3.89 52.51 -2.74
C SER J 164 4.17 51.39 -3.76
N GLY J 165 5.41 51.30 -4.26
CA GLY J 165 5.86 50.26 -5.21
C GLY J 165 5.67 50.63 -6.68
N ALA J 166 5.16 51.84 -6.97
CA ALA J 166 4.90 52.34 -8.34
C ALA J 166 6.20 52.79 -9.02
N LEU J 167 7.18 53.27 -8.24
CA LEU J 167 8.54 53.66 -8.71
C LEU J 167 9.54 52.54 -8.38
N THR J 168 9.92 51.74 -9.37
CA THR J 168 10.97 50.68 -9.30
C THR J 168 12.19 51.03 -10.18
N SER J 169 12.01 51.79 -11.26
CA SER J 169 13.07 52.18 -12.22
C SER J 169 14.04 53.17 -11.54
N GLY J 170 15.34 52.88 -11.60
CA GLY J 170 16.42 53.73 -11.04
C GLY J 170 16.61 53.56 -9.53
N VAL J 171 15.87 52.66 -8.88
CA VAL J 171 15.91 52.44 -7.41
C VAL J 171 17.09 51.54 -7.08
N HIS J 172 17.92 51.95 -6.12
CA HIS J 172 18.98 51.13 -5.49
C HIS J 172 18.81 51.17 -3.97
N THR J 173 18.41 50.04 -3.38
CA THR J 173 18.34 49.81 -1.93
C THR J 173 19.60 49.03 -1.54
N PHE J 174 20.48 49.67 -0.77
CA PHE J 174 21.82 49.13 -0.41
C PHE J 174 21.67 48.05 0.65
N PRO J 175 22.58 47.03 0.70
CA PRO J 175 22.66 46.15 1.86
C PRO J 175 22.87 46.96 3.16
N ALA J 176 22.24 46.51 4.24
CA ALA J 176 22.36 47.11 5.59
C ALA J 176 23.82 46.96 6.07
N VAL J 177 24.32 47.96 6.81
CA VAL J 177 25.63 47.91 7.53
C VAL J 177 25.34 47.81 9.03
N LEU J 178 26.14 47.03 9.77
CA LEU J 178 26.11 46.98 11.25
C LEU J 178 27.02 48.08 11.77
N GLN J 179 26.45 49.05 12.49
CA GLN J 179 27.18 50.18 13.13
C GLN J 179 27.82 49.69 14.44
N SER J 180 28.74 50.48 14.99
CA SER J 180 29.44 50.24 16.29
C SER J 180 28.43 50.12 17.44
N SER J 181 27.28 50.80 17.32
CA SER J 181 26.14 50.77 18.29
C SER J 181 25.49 49.38 18.39
N GLY J 182 25.71 48.50 17.40
CA GLY J 182 25.01 47.21 17.27
C GLY J 182 23.68 47.35 16.56
N LEU J 183 23.38 48.54 16.03
CA LEU J 183 22.15 48.84 15.25
C LEU J 183 22.50 48.87 13.76
N TYR J 184 21.52 48.59 12.91
CA TYR J 184 21.68 48.55 11.44
C TYR J 184 21.31 49.90 10.83
N SER J 185 21.91 50.17 9.67
CA SER J 185 21.59 51.35 8.84
C SER J 185 21.59 50.92 7.37
N LEU J 186 20.63 51.42 6.61
CA LEU J 186 20.43 51.13 5.17
C LEU J 186 20.05 52.46 4.51
N SER J 187 20.52 52.69 3.28
CA SER J 187 20.08 53.82 2.41
C SER J 187 19.38 53.22 1.20
N SER J 188 18.28 53.83 0.78
CA SER J 188 17.59 53.56 -0.50
C SER J 188 17.64 54.85 -1.31
N VAL J 189 18.14 54.78 -2.55
CA VAL J 189 18.24 55.97 -3.46
C VAL J 189 17.47 55.66 -4.75
N VAL J 190 17.07 56.71 -5.45
CA VAL J 190 16.47 56.64 -6.81
C VAL J 190 16.99 57.84 -7.60
N THR J 191 17.30 57.63 -8.88
CA THR J 191 17.62 58.69 -9.86
C THR J 191 16.38 58.92 -10.72
N VAL J 192 16.05 60.19 -10.95
CA VAL J 192 14.86 60.66 -11.73
C VAL J 192 15.29 61.81 -12.62
N PRO J 193 14.51 62.17 -13.67
CA PRO J 193 14.75 63.43 -14.40
C PRO J 193 14.72 64.63 -13.44
N SER J 194 15.70 65.54 -13.55
CA SER J 194 15.80 66.81 -12.77
C SER J 194 14.55 67.68 -12.95
N SER J 195 13.93 67.65 -14.14
CA SER J 195 12.69 68.39 -14.50
C SER J 195 11.49 67.93 -13.65
N SER J 196 11.49 66.67 -13.20
CA SER J 196 10.35 66.02 -12.50
C SER J 196 10.26 66.45 -11.01
N LEU J 197 11.28 67.13 -10.47
CA LEU J 197 11.38 67.47 -9.02
C LEU J 197 10.23 68.40 -8.60
N GLY J 198 9.82 69.36 -9.43
CA GLY J 198 8.69 70.27 -9.18
C GLY J 198 7.35 69.57 -9.34
N THR J 199 7.20 68.74 -10.37
CA THR J 199 5.92 68.11 -10.79
C THR J 199 5.61 66.90 -9.90
N GLN J 200 6.53 65.92 -9.84
CA GLN J 200 6.30 64.59 -9.20
C GLN J 200 6.61 64.66 -7.69
N THR J 201 5.80 63.98 -6.88
CA THR J 201 6.05 63.70 -5.43
C THR J 201 6.80 62.38 -5.30
N TYR J 202 7.80 62.32 -4.42
CA TYR J 202 8.65 61.14 -4.14
C TYR J 202 8.58 60.81 -2.64
N ILE J 203 8.02 59.64 -2.32
CA ILE J 203 7.82 59.12 -0.94
C ILE J 203 8.47 57.74 -0.86
N CYS J 204 9.39 57.54 0.09
CA CYS J 204 9.93 56.21 0.46
C CYS J 204 9.02 55.59 1.53
N ASN J 205 8.63 54.34 1.34
CA ASN J 205 7.76 53.56 2.25
C ASN J 205 8.65 52.54 2.95
N VAL J 206 8.97 52.77 4.23
CA VAL J 206 9.89 51.92 5.05
C VAL J 206 9.02 51.08 6.00
N ASN J 207 9.20 49.76 5.98
CA ASN J 207 8.53 48.81 6.88
CA ASN J 207 8.53 48.80 6.89
C ASN J 207 9.59 48.03 7.67
N HIS J 208 9.55 48.14 9.00
CA HIS J 208 10.34 47.31 9.95
C HIS J 208 9.36 46.51 10.82
N LYS J 209 9.07 45.27 10.41
CA LYS J 209 8.02 44.40 10.98
C LYS J 209 8.30 44.10 12.46
N PRO J 210 9.56 43.75 12.87
CA PRO J 210 9.83 43.43 14.27
C PRO J 210 9.42 44.49 15.32
N SER J 211 9.43 45.78 14.96
CA SER J 211 9.05 46.91 15.83
C SER J 211 7.67 47.50 15.44
N ASN J 212 7.00 46.91 14.44
CA ASN J 212 5.73 47.42 13.86
C ASN J 212 5.90 48.89 13.43
N THR J 213 7.04 49.25 12.86
CA THR J 213 7.34 50.62 12.36
C THR J 213 7.04 50.66 10.86
N LYS J 214 6.11 51.53 10.46
CA LYS J 214 5.81 51.88 9.05
C LYS J 214 5.97 53.39 8.91
N VAL J 215 6.87 53.85 8.05
CA VAL J 215 7.14 55.29 7.77
C VAL J 215 6.90 55.54 6.28
N ASP J 216 6.17 56.61 5.97
CA ASP J 216 5.99 57.16 4.61
C ASP J 216 6.58 58.57 4.60
N LYS J 217 7.86 58.71 4.25
CA LYS J 217 8.63 59.97 4.32
C LYS J 217 8.66 60.63 2.93
N LYS J 218 8.01 61.78 2.79
CA LYS J 218 8.08 62.65 1.60
C LYS J 218 9.50 63.23 1.53
N VAL J 219 10.21 62.99 0.42
CA VAL J 219 11.56 63.54 0.14
C VAL J 219 11.38 64.73 -0.83
N GLU J 220 11.58 65.95 -0.33
CA GLU J 220 11.37 67.21 -1.10
C GLU J 220 12.71 67.85 -1.40
N PRO J 221 12.84 68.64 -2.50
CA PRO J 221 14.08 69.37 -2.78
C PRO J 221 14.49 70.34 -1.66
N LYS J 222 15.80 70.55 -1.47
CA LYS J 222 16.37 71.45 -0.44
C LYS J 222 16.17 72.92 -0.85
N GLU K 1 43.53 20.88 8.54
CA GLU K 1 42.43 20.65 7.54
C GLU K 1 42.99 20.93 6.13
N ILE K 2 42.33 20.40 5.10
CA ILE K 2 42.66 20.74 3.68
C ILE K 2 42.17 22.18 3.43
N VAL K 3 43.03 23.01 2.88
CA VAL K 3 42.72 24.42 2.47
C VAL K 3 42.48 24.42 0.97
N LEU K 4 41.35 24.98 0.54
CA LEU K 4 41.00 25.15 -0.89
C LEU K 4 41.15 26.63 -1.24
N THR K 5 41.84 26.91 -2.35
CA THR K 5 41.94 28.27 -2.95
C THR K 5 41.19 28.26 -4.28
N GLN K 6 40.44 29.32 -4.56
CA GLN K 6 39.67 29.48 -5.82
C GLN K 6 40.25 30.66 -6.60
N SER K 7 40.41 30.48 -7.91
CA SER K 7 40.94 31.49 -8.86
C SER K 7 40.03 31.57 -10.08
N PRO K 8 39.74 32.78 -10.63
CA PRO K 8 40.05 34.06 -9.97
C PRO K 8 39.06 34.35 -8.84
N GLY K 9 39.30 35.40 -8.06
CA GLY K 9 38.34 35.94 -7.07
C GLY K 9 37.06 36.39 -7.75
N THR K 10 37.21 37.17 -8.81
CA THR K 10 36.10 37.64 -9.68
C THR K 10 36.45 37.29 -11.13
N LEU K 11 35.51 36.67 -11.83
CA LEU K 11 35.57 36.34 -13.27
C LEU K 11 34.55 37.22 -13.99
N SER K 12 35.01 38.09 -14.90
CA SER K 12 34.17 39.03 -15.68
C SER K 12 34.07 38.52 -17.11
N LEU K 13 32.88 38.07 -17.52
CA LEU K 13 32.64 37.39 -18.82
C LEU K 13 31.27 37.80 -19.34
N SER K 14 31.03 37.57 -20.63
CA SER K 14 29.78 37.94 -21.34
C SER K 14 28.84 36.75 -21.34
N PRO K 15 27.50 36.97 -21.34
CA PRO K 15 26.55 35.91 -21.63
C PRO K 15 26.89 35.15 -22.92
N GLY K 16 26.81 33.82 -22.90
CA GLY K 16 27.08 32.94 -24.05
C GLY K 16 28.52 32.44 -24.09
N GLU K 17 29.44 33.04 -23.31
CA GLU K 17 30.87 32.68 -23.30
C GLU K 17 31.12 31.49 -22.36
N ARG K 18 32.28 30.87 -22.50
CA ARG K 18 32.78 29.73 -21.66
C ARG K 18 33.42 30.32 -20.39
N ALA K 19 32.99 29.85 -19.22
CA ALA K 19 33.59 30.14 -17.90
C ALA K 19 34.41 28.94 -17.47
N THR K 20 35.65 29.19 -17.04
CA THR K 20 36.56 28.19 -16.43
C THR K 20 36.91 28.69 -15.03
N LEU K 21 36.50 27.95 -13.99
CA LEU K 21 36.75 28.29 -12.57
C LEU K 21 37.69 27.25 -11.99
N SER K 22 38.68 27.69 -11.21
CA SER K 22 39.77 26.86 -10.64
C SER K 22 39.53 26.65 -9.15
N CYS K 23 39.76 25.43 -8.66
CA CYS K 23 39.85 25.07 -7.22
C CYS K 23 41.13 24.28 -7.01
N ARG K 24 42.01 24.74 -6.13
CA ARG K 24 43.30 24.08 -5.81
C ARG K 24 43.33 23.72 -4.32
N ALA K 25 43.77 22.51 -3.99
CA ALA K 25 43.82 21.95 -2.62
C ALA K 25 45.25 21.94 -2.11
N SER K 26 45.44 22.23 -0.81
CA SER K 26 46.75 22.26 -0.10
C SER K 26 47.39 20.86 -0.10
N GLN K 27 46.57 19.80 -0.17
CA GLN K 27 47.06 18.40 -0.40
C GLN K 27 46.04 17.62 -1.25
N SER K 28 46.41 16.42 -1.67
CA SER K 28 45.61 15.53 -2.55
C SER K 28 44.24 15.27 -1.91
N VAL K 29 43.17 15.49 -2.66
CA VAL K 29 41.77 15.20 -2.22
C VAL K 29 41.48 13.73 -2.52
N SER K 30 41.33 12.91 -1.49
CA SER K 30 41.11 11.45 -1.58
C SER K 30 39.87 11.16 -2.44
N SER K 31 40.00 10.22 -3.38
CA SER K 31 38.93 9.69 -4.27
C SER K 31 38.32 10.79 -5.16
N SER K 32 39.02 11.90 -5.38
CA SER K 32 38.52 13.08 -6.14
C SER K 32 37.17 13.54 -5.56
N TYR K 33 37.02 13.49 -4.24
CA TYR K 33 35.81 13.94 -3.50
C TYR K 33 35.81 15.47 -3.45
N LEU K 34 35.45 16.07 -4.58
CA LEU K 34 35.41 17.53 -4.83
C LEU K 34 34.07 17.86 -5.46
N ALA K 35 33.26 18.68 -4.79
CA ALA K 35 31.93 19.13 -5.26
C ALA K 35 32.00 20.62 -5.62
N TRP K 36 31.19 21.03 -6.59
CA TRP K 36 31.00 22.44 -6.99
C TRP K 36 29.57 22.86 -6.65
N TYR K 37 29.46 24.00 -5.97
CA TYR K 37 28.17 24.62 -5.55
C TYR K 37 28.04 25.99 -6.21
N GLN K 38 26.83 26.31 -6.60
CA GLN K 38 26.39 27.64 -7.05
C GLN K 38 25.62 28.27 -5.89
N GLN K 39 25.79 29.56 -5.64
CA GLN K 39 24.95 30.28 -4.64
C GLN K 39 24.45 31.59 -5.26
N THR K 40 23.13 31.71 -5.41
CA THR K 40 22.39 32.95 -5.75
C THR K 40 22.12 33.69 -4.45
N PRO K 41 22.28 35.03 -4.37
CA PRO K 41 21.97 35.78 -3.15
C PRO K 41 20.60 35.44 -2.54
N GLY K 42 20.57 35.16 -1.23
CA GLY K 42 19.36 34.86 -0.46
C GLY K 42 18.92 33.40 -0.53
N GLN K 43 19.70 32.52 -1.17
CA GLN K 43 19.37 31.06 -1.28
C GLN K 43 20.48 30.20 -0.68
N ALA K 44 20.13 28.98 -0.29
CA ALA K 44 21.08 27.92 0.11
C ALA K 44 21.97 27.58 -1.08
N PRO K 45 23.19 27.05 -0.86
CA PRO K 45 24.00 26.53 -1.96
C PRO K 45 23.25 25.47 -2.79
N ARG K 46 23.53 25.42 -4.08
CA ARG K 46 22.95 24.49 -5.08
C ARG K 46 24.08 23.65 -5.67
N LEU K 47 24.04 22.34 -5.48
CA LEU K 47 25.04 21.39 -6.01
C LEU K 47 24.97 21.38 -7.55
N LEU K 48 26.11 21.51 -8.21
CA LEU K 48 26.27 21.34 -9.69
C LEU K 48 26.95 19.99 -9.96
N ILE K 49 28.11 19.77 -9.34
CA ILE K 49 29.04 18.64 -9.64
C ILE K 49 29.44 18.01 -8.31
N TYR K 50 29.46 16.68 -8.25
CA TYR K 50 30.10 15.92 -7.13
C TYR K 50 31.11 14.94 -7.73
N GLY K 51 32.00 14.39 -6.90
CA GLY K 51 33.05 13.45 -7.32
C GLY K 51 33.91 14.02 -8.44
N ALA K 52 34.15 15.34 -8.43
CA ALA K 52 34.98 16.10 -9.40
C ALA K 52 34.28 16.27 -10.76
N SER K 53 33.58 15.26 -11.29
CA SER K 53 33.06 15.24 -12.69
C SER K 53 31.62 14.69 -12.82
N SER K 54 30.94 14.31 -11.74
CA SER K 54 29.55 13.79 -11.79
C SER K 54 28.55 14.95 -11.70
N ARG K 55 27.74 15.14 -12.74
CA ARG K 55 26.66 16.17 -12.76
C ARG K 55 25.51 15.73 -11.86
N ALA K 56 25.03 16.60 -10.97
CA ALA K 56 23.96 16.33 -9.99
C ALA K 56 22.61 16.25 -10.70
N THR K 57 21.65 15.58 -10.06
CA THR K 57 20.25 15.40 -10.56
C THR K 57 19.69 16.75 -11.00
N GLY K 58 19.23 16.84 -12.26
CA GLY K 58 18.45 17.98 -12.80
C GLY K 58 19.30 19.19 -13.17
N ILE K 59 20.63 19.08 -13.10
CA ILE K 59 21.56 20.20 -13.43
C ILE K 59 21.73 20.23 -14.95
N PRO K 60 21.61 21.40 -15.62
CA PRO K 60 21.83 21.48 -17.07
C PRO K 60 23.23 21.02 -17.50
N ASP K 61 23.33 20.47 -18.72
CA ASP K 61 24.57 19.82 -19.22
C ASP K 61 25.67 20.85 -19.53
N ARG K 62 25.38 22.16 -19.52
CA ARG K 62 26.42 23.21 -19.72
C ARG K 62 27.42 23.21 -18.54
N PHE K 63 27.05 22.65 -17.38
CA PHE K 63 27.94 22.48 -16.21
C PHE K 63 28.70 21.16 -16.31
N SER K 64 30.03 21.23 -16.22
CA SER K 64 30.92 20.03 -16.17
C SER K 64 32.12 20.32 -15.26
N GLY K 65 32.64 19.27 -14.62
CA GLY K 65 33.86 19.34 -13.78
C GLY K 65 34.91 18.37 -14.27
N SER K 66 36.17 18.69 -14.00
CA SER K 66 37.34 17.81 -14.29
C SER K 66 38.43 18.03 -13.24
N GLY K 67 39.44 17.17 -13.24
CA GLY K 67 40.62 17.27 -12.37
C GLY K 67 40.68 16.16 -11.35
N SER K 68 41.81 16.08 -10.64
CA SER K 68 42.12 15.08 -9.59
C SER K 68 43.29 15.59 -8.75
N GLY K 69 43.60 14.90 -7.66
CA GLY K 69 44.70 15.27 -6.75
C GLY K 69 44.43 16.61 -6.09
N THR K 70 45.09 17.67 -6.58
CA THR K 70 45.08 19.04 -5.99
C THR K 70 44.46 20.08 -6.93
N ASP K 71 44.16 19.72 -8.19
CA ASP K 71 43.79 20.69 -9.27
C ASP K 71 42.44 20.29 -9.85
N PHE K 72 41.43 21.15 -9.71
CA PHE K 72 40.03 20.90 -10.16
C PHE K 72 39.51 22.12 -10.91
N THR K 73 38.66 21.87 -11.90
CA THR K 73 38.07 22.90 -12.81
C THR K 73 36.56 22.66 -12.92
N LEU K 74 35.77 23.71 -12.73
CA LEU K 74 34.36 23.79 -13.18
C LEU K 74 34.34 24.55 -14.50
N THR K 75 33.68 23.97 -15.52
CA THR K 75 33.42 24.61 -16.83
C THR K 75 31.92 24.86 -16.95
N ILE K 76 31.55 26.11 -17.25
CA ILE K 76 30.19 26.49 -17.73
C ILE K 76 30.36 26.81 -19.22
N SER K 77 29.90 25.90 -20.09
CA SER K 77 30.22 25.89 -21.54
C SER K 77 29.65 27.15 -22.22
N ARG K 78 28.46 27.58 -21.82
CA ARG K 78 27.72 28.72 -22.42
C ARG K 78 26.92 29.44 -21.31
N LEU K 79 27.45 30.56 -20.80
CA LEU K 79 26.90 31.28 -19.62
C LEU K 79 25.49 31.81 -19.93
N GLU K 80 24.52 31.47 -19.08
CA GLU K 80 23.14 32.02 -19.08
C GLU K 80 23.09 33.15 -18.05
N PRO K 81 22.13 34.10 -18.15
CA PRO K 81 22.03 35.22 -17.19
C PRO K 81 22.01 34.82 -15.70
N GLU K 82 21.37 33.70 -15.37
CA GLU K 82 21.22 33.19 -13.98
C GLU K 82 22.56 32.63 -13.46
N ASP K 83 23.57 32.43 -14.32
CA ASP K 83 24.88 31.82 -13.93
C ASP K 83 25.83 32.86 -13.31
N PHE K 84 25.51 34.16 -13.39
CA PHE K 84 26.42 35.26 -12.94
C PHE K 84 26.23 35.47 -11.43
N VAL K 85 26.63 34.45 -10.65
CA VAL K 85 26.50 34.42 -9.16
C VAL K 85 27.81 33.85 -8.60
N VAL K 86 27.80 33.29 -7.38
CA VAL K 86 29.00 32.81 -6.66
C VAL K 86 29.12 31.29 -6.81
N TYR K 87 30.34 30.79 -6.91
CA TYR K 87 30.67 29.35 -7.01
C TYR K 87 31.66 29.00 -5.93
N PHE K 88 31.35 27.95 -5.16
CA PHE K 88 32.22 27.38 -4.11
C PHE K 88 32.58 25.95 -4.50
N CYS K 89 33.84 25.57 -4.26
CA CYS K 89 34.25 24.15 -4.24
C CYS K 89 34.18 23.66 -2.79
N LEU K 90 33.86 22.37 -2.62
CA LEU K 90 33.84 21.67 -1.32
C LEU K 90 34.66 20.38 -1.49
N GLN K 91 35.64 20.16 -0.60
CA GLN K 91 36.34 18.86 -0.51
C GLN K 91 35.69 18.06 0.62
N TYR K 92 35.42 16.79 0.37
CA TYR K 92 34.89 15.82 1.36
C TYR K 92 35.74 14.54 1.34
N GLY K 93 36.98 14.63 0.85
CA GLY K 93 37.98 13.54 0.90
C GLY K 93 38.65 13.44 2.26
N SER K 94 38.61 14.52 3.05
CA SER K 94 39.27 14.66 4.38
C SER K 94 38.29 15.31 5.36
N SER K 95 38.22 14.79 6.59
CA SER K 95 37.47 15.41 7.71
C SER K 95 38.41 16.38 8.43
N PRO K 96 38.03 17.65 8.69
CA PRO K 96 36.70 18.19 8.37
C PRO K 96 36.52 18.59 6.89
N LEU K 97 35.28 18.52 6.40
CA LEU K 97 34.85 19.13 5.12
C LEU K 97 35.23 20.62 5.13
N THR K 98 35.81 21.10 4.04
CA THR K 98 36.24 22.51 3.88
C THR K 98 35.80 23.03 2.52
N PHE K 99 35.37 24.29 2.48
CA PHE K 99 34.99 25.02 1.25
C PHE K 99 36.11 25.97 0.84
N GLY K 100 36.20 26.26 -0.45
CA GLY K 100 36.98 27.41 -0.97
C GLY K 100 36.29 28.73 -0.61
N PRO K 101 36.98 29.88 -0.75
CA PRO K 101 36.41 31.18 -0.39
C PRO K 101 35.43 31.74 -1.42
N GLY K 102 35.33 31.13 -2.60
CA GLY K 102 34.29 31.42 -3.60
C GLY K 102 34.86 32.23 -4.77
N THR K 103 34.26 32.06 -5.95
CA THR K 103 34.51 32.89 -7.16
C THR K 103 33.18 33.52 -7.55
N LYS K 104 33.17 34.85 -7.72
CA LYS K 104 32.04 35.62 -8.27
C LYS K 104 32.22 35.68 -9.79
N VAL K 105 31.18 35.30 -10.53
CA VAL K 105 31.10 35.50 -12.01
C VAL K 105 30.20 36.72 -12.26
N ASP K 106 30.73 37.80 -12.85
CA ASP K 106 29.95 39.03 -13.13
C ASP K 106 29.92 39.27 -14.64
N ILE K 107 28.87 39.95 -15.10
CA ILE K 107 28.64 40.26 -16.54
C ILE K 107 29.62 41.36 -16.95
N LYS K 108 30.54 41.05 -17.87
CA LYS K 108 31.48 42.03 -18.46
C LYS K 108 30.67 42.95 -19.37
N ARG K 109 30.75 44.25 -19.11
CA ARG K 109 30.17 45.32 -19.96
C ARG K 109 31.24 46.40 -20.14
N THR K 110 30.93 47.43 -20.92
CA THR K 110 31.83 48.57 -21.19
C THR K 110 32.04 49.33 -19.87
N VAL K 111 33.22 49.91 -19.70
CA VAL K 111 33.58 50.72 -18.51
C VAL K 111 32.57 51.88 -18.42
N ALA K 112 32.03 52.13 -17.23
CA ALA K 112 31.09 53.22 -16.91
C ALA K 112 31.59 53.93 -15.66
N ALA K 113 31.90 55.23 -15.77
CA ALA K 113 32.27 56.08 -14.62
C ALA K 113 31.05 56.24 -13.72
N PRO K 114 31.21 56.35 -12.39
CA PRO K 114 30.08 56.64 -11.50
C PRO K 114 29.58 58.09 -11.69
N SER K 115 28.27 58.30 -11.65
CA SER K 115 27.63 59.59 -11.31
C SER K 115 27.72 59.76 -9.78
N VAL K 116 28.32 60.86 -9.32
CA VAL K 116 28.60 61.12 -7.89
C VAL K 116 27.59 62.17 -7.40
N PHE K 117 26.88 61.86 -6.32
CA PHE K 117 25.92 62.75 -5.62
C PHE K 117 26.30 62.80 -4.15
N ILE K 118 26.21 63.97 -3.52
CA ILE K 118 26.48 64.15 -2.06
C ILE K 118 25.23 64.73 -1.39
N PHE K 119 24.91 64.24 -0.18
CA PHE K 119 23.69 64.61 0.61
C PHE K 119 24.11 65.09 2.00
N PRO K 120 23.88 66.37 2.35
CA PRO K 120 24.06 66.83 3.73
C PRO K 120 23.12 66.10 4.70
N PRO K 121 23.37 66.15 6.03
CA PRO K 121 22.41 65.65 7.01
C PRO K 121 21.07 66.41 6.88
N SER K 122 19.95 65.74 7.17
CA SER K 122 18.62 66.39 7.33
C SER K 122 18.64 67.29 8.58
N ASP K 123 17.81 68.33 8.61
CA ASP K 123 17.67 69.26 9.77
C ASP K 123 17.20 68.46 10.99
N GLU K 124 16.23 67.58 10.80
CA GLU K 124 15.65 66.73 11.89
C GLU K 124 16.73 65.84 12.50
N GLN K 125 17.65 65.28 11.71
CA GLN K 125 18.76 64.45 12.26
C GLN K 125 19.72 65.36 13.04
N LEU K 126 20.08 66.51 12.49
CA LEU K 126 21.07 67.43 13.09
C LEU K 126 20.56 67.90 14.45
N LYS K 127 19.26 68.21 14.56
CA LYS K 127 18.59 68.61 15.84
C LYS K 127 18.74 67.49 16.89
N SER K 128 18.69 66.22 16.47
CA SER K 128 18.77 65.02 17.34
C SER K 128 20.20 64.80 17.86
N GLY K 129 21.21 65.43 17.26
CA GLY K 129 22.60 65.46 17.75
C GLY K 129 23.54 64.58 16.94
N THR K 130 23.19 64.21 15.70
CA THR K 130 24.04 63.38 14.80
C THR K 130 24.02 63.97 13.39
N ALA K 131 25.13 63.84 12.66
CA ALA K 131 25.30 64.28 11.25
C ALA K 131 25.74 63.08 10.42
N SER K 132 24.84 62.52 9.61
CA SER K 132 25.11 61.51 8.56
C SER K 132 25.20 62.24 7.21
N VAL K 133 26.38 62.19 6.58
CA VAL K 133 26.65 62.75 5.22
C VAL K 133 26.82 61.54 4.29
N VAL K 134 26.05 61.49 3.21
CA VAL K 134 25.99 60.33 2.27
C VAL K 134 26.60 60.74 0.91
N CYS K 135 27.58 59.97 0.42
CA CYS K 135 28.11 60.05 -0.97
C CYS K 135 27.56 58.84 -1.75
N LEU K 136 26.86 59.10 -2.86
CA LEU K 136 26.32 58.05 -3.78
C LEU K 136 27.19 58.00 -5.04
N LEU K 137 27.79 56.84 -5.32
CA LEU K 137 28.46 56.51 -6.61
C LEU K 137 27.50 55.62 -7.38
N ASN K 138 26.91 56.12 -8.47
CA ASN K 138 25.76 55.47 -9.14
C ASN K 138 26.16 54.89 -10.50
N ASN K 139 25.81 53.62 -10.75
CA ASN K 139 25.74 52.97 -12.08
C ASN K 139 27.12 52.98 -12.74
N PHE K 140 28.10 52.37 -12.07
CA PHE K 140 29.50 52.29 -12.54
C PHE K 140 29.87 50.83 -12.83
N TYR K 141 30.87 50.66 -13.68
CA TYR K 141 31.51 49.35 -13.99
C TYR K 141 32.96 49.58 -14.38
N PRO K 142 33.96 48.79 -13.89
CA PRO K 142 33.75 47.66 -12.97
C PRO K 142 33.53 48.05 -11.51
N ARG K 143 33.38 47.05 -10.62
CA ARG K 143 32.97 47.20 -9.19
C ARG K 143 34.01 47.99 -8.38
N GLU K 144 35.29 47.92 -8.76
CA GLU K 144 36.42 48.53 -8.00
C GLU K 144 36.28 50.05 -8.01
N ALA K 145 36.06 50.65 -6.84
CA ALA K 145 35.92 52.11 -6.64
C ALA K 145 36.47 52.48 -5.27
N LYS K 146 37.12 53.64 -5.16
CA LYS K 146 37.67 54.18 -3.89
C LYS K 146 36.95 55.49 -3.60
N VAL K 147 36.37 55.60 -2.40
CA VAL K 147 35.74 56.83 -1.86
C VAL K 147 36.62 57.32 -0.71
N GLN K 148 36.99 58.60 -0.76
CA GLN K 148 37.80 59.28 0.28
C GLN K 148 36.99 60.48 0.78
N TRP K 149 36.69 60.54 2.09
CA TRP K 149 36.04 61.72 2.73
C TRP K 149 37.12 62.74 3.11
N LYS K 150 36.87 64.01 2.79
CA LYS K 150 37.71 65.16 3.21
C LYS K 150 36.82 66.20 3.88
N VAL K 151 37.15 66.57 5.13
CA VAL K 151 36.47 67.63 5.91
C VAL K 151 37.45 68.79 6.09
N ASP K 152 37.18 69.94 5.48
CA ASP K 152 38.11 71.10 5.41
C ASP K 152 39.48 70.61 4.89
N ASN K 153 39.47 69.79 3.83
CA ASN K 153 40.66 69.25 3.11
C ASN K 153 41.45 68.26 3.97
N ALA K 154 40.94 67.83 5.14
CA ALA K 154 41.57 66.80 6.01
C ALA K 154 40.96 65.43 5.69
N LEU K 155 41.80 64.48 5.27
CA LEU K 155 41.39 63.08 4.95
C LEU K 155 40.83 62.43 6.21
N GLN K 156 39.64 61.83 6.13
CA GLN K 156 38.93 61.17 7.25
C GLN K 156 39.25 59.68 7.23
N SER K 157 39.25 59.06 8.42
CA SER K 157 39.44 57.61 8.62
C SER K 157 38.71 57.17 9.90
N GLY K 158 38.17 55.96 9.88
CA GLY K 158 37.48 55.33 11.02
C GLY K 158 36.03 55.75 11.20
N ASN K 159 35.51 56.71 10.44
CA ASN K 159 34.20 57.37 10.70
C ASN K 159 33.26 57.24 9.49
N SER K 160 33.54 56.34 8.55
CA SER K 160 32.70 56.08 7.36
C SER K 160 32.40 54.59 7.23
N GLN K 161 31.24 54.25 6.66
CA GLN K 161 30.86 52.87 6.28
C GLN K 161 30.36 52.87 4.83
N GLU K 162 30.64 51.78 4.12
CA GLU K 162 30.42 51.61 2.67
C GLU K 162 29.48 50.43 2.44
N SER K 163 28.59 50.54 1.46
CA SER K 163 27.67 49.46 1.00
C SER K 163 27.56 49.49 -0.52
N VAL K 164 27.53 48.32 -1.16
CA VAL K 164 27.54 48.13 -2.64
C VAL K 164 26.36 47.24 -3.04
N THR K 165 25.61 47.62 -4.08
CA THR K 165 24.51 46.80 -4.65
C THR K 165 25.09 45.62 -5.43
N GLU K 166 24.28 44.59 -5.66
CA GLU K 166 24.59 43.49 -6.63
C GLU K 166 24.59 44.10 -8.04
N GLN K 167 25.25 43.45 -8.99
CA GLN K 167 25.25 43.85 -10.42
C GLN K 167 23.79 43.99 -10.88
N ASP K 168 23.41 45.16 -11.42
CA ASP K 168 22.01 45.48 -11.82
C ASP K 168 21.61 44.53 -12.96
N SER K 169 20.37 44.03 -12.92
CA SER K 169 19.81 43.05 -13.90
C SER K 169 19.60 43.70 -15.27
N LYS K 170 19.37 45.02 -15.32
CA LYS K 170 19.07 45.77 -16.57
C LYS K 170 20.37 46.22 -17.26
N ASP K 171 21.23 46.98 -16.57
CA ASP K 171 22.39 47.69 -17.19
C ASP K 171 23.73 47.10 -16.74
N SER K 172 23.76 46.06 -15.89
CA SER K 172 24.97 45.32 -15.46
C SER K 172 25.97 46.24 -14.74
N THR K 173 25.49 47.29 -14.06
CA THR K 173 26.35 48.24 -13.31
C THR K 173 26.24 47.96 -11.80
N TYR K 174 27.15 48.57 -11.04
CA TYR K 174 27.16 48.62 -9.57
C TYR K 174 26.84 50.05 -9.12
N SER K 175 26.33 50.17 -7.90
CA SER K 175 26.19 51.46 -7.17
C SER K 175 26.79 51.27 -5.77
N LEU K 176 27.29 52.36 -5.18
CA LEU K 176 27.95 52.36 -3.86
C LEU K 176 27.44 53.58 -3.07
N SER K 177 27.11 53.37 -1.79
CA SER K 177 26.83 54.44 -0.80
C SER K 177 27.96 54.45 0.23
N SER K 178 28.51 55.63 0.52
CA SER K 178 29.44 55.89 1.64
C SER K 178 28.79 56.89 2.58
N THR K 179 28.65 56.55 3.87
CA THR K 179 28.04 57.39 4.93
C THR K 179 29.14 57.82 5.92
N LEU K 180 29.38 59.11 6.03
CA LEU K 180 30.25 59.75 7.06
C LEU K 180 29.35 60.15 8.23
N THR K 181 29.63 59.63 9.42
CA THR K 181 28.85 59.89 10.66
C THR K 181 29.71 60.71 11.63
N LEU K 182 29.24 61.90 12.01
CA LEU K 182 29.83 62.75 13.08
C LEU K 182 28.75 63.19 14.06
N SER K 183 29.13 63.51 15.30
CA SER K 183 28.29 64.23 16.29
C SER K 183 27.93 65.61 15.72
N LYS K 184 26.81 66.18 16.14
CA LYS K 184 26.37 67.56 15.78
C LYS K 184 27.50 68.55 16.10
N ALA K 185 28.12 68.41 17.27
CA ALA K 185 29.21 69.28 17.77
C ALA K 185 30.38 69.27 16.76
N ASP K 186 30.91 68.08 16.44
CA ASP K 186 32.04 67.87 15.51
C ASP K 186 31.66 68.35 14.10
N TYR K 187 30.41 68.12 13.66
CA TYR K 187 29.89 68.54 12.32
C TYR K 187 29.95 70.07 12.22
N GLU K 188 29.50 70.79 13.26
CA GLU K 188 29.38 72.27 13.26
C GLU K 188 30.76 72.94 13.40
N LYS K 189 31.81 72.20 13.76
CA LYS K 189 33.20 72.73 13.88
C LYS K 189 33.87 72.86 12.50
N HIS K 190 33.26 72.39 11.41
CA HIS K 190 33.86 72.37 10.05
C HIS K 190 32.89 72.93 9.00
N LYS K 191 33.42 73.30 7.83
CA LYS K 191 32.74 74.05 6.75
C LYS K 191 32.56 73.16 5.52
N VAL K 192 33.68 72.69 4.94
CA VAL K 192 33.71 71.98 3.62
C VAL K 192 33.63 70.47 3.87
N TYR K 193 32.60 69.82 3.32
CA TYR K 193 32.40 68.35 3.32
C TYR K 193 32.49 67.87 1.87
N ALA K 194 33.44 66.97 1.58
CA ALA K 194 33.77 66.48 0.23
C ALA K 194 33.96 64.96 0.24
N CYS K 195 33.40 64.26 -0.75
CA CYS K 195 33.78 62.86 -1.09
C CYS K 195 34.53 62.86 -2.42
N GLU K 196 35.75 62.33 -2.43
CA GLU K 196 36.65 62.22 -3.60
C GLU K 196 36.56 60.78 -4.13
N VAL K 197 36.15 60.61 -5.38
CA VAL K 197 35.89 59.29 -6.02
C VAL K 197 37.00 59.00 -7.04
N THR K 198 37.63 57.82 -6.92
CA THR K 198 38.60 57.26 -7.88
C THR K 198 37.97 56.02 -8.53
N HIS K 199 38.04 55.94 -9.85
CA HIS K 199 37.44 54.83 -10.66
C HIS K 199 38.10 54.84 -12.05
N GLN K 200 38.23 53.65 -12.62
CA GLN K 200 38.88 53.38 -13.94
C GLN K 200 38.24 54.22 -15.05
N GLY K 201 36.92 54.48 -14.97
CA GLY K 201 36.14 55.27 -15.94
C GLY K 201 36.39 56.78 -15.89
N LEU K 202 37.07 57.28 -14.85
CA LEU K 202 37.42 58.72 -14.67
C LEU K 202 38.90 58.96 -15.01
N SER K 203 39.21 60.01 -15.78
CA SER K 203 40.59 60.46 -16.09
C SER K 203 41.32 60.87 -14.81
N SER K 204 40.66 61.64 -13.95
CA SER K 204 41.17 62.13 -12.64
C SER K 204 40.12 61.90 -11.55
N PRO K 205 40.50 61.88 -10.25
CA PRO K 205 39.52 61.76 -9.17
C PRO K 205 38.48 62.90 -9.21
N VAL K 206 37.20 62.55 -9.04
CA VAL K 206 36.04 63.49 -9.06
C VAL K 206 35.67 63.81 -7.61
N THR K 207 35.52 65.10 -7.28
CA THR K 207 35.08 65.61 -5.96
C THR K 207 33.66 66.18 -6.10
N LYS K 208 32.74 65.71 -5.25
CA LYS K 208 31.47 66.41 -4.94
C LYS K 208 31.55 66.93 -3.50
N SER K 209 31.18 68.19 -3.28
CA SER K 209 31.29 68.87 -1.97
C SER K 209 30.12 69.83 -1.74
N PHE K 210 29.91 70.24 -0.49
CA PHE K 210 29.04 71.36 -0.07
C PHE K 210 29.71 72.10 1.08
N ASN K 211 29.30 73.36 1.28
CA ASN K 211 29.66 74.20 2.46
C ASN K 211 28.50 74.12 3.46
N ARG K 212 28.79 73.86 4.74
CA ARG K 212 27.77 73.67 5.81
C ARG K 212 26.89 74.93 5.88
N GLY K 213 25.57 74.78 5.73
CA GLY K 213 24.58 75.87 5.73
C GLY K 213 24.49 76.56 4.38
N GLU K 214 24.42 75.79 3.29
CA GLU K 214 24.36 76.31 1.90
C GLU K 214 22.97 76.91 1.65
N LEU L 28 34.11 -22.45 -51.53
CA LEU L 28 33.83 -21.68 -50.28
C LEU L 28 34.56 -20.33 -50.32
N ILE L 29 33.80 -19.24 -50.45
CA ILE L 29 34.28 -17.83 -50.25
C ILE L 29 33.62 -17.30 -48.97
N LYS L 30 34.41 -16.84 -48.00
CA LYS L 30 33.92 -16.28 -46.71
C LYS L 30 34.69 -15.01 -46.36
N GLY L 31 34.12 -13.83 -46.65
CA GLY L 31 34.74 -12.51 -46.40
C GLY L 31 35.84 -12.20 -47.41
N GLY L 32 35.56 -12.43 -48.70
CA GLY L 32 36.44 -12.13 -49.84
C GLY L 32 37.73 -12.94 -49.82
N VAL L 33 37.69 -14.18 -49.32
CA VAL L 33 38.86 -15.10 -49.26
C VAL L 33 38.37 -16.52 -49.55
N GLU L 34 39.10 -17.23 -50.40
CA GLU L 34 38.74 -18.60 -50.85
C GLU L 34 39.27 -19.58 -49.81
N VAL L 35 38.37 -20.37 -49.22
CA VAL L 35 38.65 -21.28 -48.07
C VAL L 35 38.89 -22.68 -48.62
N LEU L 36 39.98 -23.33 -48.20
CA LEU L 36 40.40 -24.70 -48.61
C LEU L 36 40.19 -25.65 -47.43
N GLU L 37 40.95 -26.76 -47.33
CA GLU L 37 40.77 -27.81 -46.29
C GLU L 37 41.27 -27.31 -44.93
N VAL L 38 40.77 -27.92 -43.86
CA VAL L 38 41.30 -27.83 -42.47
C VAL L 38 42.66 -28.55 -42.43
N LYS L 39 43.71 -27.91 -41.90
CA LYS L 39 45.01 -28.57 -41.61
C LYS L 39 44.81 -29.52 -40.43
N THR L 40 45.22 -30.78 -40.58
CA THR L 40 44.98 -31.91 -39.64
C THR L 40 46.32 -32.53 -39.24
N GLY L 41 47.05 -31.86 -38.33
CA GLY L 41 48.38 -32.27 -37.82
C GLY L 41 48.33 -32.55 -36.33
N VAL L 42 49.49 -32.46 -35.66
CA VAL L 42 49.66 -32.70 -34.19
C VAL L 42 49.21 -31.44 -33.44
N ASP L 43 49.73 -30.27 -33.83
CA ASP L 43 49.54 -28.97 -33.14
C ASP L 43 48.80 -28.03 -34.10
N ALA L 44 47.69 -28.50 -34.68
CA ALA L 44 46.80 -27.73 -35.60
C ALA L 44 45.71 -26.96 -34.83
N ILE L 45 45.53 -27.29 -33.53
CA ILE L 45 44.54 -26.67 -32.61
C ILE L 45 45.30 -25.78 -31.59
N THR L 46 44.72 -24.64 -31.22
CA THR L 46 45.14 -23.80 -30.06
C THR L 46 43.90 -23.31 -29.31
N GLU L 47 44.08 -22.94 -28.04
CA GLU L 47 43.09 -22.19 -27.23
C GLU L 47 43.65 -20.81 -26.87
N VAL L 48 42.86 -19.76 -27.02
CA VAL L 48 43.14 -18.40 -26.47
C VAL L 48 42.04 -18.08 -25.46
N GLU L 49 42.38 -17.30 -24.43
CA GLU L 49 41.41 -16.88 -23.41
C GLU L 49 41.57 -15.39 -23.13
N CYS L 50 40.50 -14.76 -22.64
CA CYS L 50 40.49 -13.37 -22.15
C CYS L 50 39.35 -13.19 -21.14
N PHE L 51 39.62 -12.47 -20.05
CA PHE L 51 38.61 -11.87 -19.15
C PHE L 51 38.37 -10.45 -19.66
N LEU L 52 37.18 -10.16 -20.18
CA LEU L 52 36.79 -8.83 -20.70
C LEU L 52 35.99 -8.07 -19.63
N ASN L 53 36.53 -6.95 -19.16
CA ASN L 53 35.91 -6.14 -18.07
C ASN L 53 34.67 -5.43 -18.60
N PRO L 54 33.66 -5.18 -17.73
CA PRO L 54 32.46 -4.45 -18.14
C PRO L 54 32.75 -2.94 -18.17
N GLU L 55 31.96 -2.20 -18.94
CA GLU L 55 32.10 -0.72 -19.10
C GLU L 55 30.75 -0.07 -18.77
N MET L 56 30.41 -0.04 -17.47
CA MET L 56 29.09 0.41 -16.97
C MET L 56 29.07 1.93 -16.78
N GLY L 57 30.22 2.60 -16.83
CA GLY L 57 30.33 4.06 -16.70
C GLY L 57 31.32 4.47 -15.64
N ASP L 58 31.42 3.71 -14.54
CA ASP L 58 32.51 3.83 -13.53
C ASP L 58 32.60 5.27 -13.04
N PRO L 59 31.55 5.79 -12.36
CA PRO L 59 31.45 7.22 -12.08
C PRO L 59 32.45 7.72 -11.04
N ASP L 60 32.94 6.84 -10.16
CA ASP L 60 34.06 7.17 -9.24
C ASP L 60 35.02 6.00 -9.18
N GLU L 61 36.23 6.28 -8.72
CA GLU L 61 37.36 5.32 -8.72
C GLU L 61 37.08 4.16 -7.76
N ASN L 62 36.15 4.30 -6.80
CA ASN L 62 35.77 3.22 -5.86
C ASN L 62 34.69 2.30 -6.44
N LEU L 63 33.85 2.77 -7.36
CA LEU L 63 32.66 2.00 -7.83
C LEU L 63 32.84 1.57 -9.28
N ARG L 64 34.01 0.98 -9.57
CA ARG L 64 34.28 0.21 -10.80
C ARG L 64 33.22 -0.89 -10.94
N GLY L 65 32.60 -0.99 -12.12
CA GLY L 65 31.58 -2.01 -12.41
C GLY L 65 30.16 -1.51 -12.17
N PHE L 66 30.00 -0.26 -11.73
CA PHE L 66 28.69 0.41 -11.52
C PHE L 66 28.57 1.62 -12.47
N SER L 67 27.36 2.00 -12.84
CA SER L 67 27.07 3.26 -13.55
C SER L 67 26.89 4.37 -12.51
N LEU L 68 26.92 5.62 -12.96
CA LEU L 68 26.34 6.76 -12.21
C LEU L 68 24.86 6.44 -11.95
N LYS L 69 24.30 6.97 -10.87
CA LYS L 69 22.86 6.78 -10.54
C LYS L 69 22.00 7.24 -11.71
N LEU L 70 20.87 6.55 -11.94
CA LEU L 70 19.97 6.82 -13.07
C LEU L 70 19.14 8.08 -12.78
N SER L 71 19.18 9.04 -13.69
CA SER L 71 18.17 10.13 -13.79
C SER L 71 16.86 9.51 -14.24
N ALA L 72 15.73 10.16 -13.97
CA ALA L 72 14.41 9.73 -14.46
C ALA L 72 13.61 10.94 -14.89
N GLU L 73 12.68 10.73 -15.81
CA GLU L 73 11.58 11.66 -16.19
C GLU L 73 12.15 12.90 -16.90
N ASN L 74 13.22 12.76 -17.67
CA ASN L 74 13.67 13.82 -18.62
C ASN L 74 12.60 13.95 -19.71
N ASP L 75 12.28 15.18 -20.09
CA ASP L 75 11.48 15.49 -21.30
C ASP L 75 12.22 14.87 -22.49
N PHE L 76 11.49 14.23 -23.41
CA PHE L 76 12.05 13.70 -24.68
C PHE L 76 12.80 14.81 -25.43
N SER L 77 12.33 16.07 -25.31
CA SER L 77 12.94 17.26 -25.98
C SER L 77 14.19 17.75 -25.23
N SER L 78 14.43 17.31 -23.99
CA SER L 78 15.55 17.77 -23.15
C SER L 78 16.16 16.60 -22.37
N ASP L 79 16.73 15.66 -23.12
CA ASP L 79 17.26 14.37 -22.59
C ASP L 79 18.77 14.35 -22.86
N SER L 80 19.57 14.69 -21.85
CA SER L 80 21.04 14.86 -21.93
C SER L 80 21.72 13.95 -20.91
N PRO L 81 21.79 12.61 -21.13
CA PRO L 81 22.38 11.71 -20.15
C PRO L 81 23.88 11.97 -19.91
N GLU L 82 24.30 11.82 -18.65
CA GLU L 82 25.73 11.89 -18.21
C GLU L 82 26.47 10.70 -18.85
N ARG L 83 27.70 10.91 -19.32
CA ARG L 83 28.55 9.85 -19.92
C ARG L 83 28.65 8.65 -18.97
N LYS L 84 28.90 8.92 -17.68
CA LYS L 84 29.18 7.88 -16.66
C LYS L 84 27.90 7.14 -16.26
N MET L 85 26.73 7.57 -16.72
CA MET L 85 25.43 6.90 -16.48
C MET L 85 25.14 5.84 -17.56
N LEU L 86 25.92 5.80 -18.64
CA LEU L 86 25.61 5.00 -19.86
C LEU L 86 26.56 3.80 -19.96
N PRO L 87 26.08 2.56 -19.67
CA PRO L 87 26.86 1.37 -20.00
C PRO L 87 27.18 1.31 -21.50
N CYS L 88 28.41 0.89 -21.82
CA CYS L 88 28.92 0.74 -23.20
C CYS L 88 29.28 -0.72 -23.44
N TYR L 89 29.28 -1.14 -24.71
CA TYR L 89 29.82 -2.44 -25.16
C TYR L 89 31.31 -2.49 -24.83
N SER L 90 31.77 -3.65 -24.37
CA SER L 90 33.19 -4.00 -24.18
C SER L 90 33.68 -4.72 -25.44
N THR L 91 34.92 -4.47 -25.83
CA THR L 91 35.55 -5.19 -26.95
C THR L 91 37.06 -5.24 -26.73
N ALA L 92 37.68 -6.31 -27.24
CA ALA L 92 39.14 -6.50 -27.25
C ALA L 92 39.54 -7.22 -28.53
N ARG L 93 40.66 -6.79 -29.12
CA ARG L 93 41.37 -7.51 -30.20
C ARG L 93 42.42 -8.40 -29.54
N ILE L 94 42.33 -9.72 -29.73
CA ILE L 94 43.33 -10.71 -29.24
C ILE L 94 44.29 -11.00 -30.39
N PRO L 95 45.58 -10.59 -30.30
CA PRO L 95 46.59 -10.99 -31.27
C PRO L 95 46.80 -12.51 -31.25
N LEU L 96 46.84 -13.12 -32.43
CA LEU L 96 47.08 -14.57 -32.58
C LEU L 96 48.47 -14.79 -33.17
N PRO L 97 49.11 -15.94 -32.90
CA PRO L 97 50.41 -16.27 -33.50
C PRO L 97 50.33 -16.27 -35.04
N ASN L 98 51.33 -15.69 -35.71
CA ASN L 98 51.53 -15.87 -37.18
C ASN L 98 51.72 -17.37 -37.48
N LEU L 99 50.96 -17.89 -38.45
CA LEU L 99 51.02 -19.30 -38.93
C LEU L 99 51.87 -19.48 -40.20
N ASN L 100 52.13 -18.38 -40.90
CA ASN L 100 52.69 -18.35 -42.27
C ASN L 100 54.21 -18.19 -42.24
N GLU L 101 54.92 -19.23 -42.68
CA GLU L 101 56.38 -19.21 -42.97
C GLU L 101 56.70 -18.02 -43.86
N ASP L 102 55.86 -17.79 -44.88
CA ASP L 102 55.93 -16.62 -45.81
C ASP L 102 54.51 -16.23 -46.24
N LEU L 103 54.37 -15.13 -46.98
CA LEU L 103 53.10 -14.66 -47.58
C LEU L 103 53.11 -14.83 -49.10
N THR L 104 54.01 -15.64 -49.65
CA THR L 104 54.19 -15.86 -51.11
C THR L 104 53.61 -17.22 -51.55
N SER L 105 53.52 -18.21 -50.65
CA SER L 105 53.08 -19.60 -50.95
C SER L 105 51.68 -19.56 -51.59
N GLY L 106 51.39 -20.52 -52.48
CA GLY L 106 50.09 -20.65 -53.18
C GLY L 106 48.94 -20.71 -52.18
N ASN L 107 49.09 -21.55 -51.15
CA ASN L 107 48.15 -21.65 -50.00
C ASN L 107 48.81 -21.01 -48.77
N LEU L 108 48.01 -20.26 -48.02
CA LEU L 108 48.40 -19.68 -46.70
C LEU L 108 47.53 -20.29 -45.59
N LEU L 109 47.84 -20.02 -44.32
CA LEU L 109 47.09 -20.51 -43.14
C LEU L 109 46.47 -19.31 -42.40
N MET L 110 45.21 -19.45 -42.00
CA MET L 110 44.48 -18.50 -41.13
C MET L 110 43.92 -19.29 -39.93
N TRP L 111 43.94 -18.67 -38.75
CA TRP L 111 43.23 -19.19 -37.56
C TRP L 111 41.71 -19.14 -37.81
N GLU L 112 41.02 -20.22 -37.48
CA GLU L 112 39.55 -20.37 -37.61
C GLU L 112 38.99 -20.65 -36.21
N ALA L 113 38.10 -19.79 -35.71
CA ALA L 113 37.41 -19.97 -34.41
C ALA L 113 36.37 -21.07 -34.55
N VAL L 114 36.48 -22.16 -33.78
CA VAL L 114 35.64 -23.38 -33.91
C VAL L 114 34.58 -23.40 -32.79
N THR L 115 34.99 -23.13 -31.55
CA THR L 115 34.08 -23.13 -30.36
C THR L 115 34.43 -21.98 -29.41
N VAL L 116 33.48 -21.61 -28.54
CA VAL L 116 33.72 -20.67 -27.41
C VAL L 116 33.07 -21.26 -26.15
N GLN L 117 33.80 -21.24 -25.04
CA GLN L 117 33.26 -21.40 -23.67
C GLN L 117 33.30 -20.00 -23.04
N THR L 118 32.17 -19.56 -22.50
CA THR L 118 32.01 -18.18 -21.97
C THR L 118 31.06 -18.21 -20.77
N GLU L 119 31.34 -17.39 -19.76
CA GLU L 119 30.41 -17.15 -18.64
C GLU L 119 30.71 -15.80 -17.98
N VAL L 120 29.75 -15.32 -17.22
CA VAL L 120 29.86 -14.06 -16.44
C VAL L 120 30.61 -14.40 -15.15
N ILE L 121 31.57 -13.55 -14.77
CA ILE L 121 32.51 -13.80 -13.65
C ILE L 121 32.11 -12.93 -12.46
N GLY L 122 31.87 -13.57 -11.31
CA GLY L 122 31.57 -12.91 -10.03
C GLY L 122 30.08 -12.81 -9.74
N ILE L 123 29.28 -13.76 -10.24
CA ILE L 123 27.79 -13.72 -10.08
C ILE L 123 27.43 -13.81 -8.59
N THR L 124 28.25 -14.49 -7.78
CA THR L 124 28.01 -14.68 -6.32
C THR L 124 28.24 -13.39 -5.54
N SER L 125 28.94 -12.39 -6.11
CA SER L 125 29.13 -11.05 -5.46
C SER L 125 27.77 -10.40 -5.14
N MET L 126 26.70 -10.77 -5.87
CA MET L 126 25.33 -10.27 -5.62
C MET L 126 24.72 -10.87 -4.34
N LEU L 127 25.38 -11.83 -3.69
CA LEU L 127 24.97 -12.36 -2.35
C LEU L 127 25.46 -11.44 -1.23
N ASN L 128 26.24 -10.39 -1.54
CA ASN L 128 26.52 -9.29 -0.59
C ASN L 128 25.28 -8.39 -0.52
N LEU L 129 24.44 -8.59 0.50
CA LEU L 129 23.23 -7.76 0.76
C LEU L 129 23.44 -6.86 1.99
N HIS L 130 24.69 -6.66 2.41
CA HIS L 130 25.07 -5.83 3.59
C HIS L 130 25.65 -4.49 3.16
N ALA L 131 26.32 -4.40 2.00
CA ALA L 131 26.97 -3.18 1.48
C ALA L 131 25.96 -2.33 0.71
N GLY L 132 25.46 -1.27 1.34
CA GLY L 132 24.87 -0.08 0.71
C GLY L 132 23.53 -0.32 0.00
N SER L 133 22.95 -1.52 0.03
CA SER L 133 21.66 -1.80 -0.68
C SER L 133 20.49 -1.51 0.27
N GLN L 134 19.45 -0.85 -0.26
CA GLN L 134 18.23 -0.48 0.49
C GLN L 134 17.63 -1.70 1.16
N LYS L 135 17.25 -1.59 2.43
CA LYS L 135 16.56 -2.68 3.16
C LYS L 135 15.26 -2.98 2.41
N VAL L 136 14.92 -4.26 2.28
CA VAL L 136 13.70 -4.74 1.56
C VAL L 136 12.45 -4.33 2.36
N HIS L 137 12.58 -4.21 3.67
CA HIS L 137 11.55 -3.74 4.64
C HIS L 137 12.26 -3.49 5.97
N GLU L 138 11.54 -3.00 6.98
CA GLU L 138 12.11 -2.73 8.33
C GLU L 138 12.73 -4.03 8.87
N HIS L 139 13.98 -3.97 9.32
CA HIS L 139 14.77 -5.09 9.89
C HIS L 139 15.28 -6.07 8.83
N GLY L 140 14.95 -5.87 7.54
CA GLY L 140 15.24 -6.81 6.46
C GLY L 140 16.67 -6.68 5.95
N GLY L 141 17.12 -7.66 5.17
CA GLY L 141 18.40 -7.59 4.46
C GLY L 141 18.34 -6.56 3.33
N GLY L 142 19.47 -6.28 2.71
CA GLY L 142 19.55 -5.39 1.54
C GLY L 142 18.82 -5.96 0.34
N LYS L 143 18.36 -5.08 -0.55
CA LYS L 143 17.66 -5.44 -1.80
C LYS L 143 18.68 -6.05 -2.76
N PRO L 144 18.45 -7.29 -3.25
CA PRO L 144 19.24 -7.85 -4.34
C PRO L 144 19.27 -6.92 -5.57
N ILE L 145 20.37 -6.97 -6.31
CA ILE L 145 20.43 -6.44 -7.71
C ILE L 145 19.34 -7.16 -8.51
N GLN L 146 18.53 -6.39 -9.24
CA GLN L 146 17.41 -6.91 -10.04
C GLN L 146 16.94 -5.82 -11.01
N GLY L 147 16.01 -6.14 -11.88
CA GLY L 147 15.53 -5.24 -12.96
C GLY L 147 16.17 -5.57 -14.29
N SER L 148 15.96 -4.73 -15.28
CA SER L 148 16.34 -4.97 -16.70
C SER L 148 17.80 -5.42 -16.78
N ASN L 149 18.06 -6.47 -17.56
CA ASN L 149 19.43 -6.99 -17.75
C ASN L 149 19.62 -7.33 -19.23
N PHE L 150 20.88 -7.33 -19.66
CA PHE L 150 21.30 -7.65 -21.05
C PHE L 150 22.59 -8.45 -20.95
N HIS L 151 22.60 -9.64 -21.55
CA HIS L 151 23.77 -10.57 -21.57
C HIS L 151 24.05 -10.89 -23.04
N PHE L 152 25.20 -10.42 -23.52
CA PHE L 152 25.59 -10.43 -24.95
C PHE L 152 27.06 -10.78 -25.05
N PHE L 153 27.40 -11.63 -26.02
CA PHE L 153 28.80 -11.86 -26.42
C PHE L 153 28.86 -12.10 -27.92
N ALA L 154 30.02 -11.78 -28.51
CA ALA L 154 30.33 -12.05 -29.94
C ALA L 154 31.79 -12.50 -30.05
N VAL L 155 32.04 -13.38 -31.00
CA VAL L 155 33.40 -13.82 -31.42
C VAL L 155 33.46 -13.68 -32.94
N GLY L 156 34.46 -12.97 -33.46
CA GLY L 156 34.65 -12.79 -34.91
C GLY L 156 36.09 -12.59 -35.29
N GLY L 157 36.37 -12.69 -36.59
CA GLY L 157 37.67 -12.34 -37.20
C GLY L 157 37.70 -10.90 -37.69
N ASP L 158 36.60 -10.17 -37.51
CA ASP L 158 36.47 -8.72 -37.76
C ASP L 158 35.78 -8.07 -36.56
N PRO L 159 35.88 -6.74 -36.38
CA PRO L 159 35.10 -6.05 -35.36
C PRO L 159 33.59 -6.33 -35.53
N LEU L 160 32.86 -6.40 -34.41
CA LEU L 160 31.38 -6.58 -34.43
C LEU L 160 30.77 -5.43 -35.22
N GLU L 161 29.84 -5.72 -36.12
CA GLU L 161 29.09 -4.72 -36.90
C GLU L 161 27.77 -4.47 -36.19
N MET L 162 27.42 -3.20 -36.01
CA MET L 162 26.26 -2.80 -35.18
C MET L 162 25.31 -1.91 -35.98
N GLN L 163 24.02 -1.97 -35.60
CA GLN L 163 22.90 -1.16 -36.11
C GLN L 163 22.42 -0.27 -34.97
N GLY L 164 22.25 1.03 -35.24
CA GLY L 164 21.74 2.02 -34.27
C GLY L 164 20.23 2.00 -34.20
N VAL L 165 19.67 1.93 -32.98
CA VAL L 165 18.23 2.17 -32.70
C VAL L 165 18.14 2.92 -31.37
N LEU L 166 17.32 3.96 -31.30
CA LEU L 166 17.19 4.84 -30.11
C LEU L 166 15.78 4.74 -29.54
N MET L 167 15.65 4.78 -28.21
CA MET L 167 14.39 5.07 -27.50
C MET L 167 13.89 6.44 -27.95
N ASN L 168 14.80 7.41 -28.01
CA ASN L 168 14.51 8.85 -28.21
C ASN L 168 15.55 9.44 -29.17
N TYR L 169 15.15 9.75 -30.41
CA TYR L 169 16.07 10.26 -31.46
C TYR L 169 16.64 11.62 -31.06
N ARG L 170 15.93 12.37 -30.21
CA ARG L 170 16.32 13.73 -29.77
C ARG L 170 17.27 13.68 -28.57
N THR L 171 17.63 12.50 -28.03
CA THR L 171 18.61 12.38 -26.92
C THR L 171 19.91 13.09 -27.34
N LYS L 172 20.41 13.98 -26.50
CA LYS L 172 21.74 14.65 -26.66
C LYS L 172 22.77 13.79 -25.94
N TYR L 173 23.51 12.96 -26.69
CA TYR L 173 24.53 12.05 -26.12
C TYR L 173 25.80 12.83 -25.80
N PRO L 174 26.49 12.48 -24.71
CA PRO L 174 27.61 13.28 -24.21
C PRO L 174 28.93 13.00 -24.94
N ASP L 175 29.88 13.92 -24.78
CA ASP L 175 31.28 13.78 -25.27
C ASP L 175 31.87 12.48 -24.72
N GLY L 176 32.61 11.75 -25.56
CA GLY L 176 33.23 10.46 -25.22
C GLY L 176 32.38 9.26 -25.63
N THR L 177 31.14 9.46 -26.06
CA THR L 177 30.28 8.39 -26.62
C THR L 177 30.23 8.52 -28.15
N ILE L 178 30.10 7.38 -28.84
CA ILE L 178 29.83 7.29 -30.30
C ILE L 178 28.41 6.76 -30.44
N THR L 179 27.50 7.58 -30.97
CA THR L 179 26.05 7.27 -31.06
C THR L 179 25.58 7.59 -32.47
N PRO L 180 24.38 7.09 -32.90
CA PRO L 180 23.85 7.38 -34.23
C PRO L 180 23.96 8.86 -34.64
N LYS L 181 24.62 9.09 -35.78
CA LYS L 181 24.89 10.45 -36.34
C LYS L 181 23.65 10.88 -37.15
N ASN L 182 23.27 12.15 -37.07
CA ASN L 182 22.12 12.75 -37.79
C ASN L 182 20.88 11.89 -37.57
N PRO L 183 20.50 11.61 -36.29
CA PRO L 183 19.31 10.81 -36.01
C PRO L 183 18.03 11.57 -36.41
N THR L 184 17.04 10.82 -36.86
CA THR L 184 15.70 11.30 -37.25
C THR L 184 14.66 10.49 -36.45
N ALA L 185 13.38 10.79 -36.59
CA ALA L 185 12.28 10.01 -35.99
C ALA L 185 12.40 8.54 -36.39
N GLN L 186 12.85 8.26 -37.62
CA GLN L 186 13.06 6.89 -38.17
C GLN L 186 14.11 6.13 -37.33
N SER L 187 15.03 6.84 -36.66
CA SER L 187 16.08 6.23 -35.78
C SER L 187 15.46 5.53 -34.56
N GLN L 188 14.19 5.79 -34.23
CA GLN L 188 13.47 5.10 -33.13
C GLN L 188 12.91 3.76 -33.62
N VAL L 189 12.86 3.55 -34.93
CA VAL L 189 12.48 2.25 -35.55
C VAL L 189 13.72 1.77 -36.31
N MET L 190 13.69 1.52 -37.61
CA MET L 190 14.92 1.12 -38.35
C MET L 190 15.32 2.22 -39.34
N ASN L 191 16.48 2.84 -39.09
CA ASN L 191 17.19 3.79 -39.98
C ASN L 191 18.51 3.14 -40.39
N THR L 192 18.62 2.66 -41.63
CA THR L 192 19.78 1.88 -42.15
C THR L 192 21.03 2.77 -42.27
N ASP L 193 20.95 4.10 -42.08
CA ASP L 193 22.14 4.98 -41.95
C ASP L 193 23.03 4.62 -40.76
N HIS L 194 22.46 4.09 -39.66
CA HIS L 194 23.18 3.92 -38.37
C HIS L 194 23.93 2.59 -38.37
N LYS L 195 25.06 2.55 -39.09
CA LYS L 195 25.98 1.39 -39.15
C LYS L 195 27.28 1.80 -38.48
N ALA L 196 27.77 0.98 -37.54
CA ALA L 196 29.06 1.20 -36.85
C ALA L 196 29.81 -0.12 -36.73
N TYR L 197 31.14 -0.02 -36.61
CA TYR L 197 32.02 -1.10 -36.13
C TYR L 197 32.26 -0.88 -34.64
N LEU L 198 32.16 -1.94 -33.83
CA LEU L 198 32.57 -1.88 -32.40
C LEU L 198 34.09 -1.87 -32.38
N ASP L 199 34.67 -0.69 -32.62
CA ASP L 199 36.11 -0.47 -32.92
C ASP L 199 36.76 0.34 -31.79
N LYS L 200 36.05 0.54 -30.68
CA LYS L 200 36.57 1.27 -29.50
C LYS L 200 35.86 0.74 -28.25
N ASN L 201 36.64 0.41 -27.24
CA ASN L 201 36.16 0.01 -25.89
C ASN L 201 35.59 1.25 -25.18
N ASN L 202 34.51 1.08 -24.41
CA ASN L 202 33.96 2.10 -23.49
C ASN L 202 33.54 3.36 -24.27
N ALA L 203 32.89 3.19 -25.43
CA ALA L 203 32.54 4.29 -26.35
C ALA L 203 31.11 4.16 -26.91
N TYR L 204 30.68 2.95 -27.30
CA TYR L 204 29.37 2.69 -27.96
C TYR L 204 28.34 2.34 -26.89
N PRO L 205 27.43 3.25 -26.49
CA PRO L 205 26.46 2.94 -25.43
C PRO L 205 25.55 1.77 -25.83
N VAL L 206 25.29 0.87 -24.87
CA VAL L 206 24.44 -0.33 -25.10
C VAL L 206 23.05 0.13 -25.58
N GLU L 207 22.51 1.24 -25.04
CA GLU L 207 21.13 1.70 -25.34
C GLU L 207 20.99 2.21 -26.79
N CYS L 208 22.08 2.46 -27.51
CA CYS L 208 22.08 3.06 -28.87
C CYS L 208 22.25 2.01 -29.97
N TRP L 209 22.84 0.85 -29.65
CA TRP L 209 23.43 -0.08 -30.65
C TRP L 209 23.03 -1.52 -30.35
N VAL L 210 22.77 -2.29 -31.40
CA VAL L 210 22.54 -3.76 -31.36
C VAL L 210 23.44 -4.41 -32.39
N PRO L 211 23.78 -5.71 -32.26
CA PRO L 211 24.46 -6.42 -33.34
C PRO L 211 23.60 -6.38 -34.61
N ASP L 212 24.23 -6.17 -35.77
CA ASP L 212 23.54 -6.02 -37.09
C ASP L 212 23.39 -7.39 -37.73
N PRO L 213 22.17 -7.97 -37.82
CA PRO L 213 21.99 -9.28 -38.44
C PRO L 213 22.13 -9.24 -39.97
N SER L 214 22.08 -8.05 -40.58
CA SER L 214 22.27 -7.86 -42.04
C SER L 214 23.76 -7.92 -42.44
N ARG L 215 24.68 -7.90 -41.48
CA ARG L 215 26.14 -7.98 -41.72
CA ARG L 215 26.14 -7.97 -41.72
C ARG L 215 26.71 -9.10 -40.84
N ASN L 216 27.92 -8.92 -40.26
CA ASN L 216 28.56 -9.91 -39.35
C ASN L 216 28.69 -11.28 -40.04
N GLU L 217 29.15 -11.29 -41.29
CA GLU L 217 29.40 -12.55 -42.06
C GLU L 217 30.54 -13.34 -41.38
N ASN L 218 31.45 -12.64 -40.70
CA ASN L 218 32.69 -13.24 -40.10
C ASN L 218 32.66 -13.14 -38.57
N THR L 219 31.47 -13.00 -37.97
CA THR L 219 31.25 -12.91 -36.50
C THR L 219 30.03 -13.76 -36.13
N ARG L 220 30.08 -14.41 -34.97
CA ARG L 220 28.93 -15.11 -34.34
CA ARG L 220 28.97 -15.15 -34.31
C ARG L 220 28.60 -14.35 -33.06
N TYR L 221 27.33 -13.93 -32.91
CA TYR L 221 26.87 -13.13 -31.74
C TYR L 221 25.61 -13.78 -31.13
N PHE L 222 25.43 -13.55 -29.83
CA PHE L 222 24.37 -14.14 -28.98
C PHE L 222 24.00 -13.12 -27.92
N GLY L 223 22.73 -12.74 -27.84
CA GLY L 223 22.25 -11.76 -26.83
C GLY L 223 20.87 -12.13 -26.32
N THR L 224 20.63 -11.88 -25.03
CA THR L 224 19.30 -11.95 -24.38
C THR L 224 19.07 -10.67 -23.58
N PHE L 225 17.99 -9.96 -23.91
CA PHE L 225 17.47 -8.81 -23.14
C PHE L 225 16.27 -9.30 -22.32
N THR L 226 16.30 -9.05 -21.01
CA THR L 226 15.17 -9.29 -20.08
C THR L 226 14.85 -7.94 -19.42
N GLY L 227 13.73 -7.32 -19.79
CA GLY L 227 13.33 -6.00 -19.28
C GLY L 227 12.31 -6.13 -18.19
N GLY L 228 12.27 -5.18 -17.26
CA GLY L 228 11.25 -5.13 -16.21
C GLY L 228 11.80 -4.60 -14.92
N GLU L 229 10.93 -3.98 -14.13
CA GLU L 229 11.27 -3.29 -12.86
C GLU L 229 11.98 -4.25 -11.91
N ASN L 230 11.45 -5.47 -11.75
CA ASN L 230 11.82 -6.43 -10.67
C ASN L 230 12.32 -7.75 -11.25
N VAL L 231 12.72 -7.79 -12.53
CA VAL L 231 13.26 -9.00 -13.22
C VAL L 231 14.38 -9.61 -12.37
N PRO L 232 14.29 -10.90 -11.98
CA PRO L 232 15.40 -11.57 -11.30
C PRO L 232 16.55 -11.93 -12.24
N PRO L 233 17.82 -11.58 -11.91
CA PRO L 233 18.96 -12.10 -12.63
C PRO L 233 19.00 -13.63 -12.51
N VAL L 234 19.23 -14.32 -13.62
CA VAL L 234 19.46 -15.79 -13.69
C VAL L 234 20.74 -15.98 -14.51
N LEU L 235 21.81 -16.44 -13.88
CA LEU L 235 23.13 -16.63 -14.54
C LEU L 235 23.66 -18.04 -14.22
N HIS L 236 24.15 -18.72 -15.25
CA HIS L 236 24.69 -20.10 -15.18
C HIS L 236 26.22 -20.04 -15.35
N VAL L 237 26.93 -20.84 -14.57
CA VAL L 237 28.38 -21.09 -14.75
C VAL L 237 28.57 -22.60 -14.91
N THR L 238 29.41 -22.99 -15.86
CA THR L 238 29.91 -24.37 -16.04
C THR L 238 31.08 -24.34 -17.02
N ASN L 239 32.10 -25.16 -16.76
CA ASN L 239 33.26 -25.34 -17.68
C ASN L 239 32.99 -26.51 -18.62
N THR L 240 31.75 -27.03 -18.69
CA THR L 240 31.37 -28.21 -19.53
C THR L 240 30.56 -27.77 -20.77
N ALA L 241 30.18 -26.49 -20.88
CA ALA L 241 29.28 -25.98 -21.94
C ALA L 241 30.12 -25.28 -23.01
N THR L 242 29.88 -25.62 -24.27
CA THR L 242 30.61 -25.13 -25.46
C THR L 242 29.59 -24.67 -26.50
N THR L 243 29.80 -23.51 -27.11
CA THR L 243 29.00 -23.02 -28.27
C THR L 243 29.83 -23.21 -29.54
N VAL L 244 29.31 -23.95 -30.52
CA VAL L 244 29.97 -24.16 -31.84
C VAL L 244 29.83 -22.87 -32.66
N LEU L 245 30.92 -22.41 -33.29
CA LEU L 245 30.98 -21.14 -34.05
C LEU L 245 30.95 -21.40 -35.57
N LEU L 246 30.92 -22.66 -36.00
CA LEU L 246 30.93 -23.04 -37.44
C LEU L 246 29.58 -22.69 -38.07
N ASP L 247 29.59 -22.15 -39.30
CA ASP L 247 28.36 -21.78 -40.06
C ASP L 247 27.82 -23.02 -40.77
N GLU L 248 26.77 -22.85 -41.57
CA GLU L 248 26.10 -23.92 -42.37
C GLU L 248 27.13 -24.66 -43.25
N GLN L 249 28.14 -23.95 -43.77
CA GLN L 249 29.21 -24.50 -44.65
C GLN L 249 30.34 -25.17 -43.82
N GLY L 250 30.23 -25.19 -42.50
CA GLY L 250 31.25 -25.80 -41.59
C GLY L 250 32.47 -24.91 -41.40
N VAL L 251 32.33 -23.60 -41.60
CA VAL L 251 33.45 -22.62 -41.49
C VAL L 251 33.16 -21.68 -40.31
N GLY L 252 34.09 -21.58 -39.36
CA GLY L 252 34.05 -20.61 -38.25
C GLY L 252 34.56 -19.25 -38.68
N PRO L 253 34.47 -18.22 -37.82
CA PRO L 253 35.12 -16.93 -38.09
C PRO L 253 36.60 -17.11 -38.47
N LEU L 254 37.02 -16.48 -39.57
CA LEU L 254 38.41 -16.51 -40.07
C LEU L 254 39.12 -15.24 -39.61
N CYS L 255 40.23 -15.41 -38.88
CA CYS L 255 40.88 -14.31 -38.12
C CYS L 255 41.79 -13.51 -39.05
N LYS L 256 41.23 -12.46 -39.66
CA LYS L 256 41.94 -11.56 -40.61
C LYS L 256 43.03 -10.80 -39.85
N ALA L 257 44.22 -10.70 -40.44
CA ALA L 257 45.41 -10.03 -39.87
C ALA L 257 45.73 -10.63 -38.50
N ASP L 258 45.58 -11.96 -38.35
CA ASP L 258 45.88 -12.75 -37.12
C ASP L 258 45.29 -12.05 -35.89
N SER L 259 44.02 -11.62 -36.00
CA SER L 259 43.27 -10.89 -34.95
C SER L 259 41.94 -11.60 -34.70
N LEU L 260 41.65 -11.90 -33.42
CA LEU L 260 40.34 -12.41 -32.94
C LEU L 260 39.68 -11.28 -32.16
N TYR L 261 38.39 -11.02 -32.40
CA TYR L 261 37.60 -9.96 -31.73
C TYR L 261 36.61 -10.62 -30.78
N VAL L 262 36.66 -10.23 -29.50
CA VAL L 262 35.67 -10.61 -28.46
C VAL L 262 34.94 -9.34 -28.03
N SER L 263 33.62 -9.43 -27.91
CA SER L 263 32.72 -8.32 -27.55
C SER L 263 31.73 -8.81 -26.50
N ALA L 264 31.33 -7.94 -25.59
CA ALA L 264 30.39 -8.30 -24.52
C ALA L 264 29.64 -7.07 -24.01
N ALA L 265 28.43 -7.33 -23.50
CA ALA L 265 27.67 -6.43 -22.61
C ALA L 265 26.96 -7.32 -21.60
N ASP L 266 27.23 -7.13 -20.31
CA ASP L 266 26.66 -7.95 -19.21
C ASP L 266 26.18 -6.99 -18.12
N ILE L 267 25.07 -6.30 -18.42
CA ILE L 267 24.30 -5.49 -17.44
C ILE L 267 23.46 -6.49 -16.63
N CYS L 268 23.80 -6.69 -15.36
CA CYS L 268 23.20 -7.74 -14.49
C CYS L 268 21.86 -7.30 -13.91
N GLY L 269 21.63 -5.99 -13.84
CA GLY L 269 20.43 -5.38 -13.23
C GLY L 269 20.79 -4.07 -12.57
N LEU L 270 19.89 -3.56 -11.74
CA LEU L 270 20.07 -2.28 -11.00
C LEU L 270 20.37 -2.60 -9.53
N PHE L 271 21.38 -1.92 -9.00
CA PHE L 271 21.70 -1.83 -7.56
C PHE L 271 20.90 -0.65 -6.99
N THR L 272 20.24 -0.84 -5.85
CA THR L 272 19.41 0.20 -5.19
C THR L 272 20.10 0.64 -3.87
N ASN L 273 20.52 1.90 -3.81
CA ASN L 273 21.08 2.54 -2.59
C ASN L 273 19.96 2.77 -1.56
N SER L 274 20.32 3.04 -0.30
CA SER L 274 19.36 3.24 0.82
C SER L 274 18.37 4.36 0.49
N SER L 275 18.81 5.34 -0.31
CA SER L 275 18.02 6.50 -0.80
C SER L 275 16.95 6.11 -1.83
N GLY L 276 17.07 4.94 -2.46
CA GLY L 276 16.23 4.53 -3.59
C GLY L 276 16.90 4.80 -4.93
N THR L 277 18.06 5.47 -4.99
CA THR L 277 18.78 5.70 -6.27
C THR L 277 19.25 4.35 -6.81
N GLN L 278 19.28 4.23 -8.13
CA GLN L 278 19.61 2.97 -8.83
C GLN L 278 20.85 3.18 -9.68
N GLN L 279 21.74 2.19 -9.70
CA GLN L 279 22.95 2.17 -10.55
C GLN L 279 23.00 0.83 -11.28
N TRP L 280 23.35 0.83 -12.56
CA TRP L 280 23.59 -0.43 -13.31
C TRP L 280 24.79 -1.14 -12.65
N ARG L 281 24.73 -2.47 -12.48
CA ARG L 281 25.87 -3.30 -12.07
C ARG L 281 26.24 -4.20 -13.25
N GLY L 282 27.52 -4.21 -13.61
CA GLY L 282 28.07 -5.07 -14.68
C GLY L 282 29.11 -6.01 -14.10
N LEU L 283 29.35 -7.12 -14.80
CA LEU L 283 30.39 -8.11 -14.43
C LEU L 283 31.20 -8.45 -15.67
N ALA L 284 32.45 -8.85 -15.46
CA ALA L 284 33.38 -9.31 -16.51
C ALA L 284 32.81 -10.57 -17.17
N ARG L 285 33.17 -10.78 -18.42
CA ARG L 285 32.89 -12.03 -19.19
C ARG L 285 34.22 -12.69 -19.54
N TYR L 286 34.33 -13.98 -19.27
CA TYR L 286 35.45 -14.86 -19.67
C TYR L 286 35.13 -15.44 -21.04
N PHE L 287 36.14 -15.53 -21.90
CA PHE L 287 36.10 -16.24 -23.21
C PHE L 287 37.25 -17.24 -23.26
N LYS L 288 36.96 -18.48 -23.64
CA LYS L 288 37.96 -19.47 -24.10
C LYS L 288 37.54 -19.91 -25.49
N ILE L 289 38.35 -19.57 -26.50
CA ILE L 289 38.06 -19.83 -27.93
C ILE L 289 39.05 -20.88 -28.43
N ARG L 290 38.52 -22.01 -28.92
CA ARG L 290 39.28 -23.07 -29.62
C ARG L 290 39.43 -22.65 -31.08
N LEU L 291 40.67 -22.63 -31.58
CA LEU L 291 41.03 -22.20 -32.94
C LEU L 291 41.70 -23.37 -33.65
N ARG L 292 41.52 -23.47 -34.96
CA ARG L 292 42.22 -24.47 -35.81
C ARG L 292 42.83 -23.75 -37.02
N LYS L 293 43.85 -24.37 -37.60
CA LYS L 293 44.55 -23.86 -38.80
C LYS L 293 43.69 -24.21 -40.01
N ARG L 294 43.31 -23.21 -40.81
CA ARG L 294 42.55 -23.38 -42.06
C ARG L 294 43.43 -22.93 -43.23
N SER L 295 43.60 -23.79 -44.23
CA SER L 295 44.27 -23.45 -45.52
C SER L 295 43.33 -22.54 -46.31
N VAL L 296 43.88 -21.46 -46.88
CA VAL L 296 43.15 -20.49 -47.76
C VAL L 296 44.01 -20.26 -49.00
N LYS L 297 43.38 -19.88 -50.12
CA LYS L 297 44.09 -19.42 -51.34
C LYS L 297 44.75 -18.08 -51.04
N ASN L 298 46.00 -17.90 -51.48
CA ASN L 298 46.76 -16.63 -51.33
C ASN L 298 46.03 -15.55 -52.12
N PRO L 299 45.50 -14.48 -51.47
CA PRO L 299 44.79 -13.43 -52.19
C PRO L 299 45.69 -12.44 -52.93
N TYR L 300 46.97 -12.35 -52.56
CA TYR L 300 47.98 -11.43 -53.15
C TYR L 300 48.36 -11.93 -54.55
N GLN M 1 12.92 0.36 13.78
CA GLN M 1 12.00 1.54 13.98
C GLN M 1 10.95 1.29 15.09
N VAL M 2 11.07 0.21 15.89
CA VAL M 2 10.20 -0.03 17.08
C VAL M 2 10.47 1.12 18.06
N GLN M 3 9.41 1.79 18.52
CA GLN M 3 9.49 2.98 19.43
C GLN M 3 8.65 2.68 20.67
N LEU M 4 9.27 2.72 21.84
CA LEU M 4 8.65 2.40 23.15
C LEU M 4 8.49 3.70 23.93
N GLN M 5 7.24 4.05 24.28
CA GLN M 5 6.86 5.25 25.08
C GLN M 5 6.40 4.78 26.46
N GLN M 6 7.09 5.22 27.51
CA GLN M 6 6.92 4.76 28.91
C GLN M 6 6.26 5.87 29.74
N TRP M 7 5.30 5.52 30.63
CA TRP M 7 4.67 6.47 31.58
C TRP M 7 4.11 5.75 32.82
N GLY M 8 3.71 6.52 33.83
CA GLY M 8 3.21 6.04 35.13
C GLY M 8 3.77 6.86 36.28
N ALA M 9 3.07 6.86 37.42
CA ALA M 9 3.40 7.63 38.63
C ALA M 9 4.70 7.08 39.23
N GLY M 10 5.72 7.94 39.38
CA GLY M 10 7.06 7.58 39.87
C GLY M 10 7.18 7.68 41.39
N LEU M 11 6.44 8.56 42.05
CA LEU M 11 6.60 8.86 43.50
C LEU M 11 5.56 8.07 44.30
N LEU M 12 6.01 7.16 45.17
CA LEU M 12 5.16 6.19 45.91
C LEU M 12 5.57 6.15 47.38
N LYS M 13 4.61 5.81 48.24
CA LYS M 13 4.82 5.56 49.69
C LYS M 13 4.90 4.05 49.89
N PRO M 14 5.65 3.54 50.89
CA PRO M 14 5.70 2.10 51.17
C PRO M 14 4.31 1.47 51.30
N SER M 15 4.15 0.25 50.79
CA SER M 15 2.91 -0.60 50.79
C SER M 15 2.03 -0.32 49.55
N GLU M 16 2.24 0.80 48.83
CA GLU M 16 1.45 1.17 47.62
C GLU M 16 1.80 0.25 46.45
N THR M 17 1.05 0.35 45.34
CA THR M 17 1.23 -0.47 44.12
C THR M 17 1.85 0.41 43.03
N LEU M 18 3.03 0.02 42.54
CA LEU M 18 3.66 0.61 41.33
C LEU M 18 2.86 0.16 40.11
N SER M 19 2.47 1.11 39.25
CA SER M 19 1.72 0.87 37.99
C SER M 19 2.41 1.63 36.85
N LEU M 20 3.08 0.93 35.93
CA LEU M 20 3.74 1.54 34.75
C LEU M 20 3.14 0.92 33.49
N THR M 21 3.05 1.72 32.43
CA THR M 21 2.58 1.31 31.08
C THR M 21 3.66 1.67 30.05
N CYS M 22 3.85 0.77 29.08
CA CYS M 22 4.71 0.97 27.90
C CYS M 22 3.81 0.88 26.66
N ALA M 23 3.86 1.89 25.79
CA ALA M 23 3.14 1.94 24.50
C ALA M 23 4.12 1.64 23.37
N VAL M 24 3.77 0.73 22.46
CA VAL M 24 4.55 0.37 21.25
C VAL M 24 3.99 1.21 20.08
N TYR M 25 4.69 2.29 19.72
CA TYR M 25 4.16 3.42 18.91
C TYR M 25 4.34 3.10 17.42
N ARG M 26 5.47 2.48 17.08
CA ARG M 26 5.73 1.85 15.76
C ARG M 26 6.22 0.41 16.01
N GLY M 27 6.05 -0.48 15.03
CA GLY M 27 6.47 -1.89 15.09
C GLY M 27 5.30 -2.80 15.46
N SER M 28 5.40 -4.08 15.08
CA SER M 28 4.34 -5.10 15.31
CA SER M 28 4.34 -5.10 15.31
C SER M 28 4.29 -5.47 16.80
N PHE M 29 3.15 -5.26 17.45
CA PHE M 29 2.94 -5.62 18.88
C PHE M 29 3.05 -7.14 19.06
N SER M 30 2.58 -7.92 18.09
CA SER M 30 2.48 -9.40 18.20
C SER M 30 3.84 -10.09 17.95
N ALA M 31 4.85 -9.38 17.42
CA ALA M 31 6.10 -9.97 16.89
C ALA M 31 7.20 -10.05 17.95
N TYR M 32 7.03 -9.49 19.16
CA TYR M 32 8.10 -9.43 20.18
C TYR M 32 7.60 -9.89 21.55
N TYR M 33 8.53 -10.41 22.34
CA TYR M 33 8.40 -10.60 23.80
C TYR M 33 8.68 -9.25 24.47
N TRP M 34 7.76 -8.81 25.31
CA TRP M 34 7.80 -7.49 26.00
C TRP M 34 8.26 -7.69 27.44
N THR M 35 9.32 -6.96 27.84
CA THR M 35 10.10 -7.22 29.07
C THR M 35 10.15 -5.95 29.93
N TRP M 36 10.17 -6.13 31.25
CA TRP M 36 10.43 -5.05 32.24
C TRP M 36 11.77 -5.33 32.94
N PHE M 37 12.59 -4.28 33.09
CA PHE M 37 13.84 -4.26 33.87
C PHE M 37 13.77 -3.12 34.88
N ARG M 38 14.59 -3.19 35.93
CA ARG M 38 14.85 -2.03 36.81
C ARG M 38 16.34 -1.95 37.12
N GLN M 39 16.79 -0.73 37.43
CA GLN M 39 18.19 -0.39 37.80
C GLN M 39 18.15 0.50 39.04
N PRO M 40 18.43 -0.05 40.26
CA PRO M 40 18.56 0.79 41.45
C PRO M 40 19.66 1.84 41.32
N PRO M 41 19.57 3.01 42.01
CA PRO M 41 20.60 4.04 41.94
C PRO M 41 22.03 3.50 42.18
N GLY M 42 22.92 3.71 41.21
CA GLY M 42 24.34 3.33 41.27
C GLY M 42 24.57 1.82 41.30
N LYS M 43 23.61 1.02 40.80
CA LYS M 43 23.67 -0.48 40.81
C LYS M 43 23.51 -1.00 39.38
N GLY M 44 23.63 -2.32 39.21
CA GLY M 44 23.38 -3.03 37.94
C GLY M 44 21.89 -3.22 37.69
N LEU M 45 21.53 -4.01 36.68
CA LEU M 45 20.11 -4.20 36.25
C LEU M 45 19.54 -5.50 36.81
N GLU M 46 18.22 -5.52 37.01
CA GLU M 46 17.43 -6.71 37.42
C GLU M 46 16.32 -6.93 36.39
N TRP M 47 16.18 -8.16 35.91
CA TRP M 47 15.07 -8.62 35.04
C TRP M 47 13.85 -8.86 35.92
N ILE M 48 12.73 -8.22 35.61
CA ILE M 48 11.47 -8.30 36.40
C ILE M 48 10.64 -9.45 35.82
N GLY M 49 10.40 -9.43 34.52
CA GLY M 49 9.55 -10.41 33.83
C GLY M 49 9.24 -10.01 32.42
N GLU M 50 8.44 -10.83 31.75
CA GLU M 50 8.11 -10.64 30.32
C GLU M 50 6.74 -11.22 30.01
N ILE M 51 6.22 -10.85 28.84
CA ILE M 51 4.87 -11.25 28.35
C ILE M 51 4.94 -11.28 26.81
N ASN M 52 4.10 -12.09 26.17
CA ASN M 52 3.84 -12.02 24.71
C ASN M 52 2.41 -11.52 24.51
N HIS M 53 2.01 -11.32 23.25
CA HIS M 53 0.70 -10.72 22.87
C HIS M 53 -0.48 -11.61 23.30
N ARG M 54 -0.26 -12.91 23.56
CA ARG M 54 -1.30 -13.87 24.03
C ARG M 54 -1.38 -13.88 25.57
N GLY M 55 -0.49 -13.17 26.26
CA GLY M 55 -0.56 -12.93 27.72
C GLY M 55 0.19 -13.96 28.53
N TYR M 56 0.99 -14.84 27.90
CA TYR M 56 1.87 -15.80 28.59
C TYR M 56 3.01 -15.01 29.25
N THR M 57 3.19 -15.19 30.56
CA THR M 57 4.15 -14.43 31.39
C THR M 57 5.21 -15.37 31.96
N ASN M 58 6.39 -14.81 32.24
CA ASN M 58 7.44 -15.40 33.11
C ASN M 58 7.96 -14.28 34.02
N TYR M 59 8.13 -14.57 35.32
CA TYR M 59 8.53 -13.58 36.35
C TYR M 59 9.81 -14.02 37.04
N ASN M 60 10.59 -13.05 37.51
CA ASN M 60 11.75 -13.28 38.41
C ASN M 60 11.19 -13.71 39.77
N PRO M 61 11.60 -14.88 40.32
CA PRO M 61 11.25 -15.23 41.71
C PRO M 61 11.68 -14.21 42.78
N SER M 62 12.71 -13.39 42.50
CA SER M 62 13.29 -12.36 43.42
C SER M 62 12.22 -11.37 43.92
N LEU M 63 11.16 -11.12 43.14
CA LEU M 63 10.10 -10.13 43.47
C LEU M 63 8.99 -10.75 44.34
N ARG M 64 9.11 -12.02 44.72
CA ARG M 64 8.38 -12.67 45.85
C ARG M 64 6.87 -12.69 45.54
N GLY M 65 6.47 -12.96 44.29
CA GLY M 65 5.07 -13.03 43.82
C GLY M 65 4.31 -11.72 43.93
N ARG M 66 5.01 -10.58 44.01
CA ARG M 66 4.39 -9.22 44.14
C ARG M 66 4.12 -8.63 42.75
N VAL M 67 4.64 -9.25 41.68
CA VAL M 67 4.70 -8.64 40.32
C VAL M 67 3.62 -9.26 39.42
N SER M 68 2.96 -8.41 38.63
CA SER M 68 2.01 -8.77 37.55
C SER M 68 2.39 -7.98 36.29
N ILE M 69 2.41 -8.65 35.14
CA ILE M 69 2.55 -8.01 33.81
C ILE M 69 1.32 -8.38 32.98
N SER M 70 0.75 -7.40 32.27
CA SER M 70 -0.45 -7.57 31.41
C SER M 70 -0.19 -6.91 30.05
N VAL M 71 -0.95 -7.35 29.05
CA VAL M 71 -0.94 -6.79 27.65
C VAL M 71 -2.33 -6.28 27.35
N ASP M 72 -2.39 -5.17 26.59
CA ASP M 72 -3.63 -4.65 25.95
C ASP M 72 -3.34 -4.57 24.45
N THR M 73 -3.75 -5.60 23.69
CA THR M 73 -3.49 -5.72 22.23
C THR M 73 -4.24 -4.62 21.46
N SER M 74 -5.40 -4.17 21.96
CA SER M 74 -6.19 -3.09 21.32
C SER M 74 -5.42 -1.76 21.36
N LYS M 75 -4.73 -1.47 22.47
CA LYS M 75 -3.93 -0.22 22.66
C LYS M 75 -2.46 -0.42 22.29
N LYS M 76 -2.02 -1.66 22.04
CA LYS M 76 -0.60 -2.03 21.79
C LYS M 76 0.23 -1.53 22.98
N GLN M 77 -0.21 -1.87 24.19
CA GLN M 77 0.42 -1.47 25.47
C GLN M 77 0.63 -2.72 26.31
N PHE M 78 1.67 -2.70 27.14
CA PHE M 78 1.88 -3.69 28.22
C PHE M 78 2.25 -2.92 29.49
N SER M 79 1.90 -3.51 30.63
CA SER M 79 1.90 -2.84 31.95
C SER M 79 2.61 -3.70 32.98
N LEU M 80 3.21 -3.02 33.96
CA LEU M 80 3.84 -3.62 35.16
C LEU M 80 3.01 -3.21 36.38
N LYS M 81 2.64 -4.17 37.21
CA LYS M 81 2.09 -3.93 38.57
C LYS M 81 3.06 -4.59 39.57
N LEU M 82 3.67 -3.81 40.47
CA LEU M 82 4.45 -4.33 41.63
C LEU M 82 3.73 -3.92 42.92
N ARG M 83 3.23 -4.92 43.67
CA ARG M 83 2.45 -4.70 44.91
C ARG M 83 3.39 -4.51 46.10
N SER M 84 2.92 -3.83 47.15
CA SER M 84 3.57 -3.77 48.49
C SER M 84 4.99 -3.23 48.34
N VAL M 85 5.15 -2.05 47.72
CA VAL M 85 6.48 -1.47 47.42
C VAL M 85 7.15 -1.05 48.74
N ASN M 86 8.47 -1.16 48.79
CA ASN M 86 9.34 -0.70 49.91
C ASN M 86 10.51 0.08 49.30
N ALA M 87 11.36 0.66 50.16
CA ALA M 87 12.49 1.54 49.77
C ALA M 87 13.40 0.85 48.73
N ALA M 88 13.58 -0.48 48.83
CA ALA M 88 14.46 -1.28 47.95
C ALA M 88 13.89 -1.40 46.54
N ASP M 89 12.64 -1.00 46.28
CA ASP M 89 12.03 -0.99 44.92
C ASP M 89 12.34 0.34 44.21
N THR M 90 13.01 1.30 44.88
CA THR M 90 13.51 2.55 44.27
C THR M 90 14.48 2.18 43.13
N ALA M 91 14.20 2.64 41.91
CA ALA M 91 14.97 2.29 40.70
C ALA M 91 14.42 3.07 39.50
N VAL M 92 15.21 3.12 38.43
CA VAL M 92 14.72 3.45 37.05
C VAL M 92 14.16 2.14 36.50
N TYR M 93 12.89 2.13 36.13
CA TYR M 93 12.18 0.98 35.50
C TYR M 93 12.21 1.20 33.99
N TYR M 94 12.58 0.16 33.23
CA TYR M 94 12.64 0.18 31.75
C TYR M 94 11.71 -0.90 31.18
N CYS M 95 10.92 -0.55 30.18
CA CYS M 95 10.29 -1.53 29.25
C CYS M 95 11.26 -1.78 28.10
N ALA M 96 11.20 -2.98 27.50
CA ALA M 96 12.13 -3.38 26.43
C ALA M 96 11.60 -4.60 25.67
N THR M 97 12.24 -4.91 24.54
CA THR M 97 12.22 -6.25 23.92
C THR M 97 13.67 -6.64 23.60
N LEU M 98 14.04 -7.86 24.00
CA LEU M 98 15.34 -8.49 23.74
C LEU M 98 15.26 -9.48 22.58
N ARG M 99 14.06 -9.95 22.20
CA ARG M 99 13.94 -10.87 21.03
C ARG M 99 12.50 -10.93 20.49
N SER M 100 12.38 -11.32 19.22
CA SER M 100 11.11 -11.57 18.52
C SER M 100 10.50 -12.89 19.00
N THR M 101 9.25 -13.13 18.63
CA THR M 101 8.51 -14.40 18.89
C THR M 101 9.15 -15.57 18.14
N SER M 102 10.01 -15.34 17.15
CA SER M 102 10.80 -16.41 16.46
C SER M 102 11.79 -17.07 17.43
N GLY M 103 12.26 -16.32 18.44
CA GLY M 103 13.11 -16.88 19.51
C GLY M 103 14.39 -16.08 19.72
N TRP M 104 15.20 -16.55 20.67
CA TRP M 104 16.41 -15.86 21.19
C TRP M 104 17.47 -15.61 20.12
N HIS M 105 17.51 -16.39 19.03
CA HIS M 105 18.42 -16.15 17.87
C HIS M 105 18.11 -14.77 17.26
N ASP M 106 16.85 -14.32 17.30
CA ASP M 106 16.39 -13.04 16.70
C ASP M 106 16.37 -11.96 17.78
N TYR M 107 17.57 -11.54 18.19
CA TYR M 107 17.83 -10.69 19.38
C TYR M 107 17.71 -9.21 19.00
N PHE M 108 17.12 -8.40 19.88
CA PHE M 108 16.85 -6.96 19.67
C PHE M 108 17.32 -6.12 20.86
N ASP M 109 17.28 -4.80 20.67
CA ASP M 109 17.79 -3.79 21.63
C ASP M 109 16.87 -2.55 21.60
N TYR M 110 15.58 -2.73 21.85
CA TYR M 110 14.58 -1.64 21.94
C TYR M 110 14.27 -1.42 23.43
N TRP M 111 14.48 -0.19 23.91
CA TRP M 111 14.30 0.22 25.32
C TRP M 111 13.39 1.44 25.36
N GLY M 112 12.48 1.50 26.35
CA GLY M 112 11.81 2.75 26.76
C GLY M 112 12.81 3.74 27.31
N GLN M 113 12.39 4.99 27.50
CA GLN M 113 13.22 6.10 28.04
C GLN M 113 13.53 5.86 29.53
N GLY M 114 12.70 5.07 30.21
CA GLY M 114 12.86 4.76 31.64
C GLY M 114 11.99 5.66 32.50
N THR M 115 11.57 5.18 33.67
CA THR M 115 10.78 5.94 34.68
C THR M 115 11.52 5.85 36.02
N LEU M 116 11.91 6.99 36.59
CA LEU M 116 12.45 7.05 37.98
C LEU M 116 11.31 6.76 38.94
N VAL M 117 11.40 5.65 39.66
CA VAL M 117 10.44 5.27 40.73
C VAL M 117 11.16 5.45 42.07
N THR M 118 10.67 6.37 42.91
CA THR M 118 11.13 6.59 44.30
C THR M 118 10.05 6.08 45.26
N VAL M 119 10.41 5.12 46.12
CA VAL M 119 9.56 4.57 47.21
C VAL M 119 10.16 5.07 48.53
N SER M 120 9.38 5.87 49.27
CA SER M 120 9.85 6.53 50.52
C SER M 120 8.64 7.06 51.33
N SER M 121 8.76 7.04 52.66
CA SER M 121 7.81 7.67 53.62
C SER M 121 7.98 9.19 53.59
N ALA M 122 9.09 9.72 53.05
CA ALA M 122 9.38 11.16 52.91
C ALA M 122 8.31 11.81 52.03
N SER M 123 8.01 13.09 52.29
CA SER M 123 7.09 13.94 51.49
C SER M 123 7.92 14.95 50.69
N THR M 124 7.36 15.41 49.56
CA THR M 124 8.03 16.35 48.62
C THR M 124 8.41 17.62 49.37
N LYS M 125 9.68 18.04 49.26
CA LYS M 125 10.29 19.16 50.04
C LYS M 125 11.40 19.81 49.21
N GLY M 126 11.37 21.14 49.06
CA GLY M 126 12.40 21.92 48.36
C GLY M 126 13.66 22.04 49.21
N PRO M 127 14.86 22.24 48.61
CA PRO M 127 16.11 22.34 49.37
C PRO M 127 16.32 23.68 50.07
N SER M 128 17.16 23.69 51.11
CA SER M 128 17.90 24.88 51.59
C SER M 128 19.23 24.92 50.83
N VAL M 129 19.59 26.07 50.28
CA VAL M 129 20.85 26.28 49.51
C VAL M 129 21.77 27.15 50.35
N PHE M 130 22.87 26.58 50.85
CA PHE M 130 23.88 27.27 51.69
C PHE M 130 25.12 27.50 50.84
N PRO M 131 25.75 28.69 50.92
CA PRO M 131 27.00 28.93 50.20
C PRO M 131 28.16 28.18 50.86
N LEU M 132 29.07 27.67 50.02
CA LEU M 132 30.44 27.24 50.40
C LEU M 132 31.38 28.37 49.96
N ALA M 133 31.61 29.33 50.85
CA ALA M 133 32.25 30.63 50.54
C ALA M 133 33.76 30.44 50.37
N PRO M 134 34.40 31.06 49.36
CA PRO M 134 35.85 31.00 49.22
C PRO M 134 36.53 31.85 50.30
N SER M 135 37.63 31.35 50.87
CA SER M 135 38.32 31.90 52.06
C SER M 135 39.82 31.65 51.92
N SER M 136 40.59 32.01 52.96
CA SER M 136 42.00 31.58 53.16
C SER M 136 42.09 30.05 53.28
N LYS M 137 41.05 29.40 53.81
CA LYS M 137 40.96 27.93 54.02
C LYS M 137 40.46 27.20 52.76
N SER M 138 40.01 27.95 51.74
CA SER M 138 39.55 27.44 50.43
C SER M 138 40.31 28.09 49.27
N THR M 139 41.59 28.44 49.49
CA THR M 139 42.51 29.07 48.50
C THR M 139 43.86 28.36 48.59
N SER M 140 44.48 28.10 47.43
CA SER M 140 45.79 27.40 47.31
C SER M 140 46.48 27.80 46.00
N GLY M 141 47.53 28.62 46.11
CA GLY M 141 48.48 28.93 45.02
C GLY M 141 47.81 29.50 43.78
N GLY M 142 46.97 30.52 43.94
CA GLY M 142 46.28 31.22 42.82
C GLY M 142 44.98 30.56 42.37
N THR M 143 44.56 29.43 42.97
CA THR M 143 43.24 28.78 42.73
C THR M 143 42.40 28.86 44.02
N ALA M 144 41.15 29.34 43.90
CA ALA M 144 40.15 29.34 44.98
C ALA M 144 39.01 28.38 44.63
N ALA M 145 38.49 27.65 45.62
CA ALA M 145 37.29 26.78 45.52
C ALA M 145 36.10 27.49 46.17
N LEU M 146 34.92 27.43 45.54
CA LEU M 146 33.63 27.86 46.11
C LEU M 146 32.53 26.92 45.63
N GLY M 147 31.35 26.99 46.24
CA GLY M 147 30.26 26.05 45.93
C GLY M 147 28.95 26.40 46.59
N CYS M 148 27.97 25.52 46.42
CA CYS M 148 26.65 25.56 47.09
C CYS M 148 26.34 24.18 47.65
N LEU M 149 25.93 24.13 48.92
CA LEU M 149 25.35 22.92 49.57
C LEU M 149 23.84 22.97 49.36
N VAL M 150 23.29 22.02 48.61
CA VAL M 150 21.84 21.91 48.29
C VAL M 150 21.27 20.81 49.20
N LYS M 151 20.72 21.19 50.36
CA LYS M 151 20.49 20.28 51.51
C LYS M 151 19.00 20.05 51.76
N ASP M 152 18.62 18.81 52.05
CA ASP M 152 17.31 18.40 52.61
C ASP M 152 16.20 18.62 51.57
N TYR M 153 16.30 17.94 50.42
CA TYR M 153 15.26 17.96 49.37
C TYR M 153 14.79 16.52 49.11
N PHE M 154 13.57 16.41 48.56
CA PHE M 154 12.93 15.13 48.18
C PHE M 154 11.82 15.39 47.16
N PRO M 155 11.64 14.55 46.11
CA PRO M 155 12.58 13.49 45.75
C PRO M 155 13.70 14.01 44.84
N GLU M 156 14.51 13.11 44.27
CA GLU M 156 15.40 13.43 43.12
C GLU M 156 14.52 13.78 41.91
N PRO M 157 14.97 14.58 40.92
CA PRO M 157 16.31 15.19 40.90
C PRO M 157 16.32 16.69 41.23
N VAL M 158 17.51 17.23 41.44
CA VAL M 158 17.81 18.69 41.40
C VAL M 158 18.81 18.93 40.27
N THR M 159 18.75 20.09 39.63
CA THR M 159 19.75 20.57 38.65
C THR M 159 20.46 21.78 39.26
N VAL M 160 21.76 21.93 39.02
CA VAL M 160 22.56 23.11 39.45
C VAL M 160 23.33 23.60 38.22
N SER M 161 23.29 24.91 37.98
CA SER M 161 24.15 25.63 37.01
C SER M 161 24.84 26.78 37.74
N TRP M 162 25.83 27.39 37.11
CA TRP M 162 26.59 28.55 37.64
C TRP M 162 26.49 29.72 36.67
N ASN M 163 26.16 30.92 37.19
CA ASN M 163 25.95 32.18 36.41
C ASN M 163 25.04 31.90 35.22
N SER M 164 23.88 31.27 35.50
CA SER M 164 22.78 30.98 34.54
C SER M 164 23.26 30.09 33.39
N GLY M 165 24.22 29.18 33.65
CA GLY M 165 24.75 28.22 32.67
C GLY M 165 25.95 28.73 31.89
N ALA M 166 26.41 29.96 32.15
CA ALA M 166 27.55 30.61 31.46
C ALA M 166 28.88 30.06 31.98
N LEU M 167 28.95 29.67 33.26
CA LEU M 167 30.14 29.08 33.94
C LEU M 167 29.97 27.55 34.00
N THR M 168 30.76 26.83 33.20
CA THR M 168 30.80 25.34 33.14
C THR M 168 32.22 24.80 33.41
N SER M 169 33.28 25.58 33.10
CA SER M 169 34.70 25.17 33.31
C SER M 169 35.01 25.13 34.81
N GLY M 170 35.56 24.01 35.29
CA GLY M 170 35.95 23.80 36.70
C GLY M 170 34.79 23.43 37.61
N VAL M 171 33.58 23.26 37.06
CA VAL M 171 32.34 22.91 37.85
C VAL M 171 32.35 21.40 38.11
N HIS M 172 32.12 21.01 39.37
CA HIS M 172 31.82 19.62 39.80
C HIS M 172 30.53 19.62 40.62
N THR M 173 29.47 19.02 40.08
CA THR M 173 28.19 18.78 40.79
C THR M 173 28.19 17.31 41.19
N PHE M 174 28.23 17.05 42.51
CA PHE M 174 28.40 15.70 43.08
C PHE M 174 27.08 14.94 42.96
N PRO M 175 27.11 13.59 42.84
CA PRO M 175 25.91 12.79 43.04
C PRO M 175 25.27 13.05 44.41
N ALA M 176 23.94 13.06 44.46
CA ALA M 176 23.15 13.21 45.69
C ALA M 176 23.45 12.04 46.62
N VAL M 177 23.47 12.31 47.93
CA VAL M 177 23.50 11.27 49.00
C VAL M 177 22.14 11.29 49.70
N LEU M 178 21.60 10.12 50.01
CA LEU M 178 20.38 9.94 50.82
C LEU M 178 20.79 9.93 52.29
N GLN M 179 20.32 10.93 53.06
CA GLN M 179 20.61 11.07 54.52
C GLN M 179 19.70 10.13 55.32
N SER M 180 20.01 9.92 56.60
CA SER M 180 19.23 9.11 57.58
C SER M 180 17.78 9.63 57.68
N SER M 181 17.59 10.94 57.48
CA SER M 181 16.27 11.64 57.47
C SER M 181 15.35 11.15 56.34
N GLY M 182 15.90 10.53 55.29
CA GLY M 182 15.16 10.18 54.06
C GLY M 182 15.11 11.36 53.08
N LEU M 183 15.87 12.43 53.34
CA LEU M 183 16.01 13.59 52.43
C LEU M 183 17.38 13.53 51.76
N TYR M 184 17.49 14.09 50.56
CA TYR M 184 18.73 14.10 49.75
C TYR M 184 19.52 15.38 50.05
N SER M 185 20.82 15.30 49.83
CA SER M 185 21.74 16.46 49.81
CA SER M 185 21.76 16.45 49.83
C SER M 185 22.77 16.27 48.69
N LEU M 186 23.12 17.36 48.00
CA LEU M 186 24.31 17.37 47.13
C LEU M 186 25.01 18.72 47.24
N SER M 187 26.30 18.71 46.90
CA SER M 187 27.15 19.91 46.79
C SER M 187 27.49 20.11 45.31
N SER M 188 27.54 21.37 44.87
CA SER M 188 28.13 21.79 43.58
C SER M 188 29.29 22.72 43.91
N VAL M 189 30.48 22.46 43.36
CA VAL M 189 31.69 23.28 43.58
C VAL M 189 32.22 23.76 42.23
N VAL M 190 32.97 24.86 42.26
CA VAL M 190 33.72 25.39 41.08
C VAL M 190 35.04 25.95 41.59
N THR M 191 36.14 25.71 40.87
CA THR M 191 37.47 26.32 41.12
C THR M 191 37.67 27.46 40.12
N VAL M 192 38.15 28.60 40.61
CA VAL M 192 38.30 29.86 39.83
C VAL M 192 39.63 30.49 40.20
N PRO M 193 40.18 31.41 39.37
CA PRO M 193 41.33 32.22 39.77
C PRO M 193 41.00 33.01 41.04
N SER M 194 41.94 33.01 42.01
CA SER M 194 41.86 33.79 43.27
C SER M 194 41.69 35.29 43.01
N SER M 195 42.26 35.80 41.91
CA SER M 195 42.17 37.22 41.47
C SER M 195 40.72 37.61 41.13
N SER M 196 39.88 36.66 40.71
CA SER M 196 38.48 36.90 40.28
C SER M 196 37.53 37.09 41.48
N LEU M 197 37.95 36.79 42.71
CA LEU M 197 37.04 36.69 43.89
C LEU M 197 36.39 38.03 44.22
N GLY M 198 37.14 39.14 44.13
CA GLY M 198 36.63 40.51 44.36
C GLY M 198 35.81 41.01 43.19
N THR M 199 36.23 40.71 41.96
CA THR M 199 35.67 41.30 40.71
C THR M 199 34.41 40.55 40.30
N GLN M 200 34.53 39.23 40.09
CA GLN M 200 33.53 38.40 39.37
C GLN M 200 32.48 37.88 40.35
N THR M 201 31.21 37.91 39.92
CA THR M 201 30.04 37.40 40.66
C THR M 201 29.89 35.90 40.39
N TYR M 202 29.61 35.12 41.43
CA TYR M 202 29.34 33.66 41.36
C TYR M 202 27.98 33.39 41.99
N ILE M 203 27.03 32.95 41.16
CA ILE M 203 25.64 32.56 41.56
C ILE M 203 25.43 31.11 41.13
N CYS M 204 25.06 30.22 42.06
CA CYS M 204 24.58 28.86 41.75
C CYS M 204 23.05 28.93 41.55
N ASN M 205 22.56 28.37 40.45
CA ASN M 205 21.12 28.36 40.07
C ASN M 205 20.62 26.95 40.32
N VAL M 206 19.85 26.76 41.40
CA VAL M 206 19.32 25.43 41.84
C VAL M 206 17.85 25.37 41.42
N ASN M 207 17.46 24.34 40.66
CA ASN M 207 16.05 24.06 40.32
C ASN M 207 15.67 22.69 40.87
N HIS M 208 14.70 22.64 41.77
CA HIS M 208 14.03 21.40 42.26
C HIS M 208 12.57 21.42 41.78
N LYS M 209 12.32 20.78 40.63
CA LYS M 209 11.03 20.85 39.89
C LYS M 209 9.89 20.28 40.73
N PRO M 210 10.05 19.11 41.40
CA PRO M 210 8.95 18.53 42.18
C PRO M 210 8.29 19.43 43.24
N SER M 211 9.05 20.38 43.82
CA SER M 211 8.59 21.35 44.85
C SER M 211 8.44 22.76 44.26
N ASN M 212 8.68 22.94 42.95
CA ASN M 212 8.69 24.26 42.25
C ASN M 212 9.62 25.23 42.98
N THR M 213 10.78 24.76 43.42
CA THR M 213 11.82 25.59 44.11
C THR M 213 12.89 25.98 43.09
N LYS M 214 13.07 27.29 42.86
CA LYS M 214 14.19 27.89 42.11
C LYS M 214 14.94 28.84 43.06
N VAL M 215 16.23 28.59 43.28
CA VAL M 215 17.12 29.43 44.13
C VAL M 215 18.28 29.94 43.26
N ASP M 216 18.60 31.24 43.36
CA ASP M 216 19.82 31.86 42.80
C ASP M 216 20.62 32.42 43.98
N LYS M 217 21.57 31.63 44.51
CA LYS M 217 22.38 31.96 45.71
C LYS M 217 23.71 32.60 45.26
N LYS M 218 23.90 33.88 45.56
CA LYS M 218 25.20 34.59 45.41
C LYS M 218 26.15 34.03 46.47
N VAL M 219 27.30 33.50 46.04
CA VAL M 219 28.39 32.99 46.91
C VAL M 219 29.51 34.04 46.88
N GLU M 220 29.70 34.77 47.99
CA GLU M 220 30.69 35.87 48.13
C GLU M 220 31.83 35.41 49.03
N PRO M 221 33.05 35.99 48.91
CA PRO M 221 34.14 35.70 49.83
C PRO M 221 33.80 36.01 51.29
N LYS M 222 34.31 35.19 52.22
CA LYS M 222 34.01 35.30 53.68
C LYS M 222 34.88 36.44 54.25
N GLU N 1 19.30 -18.61 40.91
CA GLU N 1 19.63 -17.87 39.64
C GLU N 1 21.12 -18.01 39.33
N ILE N 2 21.51 -17.81 38.06
CA ILE N 2 22.95 -17.75 37.65
C ILE N 2 23.53 -16.43 38.19
N VAL N 3 24.67 -16.50 38.87
CA VAL N 3 25.44 -15.31 39.32
C VAL N 3 26.55 -15.05 38.29
N LEU N 4 26.62 -13.83 37.78
CA LEU N 4 27.70 -13.36 36.86
C LEU N 4 28.62 -12.43 37.65
N THR N 5 29.93 -12.65 37.55
CA THR N 5 30.98 -11.79 38.13
C THR N 5 31.77 -11.16 36.98
N GLN N 6 32.04 -9.87 37.07
CA GLN N 6 32.77 -9.10 36.04
C GLN N 6 34.10 -8.63 36.62
N SER N 7 35.17 -8.77 35.83
CA SER N 7 36.56 -8.41 36.20
C SER N 7 37.19 -7.63 35.04
N PRO N 8 37.97 -6.56 35.30
CA PRO N 8 38.10 -5.95 36.63
C PRO N 8 36.86 -5.11 36.96
N GLY N 9 36.79 -4.61 38.20
CA GLY N 9 35.80 -3.60 38.61
C GLY N 9 35.96 -2.32 37.81
N THR N 10 37.21 -1.84 37.70
CA THR N 10 37.60 -0.66 36.90
C THR N 10 38.79 -1.05 36.00
N LEU N 11 38.70 -0.71 34.72
CA LEU N 11 39.77 -0.90 33.72
C LEU N 11 40.28 0.48 33.30
N SER N 12 41.56 0.76 33.52
CA SER N 12 42.20 2.07 33.23
C SER N 12 43.14 1.90 32.04
N LEU N 13 42.83 2.56 30.92
CA LEU N 13 43.54 2.42 29.62
C LEU N 13 43.55 3.77 28.92
N SER N 14 44.40 3.93 27.90
CA SER N 14 44.49 5.14 27.06
C SER N 14 43.63 4.96 25.82
N PRO N 15 43.07 6.06 25.23
CA PRO N 15 42.48 5.98 23.89
C PRO N 15 43.42 5.33 22.87
N GLY N 16 42.87 4.45 22.04
CA GLY N 16 43.60 3.70 20.99
C GLY N 16 44.08 2.33 21.46
N GLU N 17 44.05 2.04 22.76
CA GLU N 17 44.54 0.75 23.34
C GLU N 17 43.43 -0.31 23.26
N ARG N 18 43.83 -1.57 23.43
CA ARG N 18 42.94 -2.76 23.43
C ARG N 18 42.43 -2.99 24.85
N ALA N 19 41.11 -3.10 25.02
CA ALA N 19 40.44 -3.39 26.31
C ALA N 19 39.92 -4.82 26.28
N THR N 20 40.13 -5.59 27.35
CA THR N 20 39.63 -6.97 27.55
C THR N 20 38.81 -6.98 28.85
N LEU N 21 37.52 -7.27 28.73
CA LEU N 21 36.56 -7.31 29.87
C LEU N 21 36.09 -8.76 30.04
N SER N 22 36.05 -9.22 31.28
CA SER N 22 35.75 -10.63 31.65
C SER N 22 34.35 -10.71 32.28
N CYS N 23 33.60 -11.74 31.92
CA CYS N 23 32.33 -12.15 32.57
C CYS N 23 32.42 -13.64 32.87
N ARG N 24 32.24 -14.03 34.14
CA ARG N 24 32.27 -15.45 34.58
C ARG N 24 30.91 -15.80 35.21
N ALA N 25 30.34 -16.95 34.83
CA ALA N 25 29.02 -17.44 35.26
C ALA N 25 29.19 -18.56 36.28
N SER N 26 28.31 -18.59 37.29
CA SER N 26 28.29 -19.61 38.38
C SER N 26 28.01 -21.01 37.81
N GLN N 27 27.31 -21.10 36.68
CA GLN N 27 27.12 -22.38 35.93
C GLN N 27 27.22 -22.11 34.43
N SER N 28 27.28 -23.19 33.66
CA SER N 28 27.33 -23.18 32.17
C SER N 28 26.10 -22.44 31.63
N VAL N 29 26.30 -21.45 30.75
CA VAL N 29 25.22 -20.64 30.15
C VAL N 29 24.73 -21.38 28.90
N SER N 30 23.51 -21.93 28.93
CA SER N 30 22.94 -22.77 27.85
C SER N 30 22.95 -22.00 26.51
N SER N 31 23.40 -22.65 25.44
CA SER N 31 23.43 -22.15 24.04
C SER N 31 24.30 -20.90 23.89
N SER N 32 25.24 -20.66 24.82
CA SER N 32 26.10 -19.44 24.88
C SER N 32 25.23 -18.18 24.79
N TYR N 33 24.08 -18.18 25.48
CA TYR N 33 23.14 -17.04 25.56
C TYR N 33 23.71 -16.00 26.54
N LEU N 34 24.73 -15.28 26.08
CA LEU N 34 25.49 -14.26 26.84
C LEU N 34 25.55 -13.00 25.99
N ALA N 35 25.01 -11.90 26.49
CA ALA N 35 24.97 -10.59 25.81
C ALA N 35 25.87 -9.60 26.55
N TRP N 36 26.46 -8.66 25.82
CA TRP N 36 27.23 -7.52 26.37
C TRP N 36 26.49 -6.21 26.09
N TYR N 37 26.35 -5.37 27.13
CA TYR N 37 25.70 -4.05 27.10
C TYR N 37 26.69 -2.97 27.51
N GLN N 38 26.61 -1.82 26.85
CA GLN N 38 27.29 -0.56 27.22
C GLN N 38 26.22 0.33 27.88
N GLN N 39 26.58 1.09 28.92
CA GLN N 39 25.69 2.13 29.49
C GLN N 39 26.48 3.42 29.70
N THR N 40 26.05 4.47 29.02
CA THR N 40 26.48 5.89 29.20
C THR N 40 25.57 6.51 30.25
N PRO N 41 26.10 7.35 31.18
CA PRO N 41 25.27 7.95 32.23
C PRO N 41 24.00 8.61 31.70
N GLY N 42 22.84 8.30 32.31
CA GLY N 42 21.53 8.89 31.99
C GLY N 42 20.81 8.18 30.86
N GLN N 43 21.37 7.09 30.30
CA GLN N 43 20.80 6.37 29.13
C GLN N 43 20.42 4.94 29.51
N ALA N 44 19.49 4.35 28.75
CA ALA N 44 19.19 2.91 28.79
C ALA N 44 20.43 2.13 28.35
N PRO N 45 20.59 0.85 28.76
CA PRO N 45 21.65 0.02 28.22
C PRO N 45 21.60 -0.08 26.68
N ARG N 46 22.77 -0.24 26.06
CA ARG N 46 22.96 -0.35 24.59
C ARG N 46 23.62 -1.71 24.30
N LEU N 47 22.92 -2.58 23.57
CA LEU N 47 23.43 -3.93 23.20
C LEU N 47 24.63 -3.78 22.28
N LEU N 48 25.74 -4.47 22.59
CA LEU N 48 26.94 -4.59 21.72
C LEU N 48 26.94 -5.97 21.04
N ILE N 49 26.84 -7.02 21.85
CA ILE N 49 27.05 -8.45 21.46
C ILE N 49 25.88 -9.26 22.03
N TYR N 50 25.33 -10.20 21.25
CA TYR N 50 24.42 -11.26 21.74
C TYR N 50 24.97 -12.61 21.30
N GLY N 51 24.46 -13.70 21.89
CA GLY N 51 24.91 -15.08 21.60
C GLY N 51 26.42 -15.23 21.75
N ALA N 52 27.03 -14.53 22.72
CA ALA N 52 28.46 -14.55 23.08
C ALA N 52 29.33 -13.80 22.06
N SER N 53 29.10 -13.96 20.76
CA SER N 53 30.02 -13.48 19.68
C SER N 53 29.29 -12.80 18.51
N SER N 54 27.96 -12.66 18.53
CA SER N 54 27.20 -11.98 17.44
C SER N 54 27.14 -10.48 17.73
N ARG N 55 27.71 -9.67 16.84
CA ARG N 55 27.67 -8.19 16.94
C ARG N 55 26.27 -7.72 16.53
N ALA N 56 25.67 -6.84 17.33
CA ALA N 56 24.30 -6.31 17.13
C ALA N 56 24.30 -5.31 15.96
N THR N 57 23.12 -5.09 15.38
CA THR N 57 22.84 -4.09 14.32
C THR N 57 23.54 -2.76 14.65
N GLY N 58 24.39 -2.28 13.74
CA GLY N 58 24.94 -0.91 13.73
C GLY N 58 26.11 -0.72 14.68
N ILE N 59 26.56 -1.77 15.39
CA ILE N 59 27.66 -1.68 16.40
C ILE N 59 28.99 -1.69 15.66
N PRO N 60 29.94 -0.78 15.98
CA PRO N 60 31.24 -0.77 15.32
C PRO N 60 32.00 -2.10 15.52
N ASP N 61 32.80 -2.47 14.53
CA ASP N 61 33.50 -3.78 14.48
C ASP N 61 34.65 -3.83 15.50
N ARG N 62 35.03 -2.73 16.15
CA ARG N 62 36.05 -2.74 17.24
C ARG N 62 35.54 -3.53 18.44
N PHE N 63 34.21 -3.71 18.60
CA PHE N 63 33.56 -4.54 19.64
C PHE N 63 33.45 -5.98 19.13
N SER N 64 33.99 -6.93 19.89
CA SER N 64 33.84 -8.39 19.62
C SER N 64 33.75 -9.15 20.94
N GLY N 65 32.93 -10.19 20.94
CA GLY N 65 32.76 -11.12 22.06
C GLY N 65 33.26 -12.50 21.71
N SER N 66 33.75 -13.24 22.71
CA SER N 66 34.13 -14.66 22.60
C SER N 66 33.81 -15.39 23.90
N GLY N 67 33.88 -16.71 23.88
CA GLY N 67 33.77 -17.58 25.07
C GLY N 67 32.55 -18.46 25.00
N SER N 68 32.46 -19.37 25.98
CA SER N 68 31.40 -20.40 26.09
C SER N 68 31.42 -20.97 27.51
N GLY N 69 30.40 -21.74 27.88
CA GLY N 69 30.26 -22.36 29.20
C GLY N 69 30.11 -21.31 30.28
N THR N 70 31.20 -21.03 31.01
CA THR N 70 31.23 -20.14 32.20
C THR N 70 32.10 -18.89 31.96
N ASP N 71 32.87 -18.81 30.88
CA ASP N 71 33.97 -17.83 30.70
C ASP N 71 33.76 -17.07 29.38
N PHE N 72 33.53 -15.75 29.47
CA PHE N 72 33.18 -14.89 28.32
C PHE N 72 34.02 -13.60 28.38
N THR N 73 34.36 -13.07 27.20
CA THR N 73 35.24 -11.90 27.02
C THR N 73 34.61 -10.93 26.03
N LEU N 74 34.54 -9.65 26.38
CA LEU N 74 34.33 -8.52 25.44
C LEU N 74 35.70 -7.90 25.16
N THR N 75 36.05 -7.76 23.90
CA THR N 75 37.28 -7.04 23.44
C THR N 75 36.85 -5.77 22.71
N ILE N 76 37.42 -4.61 23.10
CA ILE N 76 37.37 -3.34 22.34
C ILE N 76 38.77 -3.15 21.76
N SER N 77 38.92 -3.35 20.45
CA SER N 77 40.23 -3.49 19.76
C SER N 77 41.03 -2.18 19.84
N ARG N 78 40.33 -1.03 19.72
CA ARG N 78 40.95 0.33 19.67
C ARG N 78 39.99 1.32 20.33
N LEU N 79 40.23 1.68 21.60
CA LEU N 79 39.30 2.48 22.44
C LEU N 79 39.12 3.88 21.84
N GLU N 80 37.87 4.31 21.65
CA GLU N 80 37.48 5.69 21.32
C GLU N 80 37.07 6.41 22.61
N PRO N 81 37.13 7.76 22.65
CA PRO N 81 36.68 8.53 23.82
C PRO N 81 35.28 8.17 24.37
N GLU N 82 34.34 7.84 23.48
CA GLU N 82 32.94 7.49 23.85
C GLU N 82 32.86 6.12 24.53
N ASP N 83 33.93 5.30 24.49
CA ASP N 83 33.94 3.92 25.04
C ASP N 83 34.21 3.90 26.55
N PHE N 84 34.62 5.03 27.15
CA PHE N 84 35.08 5.08 28.55
C PHE N 84 33.87 5.26 29.47
N VAL N 85 33.00 4.25 29.50
CA VAL N 85 31.72 4.20 30.26
C VAL N 85 31.61 2.79 30.88
N VAL N 86 30.40 2.32 31.20
CA VAL N 86 30.16 1.07 31.97
C VAL N 86 29.74 -0.04 31.00
N TYR N 87 30.15 -1.28 31.27
CA TYR N 87 29.81 -2.49 30.48
C TYR N 87 29.24 -3.54 31.41
N PHE N 88 28.10 -4.13 31.03
CA PHE N 88 27.40 -5.22 31.74
C PHE N 88 27.31 -6.44 30.82
N CYS N 89 27.51 -7.63 31.37
CA CYS N 89 27.15 -8.91 30.72
C CYS N 89 25.76 -9.30 31.23
N LEU N 90 24.99 -9.97 30.37
CA LEU N 90 23.65 -10.52 30.66
C LEU N 90 23.64 -11.98 30.19
N GLN N 91 23.21 -12.91 31.06
CA GLN N 91 22.92 -14.31 30.66
C GLN N 91 21.40 -14.42 30.48
N TYR N 92 20.99 -15.06 29.39
CA TYR N 92 19.57 -15.38 29.09
C TYR N 92 19.44 -16.87 28.74
N GLY N 93 20.42 -17.69 29.15
CA GLY N 93 20.40 -19.16 29.01
C GLY N 93 19.56 -19.82 30.09
N SER N 94 19.30 -19.13 31.20
CA SER N 94 18.51 -19.63 32.36
C SER N 94 17.55 -18.54 32.85
N SER N 95 16.31 -18.89 33.19
CA SER N 95 15.35 -18.00 33.90
C SER N 95 15.62 -18.08 35.40
N PRO N 96 15.73 -16.94 36.15
CA PRO N 96 15.62 -15.59 35.59
C PRO N 96 16.88 -15.11 34.87
N LEU N 97 16.71 -14.22 33.88
CA LEU N 97 17.80 -13.41 33.29
C LEU N 97 18.53 -12.66 34.42
N THR N 98 19.86 -12.66 34.40
CA THR N 98 20.71 -11.99 35.41
C THR N 98 21.85 -11.23 34.71
N PHE N 99 22.17 -10.05 35.24
CA PHE N 99 23.31 -9.21 34.81
C PHE N 99 24.47 -9.38 35.80
N GLY N 100 25.70 -9.15 35.32
CA GLY N 100 26.87 -8.92 36.18
C GLY N 100 26.79 -7.54 36.83
N PRO N 101 27.68 -7.22 37.79
CA PRO N 101 27.67 -5.93 38.50
C PRO N 101 28.27 -4.77 37.69
N GLY N 102 28.93 -5.07 36.57
CA GLY N 102 29.44 -4.06 35.62
C GLY N 102 30.94 -3.84 35.76
N THR N 103 31.56 -3.32 34.70
CA THR N 103 32.97 -2.87 34.65
C THR N 103 32.98 -1.44 34.13
N LYS N 104 33.64 -0.52 34.83
CA LYS N 104 33.89 0.87 34.37
C LYS N 104 35.21 0.89 33.60
N VAL N 105 35.23 1.47 32.40
CA VAL N 105 36.47 1.74 31.62
C VAL N 105 36.80 3.23 31.78
N ASP N 106 37.95 3.54 32.36
CA ASP N 106 38.40 4.91 32.70
C ASP N 106 39.66 5.24 31.87
N ILE N 107 39.88 6.54 31.60
CA ILE N 107 41.13 7.04 30.94
C ILE N 107 42.26 6.96 31.97
N LYS N 108 43.33 6.23 31.64
CA LYS N 108 44.60 6.26 32.40
C LYS N 108 45.28 7.62 32.16
N ARG N 109 45.67 8.32 33.22
CA ARG N 109 46.46 9.58 33.16
C ARG N 109 47.53 9.55 34.25
N THR N 110 48.38 10.57 34.30
CA THR N 110 49.44 10.73 35.33
C THR N 110 48.78 10.89 36.70
N VAL N 111 49.45 10.42 37.75
CA VAL N 111 49.00 10.57 39.15
C VAL N 111 48.84 12.08 39.44
N ALA N 112 47.74 12.47 40.07
CA ALA N 112 47.47 13.85 40.51
C ALA N 112 47.00 13.81 41.97
N ALA N 113 47.72 14.49 42.85
CA ALA N 113 47.35 14.68 44.27
C ALA N 113 46.09 15.55 44.32
N PRO N 114 45.16 15.32 45.28
CA PRO N 114 44.01 16.20 45.44
C PRO N 114 44.43 17.57 46.00
N SER N 115 43.82 18.64 45.50
CA SER N 115 43.77 19.95 46.19
C SER N 115 42.63 19.88 47.21
N VAL N 116 42.94 20.13 48.48
CA VAL N 116 42.01 19.94 49.62
C VAL N 116 41.55 21.34 50.09
N PHE N 117 40.23 21.52 50.15
CA PHE N 117 39.56 22.78 50.59
C PHE N 117 38.56 22.40 51.68
N ILE N 118 38.50 23.20 52.75
CA ILE N 118 37.53 23.01 53.87
C ILE N 118 36.65 24.25 53.95
N PHE N 119 35.35 24.04 54.17
CA PHE N 119 34.30 25.09 54.27
C PHE N 119 33.59 24.95 55.61
N PRO N 120 33.68 25.96 56.52
CA PRO N 120 32.81 26.00 57.69
C PRO N 120 31.34 26.10 57.30
N PRO N 121 30.40 25.78 58.22
CA PRO N 121 28.97 26.01 57.95
C PRO N 121 28.70 27.50 57.71
N SER N 122 27.69 27.82 56.89
CA SER N 122 27.19 29.21 56.70
C SER N 122 26.54 29.69 58.00
N ASP N 123 26.53 31.01 58.21
CA ASP N 123 25.88 31.66 59.39
C ASP N 123 24.39 31.33 59.37
N GLU N 124 23.74 31.40 58.21
CA GLU N 124 22.29 31.16 58.04
C GLU N 124 21.95 29.72 58.45
N GLN N 125 22.79 28.73 58.12
CA GLN N 125 22.55 27.32 58.52
C GLN N 125 22.72 27.19 60.04
N LEU N 126 23.78 27.79 60.59
CA LEU N 126 24.10 27.74 62.04
C LEU N 126 22.93 28.30 62.86
N LYS N 127 22.33 29.41 62.39
CA LYS N 127 21.12 30.04 63.01
C LYS N 127 19.98 29.03 63.08
N SER N 128 19.81 28.19 62.05
CA SER N 128 18.72 27.19 61.91
C SER N 128 18.93 26.00 62.86
N GLY N 129 20.13 25.79 63.41
CA GLY N 129 20.43 24.76 64.43
C GLY N 129 21.18 23.57 63.86
N THR N 130 21.85 23.69 62.71
CA THR N 130 22.65 22.61 62.07
C THR N 130 23.98 23.17 61.59
N ALA N 131 25.03 22.34 61.67
CA ALA N 131 26.40 22.64 61.19
C ALA N 131 26.82 21.57 60.17
N SER N 132 26.83 21.93 58.89
CA SER N 132 27.42 21.12 57.79
C SER N 132 28.83 21.65 57.50
N VAL N 133 29.87 20.84 57.74
CA VAL N 133 31.29 21.14 57.39
C VAL N 133 31.62 20.30 56.13
N VAL N 134 32.10 20.96 55.07
CA VAL N 134 32.38 20.32 53.76
C VAL N 134 33.89 20.31 53.52
N CYS N 135 34.44 19.12 53.27
CA CYS N 135 35.83 18.90 52.80
C CYS N 135 35.76 18.53 51.31
N LEU N 136 36.44 19.30 50.45
CA LEU N 136 36.52 19.06 48.98
C LEU N 136 37.92 18.53 48.66
N LEU N 137 37.99 17.35 48.05
CA LEU N 137 39.20 16.76 47.44
C LEU N 137 39.04 16.94 45.93
N ASN N 138 39.81 17.85 45.32
CA ASN N 138 39.56 18.31 43.93
C ASN N 138 40.63 17.77 42.97
N ASN N 139 40.17 17.17 41.87
CA ASN N 139 40.94 16.95 40.62
C ASN N 139 42.15 16.04 40.91
N PHE N 140 41.89 14.86 41.45
CA PHE N 140 42.93 13.86 41.81
C PHE N 140 42.79 12.64 40.90
N TYR N 141 43.87 11.86 40.80
CA TYR N 141 43.94 10.58 40.05
C TYR N 141 45.05 9.71 40.64
N PRO N 142 44.85 8.39 40.90
CA PRO N 142 43.60 7.67 40.61
C PRO N 142 42.49 7.88 41.66
N ARG N 143 41.38 7.14 41.51
CA ARG N 143 40.08 7.36 42.19
C ARG N 143 40.20 7.13 43.71
N GLU N 144 41.10 6.25 44.17
CA GLU N 144 41.16 5.80 45.59
C GLU N 144 41.63 6.99 46.44
N ALA N 145 40.78 7.48 47.35
CA ALA N 145 41.10 8.56 48.32
C ALA N 145 40.37 8.31 49.64
N LYS N 146 41.00 8.64 50.75
CA LYS N 146 40.43 8.44 52.11
C LYS N 146 40.40 9.79 52.83
N VAL N 147 39.22 10.13 53.37
CA VAL N 147 38.98 11.36 54.18
C VAL N 147 38.69 10.91 55.62
N GLN N 148 39.40 11.50 56.58
CA GLN N 148 39.24 11.25 58.04
C GLN N 148 38.89 12.60 58.69
N TRP N 149 37.72 12.72 59.31
CA TRP N 149 37.29 13.92 60.08
C TRP N 149 37.88 13.87 61.49
N LYS N 150 38.38 15.00 61.98
CA LYS N 150 38.90 15.20 63.36
C LYS N 150 38.23 16.44 63.95
N VAL N 151 37.60 16.28 65.11
CA VAL N 151 37.01 17.39 65.92
C VAL N 151 37.80 17.46 67.23
N ASP N 152 38.53 18.54 67.47
CA ASP N 152 39.46 18.71 68.62
C ASP N 152 40.40 17.50 68.68
N ASN N 153 40.95 17.07 67.54
CA ASN N 153 41.92 15.95 67.39
C ASN N 153 41.33 14.59 67.79
N ALA N 154 39.99 14.48 67.90
CA ALA N 154 39.26 13.21 68.08
C ALA N 154 38.79 12.73 66.70
N LEU N 155 39.23 11.53 66.29
CA LEU N 155 38.82 10.87 65.02
C LEU N 155 37.31 10.63 65.07
N GLN N 156 36.60 11.07 64.03
CA GLN N 156 35.12 10.94 63.87
C GLN N 156 34.83 9.71 63.01
N SER N 157 33.66 9.12 63.23
CA SER N 157 33.04 8.09 62.35
C SER N 157 31.51 8.16 62.52
N GLY N 158 30.77 7.76 61.48
CA GLY N 158 29.30 7.62 61.51
C GLY N 158 28.53 8.92 61.30
N ASN N 159 29.19 10.08 61.19
CA ASN N 159 28.54 11.43 61.12
C ASN N 159 28.97 12.18 59.85
N SER N 160 29.53 11.49 58.85
CA SER N 160 29.93 12.08 57.55
C SER N 160 29.37 11.24 56.39
N GLN N 161 29.14 11.87 55.25
CA GLN N 161 28.77 11.18 53.97
C GLN N 161 29.69 11.70 52.85
N GLU N 162 30.08 10.78 51.98
CA GLU N 162 31.01 11.00 50.84
C GLU N 162 30.22 10.92 49.52
N SER N 163 30.55 11.80 48.58
CA SER N 163 30.13 11.70 47.16
C SER N 163 31.35 11.90 46.26
N VAL N 164 31.43 11.15 45.15
CA VAL N 164 32.56 11.15 44.18
C VAL N 164 31.98 11.39 42.78
N THR N 165 32.58 12.32 42.03
CA THR N 165 32.22 12.57 40.61
C THR N 165 32.78 11.42 39.76
N GLU N 166 32.16 11.18 38.61
CA GLU N 166 32.78 10.32 37.56
C GLU N 166 33.96 11.07 36.95
N GLN N 167 34.84 10.36 36.26
CA GLN N 167 36.07 10.91 35.64
C GLN N 167 35.68 12.13 34.80
N ASP N 168 36.33 13.27 35.06
CA ASP N 168 36.10 14.54 34.32
C ASP N 168 36.46 14.35 32.84
N SER N 169 35.64 14.90 31.94
CA SER N 169 35.76 14.72 30.47
C SER N 169 36.99 15.47 29.91
N LYS N 170 37.42 16.55 30.58
CA LYS N 170 38.53 17.42 30.12
C LYS N 170 39.89 16.89 30.62
N ASP N 171 40.06 16.73 31.94
CA ASP N 171 41.38 16.46 32.56
C ASP N 171 41.46 15.03 33.13
N SER N 172 40.41 14.21 33.01
CA SER N 172 40.38 12.78 33.41
C SER N 172 40.67 12.60 34.91
N THR N 173 40.32 13.58 35.75
CA THR N 173 40.49 13.53 37.23
C THR N 173 39.16 13.19 37.91
N TYR N 174 39.23 12.86 39.20
CA TYR N 174 38.07 12.65 40.10
C TYR N 174 38.07 13.77 41.13
N SER N 175 36.88 14.07 41.65
CA SER N 175 36.69 14.95 42.82
C SER N 175 35.82 14.23 43.85
N LEU N 176 35.99 14.58 45.12
CA LEU N 176 35.27 13.96 46.25
C LEU N 176 34.87 15.07 47.22
N SER N 177 33.62 15.04 47.67
CA SER N 177 33.07 15.90 48.76
C SER N 177 32.77 15.02 49.96
N SER N 178 33.25 15.40 51.15
CA SER N 178 32.86 14.80 52.45
C SER N 178 32.15 15.88 53.28
N THR N 179 30.91 15.60 53.72
CA THR N 179 30.08 16.52 54.53
C THR N 179 29.93 15.94 55.94
N LEU N 180 30.44 16.64 56.95
CA LEU N 180 30.28 16.33 58.40
C LEU N 180 29.08 17.12 58.91
N THR N 181 28.05 16.45 59.44
CA THR N 181 26.80 17.10 59.92
C THR N 181 26.71 16.96 61.44
N LEU N 182 26.65 18.08 62.16
CA LEU N 182 26.40 18.14 63.62
C LEU N 182 25.25 19.10 63.90
N SER N 183 24.57 18.91 65.04
CA SER N 183 23.68 19.93 65.67
C SER N 183 24.52 21.16 66.01
N LYS N 184 23.89 22.34 66.07
CA LYS N 184 24.50 23.60 66.53
C LYS N 184 25.15 23.38 67.92
N ALA N 185 24.44 22.69 68.82
CA ALA N 185 24.89 22.40 70.21
C ALA N 185 26.22 21.64 70.18
N ASP N 186 26.27 20.51 69.47
CA ASP N 186 27.46 19.63 69.35
C ASP N 186 28.60 20.39 68.65
N TYR N 187 28.29 21.20 67.63
CA TYR N 187 29.28 22.00 66.88
C TYR N 187 29.96 23.01 67.82
N GLU N 188 29.18 23.71 68.65
CA GLU N 188 29.65 24.82 69.53
C GLU N 188 30.42 24.28 70.74
N LYS N 189 30.37 22.96 71.02
CA LYS N 189 31.11 22.32 72.14
C LYS N 189 32.59 22.11 71.77
N HIS N 190 33.01 22.35 70.52
CA HIS N 190 34.38 22.07 70.02
C HIS N 190 34.94 23.27 69.23
N LYS N 191 36.26 23.30 69.06
CA LYS N 191 37.06 24.40 68.47
C LYS N 191 37.59 24.00 67.09
N VAL N 192 38.38 22.92 67.02
CA VAL N 192 39.20 22.57 65.81
C VAL N 192 38.42 21.57 64.96
N TYR N 193 38.14 21.93 63.70
CA TYR N 193 37.48 21.08 62.68
C TYR N 193 38.47 20.84 61.55
N ALA N 194 38.84 19.58 61.31
CA ALA N 194 39.92 19.17 60.38
C ALA N 194 39.48 17.97 59.55
N CYS N 195 39.77 17.96 58.25
CA CYS N 195 39.72 16.75 57.40
C CYS N 195 41.16 16.37 57.01
N GLU N 196 41.55 15.13 57.32
CA GLU N 196 42.86 14.53 56.99
C GLU N 196 42.68 13.67 55.73
N VAL N 197 43.45 13.96 54.68
CA VAL N 197 43.29 13.36 53.33
C VAL N 197 44.52 12.49 53.04
N THR N 198 44.28 11.23 52.68
CA THR N 198 45.33 10.28 52.19
C THR N 198 45.04 9.96 50.72
N HIS N 199 46.08 9.99 49.90
CA HIS N 199 46.03 9.66 48.46
C HIS N 199 47.42 9.22 48.00
N GLN N 200 47.46 8.36 46.98
CA GLN N 200 48.68 7.79 46.36
C GLN N 200 49.67 8.90 45.96
N GLY N 201 49.15 10.03 45.47
CA GLY N 201 49.93 11.19 44.99
C GLY N 201 50.47 12.07 46.11
N LEU N 202 50.15 11.79 47.38
CA LEU N 202 50.68 12.54 48.56
C LEU N 202 51.70 11.67 49.30
N SER N 203 52.87 12.24 49.61
CA SER N 203 53.93 11.60 50.45
C SER N 203 53.40 11.33 51.86
N SER N 204 52.72 12.31 52.45
CA SER N 204 52.11 12.25 53.80
C SER N 204 50.65 12.70 53.74
N PRO N 205 49.79 12.34 54.73
CA PRO N 205 48.43 12.86 54.78
C PRO N 205 48.42 14.40 54.84
N VAL N 206 47.54 15.04 54.06
CA VAL N 206 47.31 16.51 54.07
C VAL N 206 46.12 16.81 54.98
N THR N 207 46.30 17.71 55.94
CA THR N 207 45.25 18.19 56.88
C THR N 207 44.91 19.64 56.51
N LYS N 208 43.63 19.90 56.25
CA LYS N 208 43.06 21.27 56.20
C LYS N 208 42.10 21.41 57.38
N SER N 209 42.19 22.50 58.12
CA SER N 209 41.40 22.75 59.36
C SER N 209 41.07 24.24 59.50
N PHE N 210 40.10 24.54 60.35
CA PHE N 210 39.78 25.90 60.85
C PHE N 210 39.42 25.80 62.33
N ASN N 211 39.49 26.93 63.03
CA ASN N 211 38.96 27.11 64.42
C ASN N 211 37.58 27.73 64.31
N ARG N 212 36.59 27.16 65.00
CA ARG N 212 35.19 27.69 65.04
C ARG N 212 35.26 29.13 65.56
N GLY N 213 34.71 30.08 64.78
CA GLY N 213 34.66 31.52 65.13
C GLY N 213 35.52 32.38 64.22
N GLU N 214 36.71 31.91 63.85
CA GLU N 214 37.62 32.58 62.90
C GLU N 214 37.03 32.51 61.48
N LEU O 28 47.40 -37.96 -25.99
CA LEU O 28 46.26 -37.41 -25.17
C LEU O 28 46.77 -37.09 -23.75
N ILE O 29 46.92 -35.81 -23.41
CA ILE O 29 47.51 -35.31 -22.13
C ILE O 29 46.38 -34.67 -21.31
N LYS O 30 46.19 -35.10 -20.05
CA LYS O 30 45.14 -34.59 -19.13
C LYS O 30 45.73 -34.47 -17.72
N GLY O 31 46.07 -33.24 -17.31
CA GLY O 31 46.58 -32.93 -15.95
C GLY O 31 48.03 -33.35 -15.78
N GLY O 32 48.87 -33.09 -16.80
CA GLY O 32 50.31 -33.41 -16.82
C GLY O 32 50.59 -34.91 -16.76
N VAL O 33 49.70 -35.74 -17.31
CA VAL O 33 49.86 -37.22 -17.40
C VAL O 33 49.25 -37.72 -18.72
N GLU O 34 49.94 -38.63 -19.42
CA GLU O 34 49.54 -39.15 -20.75
C GLU O 34 48.51 -40.27 -20.54
N VAL O 35 47.31 -40.10 -21.11
CA VAL O 35 46.10 -40.95 -20.84
C VAL O 35 46.03 -42.06 -21.89
N LEU O 36 45.88 -43.30 -21.43
CA LEU O 36 45.83 -44.53 -22.28
C LEU O 36 44.40 -45.09 -22.22
N GLU O 37 44.21 -46.38 -22.42
CA GLU O 37 42.87 -47.03 -22.58
C GLU O 37 42.17 -47.13 -21.23
N VAL O 38 40.84 -47.24 -21.27
CA VAL O 38 39.96 -47.59 -20.12
C VAL O 38 40.19 -49.07 -19.80
N LYS O 39 40.63 -49.40 -18.58
CA LYS O 39 40.73 -50.79 -18.09
C LYS O 39 39.31 -51.34 -17.89
N THR O 40 39.02 -52.52 -18.43
CA THR O 40 37.68 -53.18 -18.40
C THR O 40 37.84 -54.66 -18.00
N GLY O 41 38.04 -54.90 -16.71
CA GLY O 41 37.86 -56.21 -16.04
C GLY O 41 36.51 -56.29 -15.34
N VAL O 42 36.40 -57.09 -14.27
CA VAL O 42 35.14 -57.32 -13.51
C VAL O 42 34.93 -56.16 -12.53
N ASP O 43 35.94 -55.84 -11.72
CA ASP O 43 35.90 -54.81 -10.66
C ASP O 43 36.59 -53.53 -11.17
N ALA O 44 36.31 -53.13 -12.42
CA ALA O 44 36.92 -51.95 -13.09
C ALA O 44 36.12 -50.66 -12.80
N ILE O 45 34.89 -50.80 -12.29
CA ILE O 45 33.98 -49.69 -11.92
C ILE O 45 33.78 -49.71 -10.40
N THR O 46 33.70 -48.54 -9.77
CA THR O 46 33.32 -48.35 -8.34
C THR O 46 32.43 -47.11 -8.20
N GLU O 47 31.63 -47.06 -7.15
CA GLU O 47 30.82 -45.88 -6.76
C GLU O 47 31.28 -45.40 -5.38
N VAL O 48 31.47 -44.09 -5.23
CA VAL O 48 31.67 -43.42 -3.92
C VAL O 48 30.53 -42.42 -3.72
N GLU O 49 30.13 -42.20 -2.46
CA GLU O 49 29.06 -41.24 -2.13
C GLU O 49 29.49 -40.39 -0.92
N CYS O 50 28.88 -39.21 -0.81
CA CYS O 50 29.06 -38.27 0.32
C CYS O 50 27.84 -37.36 0.43
N PHE O 51 27.36 -37.13 1.65
CA PHE O 51 26.45 -36.01 2.00
C PHE O 51 27.35 -34.86 2.47
N LEU O 52 27.39 -33.75 1.72
CA LEU O 52 28.23 -32.57 2.04
C LEU O 52 27.33 -31.52 2.73
N ASN O 53 27.59 -31.24 4.00
CA ASN O 53 26.76 -30.29 4.80
C ASN O 53 27.04 -28.87 4.35
N PRO O 54 26.03 -27.97 4.42
CA PRO O 54 26.20 -26.58 4.03
C PRO O 54 26.90 -25.80 5.15
N GLU O 55 27.52 -24.67 4.82
CA GLU O 55 28.25 -23.79 5.77
C GLU O 55 27.68 -22.38 5.61
N MET O 56 26.49 -22.17 6.18
CA MET O 56 25.71 -20.92 6.01
C MET O 56 26.13 -19.87 7.04
N GLY O 57 26.89 -20.26 8.06
CA GLY O 57 27.42 -19.35 9.10
C GLY O 57 27.13 -19.85 10.51
N ASP O 58 26.00 -20.52 10.72
CA ASP O 58 25.67 -21.31 11.94
C ASP O 58 25.83 -20.41 13.18
N PRO O 59 24.97 -19.38 13.32
CA PRO O 59 25.22 -18.29 14.26
C PRO O 59 25.08 -18.69 15.74
N ASP O 60 24.30 -19.74 16.03
CA ASP O 60 24.37 -20.44 17.36
C ASP O 60 24.22 -21.95 17.14
N GLU O 61 24.37 -22.73 18.22
CA GLU O 61 24.38 -24.22 18.17
C GLU O 61 23.00 -24.75 17.73
N ASN O 62 21.93 -23.96 17.86
CA ASN O 62 20.56 -24.38 17.48
C ASN O 62 20.23 -24.06 16.02
N LEU O 63 20.93 -23.12 15.38
CA LEU O 63 20.57 -22.61 14.03
C LEU O 63 21.57 -23.11 12.97
N ARG O 64 22.02 -24.36 13.08
CA ARG O 64 22.84 -25.07 12.07
C ARG O 64 22.06 -25.05 10.75
N GLY O 65 22.71 -24.64 9.65
CA GLY O 65 22.09 -24.56 8.32
C GLY O 65 21.48 -23.21 8.01
N PHE O 66 21.58 -22.26 8.93
CA PHE O 66 21.15 -20.84 8.79
C PHE O 66 22.36 -19.90 8.98
N SER O 67 22.31 -18.71 8.40
CA SER O 67 23.27 -17.61 8.68
C SER O 67 22.75 -16.83 9.88
N LEU O 68 23.61 -16.01 10.47
CA LEU O 68 23.21 -14.87 11.33
C LEU O 68 22.27 -13.97 10.50
N LYS O 69 21.38 -13.24 11.15
CA LYS O 69 20.45 -12.31 10.46
C LYS O 69 21.25 -11.29 9.65
N LEU O 70 20.71 -10.87 8.51
CA LEU O 70 21.39 -9.96 7.56
C LEU O 70 21.33 -8.53 8.12
N SER O 71 22.48 -7.90 8.28
CA SER O 71 22.59 -6.43 8.41
C SER O 71 22.28 -5.82 7.04
N ALA O 72 21.84 -4.57 7.01
CA ALA O 72 21.53 -3.84 5.76
C ALA O 72 22.02 -2.42 5.88
N GLU O 73 22.34 -1.81 4.74
CA GLU O 73 22.58 -0.37 4.56
C GLU O 73 23.89 0.05 5.25
N ASN O 74 24.89 -0.83 5.28
CA ASN O 74 26.28 -0.43 5.65
C ASN O 74 26.79 0.52 4.57
N ASP O 75 27.48 1.57 4.99
CA ASP O 75 28.27 2.45 4.10
C ASP O 75 29.30 1.56 3.39
N PHE O 76 29.51 1.75 2.09
CA PHE O 76 30.58 1.06 1.33
C PHE O 76 31.95 1.28 2.02
N SER O 77 32.15 2.44 2.65
CA SER O 77 33.40 2.80 3.38
C SER O 77 33.50 2.12 4.75
N SER O 78 32.40 1.55 5.28
CA SER O 78 32.32 0.97 6.64
C SER O 78 31.47 -0.30 6.62
N ASP O 79 31.93 -1.31 5.88
CA ASP O 79 31.18 -2.56 5.59
C ASP O 79 31.98 -3.71 6.22
N SER O 80 31.58 -4.13 7.41
CA SER O 80 32.28 -5.14 8.25
C SER O 80 31.32 -6.28 8.57
N PRO O 81 31.02 -7.20 7.62
CA PRO O 81 30.11 -8.30 7.90
C PRO O 81 30.65 -9.26 8.97
N GLU O 82 29.76 -9.70 9.85
CA GLU O 82 30.04 -10.72 10.89
C GLU O 82 30.33 -12.06 10.19
N ARG O 83 31.30 -12.83 10.72
CA ARG O 83 31.67 -14.15 10.18
CA ARG O 83 31.69 -14.19 10.26
C ARG O 83 30.42 -15.04 10.02
N LYS O 84 29.56 -15.09 11.03
CA LYS O 84 28.38 -15.99 11.09
C LYS O 84 27.28 -15.57 10.11
N MET O 85 27.38 -14.39 9.50
CA MET O 85 26.42 -13.85 8.50
C MET O 85 26.79 -14.29 7.08
N LEU O 86 27.99 -14.86 6.88
CA LEU O 86 28.58 -15.11 5.53
C LEU O 86 28.58 -16.60 5.21
N PRO O 87 27.66 -17.08 4.33
CA PRO O 87 27.76 -18.44 3.80
C PRO O 87 29.10 -18.67 3.09
N CYS O 88 29.68 -19.85 3.29
CA CYS O 88 30.96 -20.29 2.69
C CYS O 88 30.72 -21.51 1.81
N TYR O 89 31.60 -21.72 0.83
CA TYR O 89 31.67 -22.96 0.02
C TYR O 89 31.99 -24.13 0.96
N SER O 90 31.33 -25.27 0.71
CA SER O 90 31.61 -26.57 1.35
C SER O 90 32.54 -27.36 0.41
N THR O 91 33.45 -28.16 0.98
CA THR O 91 34.32 -29.06 0.21
C THR O 91 34.73 -30.26 1.08
N ALA O 92 35.01 -31.40 0.45
CA ALA O 92 35.52 -32.63 1.10
C ALA O 92 36.42 -33.37 0.13
N ARG O 93 37.54 -33.90 0.63
CA ARG O 93 38.43 -34.85 -0.07
C ARG O 93 37.95 -36.25 0.27
N ILE O 94 37.59 -37.05 -0.75
CA ILE O 94 37.18 -38.48 -0.59
C ILE O 94 38.39 -39.34 -0.93
N PRO O 95 39.03 -40.03 0.05
CA PRO O 95 40.09 -40.99 -0.26
C PRO O 95 39.54 -42.20 -1.04
N LEU O 96 40.27 -42.65 -2.06
CA LEU O 96 39.85 -43.76 -2.96
C LEU O 96 40.78 -44.96 -2.75
N PRO O 97 40.34 -46.20 -3.10
CA PRO O 97 41.22 -47.37 -3.01
C PRO O 97 42.50 -47.21 -3.81
N ASN O 98 43.67 -47.60 -3.26
CA ASN O 98 44.94 -47.73 -4.01
C ASN O 98 44.73 -48.78 -5.11
N LEU O 99 45.06 -48.43 -6.35
CA LEU O 99 44.94 -49.28 -7.56
C LEU O 99 46.29 -49.94 -7.92
N ASN O 100 47.40 -49.34 -7.51
CA ASN O 100 48.75 -49.62 -8.03
C ASN O 100 49.49 -50.54 -7.05
N GLU O 101 49.73 -51.80 -7.47
CA GLU O 101 50.63 -52.77 -6.78
C GLU O 101 51.98 -52.09 -6.52
N ASP O 102 52.48 -51.35 -7.50
CA ASP O 102 53.71 -50.50 -7.39
C ASP O 102 53.51 -49.21 -8.20
N LEU O 103 54.44 -48.27 -8.04
CA LEU O 103 54.50 -46.99 -8.80
C LEU O 103 55.68 -47.00 -9.79
N THR O 104 56.18 -48.20 -10.14
CA THR O 104 57.34 -48.39 -11.06
C THR O 104 56.91 -48.93 -12.42
N SER O 105 55.75 -49.61 -12.52
CA SER O 105 55.25 -50.24 -13.77
C SER O 105 55.17 -49.19 -14.90
N GLY O 106 55.36 -49.62 -16.15
CA GLY O 106 55.29 -48.74 -17.34
C GLY O 106 53.97 -47.99 -17.41
N ASN O 107 52.85 -48.72 -17.22
CA ASN O 107 51.49 -48.17 -17.08
C ASN O 107 51.07 -48.20 -15.62
N LEU O 108 50.46 -47.11 -15.17
CA LEU O 108 49.82 -46.99 -13.83
C LEU O 108 48.29 -46.89 -14.02
N LEU O 109 47.54 -47.05 -12.92
CA LEU O 109 46.06 -46.91 -12.90
C LEU O 109 45.69 -45.69 -12.07
N MET O 110 44.78 -44.87 -12.60
CA MET O 110 44.14 -43.72 -11.90
C MET O 110 42.63 -43.93 -11.94
N TRP O 111 41.94 -43.60 -10.86
CA TRP O 111 40.45 -43.50 -10.84
C TRP O 111 40.04 -42.32 -11.72
N GLU O 112 39.04 -42.54 -12.58
CA GLU O 112 38.47 -41.54 -13.51
C GLU O 112 37.00 -41.37 -13.16
N ALA O 113 36.58 -40.16 -12.76
CA ALA O 113 35.17 -39.83 -12.45
C ALA O 113 34.41 -39.71 -13.78
N VAL O 114 33.40 -40.56 -13.98
CA VAL O 114 32.66 -40.71 -15.27
C VAL O 114 31.33 -39.96 -15.17
N THR O 115 30.58 -40.16 -14.08
CA THR O 115 29.24 -39.56 -13.88
C THR O 115 29.07 -39.13 -12.43
N VAL O 116 28.16 -38.18 -12.21
CA VAL O 116 27.73 -37.75 -10.86
C VAL O 116 26.20 -37.72 -10.83
N GLN O 117 25.63 -38.31 -9.79
CA GLN O 117 24.23 -38.11 -9.38
C GLN O 117 24.28 -37.20 -8.15
N THR O 118 23.53 -36.10 -8.18
CA THR O 118 23.56 -35.08 -7.10
C THR O 118 22.17 -34.48 -6.94
N GLU O 119 21.78 -34.18 -5.70
CA GLU O 119 20.58 -33.34 -5.42
C GLU O 119 20.72 -32.71 -4.05
N VAL O 120 19.90 -31.68 -3.82
CA VAL O 120 19.81 -30.96 -2.53
C VAL O 120 18.92 -31.78 -1.61
N ILE O 121 19.34 -31.97 -0.36
CA ILE O 121 18.69 -32.89 0.62
C ILE O 121 17.90 -32.06 1.64
N GLY O 122 16.61 -32.36 1.77
CA GLY O 122 15.70 -31.76 2.77
C GLY O 122 14.88 -30.61 2.20
N ILE O 123 14.59 -30.61 0.90
CA ILE O 123 13.90 -29.47 0.22
C ILE O 123 12.49 -29.30 0.82
N THR O 124 11.86 -30.39 1.27
CA THR O 124 10.49 -30.37 1.85
C THR O 124 10.47 -29.72 3.25
N SER O 125 11.61 -29.57 3.93
CA SER O 125 11.71 -28.86 5.24
C SER O 125 11.16 -27.43 5.12
N MET O 126 11.16 -26.83 3.93
CA MET O 126 10.60 -25.49 3.66
C MET O 126 9.06 -25.49 3.70
N LEU O 127 8.41 -26.65 3.79
CA LEU O 127 6.94 -26.75 4.03
C LEU O 127 6.60 -26.58 5.52
N ASN O 128 7.60 -26.45 6.40
CA ASN O 128 7.40 -25.99 7.80
C ASN O 128 7.21 -24.47 7.78
N LEU O 129 5.95 -24.02 7.82
CA LEU O 129 5.60 -22.57 7.89
C LEU O 129 5.05 -22.22 9.27
N HIS O 130 5.24 -23.10 10.28
CA HIS O 130 4.76 -22.90 11.67
C HIS O 130 5.89 -22.41 12.58
N ALA O 131 7.15 -22.80 12.31
CA ALA O 131 8.34 -22.44 13.10
C ALA O 131 8.89 -21.08 12.64
N GLY O 132 8.60 -20.04 13.42
CA GLY O 132 9.41 -18.79 13.48
C GLY O 132 9.31 -17.88 12.27
N SER O 133 8.58 -18.25 11.21
CA SER O 133 8.50 -17.41 9.98
C SER O 133 7.35 -16.40 10.10
N GLN O 134 7.59 -15.16 9.68
CA GLN O 134 6.62 -14.04 9.72
C GLN O 134 5.34 -14.45 8.99
N LYS O 135 4.19 -14.18 9.61
CA LYS O 135 2.88 -14.44 8.96
C LYS O 135 2.80 -13.60 7.68
N VAL O 136 2.25 -14.19 6.62
CA VAL O 136 2.10 -13.52 5.28
C VAL O 136 1.09 -12.37 5.41
N HIS O 137 0.12 -12.49 6.33
CA HIS O 137 -0.91 -11.47 6.67
C HIS O 137 -1.62 -11.91 7.94
N GLU O 138 -2.53 -11.10 8.48
CA GLU O 138 -3.32 -11.43 9.71
C GLU O 138 -4.03 -12.78 9.46
N HIS O 139 -3.84 -13.74 10.37
CA HIS O 139 -4.43 -15.11 10.36
C HIS O 139 -3.72 -16.04 9.35
N GLY O 140 -2.74 -15.55 8.58
CA GLY O 140 -2.05 -16.35 7.54
C GLY O 140 -1.00 -17.28 8.12
N GLY O 141 -0.55 -18.26 7.33
CA GLY O 141 0.60 -19.11 7.68
C GLY O 141 1.91 -18.32 7.60
N GLY O 142 3.02 -18.95 7.99
CA GLY O 142 4.35 -18.32 7.90
C GLY O 142 4.79 -18.09 6.47
N LYS O 143 5.68 -17.11 6.28
CA LYS O 143 6.25 -16.75 4.96
C LYS O 143 7.22 -17.85 4.53
N PRO O 144 7.05 -18.46 3.35
CA PRO O 144 8.06 -19.34 2.77
C PRO O 144 9.46 -18.71 2.70
N ILE O 145 10.49 -19.54 2.80
CA ILE O 145 11.87 -19.19 2.36
C ILE O 145 11.79 -18.79 0.88
N GLN O 146 12.37 -17.65 0.55
CA GLN O 146 12.39 -17.13 -0.83
C GLN O 146 13.44 -16.03 -0.92
N GLY O 147 13.70 -15.55 -2.14
CA GLY O 147 14.74 -14.55 -2.41
C GLY O 147 15.99 -15.19 -3.01
N SER O 148 17.06 -14.43 -3.14
CA SER O 148 18.27 -14.81 -3.90
C SER O 148 18.75 -16.21 -3.49
N ASN O 149 19.09 -17.06 -4.46
CA ASN O 149 19.58 -18.42 -4.19
C ASN O 149 20.76 -18.73 -5.13
N PHE O 150 21.61 -19.64 -4.70
CA PHE O 150 22.80 -20.11 -5.46
C PHE O 150 22.92 -21.62 -5.23
N HIS O 151 22.93 -22.39 -6.31
CA HIS O 151 23.05 -23.86 -6.32
C HIS O 151 24.24 -24.22 -7.20
N PHE O 152 25.26 -24.79 -6.58
CA PHE O 152 26.61 -25.02 -7.16
C PHE O 152 27.14 -26.35 -6.68
N PHE O 153 27.74 -27.12 -7.58
CA PHE O 153 28.51 -28.34 -7.22
C PHE O 153 29.67 -28.50 -8.21
N ALA O 154 30.73 -29.14 -7.73
CA ALA O 154 31.93 -29.47 -8.54
C ALA O 154 32.42 -30.86 -8.14
N VAL O 155 32.96 -31.59 -9.12
CA VAL O 155 33.65 -32.90 -8.95
C VAL O 155 34.98 -32.81 -9.69
N GLY O 156 36.08 -33.12 -9.01
CA GLY O 156 37.44 -32.99 -9.59
C GLY O 156 38.44 -33.92 -8.93
N GLY O 157 39.59 -34.14 -9.58
CA GLY O 157 40.75 -34.87 -9.03
C GLY O 157 41.75 -33.95 -8.38
N ASP O 158 41.45 -32.64 -8.33
CA ASP O 158 42.22 -31.60 -7.62
C ASP O 158 41.22 -30.72 -6.85
N PRO O 159 41.66 -29.92 -5.86
CA PRO O 159 40.79 -28.93 -5.24
C PRO O 159 40.19 -27.97 -6.28
N LEU O 160 38.94 -27.53 -6.07
CA LEU O 160 38.28 -26.52 -6.94
C LEU O 160 39.16 -25.27 -6.97
N GLU O 161 39.39 -24.72 -8.15
CA GLU O 161 40.15 -23.45 -8.33
C GLU O 161 39.13 -22.31 -8.48
N MET O 162 39.39 -21.20 -7.79
CA MET O 162 38.40 -20.10 -7.67
C MET O 162 39.04 -18.76 -8.04
N GLN O 163 38.19 -17.84 -8.53
CA GLN O 163 38.52 -16.44 -8.89
C GLN O 163 37.74 -15.54 -7.93
N GLY O 164 38.41 -14.55 -7.35
CA GLY O 164 37.79 -13.56 -6.45
C GLY O 164 37.13 -12.42 -7.21
N VAL O 165 35.88 -12.10 -6.87
CA VAL O 165 35.16 -10.86 -7.31
C VAL O 165 34.33 -10.38 -6.13
N LEU O 166 34.36 -9.07 -5.86
CA LEU O 166 33.68 -8.43 -4.70
C LEU O 166 32.62 -7.45 -5.21
N MET O 167 31.50 -7.38 -4.51
CA MET O 167 30.50 -6.28 -4.63
C MET O 167 31.21 -4.96 -4.27
N ASN O 168 32.01 -4.98 -3.20
CA ASN O 168 32.65 -3.79 -2.57
C ASN O 168 34.07 -4.18 -2.15
N TYR O 169 35.09 -3.65 -2.83
CA TYR O 169 36.51 -3.98 -2.59
C TYR O 169 36.92 -3.52 -1.18
N ARG O 170 36.22 -2.52 -0.62
CA ARG O 170 36.53 -1.93 0.70
C ARG O 170 35.89 -2.73 1.85
N THR O 171 35.13 -3.80 1.56
CA THR O 171 34.54 -4.67 2.62
C THR O 171 35.67 -5.16 3.52
N LYS O 172 35.52 -5.00 4.83
CA LYS O 172 36.43 -5.56 5.86
C LYS O 172 35.90 -6.93 6.24
N TYR O 173 36.49 -7.99 5.69
CA TYR O 173 36.07 -9.38 5.96
C TYR O 173 36.62 -9.82 7.32
N PRO O 174 35.87 -10.63 8.07
CA PRO O 174 36.23 -10.96 9.45
C PRO O 174 37.26 -12.10 9.54
N ASP O 175 37.88 -12.21 10.72
CA ASP O 175 38.83 -13.30 11.07
C ASP O 175 38.13 -14.64 10.86
N GLY O 176 38.84 -15.62 10.29
CA GLY O 176 38.32 -16.97 10.00
C GLY O 176 37.82 -17.11 8.56
N THR O 177 37.76 -16.03 7.79
CA THR O 177 37.43 -16.06 6.34
C THR O 177 38.71 -15.87 5.53
N ILE O 178 38.78 -16.53 4.38
CA ILE O 178 39.84 -16.32 3.35
C ILE O 178 39.16 -15.58 2.19
N THR O 179 39.57 -14.34 1.93
CA THR O 179 38.94 -13.42 0.93
C THR O 179 40.04 -12.78 0.10
N PRO O 180 39.71 -12.17 -1.07
CA PRO O 180 40.72 -11.54 -1.92
C PRO O 180 41.68 -10.62 -1.15
N LYS O 181 42.97 -10.89 -1.27
CA LYS O 181 44.05 -10.16 -0.56
C LYS O 181 44.44 -8.93 -1.37
N ASN O 182 44.73 -7.83 -0.69
CA ASN O 182 45.13 -6.53 -1.30
C ASN O 182 44.13 -6.14 -2.38
N PRO O 183 42.80 -6.11 -2.07
CA PRO O 183 41.80 -5.80 -3.08
C PRO O 183 41.89 -4.33 -3.53
N THR O 184 41.58 -4.09 -4.80
CA THR O 184 41.52 -2.73 -5.42
C THR O 184 40.12 -2.56 -6.03
N ALA O 185 39.83 -1.39 -6.59
CA ALA O 185 38.58 -1.11 -7.35
C ALA O 185 38.41 -2.18 -8.45
N GLN O 186 39.51 -2.62 -9.07
CA GLN O 186 39.51 -3.65 -10.13
C GLN O 186 38.94 -4.99 -9.59
N SER O 187 39.03 -5.23 -8.28
CA SER O 187 38.51 -6.46 -7.63
C SER O 187 36.96 -6.52 -7.70
N GLN O 188 36.28 -5.42 -8.03
CA GLN O 188 34.82 -5.38 -8.24
C GLN O 188 34.46 -5.84 -9.65
N VAL O 189 35.45 -5.87 -10.56
CA VAL O 189 35.29 -6.45 -11.92
C VAL O 189 36.23 -7.67 -11.98
N MET O 190 37.17 -7.75 -12.91
CA MET O 190 38.13 -8.89 -12.95
C MET O 190 39.54 -8.41 -12.61
N ASN O 191 40.07 -8.91 -11.49
CA ASN O 191 41.47 -8.75 -11.00
C ASN O 191 42.08 -10.16 -10.96
N THR O 192 42.97 -10.49 -11.89
CA THR O 192 43.57 -11.84 -12.05
C THR O 192 44.50 -12.20 -10.88
N ASP O 193 44.81 -11.27 -9.96
CA ASP O 193 45.56 -11.56 -8.70
C ASP O 193 44.76 -12.51 -7.79
N HIS O 194 43.42 -12.47 -7.81
CA HIS O 194 42.57 -13.17 -6.81
C HIS O 194 42.31 -14.61 -7.24
N LYS O 195 43.33 -15.47 -7.11
CA LYS O 195 43.27 -16.92 -7.40
C LYS O 195 43.37 -17.68 -6.08
N ALA O 196 42.50 -18.65 -5.84
CA ALA O 196 42.49 -19.49 -4.61
C ALA O 196 42.17 -20.93 -4.97
N TYR O 197 42.61 -21.86 -4.12
CA TYR O 197 42.13 -23.26 -4.06
C TYR O 197 41.06 -23.32 -2.97
N LEU O 198 39.94 -23.99 -3.24
CA LEU O 198 38.95 -24.33 -2.19
C LEU O 198 39.57 -25.46 -1.35
N ASP O 199 40.49 -25.10 -0.45
CA ASP O 199 41.39 -26.02 0.27
C ASP O 199 41.06 -26.03 1.76
N LYS O 200 39.95 -25.41 2.16
CA LYS O 200 39.48 -25.37 3.57
C LYS O 200 37.96 -25.24 3.59
N ASN O 201 37.32 -26.11 4.37
CA ASN O 201 35.85 -26.09 4.57
C ASN O 201 35.50 -24.89 5.45
N ASN O 202 34.38 -24.21 5.15
CA ASN O 202 33.78 -23.14 5.98
C ASN O 202 34.78 -21.98 6.16
N ALA O 203 35.46 -21.57 5.08
CA ALA O 203 36.48 -20.49 5.09
C ALA O 203 36.29 -19.48 3.94
N TYR O 204 35.93 -19.94 2.74
CA TYR O 204 35.85 -19.11 1.50
C TYR O 204 34.41 -18.62 1.34
N PRO O 205 34.09 -17.34 1.65
CA PRO O 205 32.71 -16.86 1.52
C PRO O 205 32.20 -16.93 0.08
N VAL O 206 30.95 -17.38 -0.09
CA VAL O 206 30.31 -17.53 -1.42
C VAL O 206 30.33 -16.17 -2.14
N GLU O 207 30.11 -15.05 -1.42
CA GLU O 207 29.99 -13.70 -2.02
C GLU O 207 31.34 -13.21 -2.60
N CYS O 208 32.47 -13.83 -2.25
CA CYS O 208 33.84 -13.37 -2.62
C CYS O 208 34.41 -14.15 -3.80
N TRP O 209 33.92 -15.37 -4.05
CA TRP O 209 34.61 -16.38 -4.89
C TRP O 209 33.62 -17.03 -5.86
N VAL O 210 34.10 -17.31 -7.07
CA VAL O 210 33.37 -18.11 -8.09
C VAL O 210 34.34 -19.19 -8.59
N PRO O 211 33.83 -20.30 -9.16
CA PRO O 211 34.70 -21.23 -9.88
C PRO O 211 35.42 -20.48 -11.01
N ASP O 212 36.70 -20.79 -11.22
CA ASP O 212 37.57 -20.09 -12.21
C ASP O 212 37.49 -20.84 -13.53
N PRO O 213 36.85 -20.29 -14.59
CA PRO O 213 36.77 -20.98 -15.88
C PRO O 213 38.10 -20.98 -16.64
N SER O 214 39.08 -20.15 -16.24
CA SER O 214 40.43 -20.10 -16.84
C SER O 214 41.31 -21.26 -16.33
N ARG O 215 40.89 -21.99 -15.30
CA ARG O 215 41.64 -23.12 -14.71
CA ARG O 215 41.64 -23.13 -14.71
C ARG O 215 40.68 -24.32 -14.62
N ASN O 216 40.79 -25.17 -13.59
CA ASN O 216 39.89 -26.33 -13.39
C ASN O 216 39.94 -27.26 -14.60
N GLU O 217 41.15 -27.57 -15.09
CA GLU O 217 41.37 -28.55 -16.18
C GLU O 217 40.96 -29.95 -15.71
N ASN O 218 41.01 -30.22 -14.41
CA ASN O 218 40.77 -31.58 -13.84
C ASN O 218 39.53 -31.58 -12.93
N THR O 219 38.63 -30.61 -13.12
CA THR O 219 37.35 -30.46 -12.35
C THR O 219 36.22 -30.10 -13.32
N ARG O 220 35.03 -30.63 -13.06
CA ARG O 220 33.76 -30.20 -13.72
CA ARG O 220 33.77 -30.20 -13.72
C ARG O 220 32.92 -29.48 -12.67
N TYR O 221 32.47 -28.26 -12.95
CA TYR O 221 31.62 -27.46 -12.04
C TYR O 221 30.37 -26.98 -12.77
N PHE O 222 29.30 -26.76 -12.00
CA PHE O 222 27.95 -26.38 -12.46
C PHE O 222 27.32 -25.48 -11.38
N GLY O 223 26.88 -24.29 -11.78
CA GLY O 223 26.28 -23.31 -10.86
C GLY O 223 25.18 -22.54 -11.52
N THR O 224 24.11 -22.25 -10.76
CA THR O 224 23.01 -21.33 -11.14
C THR O 224 22.78 -20.35 -10.00
N PHE O 225 22.89 -19.06 -10.30
CA PHE O 225 22.53 -17.95 -9.41
C PHE O 225 21.18 -17.39 -9.88
N THR O 226 20.21 -17.30 -8.96
CA THR O 226 18.90 -16.63 -9.17
C THR O 226 18.79 -15.53 -8.11
N GLY O 227 18.92 -14.27 -8.53
CA GLY O 227 18.87 -13.10 -7.64
C GLY O 227 17.47 -12.50 -7.62
N GLY O 228 17.06 -11.94 -6.49
CA GLY O 228 15.84 -11.11 -6.43
C GLY O 228 15.16 -11.24 -5.09
N GLU O 229 14.41 -10.21 -4.73
CA GLU O 229 13.78 -10.06 -3.40
C GLU O 229 12.87 -11.25 -3.11
N ASN O 230 12.03 -11.66 -4.08
CA ASN O 230 10.91 -12.62 -3.88
C ASN O 230 11.05 -13.86 -4.78
N VAL O 231 12.25 -14.14 -5.28
CA VAL O 231 12.54 -15.31 -6.16
C VAL O 231 12.05 -16.58 -5.47
N PRO O 232 11.16 -17.38 -6.11
CA PRO O 232 10.76 -18.67 -5.55
C PRO O 232 11.85 -19.72 -5.70
N PRO O 233 12.22 -20.47 -4.63
CA PRO O 233 13.09 -21.63 -4.78
C PRO O 233 12.40 -22.67 -5.67
N VAL O 234 13.12 -23.23 -6.65
CA VAL O 234 12.65 -24.36 -7.49
C VAL O 234 13.74 -25.43 -7.43
N LEU O 235 13.44 -26.56 -6.78
CA LEU O 235 14.42 -27.67 -6.60
C LEU O 235 13.79 -28.99 -7.06
N HIS O 236 14.55 -29.75 -7.83
CA HIS O 236 14.15 -31.08 -8.37
C HIS O 236 14.97 -32.15 -7.66
N VAL O 237 14.32 -33.26 -7.29
CA VAL O 237 14.99 -34.50 -6.81
C VAL O 237 14.57 -35.64 -7.74
N THR O 238 15.53 -36.50 -8.10
CA THR O 238 15.29 -37.77 -8.81
C THR O 238 16.58 -38.59 -8.80
N ASN O 239 16.45 -39.90 -8.61
CA ASN O 239 17.60 -40.85 -8.65
C ASN O 239 17.77 -41.38 -10.09
N THR O 240 17.10 -40.79 -11.09
CA THR O 240 17.16 -41.20 -12.51
C THR O 240 18.04 -40.23 -13.34
N ALA O 241 18.49 -39.12 -12.75
CA ALA O 241 19.26 -38.06 -13.45
C ALA O 241 20.76 -38.25 -13.15
N THR O 242 21.58 -38.22 -14.19
CA THR O 242 23.03 -38.42 -14.17
C THR O 242 23.68 -37.32 -15.01
N THR O 243 24.74 -36.69 -14.50
CA THR O 243 25.57 -35.70 -15.24
C THR O 243 26.86 -36.39 -15.68
N VAL O 244 27.16 -36.38 -16.98
CA VAL O 244 28.41 -36.94 -17.57
C VAL O 244 29.56 -35.98 -17.23
N LEU O 245 30.67 -36.52 -16.75
CA LEU O 245 31.86 -35.72 -16.31
C LEU O 245 32.99 -35.81 -17.35
N LEU O 246 32.80 -36.57 -18.43
CA LEU O 246 33.80 -36.75 -19.51
C LEU O 246 33.90 -35.45 -20.32
N ASP O 247 35.12 -35.06 -20.70
CA ASP O 247 35.40 -33.86 -21.53
C ASP O 247 35.21 -34.23 -23.00
N GLU O 248 35.54 -33.30 -23.91
CA GLU O 248 35.42 -33.47 -25.38
C GLU O 248 36.23 -34.69 -25.85
N GLN O 249 37.35 -35.00 -25.19
CA GLN O 249 38.25 -36.15 -25.52
C GLN O 249 37.74 -37.46 -24.88
N GLY O 250 36.61 -37.44 -24.14
CA GLY O 250 36.05 -38.63 -23.48
C GLY O 250 36.77 -38.99 -22.19
N VAL O 251 37.44 -38.03 -21.56
CA VAL O 251 38.22 -38.24 -20.31
C VAL O 251 37.54 -37.45 -19.18
N GLY O 252 37.18 -38.13 -18.09
CA GLY O 252 36.66 -37.51 -16.85
C GLY O 252 37.81 -37.00 -15.97
N PRO O 253 37.51 -36.28 -14.86
CA PRO O 253 38.53 -35.94 -13.87
C PRO O 253 39.34 -37.16 -13.44
N LEU O 254 40.66 -37.04 -13.43
CA LEU O 254 41.60 -38.09 -13.00
C LEU O 254 42.05 -37.78 -11.56
N CYS O 255 41.83 -38.74 -10.66
CA CYS O 255 41.95 -38.55 -9.19
C CYS O 255 43.43 -38.67 -8.78
N LYS O 256 44.13 -37.53 -8.75
CA LYS O 256 45.54 -37.39 -8.32
C LYS O 256 45.65 -37.77 -6.84
N ALA O 257 46.67 -38.56 -6.50
CA ALA O 257 46.95 -39.07 -5.14
C ALA O 257 45.71 -39.81 -4.59
N ASP O 258 45.01 -40.56 -5.45
CA ASP O 258 43.80 -41.37 -5.13
C ASP O 258 42.83 -40.55 -4.26
N SER O 259 42.59 -39.30 -4.65
CA SER O 259 41.72 -38.32 -3.96
C SER O 259 40.69 -37.76 -4.95
N LEU O 260 39.41 -37.77 -4.55
CA LEU O 260 38.28 -37.13 -5.29
C LEU O 260 37.83 -35.93 -4.46
N TYR O 261 37.59 -34.79 -5.10
CA TYR O 261 37.15 -33.53 -4.44
C TYR O 261 35.71 -33.26 -4.87
N VAL O 262 34.82 -33.11 -3.87
CA VAL O 262 33.43 -32.61 -4.05
C VAL O 262 33.32 -31.25 -3.37
N SER O 263 32.66 -30.30 -4.04
CA SER O 263 32.45 -28.92 -3.56
C SER O 263 31.00 -28.51 -3.80
N ALA O 264 30.42 -27.68 -2.95
CA ALA O 264 29.02 -27.25 -3.07
C ALA O 264 28.78 -25.91 -2.38
N ALA O 265 27.78 -25.19 -2.89
CA ALA O 265 27.09 -24.07 -2.22
C ALA O 265 25.62 -24.16 -2.60
N ASP O 266 24.73 -24.29 -1.61
CA ASP O 266 23.28 -24.45 -1.82
C ASP O 266 22.56 -23.50 -0.86
N ILE O 267 22.64 -22.21 -1.16
CA ILE O 267 21.84 -21.13 -0.52
C ILE O 267 20.45 -21.19 -1.14
N CYS O 268 19.44 -21.62 -0.38
CA CYS O 268 18.07 -21.90 -0.90
C CYS O 268 17.24 -20.62 -0.96
N GLY O 269 17.61 -19.61 -0.17
CA GLY O 269 16.88 -18.33 -0.08
C GLY O 269 16.99 -17.74 1.32
N LEU O 270 16.13 -16.79 1.62
CA LEU O 270 16.11 -16.09 2.92
C LEU O 270 14.91 -16.54 3.74
N PHE O 271 15.15 -16.88 5.00
CA PHE O 271 14.13 -17.15 6.05
C PHE O 271 13.78 -15.81 6.69
N THR O 272 12.49 -15.50 6.88
CA THR O 272 12.02 -14.22 7.48
C THR O 272 11.42 -14.49 8.86
N ASN O 273 12.05 -13.96 9.91
CA ASN O 273 11.55 -14.02 11.31
C ASN O 273 10.34 -13.10 11.45
N SER O 274 9.57 -13.24 12.53
CA SER O 274 8.33 -12.46 12.80
C SER O 274 8.64 -10.95 12.81
N SER O 275 9.87 -10.57 13.19
CA SER O 275 10.40 -9.18 13.21
C SER O 275 10.63 -8.61 11.80
N GLY O 276 10.74 -9.44 10.78
CA GLY O 276 11.17 -9.03 9.42
C GLY O 276 12.64 -9.28 9.17
N THR O 277 13.43 -9.68 10.17
CA THR O 277 14.86 -10.02 9.95
C THR O 277 14.95 -11.24 9.04
N GLN O 278 16.03 -11.32 8.26
CA GLN O 278 16.23 -12.38 7.23
C GLN O 278 17.51 -13.14 7.56
N GLN O 279 17.48 -14.45 7.36
CA GLN O 279 18.67 -15.34 7.51
C GLN O 279 18.75 -16.21 6.27
N TRP O 280 19.96 -16.42 5.74
CA TRP O 280 20.18 -17.44 4.66
C TRP O 280 19.83 -18.82 5.24
N ARG O 281 19.12 -19.64 4.46
CA ARG O 281 18.90 -21.06 4.76
C ARG O 281 19.64 -21.88 3.70
N GLY O 282 20.43 -22.85 4.13
CA GLY O 282 21.17 -23.78 3.25
C GLY O 282 20.77 -25.22 3.50
N LEU O 283 21.05 -26.10 2.55
CA LEU O 283 20.77 -27.55 2.66
C LEU O 283 21.98 -28.33 2.15
N ALA O 284 22.16 -29.53 2.70
CA ALA O 284 23.23 -30.47 2.33
C ALA O 284 23.03 -30.89 0.87
N ARG O 285 24.12 -31.30 0.21
CA ARG O 285 24.11 -31.85 -1.16
C ARG O 285 24.64 -33.28 -1.09
N TYR O 286 23.91 -34.21 -1.70
CA TYR O 286 24.34 -35.61 -1.91
C TYR O 286 25.13 -35.69 -3.23
N PHE O 287 26.22 -36.46 -3.22
CA PHE O 287 27.01 -36.84 -4.40
C PHE O 287 27.12 -38.36 -4.45
N LYS O 288 26.82 -38.94 -5.61
CA LYS O 288 27.20 -40.34 -5.97
C LYS O 288 28.01 -40.26 -7.27
N ILE O 289 29.28 -40.63 -7.20
CA ILE O 289 30.24 -40.52 -8.33
C ILE O 289 30.61 -41.93 -8.75
N ARG O 290 30.38 -42.26 -10.02
CA ARG O 290 30.84 -43.50 -10.69
C ARG O 290 32.27 -43.25 -11.18
N LEU O 291 33.17 -44.15 -10.81
CA LEU O 291 34.63 -44.08 -11.14
C LEU O 291 34.99 -45.32 -11.94
N ARG O 292 35.92 -45.19 -12.88
CA ARG O 292 36.49 -46.34 -13.63
C ARG O 292 38.02 -46.25 -13.57
N LYS O 293 38.67 -47.41 -13.72
CA LYS O 293 40.15 -47.51 -13.75
C LYS O 293 40.62 -47.07 -15.15
N ARG O 294 41.46 -46.03 -15.20
CA ARG O 294 42.08 -45.49 -16.44
C ARG O 294 43.57 -45.80 -16.41
N SER O 295 44.09 -46.46 -17.44
CA SER O 295 45.53 -46.67 -17.66
C SER O 295 46.15 -45.32 -18.06
N VAL O 296 47.28 -44.98 -17.45
CA VAL O 296 48.10 -43.77 -17.79
C VAL O 296 49.56 -44.20 -17.90
N LYS O 297 50.35 -43.47 -18.69
CA LYS O 297 51.83 -43.65 -18.76
C LYS O 297 52.42 -43.18 -17.43
N ASN O 298 53.38 -43.94 -16.89
CA ASN O 298 54.09 -43.61 -15.63
C ASN O 298 54.88 -42.32 -15.84
N PRO O 299 54.56 -41.22 -15.11
CA PRO O 299 55.26 -39.95 -15.29
C PRO O 299 56.65 -39.88 -14.64
N TYR O 300 56.94 -40.77 -13.67
CA TYR O 300 58.14 -40.70 -12.78
C TYR O 300 59.40 -41.09 -13.54
CL CL P . -25.30 -14.34 2.40
C1 PGE Q . -27.06 -21.64 12.20
O1 PGE Q . -26.15 -21.12 11.25
C2 PGE Q . -26.40 -22.11 13.45
O2 PGE Q . -25.60 -23.26 13.17
C3 PGE Q . -26.31 -24.49 13.29
C4 PGE Q . -25.38 -25.63 13.04
O4 PGE Q . -24.90 -28.61 10.12
C6 PGE Q . -24.13 -27.90 11.09
C5 PGE Q . -24.33 -26.43 11.04
O3 PGE Q . -25.54 -26.08 11.69
C1 PGE R . -29.25 -17.75 3.93
O1 PGE R . -29.89 -17.74 2.66
C2 PGE R . -27.93 -17.06 3.89
O2 PGE R . -27.04 -17.65 4.84
C3 PGE R . -25.99 -18.40 4.23
C4 PGE R . -25.16 -19.06 5.29
O4 PGE R . -25.26 -20.12 8.96
C6 PGE R . -25.92 -20.77 7.89
C5 PGE R . -25.05 -21.00 6.67
O3 PGE R . -25.64 -20.38 5.54
C1 EDO S . -31.77 -9.99 4.82
O1 EDO S . -32.89 -10.65 5.37
C2 EDO S . -31.94 -9.66 3.37
O2 EDO S . -31.94 -8.27 3.05
C1 EDO T . -18.31 -9.03 33.24
O1 EDO T . -17.88 -7.91 32.49
C2 EDO T . -17.56 -10.28 32.93
O2 EDO T . -17.56 -11.24 33.98
O1 PG4 U . -35.28 -29.97 23.41
C1 PG4 U . -35.90 -28.81 23.92
C2 PG4 U . -36.35 -27.88 22.85
O2 PG4 U . -35.25 -27.56 22.01
C3 PG4 U . -35.31 -26.25 21.42
C4 PG4 U . -36.10 -26.30 20.15
O3 PG4 U . -35.68 -27.38 19.33
C5 PG4 U . -34.47 -27.15 18.64
C6 PG4 U . -34.31 -28.14 17.52
O4 PG4 U . -33.67 -29.31 18.00
C7 PG4 U . -33.16 -30.17 16.98
C8 PG4 U . -32.41 -31.31 17.59
O5 PG4 U . -33.12 -31.96 18.63
C1 PG5 V . -19.23 -25.41 42.57
O1 PG5 V . -18.91 -26.04 41.35
C2 PG5 V . -19.22 -27.42 41.31
C3 PG5 V . -19.04 -27.96 39.92
O2 PG5 V . -19.77 -27.15 38.99
C4 PG5 V . -19.37 -27.32 37.64
C5 PG5 V . -20.18 -26.43 36.77
O3 PG5 V . -19.87 -25.07 37.07
C6 PG5 V . -20.43 -24.15 36.15
C7 PG5 V . -20.55 -22.79 36.78
O4 PG5 V . -19.33 -22.41 37.39
C8 PG5 V . -19.36 -21.15 38.05
CL CL W . 14.90 -41.46 12.59
O1 PG4 X . 14.64 -33.23 25.03
C1 PG4 X . 15.86 -33.00 24.37
C2 PG4 X . 15.70 -33.00 22.87
O2 PG4 X . 15.66 -31.65 22.39
C3 PG4 X . 16.02 -31.52 21.02
C4 PG4 X . 14.99 -32.11 20.13
O3 PG4 X . 13.71 -31.63 20.50
C5 PG4 X . 12.63 -32.31 19.87
C6 PG4 X . 11.44 -32.31 20.78
O4 PG4 X . 11.64 -33.26 21.81
C7 PG4 X . 10.68 -33.18 22.86
C8 PG4 X . 10.62 -34.50 23.59
O5 PG4 X . 11.45 -34.55 24.74
C1 PGE Y . 8.48 -64.70 -3.11
O1 PGE Y . 9.46 -64.26 -2.19
C2 PGE Y . 9.03 -64.86 -4.49
O2 PGE Y . 8.68 -63.74 -5.30
C3 PGE Y . 9.18 -63.82 -6.63
C4 PGE Y . 10.57 -63.24 -6.69
O4 PGE Y . 14.19 -63.69 -5.50
C6 PGE Y . 13.59 -63.52 -6.77
C5 PGE Y . 12.53 -64.55 -7.09
O3 PGE Y . 11.36 -63.94 -7.64
C1 EDO Z . 4.18 -20.05 -14.27
O1 EDO Z . 3.86 -18.72 -14.67
C2 EDO Z . 5.61 -20.23 -13.90
O2 EDO Z . 5.87 -20.69 -12.57
CL CL AA . -19.60 17.64 -20.92
O1 PG4 BA . -42.40 3.96 -28.81
C1 PG4 BA . -41.57 3.20 -27.95
C2 PG4 BA . -40.15 3.17 -28.41
O2 PG4 BA . -39.57 4.47 -28.28
C3 PG4 BA . -38.67 4.59 -27.17
C4 PG4 BA . -38.37 6.05 -26.92
O3 PG4 BA . -39.23 6.55 -25.91
C5 PG4 BA . -39.25 7.98 -25.83
C6 PG4 BA . -40.05 8.42 -24.64
O4 PG4 BA . -41.45 8.31 -24.92
C7 PG4 BA . -42.27 8.70 -23.83
C8 PG4 BA . -43.69 8.87 -24.28
O5 PG4 BA . -44.30 7.67 -24.73
C1 PGE CA . -29.41 5.52 -20.76
O1 PGE CA . -28.04 5.47 -21.06
C2 PGE CA . -30.01 4.17 -20.66
O2 PGE CA . -30.07 3.60 -21.96
C3 PGE CA . -30.87 2.43 -22.04
C4 PGE CA . -30.81 1.88 -23.43
O4 PGE CA . -29.26 -1.88 -25.49
C6 PGE CA . -29.42 -1.00 -24.39
C5 PGE CA . -29.50 0.45 -24.79
O3 PGE CA . -29.54 1.27 -23.63
C1 PGE DA . -47.20 0.19 -4.87
O1 PGE DA . -47.23 -0.47 -3.60
C2 PGE DA . -47.52 -0.75 -6.01
O2 PGE DA . -48.09 -1.95 -5.53
C3 PGE DA . -48.11 -3.02 -6.48
C4 PGE DA . -49.51 -3.29 -6.91
O4 PGE DA . -52.87 -3.40 -4.23
C6 PGE DA . -52.34 -4.52 -4.91
C5 PGE DA . -51.59 -4.17 -6.16
O3 PGE DA . -50.21 -3.91 -5.84
C1 PGE EA . -84.59 15.00 6.18
O1 PGE EA . -83.55 15.84 6.61
C2 PGE EA . -84.14 13.59 5.98
O2 PGE EA . -83.04 13.56 5.06
C3 PGE EA . -83.13 12.50 4.11
C4 PGE EA . -81.90 12.51 3.26
O4 PGE EA . -80.79 16.48 2.02
C6 PGE EA . -80.88 15.35 1.14
C5 PGE EA . -80.72 14.03 1.85
O3 PGE EA . -81.98 13.60 2.35
C1 PEG FA . -86.97 2.66 8.04
O1 PEG FA . -87.39 1.84 9.10
C2 PEG FA . -85.90 2.00 7.21
O2 PEG FA . -86.16 2.21 5.82
C3 PEG FA . -85.16 1.65 4.97
C4 PEG FA . -85.64 1.67 3.54
O4 PEG FA . -86.42 0.53 3.21
C1 EDO GA . -56.67 -21.31 1.91
O1 EDO GA . -57.98 -21.80 2.05
C2 EDO GA . -55.93 -21.25 3.20
O2 EDO GA . -55.09 -22.36 3.48
C1 EDO HA . -53.25 -17.43 10.11
O1 EDO HA . -54.66 -17.49 9.97
C2 EDO HA . -52.55 -16.97 8.87
O2 EDO HA . -51.84 -17.96 8.14
CL CL IA . -21.30 -38.98 -11.07
C1 PGE JA . -24.62 -33.49 0.43
O1 PGE JA . -25.42 -34.63 0.64
C2 PGE JA . -24.08 -33.41 -0.96
O2 PGE JA . -24.36 -32.12 -1.51
C3 PGE JA . -25.04 -32.17 -2.77
C4 PGE JA . -25.29 -30.79 -3.26
O4 PGE JA . -29.55 -31.39 -2.49
C6 PGE JA . -28.96 -30.32 -3.22
C5 PGE JA . -27.60 -30.66 -3.80
O3 PGE JA . -26.59 -30.37 -2.85
C1 EDO KA . 5.40 -16.40 -17.23
O1 EDO KA . 5.49 -15.57 -18.37
C2 EDO KA . 4.83 -17.75 -17.52
O2 EDO KA . 3.43 -17.88 -17.34
C1 EDO LA . -22.21 -32.10 -30.66
O1 EDO LA . -21.70 -32.25 -31.98
C2 EDO LA . -21.67 -33.10 -29.70
O2 EDO LA . -22.64 -33.75 -28.87
C1 EDO MA . 16.35 27.70 -12.41
O1 EDO MA . 16.35 29.01 -12.93
C2 EDO MA . 17.36 27.50 -11.35
O2 EDO MA . 16.90 26.79 -10.22
C1 PEG NA . -49.87 51.16 -18.20
O1 PEG NA . -49.56 51.72 -19.46
C2 PEG NA . -50.89 50.07 -18.29
O2 PEG NA . -50.65 49.24 -19.41
C3 PEG NA . -51.14 47.91 -19.28
C4 PEG NA . -50.09 47.03 -18.65
O4 PEG NA . -50.63 45.92 -17.97
C1 EDO OA . -13.98 32.76 -12.87
O1 EDO OA . -13.86 34.09 -12.43
C2 EDO OA . -15.10 32.57 -13.83
O2 EDO OA . -14.77 32.80 -15.19
C1 EDO PA . -45.83 33.59 -21.86
O1 EDO PA . -47.12 33.80 -22.40
C2 EDO PA . -44.92 34.75 -22.04
O2 EDO PA . -43.55 34.48 -21.80
CL CL QA . -19.52 16.94 -25.49
C1 PGE RA . 7.71 26.02 -23.61
O1 PGE RA . 8.96 25.42 -23.33
C2 PGE RA . 7.61 26.49 -25.01
O2 PGE RA . 7.15 25.43 -25.85
C3 PGE RA . 7.03 25.81 -27.22
C4 PGE RA . 7.21 24.62 -28.09
O4 PGE RA . 8.92 21.70 -30.70
C6 PGE RA . 8.28 22.47 -29.70
C5 PGE RA . 9.08 23.67 -29.27
O3 PGE RA . 8.58 24.20 -28.03
C1 PEG SA . -14.47 35.28 -28.66
O1 PEG SA . -15.48 35.34 -27.67
C2 PEG SA . -14.88 34.48 -29.85
O2 PEG SA . -15.41 35.34 -30.86
C3 PEG SA . -15.79 34.66 -32.04
C4 PEG SA . -16.59 35.57 -32.93
O4 PEG SA . -17.99 35.36 -32.82
CL CL TA . -14.72 -9.23 -42.26
C1 EDO UA . -20.67 -2.67 -34.85
O1 EDO UA . -20.22 -1.37 -34.56
C2 EDO UA . -21.63 -3.21 -33.83
O2 EDO UA . -22.86 -3.72 -34.33
C1 PEG VA . -6.24 3.01 -44.89
O1 PEG VA . -5.09 2.96 -44.09
C2 PEG VA . -7.00 1.72 -44.89
O2 PEG VA . -8.39 1.96 -45.11
C3 PEG VA . -8.75 2.09 -46.48
C4 PEG VA . -8.90 0.73 -47.13
O4 PEG VA . -8.13 0.58 -48.32
OH2 1PE WA . 37.76 9.08 2.44
C12 1PE WA . 36.81 10.04 2.82
C22 1PE WA . 36.69 10.17 4.29
OH3 1PE WA . 35.64 11.08 4.61
C13 1PE WA . 34.91 13.22 5.32
C23 1PE WA . 36.08 12.39 4.89
OH4 1PE WA . 34.31 12.59 6.44
C14 1PE WA . 32.71 12.59 8.19
C24 1PE WA . 33.23 13.32 6.98
OH5 1PE WA . 32.25 11.30 7.80
C15 1PE WA . 32.13 9.00 8.50
C25 1PE WA . 31.95 10.44 8.90
OH6 1PE WA . 30.93 8.49 7.92
C16 1PE WA . 31.77 6.24 7.58
C26 1PE WA . 31.14 7.46 6.96
OH7 1PE WA . 31.21 5.89 8.84
C1 EDO XA . 17.22 32.26 4.81
O1 EDO XA . 15.99 32.94 5.05
C2 EDO XA . 18.33 33.17 4.44
O2 EDO XA . 19.25 32.64 3.50
C1 PG5 YA . 29.02 36.72 -1.30
O1 PG5 YA . 30.35 36.41 -0.89
C2 PG5 YA . 30.82 35.16 -1.36
C3 PG5 YA . 32.31 35.18 -1.52
O2 PG5 YA . 32.66 35.82 -2.74
C4 PG5 YA . 33.93 35.44 -3.27
C5 PG5 YA . 34.62 36.64 -3.83
O3 PG5 YA . 33.71 37.45 -4.58
C6 PG5 YA . 34.32 38.61 -5.16
C7 PG5 YA . 34.23 39.76 -4.23
O4 PG5 YA . 32.87 40.11 -4.02
C8 PG5 YA . 32.63 41.30 -3.29
C1 EDO ZA . 21.01 39.54 -19.57
O1 EDO ZA . 21.97 40.19 -18.77
C2 EDO ZA . 21.40 39.39 -20.99
O2 EDO ZA . 20.38 38.86 -21.83
C1 EDO AB . 27.83 47.34 -22.90
O1 EDO AB . 26.61 47.99 -23.17
C2 EDO AB . 27.95 46.00 -23.52
O2 EDO AB . 29.28 45.63 -23.91
O1 P6G BB . 46.89 20.94 9.04
C2 P6G BB . 47.07 20.61 7.69
C3 P6G BB . 46.91 19.14 7.44
O4 P6G BB . 45.53 18.81 7.29
C5 P6G BB . 45.30 17.42 7.07
C6 P6G BB . 43.83 17.13 7.13
O7 P6G BB . 43.54 16.24 8.20
C8 P6G BB . 43.56 16.85 9.49
C9 P6G BB . 42.15 17.00 9.99
O10 P6G BB . 42.10 17.87 11.13
C11 P6G BB . 42.36 19.23 10.81
C12 P6G BB . 41.71 20.17 11.77
O13 P6G BB . 42.65 20.71 12.71
C14 P6G BB . 43.65 21.58 12.18
C15 P6G BB . 43.07 22.92 11.80
O16 P6G BB . 43.32 23.19 10.43
C17 P6G BB . 44.65 23.61 10.14
C18 P6G BB . 44.69 24.31 8.82
O19 P6G BB . 45.95 24.92 8.56
CL CL CB . 25.50 6.46 -37.45
C1 PEG DB . 21.11 15.59 -31.29
O1 PEG DB . 20.65 16.56 -30.38
C2 PEG DB . 20.05 14.63 -31.68
O2 PEG DB . 18.85 15.33 -31.98
C3 PEG DB . 18.43 15.25 -33.33
C4 PEG DB . 17.31 16.23 -33.59
O4 PEG DB . 17.61 17.19 -34.58
C1 PEG EB . 23.83 -14.85 -24.04
O1 PEG EB . 24.15 -14.94 -22.67
C2 PEG EB . 22.79 -15.84 -24.45
O2 PEG EB . 22.09 -15.36 -25.59
C3 PEG EB . 21.26 -16.35 -26.21
C4 PEG EB . 20.98 -15.96 -27.64
O4 PEG EB . 19.72 -16.42 -28.09
C1 EDO FB . 40.10 -2.99 -28.99
O1 EDO FB . 39.77 -3.12 -30.37
C2 EDO FB . 41.54 -3.25 -28.69
O2 EDO FB . 41.80 -4.42 -27.95
C1 EDO GB . 13.24 -15.04 -14.80
O1 EDO GB . 14.29 -14.10 -14.82
C2 EDO GB . 13.21 -15.88 -13.58
O2 EDO GB . 12.84 -17.23 -13.76
C1 EDO HB . 8.76 -10.31 -11.46
O1 EDO HB . 9.02 -11.34 -10.53
C2 EDO HB . 9.35 -10.56 -12.81
O2 EDO HB . 9.33 -11.93 -13.21
C1 EDO IB . 10.59 21.94 -22.60
O1 EDO IB . 10.16 23.26 -22.39
C2 EDO IB . 12.07 21.81 -22.69
O2 EDO IB . 12.72 21.47 -21.47
C1 EDO JB . 56.21 -13.22 -42.81
O1 EDO JB . 54.82 -13.13 -42.51
C2 EDO JB . 56.55 -12.75 -44.18
O2 EDO JB . 57.26 -11.53 -44.26
CL CL KB . 1.92 -18.22 22.52
O1 PG4 LB . 15.77 -24.70 28.07
C1 PG4 LB . 16.74 -24.49 27.07
C2 PG4 LB . 17.78 -23.47 27.48
O2 PG4 LB . 17.44 -22.17 27.01
C3 PG4 LB . 16.28 -21.62 27.62
C4 PG4 LB . 16.29 -20.13 27.46
O3 PG4 LB . 15.33 -19.58 28.37
C5 PG4 LB . 15.83 -18.47 29.12
C6 PG4 LB . 14.82 -18.06 30.12
O4 PG4 LB . 13.91 -17.15 29.54
C7 PG4 LB . 12.82 -16.81 30.39
C8 PG4 LB . 11.69 -16.31 29.56
O5 PG4 LB . 11.03 -17.33 28.81
C1 PGE MB . 21.46 33.62 30.71
O1 PGE MB . 20.90 34.18 29.54
C2 PGE MB . 22.92 33.28 30.57
O2 PGE MB . 23.19 32.66 29.31
C3 PGE MB . 22.72 31.33 29.21
C4 PGE MB . 23.86 30.36 29.32
O4 PGE MB . 21.05 26.45 29.41
C6 PGE MB . 22.32 27.03 29.13
C5 PGE MB . 22.38 28.48 29.46
O3 PGE MB . 23.50 29.09 28.81
C1 EDO NB . 9.79 -18.70 25.34
O1 EDO NB . 9.65 -18.29 26.70
C2 EDO NB . 9.20 -20.04 25.05
O2 EDO NB . 7.78 -20.05 24.93
C1 EDO OB . -3.81 -16.44 28.18
O1 EDO OB . -4.96 -17.20 28.48
C2 EDO OB . -2.91 -16.26 29.34
O2 EDO OB . -2.44 -17.46 29.93
C1 EDO PB . 16.46 8.39 34.26
O1 EDO PB . 15.26 8.71 33.57
C2 EDO PB . 17.37 7.52 33.47
O2 EDO PB . 18.52 7.06 34.17
C1 EDO QB . 41.73 28.23 37.29
O1 EDO QB . 42.38 28.92 38.35
C2 EDO QB . 40.75 27.22 37.77
O2 EDO QB . 40.02 26.57 36.75
O1 PG4 RB . 32.67 15.42 73.01
C1 PG4 RB . 32.98 14.15 72.45
C2 PG4 RB . 34.45 13.87 72.47
O2 PG4 RB . 35.17 14.97 71.91
C3 PG4 RB . 36.54 15.01 72.27
C4 PG4 RB . 37.19 16.23 71.72
O3 PG4 RB . 37.90 16.91 72.76
C5 PG4 RB . 37.49 18.26 73.01
C6 PG4 RB . 36.57 18.27 74.17
O4 PG4 RB . 36.22 19.60 74.53
C7 PG4 RB . 34.83 19.79 74.76
C8 PG4 RB . 34.33 18.94 75.89
O5 PG4 RB . 33.27 19.54 76.62
O1 PG4 SB . 27.70 5.18 39.16
C1 PG4 SB . 27.65 4.16 38.18
C2 PG4 SB . 27.27 2.84 38.76
O2 PG4 SB . 27.15 1.86 37.73
C3 PG4 SB . 27.64 0.57 38.08
C4 PG4 SB . 29.13 0.58 37.98
O3 PG4 SB . 29.63 -0.76 37.91
C5 PG4 SB . 30.76 -1.02 38.74
C6 PG4 SB . 31.91 -0.16 38.36
O4 PG4 SB . 33.07 -0.52 39.11
C7 PG4 SB . 33.18 0.09 40.38
C8 PG4 SB . 33.51 1.56 40.26
O5 PG4 SB . 33.88 2.16 41.49
C1 PEG TB . 16.17 34.03 59.96
O1 PEG TB . 15.63 35.07 60.76
C2 PEG TB . 16.88 34.57 58.76
O2 PEG TB . 18.24 34.86 59.09
C3 PEG TB . 19.00 35.34 57.98
C4 PEG TB . 20.25 35.99 58.46
O4 PEG TB . 21.18 35.07 59.01
CL CL UB . 43.75 -13.18 -3.39
C1 PEG VB . 42.37 -1.25 0.88
O1 PEG VB . 42.26 0.17 0.84
C2 PEG VB . 41.08 -1.91 0.52
O2 PEG VB . 40.35 -2.21 1.71
C3 PEG VB . 40.27 -3.61 1.99
C4 PEG VB . 39.58 -3.82 3.31
O4 PEG VB . 40.40 -4.38 4.30
C1 PEG WB . 47.74 -42.40 -9.25
O1 PEG WB . 47.68 -42.58 -7.85
C2 PEG WB . 49.15 -42.27 -9.75
O2 PEG WB . 49.17 -41.47 -10.93
C3 PEG WB . 50.48 -41.05 -11.30
C4 PEG WB . 50.78 -39.72 -10.66
O4 PEG WB . 50.31 -38.61 -11.41
#